data_4EJG
#
_entry.id   4EJG
#
_cell.length_a   71.657
_cell.length_b   120.324
_cell.length_c   153.731
_cell.angle_alpha   100.62
_cell.angle_beta   101.82
_cell.angle_gamma   93.73
#
_symmetry.space_group_name_H-M   'P 1'
#
loop_
_entity.id
_entity.type
_entity.pdbx_description
1 polymer 'Cytochrome P450 2A13'
2 non-polymer 'PROTOPORPHYRIN IX CONTAINING FE'
3 non-polymer (S)-3-(1-METHYLPYRROLIDIN-2-YL)PYRIDINE
4 non-polymer GLYCEROL
5 water water
#
_entity_poly.entity_id   1
_entity_poly.type   'polypeptide(L)'
_entity_poly.pdbx_seq_one_letter_code
;MAKKTSSKGKLPPGPTPLPFIGNYLQLNTEQMYNSLMKISERYGPVFTIHLGPRRVVVLCGHDAVKEALVDQAEEFSGRG
EQATFDWLFKGYGVAFSNGERAKQLRRFSIATLRGFGVGKRGIEERIQEEAGFLIDALRGTHGANIDPTFFLSRTVSNVI
SSIVFGDRFDYEDKEFLSLLRMMLGSFQFTATSTGQLYEMFSSVMKHLPGPQQQAFKELQGLEDFIAKKVEHNQRTLDPN
SPRDFIDSFLIRMQEEEKNPNTEFYLKNLVMTTLNLFFAGTETVSTTLRYGFLLLMKHPEVEAKVHEEIDRVIGKNRQPK
FEDRAKMPYTEAVIHEIQRFGDMLPMGLAHRVNKDTKFRDFFLPKGTEVFPMLGSVLRDPRFFSNPRDFNPQHFLDKKGQ
FKKSDAFVPFSIGKRYCFGEGLARMELFLFFTTIMQNFRFKSPQSPKDIDVSPKHVGFATIPRNYTMSFLPRHHHH
;
_entity_poly.pdbx_strand_id   A,B,C,D,E,F,G,H
#
loop_
_chem_comp.id
_chem_comp.type
_chem_comp.name
_chem_comp.formula
GOL non-polymer GLYCEROL 'C3 H8 O3'
HEM non-polymer 'PROTOPORPHYRIN IX CONTAINING FE' 'C34 H32 Fe N4 O4'
NCT non-polymer (S)-3-(1-METHYLPYRROLIDIN-2-YL)PYRIDINE 'C10 H14 N2'
#
# COMPACT_ATOMS: atom_id res chain seq x y z
N GLY A 9 79.19 -0.76 24.49
CA GLY A 9 79.14 0.13 25.70
C GLY A 9 79.14 1.64 25.42
N LYS A 10 79.29 2.08 24.17
CA LYS A 10 79.49 3.54 23.95
C LYS A 10 78.84 4.27 22.76
N LEU A 11 78.37 5.50 23.04
CA LEU A 11 77.82 6.41 22.02
C LEU A 11 78.87 6.78 20.97
N PRO A 12 78.46 7.02 19.72
CA PRO A 12 79.46 7.50 18.76
C PRO A 12 80.11 8.78 19.26
N PRO A 13 81.34 9.10 18.79
CA PRO A 13 81.98 10.33 19.25
C PRO A 13 81.27 11.60 18.71
N GLY A 14 81.53 12.75 19.33
CA GLY A 14 81.19 14.03 18.76
C GLY A 14 81.62 15.13 19.68
N PRO A 15 81.41 16.38 19.28
CA PRO A 15 81.94 17.50 20.09
C PRO A 15 81.23 17.57 21.47
N THR A 16 81.96 18.03 22.48
CA THR A 16 81.48 18.13 23.89
C THR A 16 80.38 19.17 23.99
N PRO A 17 79.19 18.72 24.41
CA PRO A 17 78.03 19.55 24.66
C PRO A 17 78.09 20.37 25.95
N LEU A 18 77.17 21.31 26.06
CA LEU A 18 76.93 22.06 27.30
C LEU A 18 75.53 21.75 27.83
N PRO A 19 75.33 21.88 29.14
CA PRO A 19 73.95 21.61 29.59
C PRO A 19 72.85 22.55 28.97
N PHE A 20 71.74 21.90 28.65
CA PHE A 20 70.56 22.49 27.99
C PHE A 20 70.77 22.96 26.57
N ILE A 21 71.85 23.69 26.29
CA ILE A 21 72.01 24.21 24.95
C ILE A 21 72.59 23.18 23.96
N GLY A 22 73.21 22.11 24.49
CA GLY A 22 73.89 21.10 23.70
C GLY A 22 75.08 21.61 22.93
N ASN A 23 75.00 21.46 21.62
CA ASN A 23 76.09 21.75 20.75
C ASN A 23 75.80 23.02 19.97
N TYR A 24 75.02 23.88 20.60
CA TYR A 24 74.71 25.23 20.08
C TYR A 24 75.92 26.01 19.56
N LEU A 25 77.05 25.96 20.26
CA LEU A 25 78.21 26.76 19.87
C LEU A 25 78.90 26.27 18.62
N GLN A 26 78.50 25.10 18.15
CA GLN A 26 79.03 24.46 16.95
C GLN A 26 77.96 24.38 15.82
N LEU A 27 76.77 24.92 16.04
CA LEU A 27 75.70 24.85 15.03
C LEU A 27 75.20 26.20 14.54
N ASN A 28 75.06 26.34 13.25
CA ASN A 28 74.51 27.53 12.66
C ASN A 28 73.10 27.19 12.14
N THR A 29 72.10 27.74 12.85
CA THR A 29 70.71 27.55 12.54
C THR A 29 70.30 28.06 11.15
N GLU A 30 71.06 28.96 10.55
CA GLU A 30 70.76 29.30 9.17
C GLU A 30 71.21 28.19 8.21
N GLN A 31 72.16 27.35 8.65
N GLN A 31 72.14 27.34 8.66
CA GLN A 31 72.83 26.40 7.72
CA GLN A 31 72.75 26.37 7.75
C GLN A 31 73.25 25.05 8.47
C GLN A 31 73.24 25.07 8.49
N MET A 32 72.16 24.44 9.07
CA MET A 32 72.27 23.23 9.89
C MET A 32 72.92 22.06 9.13
N TYR A 33 72.54 21.89 7.86
CA TYR A 33 73.16 20.93 6.98
C TYR A 33 74.67 21.10 6.79
N ASN A 34 75.11 22.33 6.51
CA ASN A 34 76.51 22.67 6.40
C ASN A 34 77.21 22.55 7.79
N SER A 35 76.47 22.80 8.87
CA SER A 35 76.96 22.60 10.24
C SER A 35 77.25 21.15 10.60
N LEU A 36 76.33 20.24 10.30
CA LEU A 36 76.50 18.83 10.59
C LEU A 36 77.57 18.21 9.67
N MET A 37 77.56 18.58 8.40
CA MET A 37 78.63 18.18 7.48
C MET A 37 80.00 18.63 7.93
N LYS A 38 80.08 19.86 8.43
CA LYS A 38 81.34 20.36 8.93
C LYS A 38 81.80 19.49 10.12
N ILE A 39 80.96 19.28 11.13
CA ILE A 39 81.29 18.35 12.19
C ILE A 39 81.66 16.95 11.70
N SER A 40 81.05 16.49 10.60
CA SER A 40 81.38 15.20 10.00
C SER A 40 82.90 15.03 9.59
N GLU A 41 83.44 16.06 8.93
CA GLU A 41 84.84 16.17 8.47
C GLU A 41 85.82 15.94 9.57
N ARG A 42 85.40 16.27 10.77
CA ARG A 42 86.23 16.07 11.91
C ARG A 42 85.95 14.72 12.61
N TYR A 43 84.71 14.28 12.68
CA TYR A 43 84.39 13.12 13.56
C TYR A 43 84.14 11.75 12.84
N GLY A 44 83.89 11.79 11.54
CA GLY A 44 83.55 10.61 10.81
C GLY A 44 82.13 10.71 10.30
N PRO A 45 81.69 9.71 9.55
CA PRO A 45 80.34 9.72 9.08
C PRO A 45 79.29 9.35 10.16
N VAL A 46 79.72 8.91 11.34
CA VAL A 46 78.79 8.55 12.41
C VAL A 46 79.09 9.19 13.74
N PHE A 47 78.30 10.23 14.04
CA PHE A 47 78.53 11.06 15.26
C PHE A 47 77.27 11.47 16.07
N THR A 48 77.52 11.87 17.31
CA THR A 48 76.52 12.31 18.26
C THR A 48 76.60 13.83 18.29
N ILE A 49 75.41 14.45 18.25
CA ILE A 49 75.21 15.90 18.32
C ILE A 49 74.05 16.18 19.26
N HIS A 50 74.12 17.24 20.04
CA HIS A 50 73.01 17.57 20.93
C HIS A 50 72.33 18.79 20.40
N LEU A 51 71.13 18.61 19.84
CA LEU A 51 70.26 19.71 19.44
C LEU A 51 69.46 20.16 20.65
N GLY A 52 69.96 21.19 21.34
CA GLY A 52 69.58 21.49 22.69
C GLY A 52 69.68 20.26 23.59
N PRO A 53 68.61 19.98 24.32
CA PRO A 53 68.62 18.83 25.20
C PRO A 53 68.38 17.43 24.56
N ARG A 54 68.13 17.37 23.26
CA ARG A 54 67.96 16.14 22.51
C ARG A 54 69.24 15.54 21.98
N ARG A 55 69.47 14.27 22.23
CA ARG A 55 70.63 13.59 21.79
C ARG A 55 70.37 12.90 20.47
N VAL A 56 71.21 13.21 19.51
CA VAL A 56 71.00 12.77 18.10
C VAL A 56 72.27 12.15 17.46
N VAL A 57 72.07 10.98 16.85
CA VAL A 57 73.07 10.29 16.07
C VAL A 57 72.88 10.62 14.60
N VAL A 58 73.90 11.21 14.01
CA VAL A 58 73.90 11.65 12.61
C VAL A 58 74.62 10.61 11.70
N LEU A 59 74.02 10.33 10.55
CA LEU A 59 74.53 9.41 9.57
C LEU A 59 74.80 10.17 8.29
N CYS A 60 76.03 10.14 7.84
CA CYS A 60 76.46 10.82 6.60
C CYS A 60 76.93 9.86 5.55
N GLY A 61 76.56 10.15 4.31
CA GLY A 61 76.91 9.32 3.18
C GLY A 61 76.21 7.99 3.08
N HIS A 62 76.16 7.49 1.86
CA HIS A 62 75.49 6.27 1.48
C HIS A 62 75.66 5.09 2.40
N ASP A 63 76.88 4.81 2.78
CA ASP A 63 77.16 3.60 3.52
C ASP A 63 76.57 3.52 4.91
N ALA A 64 76.75 4.59 5.69
CA ALA A 64 76.21 4.71 7.02
C ALA A 64 74.62 4.73 7.04
N VAL A 65 74.02 5.43 6.09
CA VAL A 65 72.61 5.55 6.02
C VAL A 65 71.96 4.21 5.66
N LYS A 66 72.49 3.56 4.64
CA LYS A 66 72.07 2.25 4.18
C LYS A 66 72.25 1.20 5.30
N GLU A 67 73.46 1.11 5.83
CA GLU A 67 73.74 0.23 6.93
C GLU A 67 72.72 0.42 8.06
N ALA A 68 72.29 1.64 8.32
CA ALA A 68 71.27 1.87 9.34
C ALA A 68 69.87 1.44 8.93
N LEU A 69 69.39 2.02 7.84
CA LEU A 69 67.99 1.98 7.47
C LEU A 69 67.59 0.78 6.68
N VAL A 70 68.52 0.20 5.92
CA VAL A 70 68.33 -1.08 5.19
C VAL A 70 68.83 -2.34 5.92
N ASP A 71 70.09 -2.40 6.39
CA ASP A 71 70.69 -3.64 7.01
C ASP A 71 70.21 -3.90 8.44
N GLN A 72 69.97 -2.83 9.19
CA GLN A 72 69.39 -2.89 10.50
C GLN A 72 68.02 -2.17 10.48
N ALA A 73 67.26 -2.43 9.41
CA ALA A 73 66.02 -1.74 9.11
C ALA A 73 65.05 -1.63 10.25
N GLU A 74 64.71 -2.78 10.82
CA GLU A 74 63.83 -2.89 11.99
C GLU A 74 64.28 -2.07 13.24
N GLU A 75 65.55 -2.06 13.61
CA GLU A 75 65.95 -1.22 14.74
C GLU A 75 65.82 0.29 14.52
N PHE A 76 65.96 0.76 13.29
CA PHE A 76 66.01 2.16 12.95
C PHE A 76 64.67 2.68 12.41
N SER A 77 63.61 1.91 12.60
CA SER A 77 62.30 2.25 12.02
C SER A 77 61.39 3.17 12.84
N GLY A 78 61.84 3.63 13.98
CA GLY A 78 61.05 4.57 14.76
C GLY A 78 61.15 5.97 14.19
N ARG A 79 60.43 6.82 14.83
CA ARG A 79 60.31 8.18 14.31
C ARG A 79 60.84 9.14 15.34
N GLY A 80 61.66 10.06 15.02
CA GLY A 80 62.21 11.06 15.93
C GLY A 80 61.36 12.29 15.80
N GLU A 81 61.70 13.35 16.50
CA GLU A 81 60.87 14.52 16.40
C GLU A 81 61.22 15.52 15.26
N GLN A 82 60.17 16.11 14.71
CA GLN A 82 60.21 17.36 13.94
C GLN A 82 59.29 18.36 14.73
N ALA A 83 59.86 19.24 15.54
CA ALA A 83 59.11 19.97 16.61
C ALA A 83 57.89 20.77 16.21
N THR A 84 58.04 21.49 15.09
CA THR A 84 57.04 22.31 14.47
C THR A 84 55.82 21.50 14.16
N PHE A 85 55.96 20.38 13.48
CA PHE A 85 54.85 19.58 13.12
C PHE A 85 54.27 18.85 14.34
N ASP A 86 55.15 18.36 15.23
CA ASP A 86 54.75 17.75 16.51
C ASP A 86 53.79 18.55 17.34
N TRP A 87 53.89 19.88 17.28
CA TRP A 87 53.01 20.81 17.98
C TRP A 87 51.55 20.53 17.66
N LEU A 88 51.27 20.28 16.39
CA LEU A 88 49.95 19.94 15.94
C LEU A 88 49.59 18.45 16.01
N PHE A 89 50.45 17.63 15.44
CA PHE A 89 50.24 16.18 15.25
C PHE A 89 50.33 15.40 16.54
N LYS A 90 51.21 15.81 17.47
CA LYS A 90 51.29 15.20 18.84
C LYS A 90 51.36 13.67 18.81
N GLY A 91 52.05 13.08 17.82
CA GLY A 91 52.24 11.66 17.76
C GLY A 91 51.15 10.88 17.02
N TYR A 92 50.14 11.60 16.52
CA TYR A 92 49.02 11.01 15.81
C TYR A 92 49.28 11.11 14.33
N GLY A 93 48.51 10.34 13.55
CA GLY A 93 48.68 10.19 12.11
C GLY A 93 49.87 9.33 11.70
N VAL A 94 50.05 9.17 10.39
CA VAL A 94 50.98 8.21 9.81
C VAL A 94 52.43 8.71 9.88
N ALA A 95 52.72 9.85 9.26
CA ALA A 95 54.03 10.52 9.32
C ALA A 95 54.76 10.58 10.68
N PHE A 96 54.10 10.97 11.77
CA PHE A 96 54.77 11.30 12.99
C PHE A 96 54.40 10.36 14.13
N SER A 97 53.78 9.23 13.79
CA SER A 97 53.64 8.16 14.75
C SER A 97 54.84 7.19 14.79
N ASN A 98 54.71 6.20 15.68
CA ASN A 98 55.69 5.13 15.97
C ASN A 98 55.04 3.80 16.24
N GLY A 99 55.85 2.73 16.32
CA GLY A 99 55.42 1.50 16.93
C GLY A 99 54.20 0.91 16.22
N GLU A 100 53.20 0.52 17.00
CA GLU A 100 52.02 -0.11 16.47
C GLU A 100 51.12 0.84 15.59
N ARG A 101 50.93 2.10 16.03
CA ARG A 101 50.21 3.13 15.29
C ARG A 101 50.69 3.31 13.81
N ALA A 102 51.95 3.68 13.63
CA ALA A 102 52.51 3.85 12.30
C ALA A 102 52.31 2.60 11.46
N LYS A 103 52.72 1.45 11.97
CA LYS A 103 52.57 0.20 11.23
C LYS A 103 51.14 -0.03 10.73
N GLN A 104 50.15 0.31 11.56
CA GLN A 104 48.76 0.15 11.19
C GLN A 104 48.21 1.21 10.17
N LEU A 105 48.51 2.48 10.41
CA LEU A 105 48.16 3.55 9.54
C LEU A 105 48.82 3.52 8.19
N ARG A 106 50.06 3.09 8.20
CA ARG A 106 50.84 2.95 6.98
C ARG A 106 50.26 1.90 6.00
N ARG A 107 50.04 0.71 6.52
CA ARG A 107 49.37 -0.34 5.80
C ARG A 107 47.95 0.04 5.35
N PHE A 108 47.14 0.65 6.20
CA PHE A 108 45.89 1.17 5.68
C PHE A 108 46.02 2.08 4.45
N SER A 109 46.89 3.07 4.53
CA SER A 109 47.06 4.12 3.53
C SER A 109 47.59 3.58 2.24
N ILE A 110 48.54 2.65 2.34
CA ILE A 110 49.04 2.01 1.14
C ILE A 110 47.96 1.22 0.41
N ALA A 111 47.21 0.41 1.16
CA ALA A 111 46.16 -0.39 0.54
C ALA A 111 45.07 0.50 -0.09
N THR A 112 44.70 1.58 0.61
CA THR A 112 43.72 2.50 0.09
C THR A 112 44.18 3.27 -1.13
N LEU A 113 45.41 3.80 -1.10
CA LEU A 113 46.04 4.40 -2.25
C LEU A 113 46.05 3.47 -3.49
N ARG A 114 46.33 2.18 -3.31
CA ARG A 114 46.23 1.18 -4.39
C ARG A 114 44.79 1.00 -4.89
N GLY A 115 43.81 1.05 -3.98
CA GLY A 115 42.38 0.99 -4.28
C GLY A 115 41.83 2.19 -5.03
N PHE A 116 42.45 3.35 -4.87
CA PHE A 116 42.05 4.49 -5.69
C PHE A 116 42.80 4.65 -6.98
N GLY A 117 43.60 3.64 -7.33
CA GLY A 117 44.19 3.56 -8.64
C GLY A 117 45.61 4.07 -8.75
N VAL A 118 46.29 4.26 -7.62
CA VAL A 118 47.61 4.80 -7.67
C VAL A 118 48.61 3.86 -8.38
N GLY A 119 49.30 4.40 -9.37
CA GLY A 119 50.25 3.63 -10.17
C GLY A 119 49.53 2.77 -11.21
N LYS A 120 48.29 3.15 -11.48
CA LYS A 120 47.47 2.54 -12.53
C LYS A 120 46.87 3.66 -13.35
N ARG A 121 45.95 3.29 -14.23
CA ARG A 121 45.40 4.15 -15.26
C ARG A 121 44.39 5.18 -14.77
N GLY A 122 43.69 4.90 -13.68
CA GLY A 122 42.64 5.74 -13.15
C GLY A 122 43.24 7.04 -12.72
N ILE A 123 44.40 6.94 -12.09
CA ILE A 123 45.08 8.10 -11.64
C ILE A 123 45.89 8.81 -12.72
N GLU A 124 46.33 8.06 -13.72
CA GLU A 124 47.02 8.62 -14.86
C GLU A 124 46.13 9.59 -15.61
N GLU A 125 44.91 9.14 -15.93
CA GLU A 125 43.88 9.93 -16.62
C GLU A 125 43.46 11.20 -15.80
N ARG A 126 43.35 11.07 -14.48
CA ARG A 126 43.12 12.21 -13.55
C ARG A 126 44.23 13.29 -13.54
N ILE A 127 45.49 12.85 -13.62
CA ILE A 127 46.68 13.70 -13.76
C ILE A 127 46.73 14.32 -15.18
N GLN A 128 46.50 13.50 -16.19
CA GLN A 128 46.44 13.97 -17.58
C GLN A 128 45.43 15.05 -17.73
N GLU A 129 44.22 14.82 -17.19
CA GLU A 129 43.11 15.77 -17.27
C GLU A 129 43.45 17.06 -16.52
N GLU A 130 43.99 16.89 -15.34
CA GLU A 130 44.38 18.00 -14.51
C GLU A 130 45.52 18.82 -15.13
N ALA A 131 46.39 18.15 -15.91
CA ALA A 131 47.50 18.82 -16.60
C ALA A 131 46.98 19.67 -17.72
N GLY A 132 45.90 19.21 -18.35
CA GLY A 132 45.13 19.98 -19.33
C GLY A 132 44.67 21.33 -18.79
N PHE A 133 44.09 21.36 -17.59
CA PHE A 133 43.60 22.64 -17.05
C PHE A 133 44.72 23.60 -16.75
N LEU A 134 45.90 23.04 -16.54
CA LEU A 134 47.07 23.85 -16.27
C LEU A 134 47.62 24.59 -17.51
N ILE A 135 47.74 23.85 -18.59
CA ILE A 135 48.06 24.41 -19.90
C ILE A 135 47.13 25.55 -20.25
N ASP A 136 45.84 25.25 -20.14
CA ASP A 136 44.79 26.19 -20.42
C ASP A 136 45.00 27.45 -19.61
N ALA A 137 45.27 27.29 -18.33
CA ALA A 137 45.47 28.40 -17.42
C ALA A 137 46.74 29.18 -17.79
N LEU A 138 47.78 28.46 -18.19
CA LEU A 138 49.04 29.06 -18.56
C LEU A 138 48.94 29.84 -19.89
N ARG A 139 48.01 29.43 -20.77
CA ARG A 139 47.73 30.14 -22.03
C ARG A 139 46.95 31.40 -21.70
N GLY A 140 46.06 31.26 -20.72
CA GLY A 140 45.26 32.37 -20.22
C GLY A 140 46.09 33.49 -19.65
N THR A 141 47.42 33.42 -19.80
CA THR A 141 48.36 34.45 -19.29
C THR A 141 49.02 35.20 -20.43
N HIS A 142 48.95 34.56 -21.60
CA HIS A 142 49.41 35.12 -22.87
C HIS A 142 50.87 35.55 -22.78
N GLY A 143 51.69 34.67 -22.20
CA GLY A 143 53.12 34.91 -22.09
C GLY A 143 53.50 36.10 -21.23
N ALA A 144 52.59 36.59 -20.42
CA ALA A 144 52.93 37.63 -19.47
C ALA A 144 53.88 37.07 -18.41
N ASN A 145 54.51 37.98 -17.67
CA ASN A 145 55.47 37.66 -16.62
C ASN A 145 54.85 37.37 -15.25
N ILE A 146 55.00 36.14 -14.76
CA ILE A 146 54.30 35.71 -13.53
C ILE A 146 55.15 34.87 -12.56
N ASP A 147 54.67 34.83 -11.32
CA ASP A 147 55.07 33.85 -10.31
C ASP A 147 54.43 32.48 -10.57
N PRO A 148 55.23 31.47 -10.84
CA PRO A 148 54.57 30.21 -11.12
C PRO A 148 54.01 29.43 -9.88
N THR A 149 54.37 29.92 -8.69
CA THR A 149 54.06 29.28 -7.41
C THR A 149 52.68 28.65 -7.27
N PHE A 150 51.62 29.44 -7.34
CA PHE A 150 50.30 28.94 -7.05
C PHE A 150 49.61 28.36 -8.29
N PHE A 151 50.19 28.58 -9.48
CA PHE A 151 49.76 27.81 -10.65
C PHE A 151 50.13 26.34 -10.53
N LEU A 152 51.35 26.07 -10.02
CA LEU A 152 51.80 24.71 -9.84
C LEU A 152 51.08 24.05 -8.67
N SER A 153 51.06 24.70 -7.53
CA SER A 153 50.45 24.05 -6.37
C SER A 153 48.93 23.75 -6.49
N ARG A 154 48.19 24.59 -7.25
CA ARG A 154 46.77 24.34 -7.54
C ARG A 154 46.59 23.08 -8.37
N THR A 155 47.47 22.91 -9.36
CA THR A 155 47.41 21.71 -10.19
C THR A 155 47.87 20.46 -9.43
N VAL A 156 48.97 20.58 -8.68
CA VAL A 156 49.50 19.47 -7.86
C VAL A 156 48.49 19.01 -6.78
N SER A 157 47.99 19.99 -6.02
CA SER A 157 47.03 19.76 -4.92
C SER A 157 45.79 18.99 -5.37
N ASN A 158 45.29 19.36 -6.54
CA ASN A 158 44.10 18.75 -7.06
C ASN A 158 44.19 17.29 -7.33
N VAL A 159 45.43 16.79 -7.55
CA VAL A 159 45.61 15.36 -7.78
C VAL A 159 45.39 14.65 -6.47
N ILE A 160 46.20 14.93 -5.44
CA ILE A 160 45.95 14.27 -4.16
C ILE A 160 44.54 14.59 -3.59
N SER A 161 43.98 15.76 -3.92
CA SER A 161 42.66 16.16 -3.38
C SER A 161 41.46 15.35 -3.93
N SER A 162 41.65 14.70 -5.07
CA SER A 162 40.64 13.93 -5.74
C SER A 162 40.50 12.67 -4.98
N ILE A 163 41.62 12.23 -4.47
CA ILE A 163 41.80 11.01 -3.77
C ILE A 163 41.39 11.18 -2.29
N VAL A 164 41.83 12.25 -1.61
CA VAL A 164 41.52 12.37 -0.20
C VAL A 164 40.13 12.94 0.08
N PHE A 165 39.74 13.93 -0.74
CA PHE A 165 38.45 14.62 -0.61
C PHE A 165 37.41 14.20 -1.62
N GLY A 166 37.80 13.58 -2.71
CA GLY A 166 36.82 12.96 -3.62
C GLY A 166 36.56 13.66 -4.93
N ASP A 167 36.96 14.91 -5.01
CA ASP A 167 36.82 15.72 -6.19
C ASP A 167 37.85 16.83 -6.05
N ARG A 168 38.25 17.40 -7.20
CA ARG A 168 39.15 18.54 -7.27
C ARG A 168 38.59 19.80 -6.63
N PHE A 169 39.45 20.75 -6.32
CA PHE A 169 39.01 22.10 -6.04
C PHE A 169 38.83 22.83 -7.37
N ASP A 170 37.92 23.80 -7.36
CA ASP A 170 37.84 24.78 -8.41
C ASP A 170 38.98 25.81 -8.21
N TYR A 171 39.60 26.25 -9.30
CA TYR A 171 40.79 27.13 -9.28
C TYR A 171 40.56 28.55 -8.70
N GLU A 172 39.33 29.02 -8.80
CA GLU A 172 39.04 30.40 -8.45
C GLU A 172 38.67 30.47 -6.96
N ASP A 173 38.28 29.31 -6.41
CA ASP A 173 37.91 29.14 -4.98
C ASP A 173 38.88 29.83 -4.01
N LYS A 174 38.36 30.79 -3.25
CA LYS A 174 39.18 31.59 -2.36
C LYS A 174 39.67 30.80 -1.14
N GLU A 175 38.90 29.82 -0.70
CA GLU A 175 39.38 28.98 0.40
C GLU A 175 40.55 28.05 0.01
N PHE A 176 40.54 27.50 -1.22
CA PHE A 176 41.63 26.70 -1.77
C PHE A 176 42.93 27.45 -1.71
N LEU A 177 42.89 28.69 -2.16
CA LEU A 177 44.03 29.57 -2.14
C LEU A 177 44.55 29.80 -0.74
N SER A 178 43.64 29.86 0.21
CA SER A 178 44.00 30.13 1.58
C SER A 178 44.74 28.93 2.20
N LEU A 179 44.31 27.73 1.86
CA LEU A 179 44.92 26.51 2.27
C LEU A 179 46.33 26.34 1.73
N LEU A 180 46.53 26.66 0.46
CA LEU A 180 47.81 26.51 -0.17
C LEU A 180 48.75 27.53 0.42
N ARG A 181 48.20 28.64 0.89
CA ARG A 181 49.02 29.68 1.60
C ARG A 181 49.51 29.18 2.95
N MET A 182 48.59 28.54 3.71
CA MET A 182 48.90 27.87 4.99
C MET A 182 50.01 26.82 4.84
N MET A 183 49.85 25.95 3.85
CA MET A 183 50.83 24.95 3.53
C MET A 183 52.24 25.49 3.22
N LEU A 184 52.32 26.56 2.45
CA LEU A 184 53.59 27.07 1.97
C LEU A 184 54.36 27.80 3.07
N GLY A 185 53.63 28.52 3.93
CA GLY A 185 54.20 29.28 5.04
C GLY A 185 54.74 28.37 6.14
N SER A 186 53.99 27.29 6.43
CA SER A 186 54.32 26.26 7.43
C SER A 186 55.62 25.54 7.15
N PHE A 187 55.65 25.11 5.90
CA PHE A 187 56.69 24.35 5.35
C PHE A 187 57.94 25.22 5.29
N GLN A 188 57.79 26.43 4.78
CA GLN A 188 58.89 27.36 4.67
C GLN A 188 59.50 27.65 6.01
N PHE A 189 58.65 27.94 6.99
CA PHE A 189 59.10 28.20 8.34
C PHE A 189 60.12 27.19 8.86
N THR A 190 59.87 25.90 8.65
CA THR A 190 60.77 24.82 9.08
C THR A 190 62.18 24.89 8.47
N ALA A 191 62.30 25.59 7.33
CA ALA A 191 63.57 25.82 6.62
C ALA A 191 64.38 27.07 7.05
N THR A 192 63.78 27.89 7.92
CA THR A 192 64.40 29.13 8.44
C THR A 192 65.23 28.86 9.71
N SER A 193 66.14 29.78 10.02
CA SER A 193 66.98 29.73 11.25
C SER A 193 66.13 29.61 12.48
N THR A 194 65.09 30.45 12.51
CA THR A 194 64.08 30.44 13.55
C THR A 194 63.39 29.05 13.69
N GLY A 195 62.97 28.45 12.58
CA GLY A 195 62.48 27.08 12.57
C GLY A 195 63.48 26.05 13.08
N GLN A 196 64.79 26.28 12.87
CA GLN A 196 65.77 25.31 13.32
C GLN A 196 66.12 25.50 14.77
N LEU A 197 66.21 26.75 15.19
CA LEU A 197 66.31 27.13 16.54
C LEU A 197 65.09 26.57 17.31
N TYR A 198 63.92 26.66 16.67
CA TYR A 198 62.71 26.05 17.15
C TYR A 198 62.93 24.54 17.39
N GLU A 199 63.68 23.87 16.51
CA GLU A 199 64.08 22.44 16.82
C GLU A 199 64.89 22.17 18.11
N MET A 200 65.71 23.12 18.57
CA MET A 200 66.46 22.92 19.81
C MET A 200 65.71 23.31 21.05
N PHE A 201 64.97 24.39 20.93
CA PHE A 201 64.48 25.12 22.10
C PHE A 201 62.98 25.34 22.12
N SER A 202 62.26 24.32 21.67
CA SER A 202 60.83 24.44 21.45
C SER A 202 60.05 24.57 22.74
N SER A 203 60.54 23.88 23.77
CA SER A 203 59.87 23.84 25.06
C SER A 203 59.76 25.26 25.66
N VAL A 204 60.69 26.17 25.32
CA VAL A 204 60.60 27.55 25.74
C VAL A 204 59.90 28.29 24.61
N MET A 205 60.28 28.03 23.37
CA MET A 205 59.86 28.89 22.24
C MET A 205 58.40 28.80 21.87
N LYS A 206 57.74 27.68 22.17
CA LYS A 206 56.32 27.56 21.93
C LYS A 206 55.50 28.59 22.72
N HIS A 207 56.08 29.18 23.75
CA HIS A 207 55.37 30.08 24.64
C HIS A 207 55.82 31.53 24.35
N LEU A 208 56.46 31.72 23.22
CA LEU A 208 57.05 33.02 22.92
C LEU A 208 56.49 33.63 21.63
N PRO A 209 56.43 34.97 21.54
CA PRO A 209 56.00 35.53 20.23
C PRO A 209 57.14 35.36 19.19
N GLY A 210 56.75 35.15 17.94
CA GLY A 210 57.68 35.23 16.83
C GLY A 210 57.13 34.41 15.69
N PRO A 211 57.92 34.21 14.60
CA PRO A 211 57.46 33.52 13.34
C PRO A 211 56.81 32.15 13.54
N GLN A 212 57.12 31.47 14.65
CA GLN A 212 56.55 30.17 14.99
C GLN A 212 55.05 30.18 15.23
N GLN A 213 54.55 31.21 15.90
CA GLN A 213 53.10 31.33 16.13
C GLN A 213 52.27 31.36 14.85
N GLN A 214 52.77 32.11 13.88
CA GLN A 214 52.26 32.11 12.53
C GLN A 214 52.17 30.69 11.94
N ALA A 215 53.28 29.94 12.03
CA ALA A 215 53.29 28.54 11.66
C ALA A 215 52.21 27.70 12.34
N PHE A 216 52.09 27.80 13.67
CA PHE A 216 51.00 27.11 14.40
C PHE A 216 49.60 27.44 13.86
N LYS A 217 49.32 28.73 13.68
CA LYS A 217 48.05 29.22 13.12
C LYS A 217 47.75 28.62 11.73
N GLU A 218 48.74 28.53 10.87
CA GLU A 218 48.51 27.89 9.59
C GLU A 218 48.23 26.40 9.69
N LEU A 219 48.87 25.75 10.67
CA LEU A 219 48.67 24.36 10.81
C LEU A 219 47.26 24.12 11.36
N GLN A 220 46.87 24.95 12.32
CA GLN A 220 45.55 24.86 12.91
C GLN A 220 44.46 25.03 11.88
N GLY A 221 44.66 26.00 10.97
CA GLY A 221 43.77 26.29 9.87
C GLY A 221 43.58 25.11 8.98
N LEU A 222 44.68 24.38 8.73
CA LEU A 222 44.69 23.18 7.93
C LEU A 222 43.93 22.04 8.62
N GLU A 223 44.20 21.82 9.90
CA GLU A 223 43.37 20.96 10.78
C GLU A 223 41.88 21.40 10.79
N ASP A 224 41.57 22.68 11.01
CA ASP A 224 40.17 23.17 10.97
C ASP A 224 39.48 22.67 9.66
N PHE A 225 40.14 22.85 8.52
CA PHE A 225 39.57 22.41 7.23
C PHE A 225 39.29 20.94 7.05
N ILE A 226 40.26 20.07 7.31
CA ILE A 226 40.07 18.62 7.18
C ILE A 226 38.95 18.12 8.10
N ALA A 227 38.91 18.68 9.32
CA ALA A 227 37.97 18.28 10.37
C ALA A 227 36.50 18.59 10.00
N LYS A 228 36.30 19.71 9.30
CA LYS A 228 35.02 20.07 8.67
C LYS A 228 34.63 19.10 7.55
N LYS A 229 35.51 18.92 6.55
CA LYS A 229 35.23 17.98 5.47
C LYS A 229 34.76 16.65 6.03
N VAL A 230 35.43 16.18 7.07
CA VAL A 230 35.09 14.89 7.71
C VAL A 230 33.67 14.83 8.26
N GLU A 231 33.25 15.82 9.07
CA GLU A 231 31.85 15.90 9.56
C GLU A 231 30.89 15.80 8.38
N HIS A 232 31.16 16.54 7.30
CA HIS A 232 30.38 16.45 6.06
C HIS A 232 30.30 15.00 5.61
N ASN A 233 31.45 14.45 5.21
CA ASN A 233 31.54 13.09 4.74
C ASN A 233 30.85 12.05 5.62
N GLN A 234 30.87 12.25 6.93
CA GLN A 234 30.22 11.34 7.86
C GLN A 234 28.71 11.20 7.67
N ARG A 235 28.04 12.26 7.20
CA ARG A 235 26.59 12.26 7.07
C ARG A 235 26.02 11.77 5.71
N THR A 236 26.85 11.69 4.67
CA THR A 236 26.37 11.09 3.42
C THR A 236 27.21 9.84 3.07
N LEU A 237 27.89 9.33 4.09
CA LEU A 237 28.68 8.12 3.96
C LEU A 237 27.81 6.94 3.55
N ASP A 238 28.16 6.30 2.44
CA ASP A 238 27.57 5.05 1.99
C ASP A 238 28.63 3.95 2.17
N PRO A 239 28.47 3.11 3.20
CA PRO A 239 29.42 2.11 3.68
C PRO A 239 29.97 1.04 2.69
N ASN A 240 29.28 0.76 1.60
CA ASN A 240 29.76 -0.19 0.60
C ASN A 240 30.31 0.48 -0.69
N SER A 241 30.36 1.81 -0.69
CA SER A 241 30.95 2.56 -1.79
C SER A 241 31.67 3.88 -1.40
N PRO A 242 32.96 3.78 -1.02
CA PRO A 242 33.73 4.99 -0.66
C PRO A 242 33.99 5.96 -1.84
N ARG A 243 33.73 7.24 -1.62
CA ARG A 243 33.91 8.28 -2.62
C ARG A 243 35.36 8.72 -2.57
N ASP A 244 35.99 8.48 -1.43
CA ASP A 244 37.29 8.99 -1.12
C ASP A 244 37.98 8.32 0.07
N PHE A 245 39.24 8.74 0.27
CA PHE A 245 40.13 8.31 1.35
C PHE A 245 39.51 8.56 2.74
N ILE A 246 38.86 9.70 2.90
CA ILE A 246 38.05 9.94 4.09
C ILE A 246 36.95 8.88 4.28
N ASP A 247 36.28 8.52 3.20
CA ASP A 247 35.25 7.51 3.33
C ASP A 247 35.86 6.22 3.82
N SER A 248 37.07 5.92 3.31
CA SER A 248 37.60 4.59 3.43
C SER A 248 37.97 4.47 4.90
N PHE A 249 38.49 5.57 5.39
CA PHE A 249 38.96 5.60 6.73
C PHE A 249 37.77 5.48 7.69
N LEU A 250 36.71 6.27 7.43
CA LEU A 250 35.45 6.16 8.19
C LEU A 250 34.79 4.80 8.20
N ILE A 251 34.87 4.07 7.10
CA ILE A 251 34.32 2.72 7.04
C ILE A 251 35.09 1.79 7.97
N ARG A 252 36.41 1.96 7.99
CA ARG A 252 37.30 1.12 8.75
C ARG A 252 37.08 1.41 10.25
N MET A 253 36.75 2.65 10.58
CA MET A 253 36.30 3.08 11.89
C MET A 253 35.11 2.30 12.45
N GLN A 254 34.08 2.11 11.64
CA GLN A 254 32.93 1.30 11.99
C GLN A 254 33.36 -0.11 12.28
N GLU A 255 34.07 -0.71 11.32
CA GLU A 255 34.43 -2.12 11.35
C GLU A 255 35.22 -2.48 12.57
N GLU A 256 35.69 -1.47 13.29
CA GLU A 256 36.69 -1.64 14.33
C GLU A 256 36.33 -1.01 15.69
N GLU A 257 35.09 -0.51 15.82
CA GLU A 257 34.61 0.08 17.07
C GLU A 257 34.55 -0.92 18.22
N LYS A 258 34.49 -2.21 17.90
CA LYS A 258 34.38 -3.24 18.92
C LYS A 258 35.74 -3.77 19.39
N ASN A 259 36.80 -3.10 18.89
CA ASN A 259 38.19 -3.28 19.33
C ASN A 259 38.77 -2.01 19.98
N PRO A 260 39.15 -2.12 21.26
CA PRO A 260 39.40 -0.91 22.02
C PRO A 260 40.83 -0.40 21.90
N ASN A 261 41.71 -1.24 21.37
CA ASN A 261 43.04 -0.80 21.04
C ASN A 261 43.12 -0.64 19.51
N THR A 262 42.06 -0.14 18.88
CA THR A 262 42.17 0.15 17.47
C THR A 262 42.89 1.50 17.25
N GLU A 263 43.57 1.62 16.12
CA GLU A 263 44.24 2.88 15.76
C GLU A 263 43.33 3.74 14.93
N PHE A 264 42.31 3.09 14.40
CA PHE A 264 41.31 3.76 13.61
C PHE A 264 40.26 4.51 14.45
N TYR A 265 40.58 5.77 14.74
CA TYR A 265 39.61 6.69 15.37
C TYR A 265 39.78 8.08 14.72
N LEU A 266 38.91 9.02 15.11
CA LEU A 266 38.81 10.35 14.50
C LEU A 266 40.16 11.10 14.39
N LYS A 267 40.91 11.08 15.49
CA LYS A 267 42.14 11.85 15.60
C LYS A 267 43.20 11.39 14.58
N ASN A 268 43.35 10.08 14.37
CA ASN A 268 44.24 9.53 13.36
C ASN A 268 43.71 9.69 11.92
N LEU A 269 42.39 9.77 11.78
CA LEU A 269 41.79 10.13 10.49
C LEU A 269 42.21 11.56 10.06
N VAL A 270 42.18 12.51 10.97
CA VAL A 270 42.31 13.90 10.62
C VAL A 270 43.78 14.08 10.29
N MET A 271 44.60 13.42 11.08
CA MET A 271 46.00 13.65 10.98
C MET A 271 46.64 12.97 9.77
N THR A 272 46.10 11.82 9.37
CA THR A 272 46.67 11.04 8.29
C THR A 272 46.26 11.72 6.98
N THR A 273 45.06 12.25 6.98
CA THR A 273 44.51 12.86 5.78
C THR A 273 45.31 14.12 5.56
N LEU A 274 45.66 14.75 6.67
CA LEU A 274 46.49 15.91 6.63
C LEU A 274 47.87 15.58 6.10
N ASN A 275 48.45 14.50 6.62
CA ASN A 275 49.71 14.02 6.10
C ASN A 275 49.71 13.94 4.56
N LEU A 276 48.64 13.44 3.97
CA LEU A 276 48.62 13.13 2.58
C LEU A 276 48.46 14.38 1.72
N PHE A 277 47.52 15.20 2.13
CA PHE A 277 47.22 16.44 1.54
C PHE A 277 48.43 17.37 1.58
N PHE A 278 49.02 17.53 2.76
CA PHE A 278 50.21 18.35 2.90
C PHE A 278 51.41 17.76 2.08
N ALA A 279 51.80 16.52 2.39
CA ALA A 279 52.94 15.90 1.71
C ALA A 279 52.74 15.76 0.16
N GLY A 280 51.54 15.31 -0.22
CA GLY A 280 51.12 15.25 -1.62
C GLY A 280 50.89 16.59 -2.32
N THR A 281 51.00 17.71 -1.58
CA THR A 281 50.97 19.02 -2.26
C THR A 281 52.37 19.62 -2.33
N GLU A 282 52.95 19.94 -1.20
CA GLU A 282 54.17 20.70 -1.19
C GLU A 282 55.47 20.08 -1.73
N THR A 283 55.53 18.78 -1.84
CA THR A 283 56.79 18.19 -2.24
C THR A 283 57.01 18.29 -3.74
N VAL A 284 56.08 17.74 -4.52
CA VAL A 284 56.05 17.81 -5.96
C VAL A 284 55.96 19.26 -6.43
N SER A 285 55.15 20.05 -5.73
CA SER A 285 55.01 21.47 -6.00
C SER A 285 56.37 22.19 -6.04
N THR A 286 57.11 22.03 -4.96
CA THR A 286 58.40 22.64 -4.73
C THR A 286 59.46 22.12 -5.71
N THR A 287 59.27 20.90 -6.18
CA THR A 287 60.29 20.25 -6.96
C THR A 287 60.10 20.71 -8.40
N LEU A 288 58.85 20.82 -8.80
CA LEU A 288 58.52 21.41 -10.09
C LEU A 288 59.03 22.85 -10.10
N ARG A 289 58.84 23.54 -8.98
CA ARG A 289 59.27 24.90 -8.91
C ARG A 289 60.77 25.06 -9.14
N TYR A 290 61.55 24.43 -8.26
CA TYR A 290 62.98 24.38 -8.38
C TYR A 290 63.38 23.98 -9.80
N GLY A 291 62.84 22.87 -10.29
CA GLY A 291 63.11 22.36 -11.62
C GLY A 291 62.91 23.37 -12.75
N PHE A 292 61.95 24.28 -12.64
CA PHE A 292 61.79 25.29 -13.68
C PHE A 292 62.93 26.27 -13.73
N LEU A 293 63.39 26.66 -12.55
CA LEU A 293 64.50 27.59 -12.39
C LEU A 293 65.78 26.99 -12.94
N LEU A 294 66.04 25.74 -12.59
CA LEU A 294 67.20 25.03 -13.04
C LEU A 294 67.31 25.00 -14.56
N LEU A 295 66.23 24.65 -15.24
CA LEU A 295 66.19 24.54 -16.72
C LEU A 295 66.43 25.88 -17.40
N MET A 296 65.89 26.94 -16.83
CA MET A 296 66.12 28.28 -17.32
C MET A 296 67.57 28.68 -17.18
N LYS A 297 68.24 28.18 -16.14
CA LYS A 297 69.65 28.45 -15.89
C LYS A 297 70.47 27.64 -16.86
N HIS A 298 69.91 26.51 -17.27
CA HIS A 298 70.54 25.64 -18.21
C HIS A 298 69.68 25.44 -19.51
N PRO A 299 69.63 26.46 -20.41
CA PRO A 299 68.79 26.34 -21.63
C PRO A 299 69.26 25.26 -22.65
N GLU A 300 70.52 24.84 -22.62
CA GLU A 300 70.99 23.76 -23.50
C GLU A 300 70.34 22.42 -23.12
N VAL A 301 70.18 22.18 -21.81
CA VAL A 301 69.48 21.02 -21.25
C VAL A 301 67.98 21.11 -21.58
N GLU A 302 67.41 22.29 -21.45
CA GLU A 302 66.03 22.51 -21.91
C GLU A 302 65.75 22.06 -23.37
N ALA A 303 66.52 22.54 -24.37
CA ALA A 303 66.37 22.07 -25.78
C ALA A 303 66.41 20.53 -26.03
N LYS A 304 67.27 19.77 -25.34
CA LYS A 304 67.31 18.30 -25.57
C LYS A 304 66.04 17.61 -25.07
N VAL A 305 65.49 18.09 -23.96
CA VAL A 305 64.18 17.62 -23.47
C VAL A 305 63.10 17.87 -24.53
N HIS A 306 63.00 19.11 -24.99
CA HIS A 306 62.12 19.47 -26.10
C HIS A 306 62.30 18.53 -27.28
N GLU A 307 63.55 18.40 -27.76
CA GLU A 307 63.89 17.50 -28.87
C GLU A 307 63.31 16.10 -28.67
N GLU A 308 63.47 15.58 -27.45
CA GLU A 308 63.10 14.20 -27.12
C GLU A 308 61.58 14.05 -26.96
N ILE A 309 60.93 15.13 -26.54
CA ILE A 309 59.48 15.15 -26.50
C ILE A 309 58.89 15.15 -27.93
N ASP A 310 59.41 16.04 -28.77
CA ASP A 310 58.89 16.21 -30.15
C ASP A 310 58.94 14.94 -30.98
N ARG A 311 59.75 13.95 -30.57
CA ARG A 311 59.97 12.72 -31.34
C ARG A 311 59.34 11.42 -30.79
N VAL A 312 59.33 11.21 -29.48
CA VAL A 312 58.58 10.08 -28.97
C VAL A 312 57.08 10.41 -28.96
N ILE A 313 56.74 11.66 -28.70
CA ILE A 313 55.35 11.99 -28.44
C ILE A 313 54.64 12.84 -29.47
N GLY A 314 55.09 14.08 -29.68
CA GLY A 314 54.52 14.95 -30.72
C GLY A 314 53.85 16.25 -30.25
N LYS A 315 53.11 16.89 -31.15
CA LYS A 315 52.20 18.02 -30.85
C LYS A 315 50.82 17.49 -30.52
N ASN A 316 50.45 16.39 -31.19
CA ASN A 316 49.12 15.82 -31.15
C ASN A 316 48.77 15.20 -29.79
N ARG A 317 49.40 14.09 -29.43
CA ARG A 317 48.88 13.31 -28.32
C ARG A 317 49.36 13.75 -26.93
N GLN A 318 48.44 13.67 -25.98
CA GLN A 318 48.75 13.88 -24.56
C GLN A 318 49.84 12.89 -24.14
N PRO A 319 50.83 13.36 -23.38
CA PRO A 319 51.87 12.44 -22.90
C PRO A 319 51.35 11.44 -21.85
N LYS A 320 51.71 10.17 -22.00
CA LYS A 320 51.39 9.15 -20.99
C LYS A 320 52.63 8.51 -20.30
N PHE A 321 52.47 8.13 -19.03
CA PHE A 321 53.55 7.66 -18.15
C PHE A 321 54.51 6.63 -18.76
N GLU A 322 53.98 5.56 -19.37
CA GLU A 322 54.85 4.61 -20.09
C GLU A 322 55.73 5.20 -21.26
N ASP A 323 55.45 6.42 -21.68
CA ASP A 323 56.30 7.15 -22.64
C ASP A 323 57.73 7.40 -22.15
N ARG A 324 57.96 7.19 -20.84
CA ARG A 324 59.27 7.39 -20.20
C ARG A 324 60.34 6.40 -20.62
N ALA A 325 59.95 5.15 -20.91
CA ALA A 325 60.89 4.06 -21.26
C ALA A 325 61.71 4.37 -22.51
N LYS A 326 61.07 5.07 -23.42
CA LYS A 326 61.70 5.52 -24.65
C LYS A 326 62.20 6.95 -24.54
N MET A 327 62.14 7.54 -23.34
CA MET A 327 62.65 8.89 -23.17
C MET A 327 63.81 9.05 -22.16
N PRO A 328 64.93 8.32 -22.34
CA PRO A 328 66.04 8.41 -21.35
C PRO A 328 66.53 9.83 -20.92
N TYR A 329 66.70 10.79 -21.81
CA TYR A 329 67.24 12.11 -21.38
C TYR A 329 66.32 12.92 -20.45
N THR A 330 65.02 12.84 -20.69
CA THR A 330 64.05 13.47 -19.82
C THR A 330 64.06 12.87 -18.40
N GLU A 331 64.15 11.55 -18.28
CA GLU A 331 64.24 10.88 -16.96
C GLU A 331 65.50 11.24 -16.19
N ALA A 332 66.62 11.34 -16.88
CA ALA A 332 67.89 11.78 -16.27
C ALA A 332 67.77 13.21 -15.68
N VAL A 333 67.07 14.07 -16.39
CA VAL A 333 66.87 15.43 -16.00
C VAL A 333 65.93 15.55 -14.77
N ILE A 334 64.85 14.74 -14.76
CA ILE A 334 63.92 14.73 -13.65
C ILE A 334 64.62 14.25 -12.39
N HIS A 335 65.44 13.20 -12.51
CA HIS A 335 66.28 12.72 -11.40
C HIS A 335 67.28 13.76 -10.95
N GLU A 336 67.87 14.48 -11.90
CA GLU A 336 68.89 15.41 -11.58
C GLU A 336 68.31 16.62 -10.87
N ILE A 337 67.05 16.88 -11.13
CA ILE A 337 66.33 17.94 -10.47
C ILE A 337 66.01 17.54 -9.03
N GLN A 338 65.48 16.33 -8.86
CA GLN A 338 65.25 15.81 -7.53
C GLN A 338 66.61 15.69 -6.80
N ARG A 339 67.67 15.32 -7.53
CA ARG A 339 68.98 15.09 -6.90
C ARG A 339 69.60 16.38 -6.41
N PHE A 340 69.42 17.46 -7.16
CA PHE A 340 70.05 18.74 -6.89
C PHE A 340 69.22 19.55 -5.92
N GLY A 341 67.89 19.40 -6.06
CA GLY A 341 66.85 20.08 -5.27
C GLY A 341 66.95 19.66 -3.83
N ASP A 342 67.25 18.39 -3.60
CA ASP A 342 67.44 17.91 -2.23
C ASP A 342 66.29 18.31 -1.27
N MET A 343 65.07 17.91 -1.62
CA MET A 343 63.83 18.26 -0.91
C MET A 343 63.95 18.32 0.62
N LEU A 344 64.26 17.17 1.24
CA LEU A 344 64.64 17.17 2.65
C LEU A 344 66.09 16.70 2.80
N PRO A 345 66.94 17.58 3.33
CA PRO A 345 68.36 17.27 3.54
C PRO A 345 68.66 16.21 4.60
N MET A 346 67.92 16.27 5.70
CA MET A 346 68.24 15.53 6.93
C MET A 346 67.15 14.52 7.13
N GLY A 347 66.47 14.19 6.03
CA GLY A 347 65.31 13.34 6.07
C GLY A 347 64.29 13.82 7.09
N LEU A 348 63.28 12.99 7.30
CA LEU A 348 62.53 12.98 8.52
C LEU A 348 63.34 12.24 9.59
N ALA A 349 63.43 12.79 10.80
CA ALA A 349 64.09 12.06 11.92
C ALA A 349 63.60 10.68 12.20
N HIS A 350 64.58 9.82 12.44
CA HIS A 350 64.33 8.46 12.87
C HIS A 350 64.57 8.34 14.38
N ARG A 351 64.20 7.21 14.98
CA ARG A 351 64.66 6.85 16.30
C ARG A 351 64.83 5.30 16.44
N VAL A 352 65.76 4.86 17.28
CA VAL A 352 65.88 3.38 17.54
C VAL A 352 64.75 2.90 18.50
N ASN A 353 64.10 1.76 18.18
CA ASN A 353 63.05 1.24 19.04
C ASN A 353 63.58 0.72 20.33
N LYS A 354 64.77 0.09 20.26
CA LYS A 354 65.38 -0.67 21.36
C LYS A 354 66.87 -0.32 21.48
N ASP A 355 67.52 -0.74 22.58
CA ASP A 355 68.99 -0.77 22.64
C ASP A 355 69.56 -1.47 21.37
N THR A 356 70.45 -0.79 20.67
CA THR A 356 70.90 -1.20 19.36
C THR A 356 72.41 -1.13 19.32
N LYS A 357 73.02 -2.15 18.69
CA LYS A 357 74.43 -2.19 18.31
C LYS A 357 74.58 -1.78 16.83
N PHE A 358 75.48 -0.84 16.58
CA PHE A 358 75.73 -0.35 15.25
C PHE A 358 77.22 0.02 15.19
N ARG A 359 77.96 -0.64 14.28
CA ARG A 359 79.42 -0.38 14.00
C ARG A 359 80.29 -0.09 15.23
N ASP A 360 80.29 -0.92 16.26
CA ASP A 360 81.15 -0.55 17.41
C ASP A 360 80.57 0.54 18.33
N PHE A 361 79.34 0.97 18.06
CA PHE A 361 78.73 1.89 18.97
C PHE A 361 77.51 1.27 19.60
N PHE A 362 77.09 1.82 20.72
CA PHE A 362 75.83 1.44 21.33
C PHE A 362 74.82 2.60 21.33
N LEU A 363 73.62 2.40 20.82
CA LEU A 363 72.58 3.44 20.93
C LEU A 363 71.49 3.04 21.89
N PRO A 364 71.40 3.67 23.07
CA PRO A 364 70.23 3.39 23.95
C PRO A 364 68.86 3.58 23.25
N LYS A 365 67.87 2.78 23.69
CA LYS A 365 66.46 2.91 23.32
C LYS A 365 66.02 4.38 23.37
N GLY A 366 65.36 4.83 22.32
CA GLY A 366 64.87 6.18 22.30
C GLY A 366 65.77 7.19 21.59
N THR A 367 66.98 6.80 21.21
CA THR A 367 67.88 7.74 20.55
C THR A 367 67.40 8.18 19.15
N GLU A 368 67.27 9.49 19.00
CA GLU A 368 67.05 10.15 17.72
C GLU A 368 68.18 9.90 16.72
N VAL A 369 67.78 9.71 15.47
CA VAL A 369 68.67 9.45 14.35
C VAL A 369 68.32 10.32 13.16
N PHE A 370 69.27 11.16 12.75
CA PHE A 370 69.15 11.91 11.52
C PHE A 370 69.81 11.13 10.38
N PRO A 371 69.05 10.59 9.46
CA PRO A 371 69.79 10.11 8.29
C PRO A 371 69.88 11.21 7.26
N MET A 372 71.10 11.60 6.97
CA MET A 372 71.29 12.76 6.17
C MET A 372 71.15 12.40 4.69
N LEU A 373 69.93 12.41 4.20
CA LEU A 373 69.61 12.09 2.81
C LEU A 373 70.33 13.00 1.77
N GLY A 374 70.50 14.26 2.12
CA GLY A 374 71.27 15.17 1.32
C GLY A 374 72.75 14.85 1.09
N SER A 375 73.32 14.10 2.02
CA SER A 375 74.73 13.71 1.93
C SER A 375 74.95 12.41 1.12
N VAL A 376 73.85 11.70 0.86
CA VAL A 376 73.82 10.52 0.01
C VAL A 376 73.63 11.02 -1.44
N LEU A 377 72.69 11.96 -1.61
CA LEU A 377 72.51 12.64 -2.88
C LEU A 377 73.77 13.40 -3.31
N ARG A 378 74.73 13.57 -2.42
CA ARG A 378 75.92 14.31 -2.75
C ARG A 378 77.20 13.55 -2.51
N ASP A 379 77.07 12.23 -2.29
CA ASP A 379 78.17 11.39 -1.94
C ASP A 379 79.08 11.33 -3.15
N PRO A 380 80.38 11.66 -2.96
CA PRO A 380 81.30 11.72 -4.11
C PRO A 380 81.57 10.34 -4.74
N ARG A 381 81.41 9.25 -4.02
CA ARG A 381 81.57 7.96 -4.67
C ARG A 381 80.48 7.61 -5.68
N PHE A 382 79.37 8.33 -5.63
CA PHE A 382 78.24 7.99 -6.50
C PHE A 382 77.93 9.01 -7.56
N PHE A 383 78.44 10.23 -7.40
CA PHE A 383 78.23 11.32 -8.38
C PHE A 383 79.51 12.14 -8.64
N SER A 384 79.97 12.14 -9.92
CA SER A 384 81.25 12.81 -10.34
C SER A 384 81.34 14.33 -9.99
N ASN A 385 80.24 15.08 -10.16
CA ASN A 385 80.22 16.47 -9.69
C ASN A 385 79.00 16.78 -8.80
N PRO A 386 79.04 16.42 -7.50
CA PRO A 386 77.86 16.50 -6.63
C PRO A 386 77.19 17.89 -6.49
N ARG A 387 77.98 18.95 -6.38
CA ARG A 387 77.46 20.32 -6.26
C ARG A 387 77.00 21.00 -7.57
N ASP A 388 77.02 20.31 -8.71
CA ASP A 388 76.60 20.86 -10.00
C ASP A 388 75.29 20.27 -10.50
N PHE A 389 74.70 20.92 -11.47
CA PHE A 389 73.50 20.41 -12.06
C PHE A 389 73.88 19.79 -13.38
N ASN A 390 73.75 18.47 -13.50
CA ASN A 390 74.34 17.74 -14.59
C ASN A 390 73.60 16.41 -14.88
N PRO A 391 72.66 16.42 -15.84
CA PRO A 391 71.90 15.21 -16.19
C PRO A 391 72.73 13.99 -16.49
N GLN A 392 73.99 14.19 -16.89
CA GLN A 392 74.89 13.11 -17.22
C GLN A 392 75.15 12.17 -16.02
N HIS A 393 74.85 12.65 -14.81
CA HIS A 393 74.80 11.84 -13.57
C HIS A 393 73.87 10.62 -13.64
N PHE A 394 72.92 10.60 -14.57
CA PHE A 394 71.92 9.52 -14.68
C PHE A 394 71.88 8.83 -16.06
N LEU A 395 72.95 9.08 -16.83
CA LEU A 395 73.15 8.53 -18.17
C LEU A 395 74.50 7.85 -18.31
N ASP A 396 74.50 6.76 -19.07
CA ASP A 396 75.70 6.13 -19.66
C ASP A 396 76.34 6.90 -20.82
N LYS A 397 77.50 6.40 -21.25
CA LYS A 397 78.09 6.86 -22.49
C LYS A 397 77.17 6.59 -23.71
N LYS A 398 76.45 5.45 -23.69
CA LYS A 398 75.35 5.20 -24.63
C LYS A 398 74.13 6.20 -24.60
N GLY A 399 73.93 6.90 -23.48
CA GLY A 399 72.73 7.74 -23.35
C GLY A 399 71.48 7.00 -22.86
N GLN A 400 71.66 5.76 -22.40
CA GLN A 400 70.58 5.09 -21.69
C GLN A 400 70.55 5.64 -20.26
N PHE A 401 69.36 5.60 -19.68
CA PHE A 401 69.19 5.96 -18.32
C PHE A 401 69.95 4.96 -17.41
N LYS A 402 70.66 5.49 -16.39
CA LYS A 402 71.40 4.66 -15.40
C LYS A 402 70.87 4.97 -14.00
N LYS A 403 70.45 3.93 -13.28
CA LYS A 403 70.19 4.09 -11.84
C LYS A 403 71.46 4.37 -11.07
N SER A 404 71.27 5.11 -9.95
CA SER A 404 72.19 5.20 -8.83
C SER A 404 71.60 4.59 -7.55
N ASP A 405 72.41 3.88 -6.76
CA ASP A 405 71.99 3.41 -5.40
C ASP A 405 71.91 4.55 -4.34
N ALA A 406 72.53 5.69 -4.66
CA ALA A 406 72.41 6.89 -3.83
C ALA A 406 71.29 7.89 -4.23
N PHE A 407 70.43 7.51 -5.17
CA PHE A 407 69.25 8.34 -5.46
C PHE A 407 68.16 8.01 -4.43
N VAL A 408 68.22 8.67 -3.28
CA VAL A 408 67.37 8.39 -2.14
C VAL A 408 66.52 9.57 -1.60
N PRO A 409 65.92 10.35 -2.49
CA PRO A 409 65.25 11.54 -2.05
C PRO A 409 63.89 11.20 -1.43
N PHE A 410 63.36 10.06 -1.78
CA PHE A 410 62.25 9.48 -1.09
C PHE A 410 62.65 8.65 0.13
N SER A 411 63.90 8.73 0.55
CA SER A 411 64.46 7.85 1.55
C SER A 411 64.49 6.39 1.18
N ILE A 412 64.73 5.56 2.18
CA ILE A 412 64.83 4.09 2.11
C ILE A 412 64.48 3.45 3.50
N GLY A 413 64.21 2.16 3.48
CA GLY A 413 64.03 1.42 4.67
C GLY A 413 62.56 1.21 4.95
N LYS A 414 62.26 0.98 6.22
CA LYS A 414 60.91 0.67 6.66
C LYS A 414 59.93 1.83 6.48
N ARG A 415 60.40 3.06 6.57
CA ARG A 415 59.50 4.21 6.61
C ARG A 415 59.55 5.00 5.27
N TYR A 416 59.92 4.32 4.17
CA TYR A 416 60.16 4.95 2.86
C TYR A 416 58.93 5.73 2.42
N CYS A 417 59.12 6.75 1.56
CA CYS A 417 57.97 7.45 0.93
C CYS A 417 57.10 6.47 0.17
N PHE A 418 55.96 6.12 0.75
CA PHE A 418 54.92 5.39 0.01
C PHE A 418 54.11 6.29 -0.94
N GLY A 419 54.34 7.60 -0.88
CA GLY A 419 53.95 8.48 -2.00
C GLY A 419 54.82 8.39 -3.27
N GLU A 420 55.96 7.68 -3.23
CA GLU A 420 56.85 7.59 -4.38
C GLU A 420 56.16 7.34 -5.77
N GLY A 421 55.32 6.31 -5.89
CA GLY A 421 54.66 5.99 -7.14
C GLY A 421 53.95 7.17 -7.76
N LEU A 422 53.10 7.80 -6.93
CA LEU A 422 52.39 9.03 -7.26
C LEU A 422 53.32 10.21 -7.66
N ALA A 423 54.31 10.53 -6.84
CA ALA A 423 55.13 11.67 -7.08
C ALA A 423 55.85 11.51 -8.41
N ARG A 424 56.44 10.34 -8.62
CA ARG A 424 57.15 10.05 -9.85
C ARG A 424 56.28 10.13 -11.07
N MET A 425 55.05 9.62 -10.98
CA MET A 425 54.09 9.80 -12.09
C MET A 425 53.75 11.25 -12.36
N GLU A 426 53.42 11.98 -11.30
CA GLU A 426 53.12 13.39 -11.39
C GLU A 426 54.32 14.19 -11.90
N LEU A 427 55.49 13.97 -11.28
CA LEU A 427 56.69 14.63 -11.73
C LEU A 427 56.93 14.41 -13.22
N PHE A 428 56.73 13.19 -13.68
CA PHE A 428 56.97 12.90 -15.07
C PHE A 428 55.96 13.64 -15.97
N LEU A 429 54.65 13.39 -15.75
CA LEU A 429 53.61 13.86 -16.66
C LEU A 429 53.41 15.36 -16.60
N PHE A 430 53.67 15.96 -15.45
CA PHE A 430 53.59 17.41 -15.33
C PHE A 430 54.78 18.12 -15.97
N PHE A 431 56.00 17.60 -15.83
CA PHE A 431 57.15 18.19 -16.48
C PHE A 431 56.99 18.13 -18.01
N THR A 432 56.36 17.05 -18.46
CA THR A 432 56.39 16.68 -19.84
C THR A 432 55.25 17.36 -20.66
N THR A 433 54.05 17.49 -20.10
CA THR A 433 52.94 18.17 -20.76
C THR A 433 53.16 19.70 -20.78
N ILE A 434 53.90 20.21 -19.81
CA ILE A 434 54.14 21.65 -19.79
C ILE A 434 55.15 22.03 -20.88
N MET A 435 56.22 21.26 -20.99
CA MET A 435 57.29 21.56 -21.92
C MET A 435 56.99 21.16 -23.39
N GLN A 436 55.99 20.28 -23.56
CA GLN A 436 55.31 19.99 -24.83
C GLN A 436 54.72 21.28 -25.38
N ASN A 437 54.10 22.06 -24.51
CA ASN A 437 53.38 23.24 -24.92
C ASN A 437 54.18 24.51 -24.77
N PHE A 438 55.05 24.57 -23.79
CA PHE A 438 55.72 25.82 -23.51
C PHE A 438 57.21 25.69 -23.50
N ARG A 439 57.88 26.80 -23.82
CA ARG A 439 59.28 27.00 -23.47
C ARG A 439 59.28 28.15 -22.49
N PHE A 440 60.34 28.25 -21.70
CA PHE A 440 60.40 29.17 -20.58
C PHE A 440 61.44 30.24 -20.80
N LYS A 441 61.07 31.47 -20.50
CA LYS A 441 62.04 32.54 -20.46
C LYS A 441 61.84 33.26 -19.13
N SER A 442 62.87 33.91 -18.62
CA SER A 442 62.74 34.73 -17.43
C SER A 442 63.16 36.21 -17.68
N PRO A 443 62.76 37.13 -16.76
CA PRO A 443 63.16 38.56 -16.86
C PRO A 443 64.66 38.75 -16.74
N GLN A 444 65.38 37.65 -16.58
CA GLN A 444 66.72 37.69 -16.03
C GLN A 444 67.56 36.83 -16.96
N SER A 445 68.87 36.84 -16.75
CA SER A 445 69.81 36.25 -17.70
C SER A 445 70.40 34.92 -17.18
N PRO A 446 70.38 33.86 -18.01
CA PRO A 446 70.82 32.53 -17.51
C PRO A 446 72.07 32.48 -16.61
N LYS A 447 73.13 33.22 -16.92
CA LYS A 447 74.30 33.23 -16.05
C LYS A 447 74.11 34.02 -14.72
N ASP A 448 73.03 34.80 -14.64
CA ASP A 448 72.67 35.61 -13.45
C ASP A 448 71.58 35.01 -12.54
N ILE A 449 71.10 33.84 -12.89
CA ILE A 449 70.08 33.18 -12.13
C ILE A 449 70.71 32.52 -10.89
N ASP A 450 70.16 32.83 -9.73
CA ASP A 450 70.64 32.22 -8.50
C ASP A 450 69.92 30.85 -8.22
N VAL A 451 70.64 29.76 -8.37
CA VAL A 451 70.06 28.43 -8.12
C VAL A 451 70.43 27.88 -6.72
N SER A 452 71.23 28.61 -5.98
CA SER A 452 71.43 28.36 -4.58
C SER A 452 70.10 28.48 -3.83
N PRO A 453 69.88 27.58 -2.88
CA PRO A 453 68.70 27.60 -2.02
C PRO A 453 68.45 28.94 -1.24
N LYS A 454 67.19 29.36 -1.17
CA LYS A 454 66.80 30.47 -0.31
C LYS A 454 66.86 30.10 1.20
N HIS A 455 66.36 28.92 1.54
CA HIS A 455 66.35 28.47 2.90
C HIS A 455 66.67 27.00 2.89
N VAL A 456 67.52 26.61 3.84
CA VAL A 456 67.77 25.22 4.12
C VAL A 456 67.66 24.93 5.62
N GLY A 457 66.74 24.02 5.92
CA GLY A 457 66.57 23.44 7.25
C GLY A 457 65.93 22.08 7.07
N PHE A 458 64.73 21.93 7.57
CA PHE A 458 64.00 20.73 7.36
C PHE A 458 63.73 20.48 5.85
N ALA A 459 63.43 21.55 5.12
CA ALA A 459 63.30 21.44 3.67
C ALA A 459 64.28 22.36 2.93
N THR A 460 64.32 22.22 1.60
CA THR A 460 65.13 23.06 0.71
C THR A 460 64.18 23.91 -0.13
N ILE A 461 64.24 25.23 0.07
CA ILE A 461 63.28 26.17 -0.57
C ILE A 461 63.94 27.04 -1.62
N PRO A 462 63.53 26.89 -2.93
CA PRO A 462 64.14 27.68 -4.00
C PRO A 462 63.81 29.13 -3.80
N ARG A 463 64.67 30.01 -4.30
CA ARG A 463 64.42 31.48 -4.32
C ARG A 463 63.13 31.89 -5.01
N ASN A 464 62.56 33.04 -4.62
CA ASN A 464 61.37 33.60 -5.32
C ASN A 464 61.79 34.10 -6.69
N TYR A 465 61.06 33.73 -7.74
CA TYR A 465 61.36 34.23 -9.07
C TYR A 465 60.11 34.38 -9.89
N THR A 466 60.28 34.93 -11.10
CA THR A 466 59.17 35.04 -12.05
C THR A 466 59.62 34.56 -13.42
N MET A 467 58.66 34.21 -14.26
CA MET A 467 58.95 33.63 -15.57
C MET A 467 57.76 33.84 -16.52
N SER A 468 57.92 33.44 -17.77
CA SER A 468 56.83 33.56 -18.73
C SER A 468 56.62 32.26 -19.45
N PHE A 469 55.38 32.02 -19.82
CA PHE A 469 55.03 30.83 -20.58
C PHE A 469 54.67 31.20 -22.04
N LEU A 470 55.58 30.88 -22.98
CA LEU A 470 55.45 31.22 -24.41
C LEU A 470 55.16 29.95 -25.24
N PRO A 471 54.12 29.97 -26.10
CA PRO A 471 53.73 28.71 -26.77
C PRO A 471 54.76 28.13 -27.77
N ARG A 472 54.49 26.91 -28.24
CA ARG A 472 55.29 26.17 -29.21
C ARG A 472 54.38 25.46 -30.26
N GLY B 9 15.03 -21.07 24.55
CA GLY B 9 16.06 -20.94 23.48
C GLY B 9 16.09 -22.17 22.62
N LYS B 10 15.19 -22.26 21.64
CA LYS B 10 15.05 -23.40 20.72
C LYS B 10 15.10 -23.13 19.18
N LEU B 11 15.49 -24.16 18.42
CA LEU B 11 15.63 -24.09 16.97
C LEU B 11 14.28 -23.88 16.27
N PRO B 12 14.28 -23.23 15.09
CA PRO B 12 13.06 -23.12 14.27
C PRO B 12 12.42 -24.48 13.97
N PRO B 13 11.09 -24.57 13.94
CA PRO B 13 10.53 -25.88 13.73
C PRO B 13 10.79 -26.46 12.31
N GLY B 14 10.52 -27.75 12.16
CA GLY B 14 10.69 -28.43 10.89
C GLY B 14 10.41 -29.90 10.92
N PRO B 15 10.40 -30.54 9.76
CA PRO B 15 10.08 -31.95 9.82
C PRO B 15 11.08 -32.81 10.63
N THR B 16 10.56 -33.88 11.21
CA THR B 16 11.36 -34.83 11.97
C THR B 16 12.33 -35.61 11.08
N PRO B 17 13.66 -35.48 11.37
CA PRO B 17 14.72 -36.18 10.66
C PRO B 17 15.10 -37.60 11.19
N LEU B 18 15.56 -38.44 10.25
CA LEU B 18 16.19 -39.73 10.60
C LEU B 18 17.71 -39.59 10.88
N PRO B 19 18.29 -40.44 11.69
CA PRO B 19 19.74 -40.33 11.88
C PRO B 19 20.52 -40.58 10.60
N PHE B 20 21.58 -39.78 10.44
CA PHE B 20 22.45 -39.77 9.24
C PHE B 20 21.82 -39.18 7.97
N ILE B 21 20.75 -39.81 7.49
CA ILE B 21 20.11 -39.35 6.31
C ILE B 21 19.28 -38.02 6.47
N GLY B 22 19.00 -37.58 7.71
CA GLY B 22 18.24 -36.38 7.96
C GLY B 22 16.87 -36.36 7.32
N ASN B 23 16.64 -35.31 6.55
CA ASN B 23 15.33 -35.16 5.95
C ASN B 23 15.28 -35.58 4.52
N TYR B 24 16.02 -36.61 4.20
CA TYR B 24 16.08 -37.21 2.86
C TYR B 24 14.71 -37.60 2.24
N LEU B 25 13.80 -38.11 3.07
CA LEU B 25 12.52 -38.59 2.62
C LEU B 25 11.51 -37.52 2.23
N GLN B 26 11.78 -36.28 2.61
CA GLN B 26 10.93 -35.13 2.32
C GLN B 26 11.55 -34.23 1.18
N LEU B 27 12.74 -34.61 0.72
CA LEU B 27 13.47 -33.84 -0.27
C LEU B 27 13.62 -34.62 -1.59
N ASN B 28 13.24 -33.95 -2.67
CA ASN B 28 13.50 -34.41 -3.99
C ASN B 28 14.81 -33.73 -4.50
N THR B 29 15.88 -34.52 -4.59
CA THR B 29 17.20 -33.97 -5.03
C THR B 29 17.23 -33.43 -6.48
N GLU B 30 16.20 -33.70 -7.25
CA GLU B 30 16.07 -33.15 -8.59
C GLU B 30 15.47 -31.67 -8.54
N GLN B 31 14.67 -31.42 -7.51
N GLN B 31 14.63 -31.38 -7.55
CA GLN B 31 14.00 -30.12 -7.33
CA GLN B 31 14.15 -30.01 -7.36
C GLN B 31 14.02 -29.72 -5.80
C GLN B 31 14.04 -29.62 -5.86
N MET B 32 15.30 -29.39 -5.36
CA MET B 32 15.57 -29.02 -3.98
C MET B 32 14.86 -27.74 -3.52
N TYR B 33 14.87 -26.74 -4.39
CA TYR B 33 14.18 -25.52 -4.19
C TYR B 33 12.71 -25.76 -3.95
N ASN B 34 12.09 -26.53 -4.81
CA ASN B 34 10.71 -26.97 -4.62
C ASN B 34 10.46 -27.81 -3.36
N SER B 35 11.42 -28.61 -2.93
CA SER B 35 11.23 -29.40 -1.74
C SER B 35 11.19 -28.49 -0.51
N LEU B 36 12.10 -27.52 -0.48
CA LEU B 36 12.24 -26.62 0.62
C LEU B 36 11.06 -25.72 0.65
N MET B 37 10.63 -25.25 -0.51
CA MET B 37 9.40 -24.50 -0.63
C MET B 37 8.13 -25.15 -0.10
N LYS B 38 7.93 -26.43 -0.40
CA LYS B 38 6.75 -27.18 -0.01
C LYS B 38 6.75 -27.36 1.50
N ILE B 39 7.94 -27.55 2.07
CA ILE B 39 8.11 -27.65 3.52
C ILE B 39 7.85 -26.26 4.14
N SER B 40 8.13 -25.22 3.37
CA SER B 40 7.78 -23.87 3.75
C SER B 40 6.28 -23.60 3.92
N GLU B 41 5.45 -24.16 3.02
CA GLU B 41 4.02 -24.04 3.10
C GLU B 41 3.44 -24.64 4.39
N ARG B 42 4.13 -25.60 4.97
N ARG B 42 4.18 -25.56 4.96
CA ARG B 42 3.65 -26.22 6.20
CA ARG B 42 3.75 -26.30 6.13
C ARG B 42 4.17 -25.47 7.42
C ARG B 42 4.21 -25.60 7.40
N TYR B 43 5.48 -25.18 7.40
CA TYR B 43 6.18 -24.70 8.59
C TYR B 43 6.33 -23.17 8.82
N GLY B 44 6.28 -22.40 7.74
CA GLY B 44 6.61 -21.00 7.79
C GLY B 44 7.90 -20.62 7.04
N PRO B 45 8.25 -19.32 7.06
CA PRO B 45 9.36 -18.83 6.24
C PRO B 45 10.72 -19.10 6.87
N VAL B 46 10.69 -19.47 8.14
CA VAL B 46 11.88 -19.83 8.92
C VAL B 46 11.73 -21.25 9.50
N PHE B 47 12.59 -22.18 9.05
CA PHE B 47 12.51 -23.62 9.42
C PHE B 47 13.87 -24.39 9.40
N THR B 48 13.91 -25.48 10.17
CA THR B 48 15.06 -26.28 10.35
C THR B 48 14.93 -27.49 9.46
N ILE B 49 16.01 -27.77 8.74
CA ILE B 49 16.14 -28.89 7.84
C ILE B 49 17.52 -29.65 8.07
N HIS B 50 17.52 -30.94 7.78
CA HIS B 50 18.77 -31.72 7.89
C HIS B 50 19.12 -32.28 6.51
N LEU B 51 20.23 -31.78 5.96
CA LEU B 51 20.75 -32.35 4.73
C LEU B 51 21.83 -33.35 5.12
N GLY B 52 21.40 -34.61 5.20
CA GLY B 52 22.24 -35.61 5.75
C GLY B 52 22.41 -35.16 7.18
N PRO B 53 23.65 -35.19 7.66
CA PRO B 53 23.97 -34.83 9.02
C PRO B 53 24.23 -33.34 9.30
N ARG B 54 23.95 -32.47 8.33
CA ARG B 54 24.12 -30.98 8.40
C ARG B 54 22.80 -30.25 8.79
N ARG B 55 22.81 -29.62 9.96
CA ARG B 55 21.67 -28.85 10.46
C ARG B 55 21.57 -27.50 9.78
N VAL B 56 20.50 -27.32 9.02
CA VAL B 56 20.27 -26.08 8.27
C VAL B 56 18.98 -25.30 8.64
N VAL B 57 19.15 -24.04 8.95
CA VAL B 57 18.08 -23.10 8.96
C VAL B 57 17.83 -22.50 7.61
N VAL B 58 16.59 -22.53 7.21
CA VAL B 58 16.16 -22.05 5.91
C VAL B 58 15.30 -20.75 6.04
N LEU B 59 15.62 -19.79 5.20
CA LEU B 59 14.95 -18.50 5.15
C LEU B 59 14.31 -18.28 3.83
N CYS B 60 12.98 -18.25 3.83
CA CYS B 60 12.18 -18.02 2.61
C CYS B 60 11.47 -16.71 2.63
N GLY B 61 11.36 -16.08 1.45
CA GLY B 61 10.77 -14.75 1.26
C GLY B 61 11.53 -13.52 1.76
N HIS B 62 11.27 -12.38 1.13
CA HIS B 62 11.85 -11.08 1.51
C HIS B 62 12.04 -10.74 2.98
N ASP B 63 11.02 -10.82 3.81
CA ASP B 63 11.21 -10.32 5.17
C ASP B 63 12.20 -11.13 6.05
N ALA B 64 12.10 -12.46 6.00
CA ALA B 64 13.02 -13.33 6.76
C ALA B 64 14.49 -13.32 6.21
N VAL B 65 14.68 -13.22 4.89
CA VAL B 65 16.05 -13.13 4.35
C VAL B 65 16.74 -11.82 4.78
N LYS B 66 16.03 -10.69 4.69
CA LYS B 66 16.49 -9.39 5.11
C LYS B 66 16.69 -9.21 6.65
N GLU B 67 15.71 -9.60 7.45
CA GLU B 67 15.85 -9.52 8.92
C GLU B 67 17.13 -10.20 9.35
N ALA B 68 17.49 -11.28 8.71
CA ALA B 68 18.73 -11.97 8.98
C ALA B 68 19.97 -11.27 8.39
N LEU B 69 20.01 -11.11 7.06
CA LEU B 69 21.22 -10.78 6.36
C LEU B 69 21.58 -9.33 6.41
N VAL B 70 20.56 -8.46 6.38
CA VAL B 70 20.70 -7.03 6.63
C VAL B 70 20.56 -6.63 8.15
N ASP B 71 19.49 -7.00 8.84
CA ASP B 71 19.22 -6.39 10.21
C ASP B 71 20.14 -6.97 11.29
N GLN B 72 20.46 -8.27 11.19
CA GLN B 72 21.50 -8.91 12.00
C GLN B 72 22.78 -9.32 11.15
N ALA B 73 23.22 -8.37 10.33
CA ALA B 73 24.27 -8.57 9.31
C ALA B 73 25.53 -9.31 9.76
N GLU B 74 26.06 -8.92 10.90
CA GLU B 74 27.31 -9.47 11.37
C GLU B 74 27.15 -10.88 11.98
N GLU B 75 26.03 -11.11 12.65
N GLU B 75 26.04 -11.16 12.67
CA GLU B 75 25.68 -12.40 13.19
CA GLU B 75 25.76 -12.51 13.16
C GLU B 75 25.49 -13.49 12.09
C GLU B 75 25.59 -13.53 12.04
N PHE B 76 25.14 -13.09 10.87
CA PHE B 76 24.84 -14.03 9.77
C PHE B 76 25.86 -14.09 8.65
N SER B 77 26.97 -13.43 8.85
CA SER B 77 27.98 -13.24 7.83
C SER B 77 29.05 -14.34 7.79
N GLY B 78 28.84 -15.45 8.49
CA GLY B 78 29.64 -16.61 8.26
C GLY B 78 29.22 -17.35 7.02
N ARG B 79 30.09 -18.25 6.56
CA ARG B 79 29.90 -18.98 5.33
C ARG B 79 29.64 -20.39 5.69
N GLY B 80 28.65 -20.97 5.07
CA GLY B 80 28.36 -22.35 5.27
C GLY B 80 29.02 -23.16 4.19
N GLU B 81 28.60 -24.39 4.05
CA GLU B 81 29.32 -25.25 3.14
C GLU B 81 28.61 -25.48 1.80
N GLN B 82 29.44 -25.62 0.78
CA GLN B 82 29.07 -26.11 -0.53
C GLN B 82 30.07 -27.28 -0.86
N ALA B 83 29.61 -28.51 -0.80
CA ALA B 83 30.55 -29.62 -0.68
C ALA B 83 31.44 -29.90 -1.89
N THR B 84 30.90 -29.70 -3.07
CA THR B 84 31.64 -29.81 -4.31
C THR B 84 32.82 -28.87 -4.34
N PHE B 85 32.56 -27.58 -4.16
CA PHE B 85 33.59 -26.58 -4.17
C PHE B 85 34.47 -26.78 -2.96
N ASP B 86 33.89 -27.18 -1.83
CA ASP B 86 34.71 -27.37 -0.63
C ASP B 86 35.80 -28.36 -0.77
N TRP B 87 35.55 -29.37 -1.63
CA TRP B 87 36.43 -30.46 -2.00
C TRP B 87 37.80 -29.97 -2.43
N LEU B 88 37.80 -28.96 -3.30
CA LEU B 88 38.98 -28.28 -3.78
C LEU B 88 39.46 -27.20 -2.81
N PHE B 89 38.56 -26.40 -2.25
CA PHE B 89 38.93 -25.13 -1.59
C PHE B 89 39.31 -25.27 -0.12
N LYS B 90 38.68 -26.21 0.58
CA LYS B 90 39.07 -26.54 1.97
C LYS B 90 39.16 -25.32 2.90
N GLY B 91 38.31 -24.31 2.67
CA GLY B 91 38.26 -23.15 3.53
C GLY B 91 39.11 -21.98 3.10
N TYR B 92 39.88 -22.16 2.03
CA TYR B 92 40.88 -21.19 1.53
C TYR B 92 40.25 -20.31 0.46
N GLY B 93 40.82 -19.14 0.25
CA GLY B 93 40.36 -18.21 -0.79
C GLY B 93 39.19 -17.39 -0.29
N VAL B 94 38.67 -16.51 -1.15
CA VAL B 94 37.68 -15.51 -0.73
C VAL B 94 36.23 -15.99 -0.63
N ALA B 95 35.77 -16.66 -1.67
CA ALA B 95 34.39 -17.12 -1.69
C ALA B 95 34.01 -18.07 -0.48
N PHE B 96 34.77 -19.12 -0.26
CA PHE B 96 34.39 -20.22 0.60
C PHE B 96 35.13 -20.20 1.94
N SER B 97 35.29 -19.00 2.53
CA SER B 97 36.14 -18.86 3.67
C SER B 97 35.42 -18.22 4.85
N ASN B 98 36.11 -18.07 5.99
CA ASN B 98 35.56 -17.50 7.25
C ASN B 98 36.42 -16.49 8.08
N GLY B 99 35.77 -15.86 9.05
CA GLY B 99 36.44 -15.05 10.02
C GLY B 99 37.48 -14.09 9.47
N GLU B 100 38.66 -14.18 10.04
CA GLU B 100 39.74 -13.29 9.75
C GLU B 100 40.12 -13.33 8.27
N ARG B 101 40.03 -14.53 7.70
CA ARG B 101 40.50 -14.85 6.38
C ARG B 101 39.60 -14.27 5.34
N ALA B 102 38.30 -14.46 5.51
CA ALA B 102 37.32 -13.90 4.59
C ALA B 102 37.41 -12.41 4.57
N LYS B 103 37.26 -11.78 5.73
CA LYS B 103 37.30 -10.33 5.89
C LYS B 103 38.56 -9.71 5.26
N GLN B 104 39.65 -10.45 5.32
CA GLN B 104 40.88 -9.93 4.89
C GLN B 104 40.96 -10.07 3.37
N LEU B 105 40.69 -11.24 2.85
CA LEU B 105 40.70 -11.48 1.44
C LEU B 105 39.65 -10.72 0.71
N ARG B 106 38.52 -10.54 1.34
CA ARG B 106 37.48 -9.73 0.78
C ARG B 106 37.85 -8.27 0.61
N ARG B 107 38.51 -7.69 1.59
CA ARG B 107 39.00 -6.33 1.57
C ARG B 107 40.03 -6.07 0.50
N PHE B 108 40.98 -6.96 0.35
CA PHE B 108 41.93 -6.86 -0.69
C PHE B 108 41.33 -6.97 -2.06
N SER B 109 40.44 -7.92 -2.24
CA SER B 109 39.83 -8.22 -3.49
C SER B 109 39.02 -7.07 -3.99
N ILE B 110 38.26 -6.43 -3.11
CA ILE B 110 37.46 -5.28 -3.50
C ILE B 110 38.34 -4.10 -3.84
N ALA B 111 39.34 -3.80 -3.00
CA ALA B 111 40.24 -2.65 -3.28
C ALA B 111 40.97 -2.85 -4.61
N THR B 112 41.47 -4.08 -4.82
CA THR B 112 42.24 -4.39 -5.97
C THR B 112 41.43 -4.27 -7.27
N LEU B 113 40.21 -4.82 -7.28
CA LEU B 113 39.32 -4.61 -8.39
C LEU B 113 39.00 -3.13 -8.75
N ARG B 114 38.74 -2.28 -7.75
CA ARG B 114 38.52 -0.80 -7.95
C ARG B 114 39.73 -0.17 -8.57
N GLY B 115 40.88 -0.42 -7.95
CA GLY B 115 42.19 -0.18 -8.50
C GLY B 115 42.31 -0.38 -10.00
N PHE B 116 41.97 -1.57 -10.51
CA PHE B 116 42.10 -1.88 -11.95
C PHE B 116 40.97 -1.35 -12.82
N GLY B 117 40.01 -0.67 -12.20
CA GLY B 117 39.10 0.13 -12.97
C GLY B 117 37.71 -0.38 -13.01
N VAL B 118 37.34 -1.29 -12.12
CA VAL B 118 35.98 -1.78 -12.10
C VAL B 118 34.96 -0.71 -11.71
N GLY B 119 33.93 -0.53 -12.54
CA GLY B 119 32.91 0.51 -12.35
C GLY B 119 33.31 1.93 -12.78
N LYS B 120 34.23 2.04 -13.75
CA LYS B 120 34.73 3.30 -14.32
C LYS B 120 34.97 3.11 -15.81
N ARG B 121 35.41 4.20 -16.47
CA ARG B 121 35.71 4.21 -17.91
C ARG B 121 36.66 3.08 -18.34
N GLY B 122 37.68 2.80 -17.54
CA GLY B 122 38.73 1.84 -17.91
C GLY B 122 38.19 0.46 -18.24
N ILE B 123 37.45 -0.12 -17.30
CA ILE B 123 36.85 -1.43 -17.55
C ILE B 123 35.69 -1.32 -18.54
N GLU B 124 34.97 -0.20 -18.55
CA GLU B 124 34.02 0.05 -19.64
C GLU B 124 34.71 -0.16 -21.02
N GLU B 125 35.86 0.50 -21.28
CA GLU B 125 36.53 0.42 -22.62
C GLU B 125 36.89 -1.03 -22.96
N ARG B 126 37.24 -1.79 -21.94
CA ARG B 126 37.59 -3.19 -22.07
C ARG B 126 36.38 -4.10 -22.40
N ILE B 127 35.19 -3.72 -21.95
CA ILE B 127 33.97 -4.46 -22.24
C ILE B 127 33.42 -4.16 -23.65
N GLN B 128 33.44 -2.88 -24.03
CA GLN B 128 33.03 -2.43 -25.35
C GLN B 128 33.94 -3.04 -26.41
N GLU B 129 35.25 -3.02 -26.15
CA GLU B 129 36.20 -3.66 -27.04
C GLU B 129 35.95 -5.18 -27.15
N GLU B 130 35.76 -5.87 -26.03
CA GLU B 130 35.30 -7.27 -26.04
C GLU B 130 33.90 -7.53 -26.68
N ALA B 131 32.88 -6.73 -26.34
CA ALA B 131 31.61 -6.78 -27.08
C ALA B 131 31.79 -6.60 -28.63
N GLY B 132 32.68 -5.70 -29.04
CA GLY B 132 33.03 -5.58 -30.45
C GLY B 132 33.54 -6.87 -31.05
N PHE B 133 34.53 -7.47 -30.40
CA PHE B 133 35.14 -8.72 -30.88
C PHE B 133 34.11 -9.86 -31.11
N LEU B 134 33.08 -9.93 -30.26
CA LEU B 134 32.05 -10.96 -30.38
C LEU B 134 31.01 -10.70 -31.49
N ILE B 135 30.79 -9.43 -31.84
CA ILE B 135 29.94 -9.02 -32.96
C ILE B 135 30.60 -9.52 -34.24
N ASP B 136 31.88 -9.20 -34.43
CA ASP B 136 32.66 -9.88 -35.46
C ASP B 136 32.38 -11.41 -35.62
N ALA B 137 32.60 -12.19 -34.57
CA ALA B 137 32.53 -13.64 -34.61
C ALA B 137 31.13 -14.18 -34.89
N LEU B 138 30.12 -13.42 -34.49
CA LEU B 138 28.74 -13.78 -34.73
C LEU B 138 28.34 -13.54 -36.20
N ARG B 139 28.54 -12.31 -36.66
CA ARG B 139 28.46 -11.94 -38.07
C ARG B 139 29.07 -13.05 -38.94
N GLY B 140 30.24 -13.56 -38.54
CA GLY B 140 30.97 -14.60 -39.29
C GLY B 140 30.38 -16.00 -39.15
N THR B 141 29.12 -16.09 -38.71
CA THR B 141 28.45 -17.37 -38.70
C THR B 141 27.28 -17.32 -39.66
N HIS B 142 26.93 -16.10 -40.08
CA HIS B 142 25.99 -15.79 -41.19
C HIS B 142 24.62 -16.44 -41.06
N GLY B 143 23.94 -16.07 -39.96
CA GLY B 143 22.68 -16.66 -39.51
C GLY B 143 22.71 -18.18 -39.40
N ALA B 144 23.87 -18.80 -39.20
CA ALA B 144 23.88 -20.26 -38.88
C ALA B 144 23.14 -20.62 -37.59
N ASN B 145 22.63 -21.85 -37.57
CA ASN B 145 22.02 -22.42 -36.38
C ASN B 145 23.14 -22.89 -35.48
N ILE B 146 23.38 -22.21 -34.36
CA ILE B 146 24.52 -22.53 -33.49
C ILE B 146 24.18 -22.68 -32.01
N ASP B 147 25.12 -23.27 -31.30
CA ASP B 147 25.11 -23.31 -29.85
C ASP B 147 25.81 -22.01 -29.38
N PRO B 148 25.05 -21.05 -28.78
CA PRO B 148 25.66 -19.80 -28.35
C PRO B 148 26.45 -19.88 -27.01
N THR B 149 26.36 -21.00 -26.28
CA THR B 149 27.02 -21.15 -24.98
C THR B 149 28.43 -20.59 -24.99
N PHE B 150 29.33 -21.20 -25.75
CA PHE B 150 30.73 -20.81 -25.79
C PHE B 150 31.11 -19.47 -26.41
N PHE B 151 30.31 -18.93 -27.33
CA PHE B 151 30.49 -17.56 -27.82
C PHE B 151 30.35 -16.55 -26.69
N LEU B 152 29.30 -16.68 -25.87
CA LEU B 152 29.14 -15.83 -24.67
C LEU B 152 30.23 -16.05 -23.63
N SER B 153 30.46 -17.29 -23.22
CA SER B 153 31.48 -17.55 -22.19
C SER B 153 32.96 -17.17 -22.57
N ARG B 154 33.39 -17.52 -23.79
N ARG B 154 33.42 -17.50 -23.79
CA ARG B 154 34.65 -17.03 -24.34
CA ARG B 154 34.73 -16.99 -24.23
C ARG B 154 34.76 -15.53 -24.10
C ARG B 154 34.76 -15.48 -24.02
N THR B 155 33.69 -14.78 -24.44
CA THR B 155 33.65 -13.31 -24.39
C THR B 155 33.60 -12.68 -22.99
N VAL B 156 32.65 -13.13 -22.19
CA VAL B 156 32.48 -12.74 -20.78
C VAL B 156 33.72 -13.07 -20.06
N SER B 157 34.22 -14.26 -20.31
CA SER B 157 35.37 -14.73 -19.63
C SER B 157 36.61 -13.90 -19.93
N ASN B 158 36.64 -13.23 -21.06
CA ASN B 158 37.77 -12.40 -21.38
C ASN B 158 37.73 -11.06 -20.73
N VAL B 159 36.70 -10.79 -19.96
CA VAL B 159 36.68 -9.52 -19.26
C VAL B 159 37.33 -9.71 -17.88
N ILE B 160 36.87 -10.69 -17.09
CA ILE B 160 37.55 -10.98 -15.84
C ILE B 160 39.03 -11.40 -16.01
N SER B 161 39.32 -12.16 -17.07
CA SER B 161 40.69 -12.64 -17.34
C SER B 161 41.67 -11.50 -17.64
N SER B 162 41.18 -10.42 -18.23
CA SER B 162 42.00 -9.23 -18.36
C SER B 162 42.42 -8.64 -17.06
N ILE B 163 41.55 -8.61 -16.07
CA ILE B 163 41.87 -8.03 -14.78
C ILE B 163 42.79 -8.90 -13.95
N VAL B 164 42.55 -10.21 -13.94
CA VAL B 164 43.34 -11.14 -13.11
C VAL B 164 44.55 -11.77 -13.80
N PHE B 165 44.62 -11.77 -15.12
CA PHE B 165 45.78 -12.36 -15.79
C PHE B 165 46.71 -11.33 -16.44
N GLY B 166 46.16 -10.19 -16.85
CA GLY B 166 46.92 -9.22 -17.62
C GLY B 166 46.30 -9.06 -18.98
N ASP B 167 46.11 -10.15 -19.71
CA ASP B 167 45.54 -10.07 -21.06
C ASP B 167 44.45 -11.12 -21.38
N ARG B 168 43.64 -10.83 -22.40
CA ARG B 168 42.67 -11.75 -22.93
C ARG B 168 43.24 -13.04 -23.52
N PHE B 169 42.37 -14.02 -23.66
CA PHE B 169 42.67 -15.29 -24.31
C PHE B 169 42.27 -15.17 -25.77
N ASP B 170 43.02 -15.82 -26.63
CA ASP B 170 42.66 -15.86 -28.01
C ASP B 170 41.38 -16.68 -28.19
N TYR B 171 40.50 -16.25 -29.10
CA TYR B 171 39.27 -16.98 -29.36
C TYR B 171 39.49 -18.40 -29.94
N GLU B 172 40.73 -18.68 -30.38
CA GLU B 172 41.14 -20.00 -30.95
C GLU B 172 42.13 -20.72 -30.05
N ASP B 173 42.30 -20.24 -28.82
CA ASP B 173 43.13 -20.96 -27.86
C ASP B 173 42.41 -22.25 -27.47
N LYS B 174 43.10 -23.36 -27.57
CA LYS B 174 42.48 -24.65 -27.31
C LYS B 174 42.35 -24.94 -25.79
N GLU B 175 43.40 -24.59 -25.05
CA GLU B 175 43.39 -24.69 -23.59
C GLU B 175 42.20 -23.92 -22.96
N PHE B 176 41.97 -22.71 -23.50
CA PHE B 176 40.93 -21.80 -23.08
C PHE B 176 39.62 -22.51 -23.22
N LEU B 177 39.42 -23.16 -24.37
CA LEU B 177 38.19 -23.93 -24.63
C LEU B 177 38.02 -24.98 -23.53
N SER B 178 39.11 -25.68 -23.26
CA SER B 178 39.15 -26.73 -22.27
C SER B 178 38.80 -26.19 -20.85
N LEU B 179 39.21 -24.95 -20.57
CA LEU B 179 38.94 -24.32 -19.30
C LEU B 179 37.48 -23.99 -19.11
N LEU B 180 36.87 -23.43 -20.14
CA LEU B 180 35.45 -23.11 -20.14
C LEU B 180 34.53 -24.33 -19.99
N ARG B 181 34.93 -25.48 -20.57
CA ARG B 181 34.20 -26.76 -20.45
C ARG B 181 34.37 -27.32 -19.04
N MET B 182 35.45 -26.91 -18.36
CA MET B 182 35.74 -27.33 -17.03
C MET B 182 34.78 -26.61 -16.08
N MET B 183 34.77 -25.28 -16.16
CA MET B 183 33.84 -24.46 -15.39
C MET B 183 32.42 -24.80 -15.65
N LEU B 184 32.04 -25.02 -16.92
CA LEU B 184 30.62 -25.30 -17.24
C LEU B 184 30.21 -26.67 -16.73
N GLY B 185 31.08 -27.65 -16.88
CA GLY B 185 30.87 -28.97 -16.34
C GLY B 185 30.59 -29.00 -14.85
N SER B 186 31.48 -28.34 -14.10
CA SER B 186 31.53 -28.38 -12.64
C SER B 186 30.37 -27.61 -12.05
N PHE B 187 30.06 -26.44 -12.63
CA PHE B 187 28.98 -25.59 -12.21
C PHE B 187 27.67 -26.32 -12.46
N GLN B 188 27.52 -26.92 -13.66
N GLN B 188 27.52 -26.93 -13.63
CA GLN B 188 26.29 -27.65 -14.04
CA GLN B 188 26.27 -27.60 -13.99
C GLN B 188 25.98 -28.86 -13.15
C GLN B 188 25.98 -28.91 -13.20
N PHE B 189 27.08 -29.55 -12.73
CA PHE B 189 26.99 -30.71 -11.85
C PHE B 189 26.35 -30.38 -10.52
N THR B 190 26.70 -29.23 -9.96
CA THR B 190 26.12 -28.79 -8.70
C THR B 190 24.66 -28.44 -8.79
N ALA B 191 24.13 -28.36 -10.00
CA ALA B 191 22.70 -28.18 -10.20
C ALA B 191 21.90 -29.48 -10.44
N THR B 192 22.63 -30.60 -10.58
CA THR B 192 21.98 -31.84 -10.98
C THR B 192 21.41 -32.60 -9.79
N SER B 193 20.61 -33.62 -10.06
CA SER B 193 20.13 -34.46 -8.96
C SER B 193 21.31 -35.06 -8.08
N THR B 194 22.34 -35.58 -8.76
CA THR B 194 23.52 -36.12 -8.12
C THR B 194 24.33 -35.08 -7.37
N GLY B 195 24.46 -33.90 -7.93
CA GLY B 195 25.12 -32.81 -7.26
C GLY B 195 24.50 -32.47 -5.90
N GLN B 196 23.18 -32.43 -5.86
CA GLN B 196 22.47 -32.19 -4.64
C GLN B 196 22.50 -33.38 -3.65
N LEU B 197 22.63 -34.59 -4.16
CA LEU B 197 22.80 -35.77 -3.31
C LEU B 197 24.15 -35.65 -2.59
N TYR B 198 25.16 -35.26 -3.36
CA TYR B 198 26.49 -34.98 -2.90
C TYR B 198 26.55 -33.99 -1.73
N GLU B 199 25.71 -32.97 -1.77
CA GLU B 199 25.60 -31.98 -0.68
C GLU B 199 25.19 -32.60 0.64
N MET B 200 24.38 -33.68 0.60
CA MET B 200 23.96 -34.38 1.80
C MET B 200 24.98 -35.39 2.30
N PHE B 201 25.61 -36.08 1.37
CA PHE B 201 26.29 -37.32 1.67
C PHE B 201 27.67 -37.39 1.08
N SER B 202 28.35 -36.25 1.01
CA SER B 202 29.72 -36.15 0.48
C SER B 202 30.79 -36.97 1.19
N SER B 203 30.70 -37.05 2.51
CA SER B 203 31.64 -37.81 3.28
C SER B 203 31.63 -39.29 2.89
N VAL B 204 30.65 -39.74 2.09
CA VAL B 204 30.64 -41.10 1.52
C VAL B 204 30.94 -41.02 -0.01
N MET B 205 30.22 -40.13 -0.69
CA MET B 205 30.24 -40.05 -2.14
C MET B 205 31.55 -39.58 -2.78
N LYS B 206 32.40 -38.89 -2.03
CA LYS B 206 33.70 -38.54 -2.58
C LYS B 206 34.62 -39.77 -2.76
N HIS B 207 34.22 -40.92 -2.24
CA HIS B 207 34.98 -42.14 -2.39
C HIS B 207 34.33 -43.18 -3.39
N LEU B 208 33.10 -42.91 -3.84
CA LEU B 208 32.29 -43.78 -4.73
C LEU B 208 32.46 -43.28 -6.16
N PRO B 209 32.18 -44.13 -7.19
CA PRO B 209 32.33 -43.63 -8.58
C PRO B 209 31.04 -42.94 -9.10
N GLY B 210 31.16 -42.05 -10.06
CA GLY B 210 29.99 -41.40 -10.66
C GLY B 210 30.33 -39.98 -11.07
N PRO B 211 29.31 -39.20 -11.50
CA PRO B 211 29.52 -37.83 -12.07
C PRO B 211 30.37 -36.91 -11.20
N GLN B 212 30.35 -37.13 -9.87
CA GLN B 212 31.09 -36.34 -8.90
C GLN B 212 32.60 -36.33 -9.08
N GLN B 213 33.15 -37.48 -9.45
CA GLN B 213 34.52 -37.64 -9.87
C GLN B 213 34.90 -36.76 -11.05
N GLN B 214 34.01 -36.66 -12.05
CA GLN B 214 34.18 -35.73 -13.19
C GLN B 214 34.27 -34.25 -12.79
N ALA B 215 33.37 -33.81 -11.90
CA ALA B 215 33.46 -32.49 -11.31
C ALA B 215 34.82 -32.25 -10.61
N PHE B 216 35.26 -33.21 -9.79
CA PHE B 216 36.62 -33.12 -9.21
C PHE B 216 37.74 -32.94 -10.25
N LYS B 217 37.66 -33.67 -11.36
CA LYS B 217 38.69 -33.58 -12.39
C LYS B 217 38.63 -32.17 -13.07
N GLU B 218 37.43 -31.65 -13.29
CA GLU B 218 37.29 -30.29 -13.81
C GLU B 218 37.79 -29.17 -12.87
N LEU B 219 37.67 -29.38 -11.55
CA LEU B 219 38.06 -28.37 -10.57
C LEU B 219 39.56 -28.38 -10.41
N GLN B 220 40.10 -29.59 -10.26
CA GLN B 220 41.52 -29.86 -10.12
C GLN B 220 42.29 -29.34 -11.34
N GLY B 221 41.73 -29.57 -12.53
CA GLY B 221 42.25 -29.00 -13.75
C GLY B 221 42.33 -27.49 -13.72
N LEU B 222 41.31 -26.84 -13.18
CA LEU B 222 41.26 -25.39 -13.15
C LEU B 222 42.28 -24.80 -12.20
N GLU B 223 42.37 -25.40 -11.02
CA GLU B 223 43.37 -25.06 -10.01
C GLU B 223 44.78 -25.18 -10.56
N ASP B 224 45.04 -26.27 -11.32
CA ASP B 224 46.30 -26.54 -12.03
C ASP B 224 46.67 -25.34 -12.90
N PHE B 225 45.72 -24.94 -13.76
CA PHE B 225 45.95 -23.84 -14.69
C PHE B 225 46.31 -22.57 -13.97
N ILE B 226 45.48 -22.20 -12.98
CA ILE B 226 45.74 -21.07 -12.08
C ILE B 226 47.13 -21.18 -11.45
N ALA B 227 47.45 -22.34 -10.85
CA ALA B 227 48.77 -22.60 -10.22
C ALA B 227 49.98 -22.33 -11.15
N LYS B 228 49.89 -22.74 -12.40
CA LYS B 228 50.94 -22.47 -13.42
C LYS B 228 51.10 -20.98 -13.73
N LYS B 229 50.00 -20.25 -13.85
CA LYS B 229 50.10 -18.83 -14.21
C LYS B 229 50.68 -18.01 -13.07
N VAL B 230 50.41 -18.40 -11.83
CA VAL B 230 50.99 -17.72 -10.67
C VAL B 230 52.53 -17.88 -10.72
N GLU B 231 53.03 -19.12 -10.85
CA GLU B 231 54.46 -19.42 -10.99
C GLU B 231 55.16 -18.59 -12.08
N HIS B 232 54.46 -18.40 -13.21
CA HIS B 232 54.92 -17.60 -14.34
C HIS B 232 54.96 -16.08 -13.99
N ASN B 233 53.97 -15.59 -13.23
CA ASN B 233 54.01 -14.21 -12.70
C ASN B 233 55.08 -14.06 -11.59
N GLN B 234 55.31 -15.09 -10.79
CA GLN B 234 56.35 -15.04 -9.74
C GLN B 234 57.76 -14.69 -10.28
N ARG B 235 58.22 -15.43 -11.30
CA ARG B 235 59.53 -15.20 -11.95
C ARG B 235 59.72 -13.93 -12.82
N THR B 236 58.66 -13.18 -13.12
CA THR B 236 58.82 -11.93 -13.89
C THR B 236 58.25 -10.70 -13.16
N LEU B 237 58.12 -10.85 -11.84
CA LEU B 237 57.53 -9.83 -10.98
C LEU B 237 58.35 -8.54 -10.87
N ASP B 238 57.77 -7.44 -11.37
CA ASP B 238 58.21 -6.09 -11.00
C ASP B 238 57.38 -5.55 -9.81
N PRO B 239 57.97 -5.52 -8.58
CA PRO B 239 57.20 -5.18 -7.37
C PRO B 239 56.85 -3.70 -7.19
N ASN B 240 57.06 -2.88 -8.21
CA ASN B 240 56.56 -1.50 -8.20
C ASN B 240 55.53 -1.20 -9.32
N SER B 241 55.28 -2.20 -10.17
CA SER B 241 54.33 -2.04 -11.25
C SER B 241 53.52 -3.33 -11.51
N PRO B 242 52.38 -3.49 -10.81
CA PRO B 242 51.56 -4.69 -10.95
C PRO B 242 50.77 -4.63 -12.24
N ARG B 243 50.63 -5.80 -12.90
CA ARG B 243 49.97 -5.94 -14.21
C ARG B 243 48.53 -6.40 -14.09
N ASP B 244 48.27 -7.09 -13.00
CA ASP B 244 47.08 -7.87 -12.87
C ASP B 244 46.89 -8.19 -11.39
N PHE B 245 45.68 -8.67 -11.08
CA PHE B 245 45.25 -9.07 -9.73
C PHE B 245 46.32 -9.87 -9.00
N ILE B 246 46.96 -10.72 -9.75
CA ILE B 246 47.90 -11.68 -9.18
C ILE B 246 49.13 -10.98 -8.66
N ASP B 247 49.67 -10.11 -9.49
CA ASP B 247 50.82 -9.29 -9.10
C ASP B 247 50.60 -8.59 -7.78
N SER B 248 49.40 -7.99 -7.60
CA SER B 248 49.07 -7.10 -6.48
C SER B 248 49.13 -7.93 -5.22
N PHE B 249 48.58 -9.14 -5.31
CA PHE B 249 48.61 -10.14 -4.27
C PHE B 249 50.03 -10.70 -3.99
N LEU B 250 50.87 -10.81 -5.02
CA LEU B 250 52.29 -11.14 -4.81
C LEU B 250 53.08 -10.08 -4.03
N ILE B 251 52.85 -8.83 -4.38
CA ILE B 251 53.40 -7.64 -3.76
C ILE B 251 53.02 -7.47 -2.29
N ARG B 252 51.73 -7.66 -2.00
CA ARG B 252 51.17 -7.69 -0.68
C ARG B 252 51.75 -8.91 0.05
N MET B 253 51.78 -10.08 -0.57
CA MET B 253 52.47 -11.24 0.08
C MET B 253 53.87 -10.97 0.61
N GLN B 254 54.68 -10.18 -0.13
CA GLN B 254 56.07 -9.89 0.23
C GLN B 254 56.14 -8.93 1.42
N GLU B 255 55.30 -7.91 1.38
CA GLU B 255 55.17 -6.93 2.46
C GLU B 255 54.69 -7.61 3.74
N GLU B 256 53.97 -8.70 3.62
CA GLU B 256 53.43 -9.41 4.74
C GLU B 256 54.31 -10.58 5.21
N GLU B 257 55.43 -10.79 4.51
CA GLU B 257 56.31 -11.98 4.66
C GLU B 257 56.83 -12.15 6.08
N LYS B 258 57.08 -11.01 6.75
CA LYS B 258 57.63 -10.96 8.10
C LYS B 258 56.57 -11.12 9.19
N ASN B 259 55.33 -11.39 8.78
CA ASN B 259 54.19 -11.46 9.72
C ASN B 259 53.58 -12.89 9.85
N PRO B 260 53.69 -13.48 11.05
CA PRO B 260 53.26 -14.88 11.35
C PRO B 260 51.76 -15.17 11.13
N ASN B 261 50.91 -14.16 11.24
CA ASN B 261 49.46 -14.36 11.15
C ASN B 261 48.77 -13.83 9.92
N THR B 262 49.53 -13.60 8.85
CA THR B 262 48.98 -13.09 7.62
C THR B 262 48.00 -14.06 6.91
N GLU B 263 47.16 -13.54 6.03
CA GLU B 263 46.30 -14.37 5.20
C GLU B 263 46.83 -14.38 3.76
N PHE B 264 47.81 -13.52 3.55
CA PHE B 264 48.44 -13.33 2.29
C PHE B 264 49.55 -14.30 2.01
N TYR B 265 49.13 -15.45 1.52
CA TYR B 265 50.04 -16.47 1.06
C TYR B 265 49.49 -17.23 -0.15
N LEU B 266 50.33 -18.13 -0.67
CA LEU B 266 50.16 -18.75 -1.96
C LEU B 266 48.81 -19.45 -2.09
N LYS B 267 48.47 -20.28 -1.12
CA LYS B 267 47.26 -21.05 -1.26
C LYS B 267 46.03 -20.10 -1.32
N ASN B 268 46.06 -18.99 -0.57
CA ASN B 268 45.05 -17.95 -0.70
C ASN B 268 45.01 -17.16 -2.04
N LEU B 269 46.15 -17.05 -2.71
CA LEU B 269 46.23 -16.46 -4.02
C LEU B 269 45.57 -17.32 -5.13
N VAL B 270 46.05 -18.54 -5.29
CA VAL B 270 45.48 -19.49 -6.20
C VAL B 270 43.96 -19.65 -5.97
N MET B 271 43.50 -19.70 -4.70
CA MET B 271 42.10 -19.94 -4.49
C MET B 271 41.22 -18.74 -4.80
N THR B 272 41.69 -17.57 -4.44
CA THR B 272 40.95 -16.33 -4.60
C THR B 272 40.79 -16.01 -6.08
N THR B 273 41.91 -16.17 -6.80
CA THR B 273 41.98 -15.98 -8.25
C THR B 273 41.01 -16.98 -8.89
N LEU B 274 41.04 -18.23 -8.41
CA LEU B 274 40.02 -19.17 -8.89
C LEU B 274 38.54 -18.61 -8.78
N ASN B 275 38.15 -18.24 -7.56
CA ASN B 275 36.91 -17.55 -7.28
C ASN B 275 36.58 -16.46 -8.29
N LEU B 276 37.48 -15.50 -8.48
CA LEU B 276 37.26 -14.41 -9.45
C LEU B 276 37.13 -14.86 -10.90
N PHE B 277 38.00 -15.79 -11.29
CA PHE B 277 37.96 -16.31 -12.66
C PHE B 277 36.69 -17.11 -12.89
N PHE B 278 36.41 -18.07 -12.01
CA PHE B 278 35.17 -18.89 -12.09
C PHE B 278 33.87 -18.05 -12.09
N ALA B 279 33.62 -17.28 -11.02
CA ALA B 279 32.38 -16.48 -10.94
C ALA B 279 32.28 -15.36 -11.96
N GLY B 280 33.43 -14.80 -12.33
CA GLY B 280 33.53 -13.79 -13.37
C GLY B 280 33.13 -14.24 -14.75
N THR B 281 33.15 -15.54 -14.99
CA THR B 281 32.74 -16.14 -16.25
C THR B 281 31.32 -16.68 -16.13
N GLU B 282 31.17 -17.72 -15.34
CA GLU B 282 30.00 -18.56 -15.41
C GLU B 282 28.64 -17.89 -15.19
N THR B 283 28.60 -16.95 -14.29
CA THR B 283 27.33 -16.33 -13.91
C THR B 283 26.77 -15.34 -14.93
N VAL B 284 27.59 -14.45 -15.47
CA VAL B 284 27.11 -13.49 -16.47
C VAL B 284 26.76 -14.29 -17.73
N SER B 285 27.56 -15.33 -17.95
CA SER B 285 27.43 -16.16 -19.10
C SER B 285 26.07 -16.84 -19.18
N THR B 286 25.70 -17.54 -18.12
CA THR B 286 24.45 -18.27 -18.11
C THR B 286 23.28 -17.27 -18.15
N THR B 287 23.43 -16.18 -17.42
CA THR B 287 22.43 -15.15 -17.44
C THR B 287 22.07 -14.71 -18.93
N LEU B 288 23.06 -14.20 -19.71
CA LEU B 288 22.88 -13.91 -21.17
C LEU B 288 22.25 -15.06 -21.95
N ARG B 289 22.75 -16.27 -21.71
CA ARG B 289 22.25 -17.45 -22.38
C ARG B 289 20.77 -17.64 -22.09
N TYR B 290 20.36 -17.48 -20.84
CA TYR B 290 18.98 -17.66 -20.46
C TYR B 290 18.08 -16.52 -21.01
N GLY B 291 18.60 -15.30 -21.02
CA GLY B 291 17.93 -14.15 -21.58
C GLY B 291 17.56 -14.21 -23.06
N PHE B 292 18.48 -14.69 -23.90
CA PHE B 292 18.23 -14.72 -25.34
C PHE B 292 17.07 -15.66 -25.59
N LEU B 293 17.06 -16.74 -24.81
CA LEU B 293 15.95 -17.69 -24.81
C LEU B 293 14.59 -17.05 -24.46
N LEU B 294 14.54 -16.31 -23.35
CA LEU B 294 13.34 -15.59 -22.94
C LEU B 294 12.87 -14.63 -24.02
N LEU B 295 13.81 -13.98 -24.69
CA LEU B 295 13.48 -12.96 -25.67
C LEU B 295 12.87 -13.61 -26.91
N MET B 296 13.29 -14.83 -27.20
CA MET B 296 12.79 -15.48 -28.39
C MET B 296 11.36 -16.00 -28.14
N LYS B 297 11.12 -16.52 -26.93
CA LYS B 297 9.81 -16.92 -26.46
C LYS B 297 8.85 -15.74 -26.44
N HIS B 298 9.40 -14.52 -26.26
CA HIS B 298 8.63 -13.24 -26.26
C HIS B 298 9.14 -12.26 -27.32
N PRO B 299 8.83 -12.47 -28.62
CA PRO B 299 9.38 -11.54 -29.66
C PRO B 299 8.83 -10.09 -29.60
N GLU B 300 7.68 -9.91 -28.99
CA GLU B 300 7.12 -8.57 -28.79
C GLU B 300 7.98 -7.67 -27.85
N VAL B 301 8.48 -8.27 -26.77
CA VAL B 301 9.36 -7.60 -25.83
C VAL B 301 10.67 -7.38 -26.53
N GLU B 302 11.12 -8.37 -27.30
CA GLU B 302 12.30 -8.16 -28.14
C GLU B 302 12.18 -6.90 -29.00
N ALA B 303 11.04 -6.74 -29.66
CA ALA B 303 10.79 -5.62 -30.59
C ALA B 303 10.84 -4.25 -29.93
N LYS B 304 10.18 -4.15 -28.76
CA LYS B 304 10.18 -2.95 -27.91
C LYS B 304 11.57 -2.56 -27.40
N VAL B 305 12.44 -3.56 -27.23
CA VAL B 305 13.83 -3.29 -26.87
C VAL B 305 14.61 -2.76 -28.07
N HIS B 306 14.42 -3.36 -29.22
CA HIS B 306 14.88 -2.81 -30.50
C HIS B 306 14.47 -1.34 -30.69
N GLU B 307 13.18 -1.06 -30.49
CA GLU B 307 12.64 0.28 -30.56
C GLU B 307 13.50 1.25 -29.76
N GLU B 308 13.63 1.02 -28.44
CA GLU B 308 14.41 1.90 -27.57
C GLU B 308 15.87 2.04 -27.97
N ILE B 309 16.53 0.96 -28.40
CA ILE B 309 17.95 1.05 -28.75
C ILE B 309 18.29 1.98 -29.94
N ASP B 310 17.46 1.90 -30.98
CA ASP B 310 17.65 2.74 -32.18
C ASP B 310 17.33 4.21 -31.90
N ARG B 311 16.23 4.44 -31.17
CA ARG B 311 15.79 5.77 -30.80
C ARG B 311 16.77 6.55 -29.87
N VAL B 312 17.70 5.82 -29.24
CA VAL B 312 18.54 6.38 -28.16
C VAL B 312 20.05 6.17 -28.44
N ILE B 313 20.37 5.16 -29.22
CA ILE B 313 21.76 4.94 -29.57
C ILE B 313 21.96 4.95 -31.09
N GLY B 314 21.00 4.39 -31.81
CA GLY B 314 21.09 4.28 -33.25
C GLY B 314 22.07 3.23 -33.76
N LYS B 315 22.69 3.53 -34.90
CA LYS B 315 23.44 2.54 -35.67
C LYS B 315 24.94 2.64 -35.45
N ASN B 316 25.44 3.85 -35.26
CA ASN B 316 26.86 4.05 -35.42
C ASN B 316 27.69 3.79 -34.18
N ARG B 317 27.51 4.63 -33.16
CA ARG B 317 28.33 4.62 -31.95
C ARG B 317 28.26 3.33 -31.15
N GLN B 318 29.30 3.07 -30.38
CA GLN B 318 29.28 1.95 -29.44
C GLN B 318 28.41 2.34 -28.23
N PRO B 319 27.61 1.39 -27.71
CA PRO B 319 26.86 1.59 -26.46
C PRO B 319 27.74 1.86 -25.20
N LYS B 320 27.28 2.74 -24.33
CA LYS B 320 28.00 2.95 -23.08
C LYS B 320 27.14 2.78 -21.85
N PHE B 321 27.78 2.51 -20.73
CA PHE B 321 27.05 2.31 -19.49
C PHE B 321 26.09 3.45 -19.14
N GLU B 322 26.47 4.70 -19.37
CA GLU B 322 25.61 5.82 -18.94
C GLU B 322 24.32 6.04 -19.78
N ASP B 323 24.24 5.42 -20.95
CA ASP B 323 22.96 5.29 -21.72
C ASP B 323 21.80 4.66 -20.91
N ARG B 324 22.14 4.24 -19.70
CA ARG B 324 21.30 3.62 -18.69
C ARG B 324 20.04 4.40 -18.38
N ALA B 325 20.21 5.63 -17.89
CA ALA B 325 19.12 6.43 -17.33
C ALA B 325 18.04 6.65 -18.37
N LYS B 326 18.41 6.48 -19.63
CA LYS B 326 17.58 6.91 -20.73
C LYS B 326 16.87 5.73 -21.41
N MET B 327 17.11 4.53 -20.92
CA MET B 327 16.47 3.36 -21.49
C MET B 327 15.74 2.54 -20.41
N PRO B 328 14.70 3.14 -19.80
CA PRO B 328 13.98 2.45 -18.72
C PRO B 328 13.48 1.08 -19.13
N TYR B 329 12.98 0.92 -20.34
CA TYR B 329 12.44 -0.39 -20.76
C TYR B 329 13.53 -1.51 -20.75
N THR B 330 14.70 -1.20 -21.29
CA THR B 330 15.78 -2.18 -21.40
C THR B 330 16.33 -2.60 -20.02
N GLU B 331 16.38 -1.60 -19.13
CA GLU B 331 16.79 -1.78 -17.77
C GLU B 331 15.84 -2.79 -17.10
N ALA B 332 14.55 -2.73 -17.44
CA ALA B 332 13.53 -3.62 -16.82
C ALA B 332 13.54 -5.04 -17.37
N VAL B 333 13.90 -5.16 -18.63
CA VAL B 333 14.05 -6.43 -19.33
C VAL B 333 15.24 -7.20 -18.79
N ILE B 334 16.39 -6.53 -18.63
CA ILE B 334 17.55 -7.13 -17.99
C ILE B 334 17.22 -7.59 -16.55
N HIS B 335 16.73 -6.70 -15.71
CA HIS B 335 16.29 -7.07 -14.37
C HIS B 335 15.33 -8.24 -14.38
N GLU B 336 14.40 -8.24 -15.32
CA GLU B 336 13.40 -9.31 -15.36
C GLU B 336 13.99 -10.71 -15.73
N ILE B 337 15.10 -10.71 -16.44
CA ILE B 337 15.83 -11.92 -16.82
C ILE B 337 16.63 -12.45 -15.64
N GLN B 338 17.32 -11.54 -14.94
CA GLN B 338 17.96 -11.91 -13.71
C GLN B 338 16.94 -12.53 -12.74
N ARG B 339 15.77 -11.93 -12.63
CA ARG B 339 14.72 -12.35 -11.69
C ARG B 339 14.09 -13.70 -12.08
N PHE B 340 13.85 -13.87 -13.37
CA PHE B 340 13.31 -15.12 -13.90
C PHE B 340 14.39 -16.24 -13.87
N GLY B 341 15.62 -15.90 -14.25
CA GLY B 341 16.77 -16.80 -14.32
C GLY B 341 17.15 -17.37 -12.96
N ASP B 342 17.06 -16.54 -11.95
CA ASP B 342 17.34 -16.93 -10.54
C ASP B 342 18.60 -17.77 -10.41
N MET B 343 19.72 -17.17 -10.80
CA MET B 343 21.01 -17.80 -10.92
C MET B 343 21.32 -18.79 -9.76
N LEU B 344 21.35 -18.30 -8.52
CA LEU B 344 21.57 -19.13 -7.36
C LEU B 344 20.31 -19.11 -6.57
N PRO B 345 19.44 -20.10 -6.80
CA PRO B 345 18.16 -20.04 -6.12
C PRO B 345 18.26 -19.99 -4.59
N MET B 346 19.20 -20.73 -3.98
CA MET B 346 19.34 -20.84 -2.52
C MET B 346 20.51 -20.03 -1.94
N GLY B 347 21.00 -19.05 -2.70
CA GLY B 347 22.20 -18.35 -2.38
C GLY B 347 23.41 -19.29 -2.27
N LEU B 348 24.51 -18.71 -1.81
CA LEU B 348 25.56 -19.42 -1.16
C LEU B 348 25.28 -19.49 0.34
N ALA B 349 25.49 -20.66 0.92
CA ALA B 349 25.19 -20.97 2.31
C ALA B 349 25.93 -20.05 3.31
N HIS B 350 25.20 -19.63 4.33
CA HIS B 350 25.76 -18.81 5.39
C HIS B 350 25.92 -19.67 6.62
N ARG B 351 26.60 -19.16 7.62
CA ARG B 351 26.48 -19.74 8.94
C ARG B 351 26.49 -18.62 10.00
N VAL B 352 26.08 -18.96 11.21
CA VAL B 352 26.15 -17.98 12.28
C VAL B 352 27.48 -18.04 13.05
N ASN B 353 28.14 -16.87 13.09
CA ASN B 353 29.38 -16.58 13.84
C ASN B 353 29.33 -17.12 15.32
N LYS B 354 28.22 -16.85 16.02
CA LYS B 354 28.09 -17.20 17.40
C LYS B 354 26.69 -17.69 17.73
N ASP B 355 26.40 -17.89 19.02
CA ASP B 355 25.06 -18.11 19.50
C ASP B 355 24.29 -16.88 19.12
N THR B 356 23.12 -17.09 18.51
CA THR B 356 22.31 -16.04 17.88
C THR B 356 20.85 -16.25 18.19
N LYS B 357 20.20 -15.20 18.68
CA LYS B 357 18.77 -15.11 18.86
C LYS B 357 18.17 -14.45 17.62
N PHE B 358 17.42 -15.20 16.83
CA PHE B 358 16.71 -14.67 15.68
C PHE B 358 15.23 -15.00 15.83
N ARG B 359 14.40 -13.96 15.93
CA ARG B 359 12.94 -14.06 15.96
C ARG B 359 12.35 -15.00 16.99
N ASP B 360 12.71 -14.94 18.26
CA ASP B 360 12.24 -16.02 19.21
C ASP B 360 13.01 -17.36 19.15
N PHE B 361 13.70 -17.63 18.03
CA PHE B 361 14.52 -18.84 17.88
C PHE B 361 15.94 -18.65 18.39
N PHE B 362 16.49 -19.69 18.99
CA PHE B 362 17.90 -19.76 19.26
C PHE B 362 18.68 -20.50 18.17
N LEU B 363 19.69 -19.86 17.58
CA LEU B 363 20.60 -20.58 16.63
C LEU B 363 21.98 -20.78 17.24
N PRO B 364 22.33 -22.03 17.60
CA PRO B 364 23.68 -22.35 18.13
C PRO B 364 24.77 -22.05 17.13
N LYS B 365 25.82 -21.38 17.55
CA LYS B 365 27.06 -21.13 16.81
C LYS B 365 27.38 -22.24 15.83
N GLY B 366 27.64 -21.84 14.58
CA GLY B 366 28.07 -22.75 13.51
C GLY B 366 26.91 -23.39 12.77
N THR B 367 25.69 -23.00 13.14
CA THR B 367 24.55 -23.41 12.37
C THR B 367 24.67 -22.77 10.99
N GLU B 368 24.51 -23.61 9.96
CA GLU B 368 24.37 -23.20 8.57
C GLU B 368 22.98 -22.57 8.27
N VAL B 369 22.99 -21.59 7.35
CA VAL B 369 21.79 -20.84 6.98
C VAL B 369 21.60 -20.70 5.47
N PHE B 370 20.43 -21.16 5.02
CA PHE B 370 20.03 -21.00 3.64
C PHE B 370 19.14 -19.72 3.44
N PRO B 371 19.72 -18.68 2.85
CA PRO B 371 18.93 -17.55 2.48
C PRO B 371 18.42 -17.87 1.07
N MET B 372 17.16 -18.26 1.00
CA MET B 372 16.54 -18.69 -0.24
C MET B 372 16.31 -17.52 -1.19
N LEU B 373 17.39 -17.10 -1.85
CA LEU B 373 17.34 -15.96 -2.77
C LEU B 373 16.17 -16.02 -3.76
N GLY B 374 15.98 -17.18 -4.37
CA GLY B 374 14.82 -17.44 -5.25
C GLY B 374 13.41 -17.21 -4.72
N SER B 375 13.23 -17.38 -3.41
CA SER B 375 11.94 -17.07 -2.79
C SER B 375 11.73 -15.55 -2.59
N VAL B 376 12.81 -14.77 -2.66
CA VAL B 376 12.69 -13.30 -2.66
C VAL B 376 12.36 -12.78 -4.07
N LEU B 377 13.09 -13.29 -5.07
CA LEU B 377 12.83 -12.96 -6.48
C LEU B 377 11.40 -13.36 -6.95
N ARG B 378 10.78 -14.31 -6.23
CA ARG B 378 9.40 -14.67 -6.54
C ARG B 378 8.38 -14.32 -5.46
N ASP B 379 8.71 -13.37 -4.59
CA ASP B 379 7.82 -12.99 -3.50
C ASP B 379 6.52 -12.34 -4.08
N PRO B 380 5.33 -12.92 -3.78
CA PRO B 380 4.09 -12.44 -4.43
C PRO B 380 3.68 -11.03 -3.99
N ARG B 381 4.19 -10.60 -2.86
CA ARG B 381 3.95 -9.28 -2.30
C ARG B 381 4.75 -8.18 -2.97
N PHE B 382 5.69 -8.58 -3.84
CA PHE B 382 6.57 -7.64 -4.54
C PHE B 382 6.46 -7.79 -6.02
N PHE B 383 5.89 -8.90 -6.46
CA PHE B 383 5.73 -9.18 -7.87
C PHE B 383 4.38 -9.76 -8.07
N SER B 384 3.65 -9.21 -9.03
CA SER B 384 2.25 -9.54 -9.23
C SER B 384 2.10 -10.91 -9.94
N ASN B 385 3.04 -11.25 -10.82
CA ASN B 385 3.04 -12.51 -11.53
C ASN B 385 4.37 -13.20 -11.35
N PRO B 386 4.66 -13.70 -10.14
CA PRO B 386 6.02 -14.24 -9.86
C PRO B 386 6.56 -15.34 -10.86
N ARG B 387 5.65 -16.07 -11.48
CA ARG B 387 5.96 -17.14 -12.43
C ARG B 387 6.16 -16.79 -13.90
N ASP B 388 5.75 -15.59 -14.29
CA ASP B 388 5.76 -15.25 -15.70
C ASP B 388 7.00 -14.41 -15.99
N PHE B 389 7.43 -14.38 -17.22
CA PHE B 389 8.35 -13.33 -17.64
C PHE B 389 7.48 -12.11 -17.96
N ASN B 390 7.86 -10.95 -17.42
CA ASN B 390 7.08 -9.71 -17.52
C ASN B 390 7.89 -8.51 -17.05
N PRO B 391 8.50 -7.75 -17.98
CA PRO B 391 9.29 -6.54 -17.64
C PRO B 391 8.50 -5.48 -16.87
N GLN B 392 7.17 -5.55 -16.91
CA GLN B 392 6.32 -4.55 -16.22
C GLN B 392 6.55 -4.55 -14.72
N HIS B 393 7.06 -5.68 -14.23
CA HIS B 393 7.51 -5.82 -12.85
C HIS B 393 8.49 -4.74 -12.39
N PHE B 394 9.24 -4.11 -13.32
CA PHE B 394 10.24 -3.08 -13.01
C PHE B 394 9.93 -1.72 -13.67
N LEU B 395 8.65 -1.49 -13.92
CA LEU B 395 8.10 -0.28 -14.54
C LEU B 395 6.89 0.28 -13.78
N ASP B 396 6.83 1.62 -13.67
CA ASP B 396 5.68 2.36 -13.06
C ASP B 396 4.53 2.67 -14.04
N LYS B 397 3.55 3.45 -13.57
CA LYS B 397 2.47 3.99 -14.42
C LYS B 397 2.99 4.58 -15.78
N LYS B 398 3.85 5.61 -15.70
CA LYS B 398 4.46 6.26 -16.87
C LYS B 398 5.46 5.42 -17.69
N GLY B 399 6.03 4.39 -17.10
CA GLY B 399 6.98 3.57 -17.85
C GLY B 399 8.40 3.95 -17.49
N GLN B 400 8.58 4.48 -16.28
CA GLN B 400 9.90 4.78 -15.74
C GLN B 400 10.39 3.55 -14.95
N PHE B 401 11.69 3.38 -14.87
CA PHE B 401 12.21 2.25 -14.17
C PHE B 401 11.77 2.25 -12.69
N LYS B 402 11.44 1.09 -12.15
CA LYS B 402 10.99 1.00 -10.78
C LYS B 402 11.77 -0.06 -10.05
N LYS B 403 12.59 0.41 -9.12
CA LYS B 403 13.38 -0.44 -8.25
C LYS B 403 12.48 -1.38 -7.43
N SER B 404 13.03 -2.53 -7.04
CA SER B 404 12.42 -3.38 -6.08
C SER B 404 13.41 -3.78 -5.01
N ASP B 405 12.98 -3.65 -3.75
CA ASP B 405 13.69 -4.21 -2.61
C ASP B 405 13.70 -5.76 -2.63
N ALA B 406 12.81 -6.41 -3.36
CA ALA B 406 12.96 -7.87 -3.50
C ALA B 406 13.91 -8.29 -4.68
N PHE B 407 14.55 -7.31 -5.32
CA PHE B 407 15.46 -7.59 -6.39
C PHE B 407 16.81 -7.92 -5.81
N VAL B 408 17.08 -9.20 -5.60
CA VAL B 408 18.23 -9.61 -4.76
C VAL B 408 19.17 -10.65 -5.39
N PRO B 409 19.39 -10.60 -6.72
CA PRO B 409 20.18 -11.68 -7.30
C PRO B 409 21.66 -11.69 -6.93
N PHE B 410 22.18 -10.56 -6.47
CA PHE B 410 23.54 -10.51 -5.96
C PHE B 410 23.63 -10.61 -4.41
N SER B 411 22.63 -11.22 -3.79
CA SER B 411 22.46 -11.29 -2.35
C SER B 411 22.53 -9.92 -1.61
N ILE B 412 22.55 -9.94 -0.30
CA ILE B 412 22.58 -8.70 0.49
C ILE B 412 23.29 -9.01 1.81
N GLY B 413 23.64 -7.95 2.55
CA GLY B 413 24.29 -8.09 3.84
C GLY B 413 25.78 -8.08 3.63
N LYS B 414 26.50 -8.74 4.52
CA LYS B 414 27.97 -8.61 4.59
C LYS B 414 28.83 -9.36 3.55
N ARG B 415 28.33 -10.50 3.05
CA ARG B 415 29.00 -11.26 1.99
C ARG B 415 28.37 -11.06 0.61
N TYR B 416 27.70 -9.93 0.40
CA TYR B 416 26.99 -9.67 -0.86
C TYR B 416 28.01 -9.73 -2.02
N CYS B 417 27.54 -9.99 -3.25
CA CYS B 417 28.41 -10.03 -4.45
C CYS B 417 29.14 -8.70 -4.63
N PHE B 418 30.44 -8.76 -4.46
CA PHE B 418 31.19 -7.58 -4.70
C PHE B 418 31.55 -7.54 -6.18
N GLY B 419 30.96 -8.48 -6.93
CA GLY B 419 31.02 -8.51 -8.33
C GLY B 419 29.91 -7.76 -9.01
N GLU B 420 28.87 -7.38 -8.26
CA GLU B 420 27.67 -6.76 -8.80
C GLU B 420 27.97 -5.61 -9.77
N GLY B 421 28.85 -4.67 -9.33
CA GLY B 421 29.31 -3.57 -10.13
C GLY B 421 29.74 -4.02 -11.52
N LEU B 422 30.67 -4.96 -11.60
CA LEU B 422 31.17 -5.49 -12.85
C LEU B 422 30.15 -6.27 -13.72
N ALA B 423 29.40 -7.18 -13.11
CA ALA B 423 28.31 -7.88 -13.81
C ALA B 423 27.20 -7.00 -14.37
N ARG B 424 26.87 -5.91 -13.69
CA ARG B 424 25.76 -5.07 -14.18
C ARG B 424 26.15 -4.27 -15.43
N MET B 425 27.44 -3.93 -15.49
CA MET B 425 28.02 -3.25 -16.61
C MET B 425 28.08 -4.28 -17.75
N GLU B 426 28.59 -5.46 -17.45
CA GLU B 426 28.73 -6.46 -18.47
C GLU B 426 27.36 -6.77 -19.04
N LEU B 427 26.36 -7.04 -18.20
CA LEU B 427 25.04 -7.37 -18.71
C LEU B 427 24.45 -6.26 -19.56
N PHE B 428 24.58 -5.02 -19.08
CA PHE B 428 24.06 -3.93 -19.86
C PHE B 428 24.72 -3.73 -21.23
N LEU B 429 26.03 -3.84 -21.33
CA LEU B 429 26.66 -3.62 -22.61
C LEU B 429 26.61 -4.82 -23.53
N PHE B 430 26.71 -6.06 -23.02
CA PHE B 430 26.55 -7.25 -23.86
C PHE B 430 25.16 -7.43 -24.51
N PHE B 431 24.10 -7.17 -23.74
CA PHE B 431 22.73 -7.26 -24.29
C PHE B 431 22.47 -6.21 -25.33
N THR B 432 22.84 -4.98 -25.00
CA THR B 432 22.61 -3.81 -25.83
C THR B 432 23.34 -3.91 -27.20
N THR B 433 24.65 -3.93 -27.21
CA THR B 433 25.44 -4.25 -28.38
C THR B 433 24.92 -5.45 -29.21
N ILE B 434 24.47 -6.53 -28.58
CA ILE B 434 24.19 -7.67 -29.39
C ILE B 434 22.87 -7.43 -30.11
N MET B 435 21.94 -6.80 -29.39
CA MET B 435 20.62 -6.55 -29.95
C MET B 435 20.60 -5.38 -30.96
N GLN B 436 21.59 -4.49 -30.87
CA GLN B 436 21.78 -3.41 -31.80
C GLN B 436 22.07 -4.01 -33.18
N ASN B 437 22.92 -5.03 -33.20
CA ASN B 437 23.41 -5.57 -34.42
C ASN B 437 22.66 -6.80 -34.96
N PHE B 438 21.79 -7.40 -34.15
CA PHE B 438 21.16 -8.69 -34.51
C PHE B 438 19.72 -8.83 -33.98
N ARG B 439 18.90 -9.63 -34.69
CA ARG B 439 17.65 -10.15 -34.14
C ARG B 439 17.75 -11.66 -34.08
N PHE B 440 16.88 -12.29 -33.30
CA PHE B 440 17.12 -13.69 -33.00
C PHE B 440 16.07 -14.52 -33.64
N LYS B 441 16.52 -15.63 -34.20
CA LYS B 441 15.66 -16.59 -34.85
C LYS B 441 15.91 -17.98 -34.31
N SER B 442 14.86 -18.55 -33.73
CA SER B 442 14.93 -19.90 -33.23
C SER B 442 14.38 -20.78 -34.31
N PRO B 443 14.86 -22.03 -34.36
CA PRO B 443 14.17 -23.05 -35.19
C PRO B 443 12.89 -23.55 -34.51
N GLN B 444 12.25 -22.71 -33.70
CA GLN B 444 10.97 -23.08 -33.06
C GLN B 444 9.95 -21.93 -33.06
N SER B 445 8.68 -22.27 -32.85
CA SER B 445 7.69 -21.23 -32.67
C SER B 445 7.72 -20.71 -31.22
N PRO B 446 7.61 -19.40 -31.00
CA PRO B 446 7.61 -18.89 -29.62
C PRO B 446 6.82 -19.73 -28.63
N LYS B 447 5.65 -20.22 -29.06
CA LYS B 447 4.75 -21.00 -28.19
C LYS B 447 5.26 -22.41 -27.85
N ASP B 448 6.26 -22.90 -28.56
CA ASP B 448 6.79 -24.22 -28.29
C ASP B 448 8.14 -24.15 -27.60
N ILE B 449 8.72 -22.96 -27.53
CA ILE B 449 9.94 -22.72 -26.80
C ILE B 449 9.75 -22.93 -25.27
N ASP B 450 10.49 -23.89 -24.71
CA ASP B 450 10.46 -24.19 -23.27
C ASP B 450 11.48 -23.28 -22.53
N VAL B 451 11.00 -22.43 -21.65
CA VAL B 451 11.89 -21.56 -20.89
C VAL B 451 12.03 -22.01 -19.42
N SER B 452 11.46 -23.15 -19.08
CA SER B 452 11.69 -23.70 -17.77
C SER B 452 13.12 -24.31 -17.73
N PRO B 453 13.76 -24.26 -16.56
CA PRO B 453 15.10 -24.76 -16.43
C PRO B 453 15.28 -26.24 -16.84
N LYS B 454 16.50 -26.59 -17.18
CA LYS B 454 16.94 -27.97 -17.31
C LYS B 454 17.27 -28.56 -15.88
N HIS B 455 18.00 -27.79 -15.09
CA HIS B 455 18.56 -28.28 -13.85
C HIS B 455 18.43 -27.15 -12.87
N VAL B 456 18.04 -27.51 -11.66
CA VAL B 456 17.92 -26.56 -10.58
C VAL B 456 18.46 -27.18 -9.32
N GLY B 457 19.54 -26.60 -8.82
CA GLY B 457 20.13 -26.93 -7.53
C GLY B 457 20.82 -25.70 -7.00
N PHE B 458 22.13 -25.75 -6.92
CA PHE B 458 22.90 -24.63 -6.49
C PHE B 458 22.86 -23.60 -7.55
N ALA B 459 22.75 -24.05 -8.80
CA ALA B 459 22.53 -23.12 -9.90
C ALA B 459 21.25 -23.47 -10.69
N THR B 460 20.77 -22.48 -11.46
CA THR B 460 19.61 -22.63 -12.39
C THR B 460 20.16 -22.71 -13.81
N ILE B 461 19.90 -23.83 -14.47
CA ILE B 461 20.51 -24.02 -15.78
C ILE B 461 19.43 -24.01 -16.84
N PRO B 462 19.64 -23.19 -17.91
CA PRO B 462 18.72 -23.24 -19.06
C PRO B 462 18.83 -24.56 -19.81
N ARG B 463 17.75 -24.99 -20.44
CA ARG B 463 17.82 -26.05 -21.49
C ARG B 463 18.82 -25.75 -22.65
N ASN B 464 19.50 -26.78 -23.12
CA ASN B 464 20.26 -26.70 -24.38
C ASN B 464 19.45 -26.21 -25.60
N TYR B 465 20.00 -25.27 -26.32
CA TYR B 465 19.28 -24.78 -27.50
C TYR B 465 20.20 -24.21 -28.59
N THR B 466 19.62 -23.93 -29.74
CA THR B 466 20.39 -23.41 -30.88
C THR B 466 19.64 -22.23 -31.36
N MET B 467 20.36 -21.33 -31.98
CA MET B 467 19.77 -20.14 -32.51
C MET B 467 20.63 -19.54 -33.64
N SER B 468 20.02 -18.59 -34.34
CA SER B 468 20.71 -17.76 -35.33
C SER B 468 20.57 -16.23 -35.09
N PHE B 469 21.69 -15.53 -35.30
CA PHE B 469 21.78 -14.10 -35.15
C PHE B 469 21.70 -13.45 -36.57
N LEU B 470 20.48 -13.04 -36.96
CA LEU B 470 20.23 -12.42 -38.27
C LEU B 470 20.30 -10.88 -38.20
N PRO B 471 21.15 -10.24 -39.07
CA PRO B 471 21.42 -8.76 -39.16
C PRO B 471 20.20 -7.81 -39.26
N ARG B 472 20.39 -6.54 -38.90
CA ARG B 472 19.30 -5.54 -38.92
C ARG B 472 19.61 -4.40 -39.93
N GLY C 9 2.59 -30.08 23.30
CA GLY C 9 1.21 -29.77 23.81
C GLY C 9 0.98 -28.28 24.04
N LYS C 10 1.04 -27.48 22.98
CA LYS C 10 0.98 -26.02 23.03
C LYS C 10 0.22 -25.43 21.80
N LEU C 11 -0.41 -24.26 21.96
CA LEU C 11 -1.10 -23.53 20.89
C LEU C 11 -0.18 -23.13 19.72
N PRO C 12 -0.76 -22.90 18.53
CA PRO C 12 0.07 -22.49 17.42
C PRO C 12 0.74 -21.15 17.66
N PRO C 13 1.88 -20.89 16.99
CA PRO C 13 2.58 -19.63 17.27
C PRO C 13 1.81 -18.40 16.75
N GLY C 14 1.91 -17.28 17.44
CA GLY C 14 1.41 -16.03 16.92
C GLY C 14 2.04 -14.82 17.59
N PRO C 15 1.65 -13.62 17.15
CA PRO C 15 2.07 -12.38 17.86
C PRO C 15 1.58 -12.32 19.35
N THR C 16 2.37 -11.69 20.21
CA THR C 16 1.98 -11.51 21.61
C THR C 16 0.80 -10.52 21.63
N PRO C 17 -0.34 -10.95 22.19
CA PRO C 17 -1.53 -10.08 22.34
C PRO C 17 -1.40 -9.25 23.61
N LEU C 18 -1.99 -8.06 23.57
CA LEU C 18 -2.14 -7.22 24.72
C LEU C 18 -3.41 -7.71 25.42
N PRO C 19 -3.50 -7.57 26.77
CA PRO C 19 -4.75 -7.95 27.54
C PRO C 19 -6.04 -7.22 27.13
N PHE C 20 -7.16 -7.93 26.98
CA PHE C 20 -8.43 -7.37 26.41
C PHE C 20 -8.38 -6.91 24.90
N ILE C 21 -7.46 -6.03 24.47
CA ILE C 21 -7.50 -5.64 23.06
C ILE C 21 -6.93 -6.71 22.08
N GLY C 22 -6.52 -7.88 22.62
CA GLY C 22 -5.90 -8.94 21.86
C GLY C 22 -4.78 -8.43 21.00
N ASN C 23 -4.86 -8.73 19.70
CA ASN C 23 -3.82 -8.33 18.73
C ASN C 23 -4.31 -7.17 17.85
N TYR C 24 -5.15 -6.33 18.41
CA TYR C 24 -5.60 -5.06 17.82
C TYR C 24 -4.53 -4.24 17.09
N LEU C 25 -3.30 -4.15 17.62
CA LEU C 25 -2.20 -3.39 16.99
C LEU C 25 -1.62 -3.92 15.67
N GLN C 26 -1.75 -5.23 15.46
CA GLN C 26 -1.35 -5.92 14.25
C GLN C 26 -2.53 -6.12 13.27
N LEU C 27 -3.73 -5.66 13.65
CA LEU C 27 -4.93 -5.88 12.86
C LEU C 27 -5.56 -4.62 12.30
N ASN C 28 -5.97 -4.67 11.06
CA ASN C 28 -6.67 -3.56 10.43
C ASN C 28 -8.11 -4.00 10.08
N THR C 29 -9.06 -3.47 10.83
CA THR C 29 -10.47 -3.81 10.68
C THR C 29 -11.11 -3.38 9.33
N GLU C 30 -10.45 -2.50 8.58
CA GLU C 30 -10.87 -2.21 7.21
C GLU C 30 -10.55 -3.36 6.21
N GLN C 31 -9.45 -4.07 6.46
CA GLN C 31 -9.06 -5.22 5.66
CA GLN C 31 -9.09 -5.23 5.65
C GLN C 31 -8.45 -6.29 6.58
N MET C 32 -9.34 -7.05 7.20
CA MET C 32 -9.04 -8.12 8.13
C MET C 32 -8.30 -9.32 7.51
N TYR C 33 -8.69 -9.62 6.28
CA TYR C 33 -8.14 -10.70 5.51
C TYR C 33 -6.63 -10.47 5.25
N ASN C 34 -6.31 -9.38 4.54
CA ASN C 34 -4.94 -8.97 4.28
C ASN C 34 -4.07 -8.89 5.54
N SER C 35 -4.69 -8.54 6.66
CA SER C 35 -4.04 -8.46 7.96
C SER C 35 -3.61 -9.81 8.49
N LEU C 36 -4.57 -10.74 8.47
CA LEU C 36 -4.40 -12.11 8.81
C LEU C 36 -3.48 -12.78 7.81
N MET C 37 -3.66 -12.51 6.52
CA MET C 37 -2.69 -12.99 5.51
C MET C 37 -1.27 -12.50 5.76
N LYS C 38 -1.13 -11.27 6.25
CA LYS C 38 0.16 -10.65 6.53
C LYS C 38 0.80 -11.31 7.75
N ILE C 39 0.03 -11.48 8.83
CA ILE C 39 0.53 -12.26 9.99
C ILE C 39 1.03 -13.65 9.55
N SER C 40 0.19 -14.43 8.87
CA SER C 40 0.56 -15.71 8.22
C SER C 40 1.89 -15.78 7.46
N GLU C 41 2.22 -14.71 6.77
CA GLU C 41 3.48 -14.58 6.08
C GLU C 41 4.71 -14.72 7.04
N ARG C 42 4.53 -14.24 8.27
N ARG C 42 4.52 -14.26 8.28
CA ARG C 42 5.53 -14.32 9.32
CA ARG C 42 5.51 -14.30 9.32
C ARG C 42 5.50 -15.64 10.09
C ARG C 42 5.50 -15.61 10.11
N TYR C 43 4.32 -16.11 10.47
CA TYR C 43 4.22 -17.30 11.35
C TYR C 43 3.94 -18.63 10.68
N GLY C 44 3.41 -18.61 9.45
CA GLY C 44 3.05 -19.84 8.76
C GLY C 44 1.53 -19.99 8.67
N PRO C 45 1.06 -21.08 8.08
CA PRO C 45 -0.35 -21.18 7.72
C PRO C 45 -1.28 -21.55 8.87
N VAL C 46 -0.75 -22.00 9.99
CA VAL C 46 -1.54 -22.26 11.14
C VAL C 46 -1.03 -21.38 12.25
N PHE C 47 -1.84 -20.42 12.69
CA PHE C 47 -1.42 -19.44 13.72
C PHE C 47 -2.52 -18.98 14.74
N THR C 48 -2.10 -18.57 15.92
CA THR C 48 -3.00 -18.02 16.90
C THR C 48 -3.05 -16.50 16.81
N ILE C 49 -4.27 -16.02 16.87
CA ILE C 49 -4.62 -14.60 16.89
C ILE C 49 -5.61 -14.33 18.05
N HIS C 50 -5.54 -13.15 18.62
CA HIS C 50 -6.61 -12.75 19.56
C HIS C 50 -7.46 -11.58 19.02
N LEU C 51 -8.74 -11.84 18.74
CA LEU C 51 -9.68 -10.79 18.37
C LEU C 51 -10.38 -10.19 19.59
N GLY C 52 -9.83 -9.05 20.02
CA GLY C 52 -9.98 -8.55 21.36
C GLY C 52 -9.74 -9.72 22.31
N PRO C 53 -10.79 -10.04 23.08
CA PRO C 53 -10.61 -11.05 24.11
C PRO C 53 -10.76 -12.51 23.62
N ARG C 54 -11.06 -12.70 22.32
CA ARG C 54 -11.24 -14.04 21.71
C ARG C 54 -9.93 -14.71 21.16
N ARG C 55 -9.61 -15.89 21.68
CA ARG C 55 -8.53 -16.74 21.16
C ARG C 55 -8.95 -17.48 19.87
N VAL C 56 -8.32 -17.15 18.75
CA VAL C 56 -8.69 -17.70 17.49
C VAL C 56 -7.50 -18.33 16.78
N VAL C 57 -7.60 -19.62 16.47
CA VAL C 57 -6.71 -20.29 15.54
C VAL C 57 -7.12 -20.09 14.05
N VAL C 58 -6.20 -19.55 13.26
CA VAL C 58 -6.44 -19.25 11.86
C VAL C 58 -5.71 -20.25 10.95
N LEU C 59 -6.38 -20.64 9.85
CA LEU C 59 -5.93 -21.60 8.91
C LEU C 59 -5.81 -21.05 7.49
N CYS C 60 -4.60 -21.06 6.94
CA CYS C 60 -4.39 -20.55 5.60
C CYS C 60 -3.95 -21.59 4.60
N GLY C 61 -4.38 -21.41 3.34
CA GLY C 61 -4.10 -22.33 2.26
C GLY C 61 -4.98 -23.59 2.28
N HIS C 62 -5.14 -24.22 1.12
CA HIS C 62 -5.77 -25.50 0.89
C HIS C 62 -5.37 -26.60 1.84
N ASP C 63 -4.09 -26.75 2.15
CA ASP C 63 -3.65 -27.87 2.94
C ASP C 63 -4.07 -27.80 4.43
N ALA C 64 -3.87 -26.65 5.07
CA ALA C 64 -4.28 -26.52 6.43
C ALA C 64 -5.84 -26.50 6.58
N VAL C 65 -6.58 -26.05 5.56
CA VAL C 65 -8.03 -26.00 5.68
C VAL C 65 -8.64 -27.43 5.55
N LYS C 66 -8.15 -28.16 4.55
CA LYS C 66 -8.48 -29.54 4.27
C LYS C 66 -8.23 -30.47 5.48
N GLU C 67 -6.98 -30.57 5.91
CA GLU C 67 -6.62 -31.41 7.05
C GLU C 67 -7.39 -31.14 8.34
N ALA C 68 -7.74 -29.86 8.54
CA ALA C 68 -8.65 -29.51 9.59
C ALA C 68 -10.08 -29.96 9.29
N LEU C 69 -10.69 -29.38 8.25
CA LEU C 69 -12.16 -29.49 8.08
C LEU C 69 -12.64 -30.81 7.55
N VAL C 70 -11.74 -31.54 6.89
CA VAL C 70 -12.08 -32.81 6.29
C VAL C 70 -11.41 -34.03 6.97
N ASP C 71 -10.09 -33.98 7.11
CA ASP C 71 -9.34 -35.11 7.70
C ASP C 71 -9.56 -35.21 9.17
N GLN C 72 -9.97 -34.10 9.79
CA GLN C 72 -10.33 -34.07 11.19
C GLN C 72 -11.72 -33.43 11.41
N ALA C 73 -12.59 -33.71 10.44
CA ALA C 73 -13.97 -33.28 10.27
C ALA C 73 -14.78 -33.08 11.50
N GLU C 74 -14.73 -34.06 12.41
CA GLU C 74 -15.59 -34.05 13.58
C GLU C 74 -15.13 -33.02 14.59
N GLU C 75 -13.85 -33.11 14.96
CA GLU C 75 -13.25 -32.20 15.93
C GLU C 75 -13.51 -30.72 15.58
N PHE C 76 -13.55 -30.38 14.29
CA PHE C 76 -13.72 -28.99 13.81
C PHE C 76 -15.12 -28.55 13.36
N SER C 77 -16.12 -29.37 13.65
CA SER C 77 -17.49 -29.14 13.24
C SER C 77 -18.26 -28.27 14.24
N GLY C 78 -17.56 -27.71 15.20
CA GLY C 78 -18.04 -26.56 15.93
C GLY C 78 -18.33 -25.28 15.10
N ARG C 79 -19.12 -24.43 15.74
CA ARG C 79 -19.44 -23.13 15.24
C ARG C 79 -18.84 -22.12 16.19
N GLY C 80 -18.02 -21.22 15.66
CA GLY C 80 -17.51 -20.11 16.42
C GLY C 80 -18.54 -19.01 16.38
N GLU C 81 -18.23 -17.84 16.90
CA GLU C 81 -19.16 -16.72 16.85
C GLU C 81 -18.94 -15.73 15.68
N GLN C 82 -20.06 -15.19 15.21
CA GLN C 82 -20.21 -14.02 14.35
C GLN C 82 -21.08 -13.02 15.17
N ALA C 83 -20.44 -12.01 15.75
CA ALA C 83 -21.03 -11.17 16.78
C ALA C 83 -22.26 -10.37 16.40
N THR C 84 -22.28 -9.82 15.20
CA THR C 84 -23.45 -9.17 14.63
C THR C 84 -24.71 -10.05 14.61
N PHE C 85 -24.65 -11.19 13.92
CA PHE C 85 -25.73 -12.19 13.89
C PHE C 85 -26.02 -12.82 15.23
N ASP C 86 -24.97 -13.05 16.03
CA ASP C 86 -25.11 -13.60 17.44
C ASP C 86 -26.06 -12.79 18.34
N TRP C 87 -25.98 -11.47 18.20
CA TRP C 87 -26.89 -10.54 18.79
C TRP C 87 -28.38 -10.95 18.65
N LEU C 88 -28.78 -11.26 17.44
CA LEU C 88 -30.10 -11.74 17.19
C LEU C 88 -30.23 -13.22 17.49
N PHE C 89 -29.40 -14.07 16.89
CA PHE C 89 -29.70 -15.49 16.85
C PHE C 89 -29.57 -16.14 18.21
N LYS C 90 -28.60 -15.62 18.97
CA LYS C 90 -28.33 -15.99 20.34
C LYS C 90 -28.15 -17.49 20.52
N GLY C 91 -27.68 -18.18 19.48
CA GLY C 91 -27.38 -19.61 19.51
C GLY C 91 -28.53 -20.51 19.05
N TYR C 92 -29.69 -19.91 18.71
CA TYR C 92 -30.84 -20.64 18.08
C TYR C 92 -30.75 -20.64 16.56
N GLY C 93 -31.22 -21.73 15.94
CA GLY C 93 -31.35 -21.87 14.49
C GLY C 93 -30.22 -22.73 13.95
N VAL C 94 -30.27 -23.02 12.66
CA VAL C 94 -29.36 -23.97 12.08
C VAL C 94 -27.93 -23.45 12.01
N ALA C 95 -27.74 -22.19 11.63
CA ALA C 95 -26.46 -21.70 11.24
C ALA C 95 -25.53 -21.35 12.41
N PHE C 96 -26.10 -20.85 13.50
CA PHE C 96 -25.26 -20.38 14.59
C PHE C 96 -25.35 -21.26 15.82
N SER C 97 -25.79 -22.50 15.64
CA SER C 97 -25.92 -23.45 16.76
C SER C 97 -24.80 -24.47 16.83
N ASN C 98 -24.91 -25.41 17.73
CA ASN C 98 -23.77 -26.27 18.03
C ASN C 98 -24.25 -27.60 18.49
N GLY C 99 -23.39 -28.59 18.44
CA GLY C 99 -23.67 -29.93 18.98
C GLY C 99 -25.03 -30.46 18.54
N GLU C 100 -25.80 -30.93 19.52
CA GLU C 100 -27.08 -31.58 19.28
C GLU C 100 -28.07 -30.68 18.50
N ARG C 101 -28.17 -29.42 18.86
CA ARG C 101 -29.09 -28.47 18.19
C ARG C 101 -28.81 -28.41 16.69
N ALA C 102 -27.53 -28.18 16.35
CA ALA C 102 -27.07 -28.04 14.97
C ALA C 102 -27.39 -29.28 14.13
N LYS C 103 -26.98 -30.46 14.61
CA LYS C 103 -27.13 -31.72 13.90
C LYS C 103 -28.59 -32.00 13.54
N GLN C 104 -29.48 -31.67 14.45
CA GLN C 104 -30.88 -31.98 14.31
C GLN C 104 -31.60 -31.05 13.32
N LEU C 105 -31.24 -29.77 13.35
CA LEU C 105 -31.84 -28.76 12.52
C LEU C 105 -31.37 -28.90 11.08
N ARG C 106 -30.09 -29.22 10.94
CA ARG C 106 -29.45 -29.45 9.66
C ARG C 106 -29.96 -30.75 9.01
N ARG C 107 -29.93 -31.85 9.76
CA ARG C 107 -30.51 -33.07 9.28
C ARG C 107 -31.96 -32.80 8.75
N PHE C 108 -32.76 -32.06 9.52
CA PHE C 108 -34.10 -31.80 9.09
C PHE C 108 -34.19 -30.85 7.88
N SER C 109 -33.36 -29.82 7.89
CA SER C 109 -33.40 -28.82 6.85
C SER C 109 -33.10 -29.36 5.43
N ILE C 110 -32.14 -30.27 5.34
CA ILE C 110 -31.71 -30.91 4.12
C ILE C 110 -32.80 -31.80 3.49
N ALA C 111 -33.32 -32.75 4.28
CA ALA C 111 -34.47 -33.59 3.89
C ALA C 111 -35.65 -32.76 3.36
N THR C 112 -36.07 -31.73 4.11
CA THR C 112 -37.18 -30.88 3.71
C THR C 112 -36.90 -30.11 2.44
N LEU C 113 -35.83 -29.34 2.42
CA LEU C 113 -35.31 -28.77 1.19
C LEU C 113 -35.21 -29.73 -0.02
N ARG C 114 -34.67 -30.94 0.18
CA ARG C 114 -34.64 -32.05 -0.82
C ARG C 114 -36.02 -32.33 -1.39
N GLY C 115 -37.02 -32.47 -0.51
CA GLY C 115 -38.40 -32.73 -0.93
C GLY C 115 -39.18 -31.55 -1.49
N PHE C 116 -38.60 -30.35 -1.50
CA PHE C 116 -39.29 -29.19 -2.04
C PHE C 116 -38.90 -28.87 -3.45
N GLY C 117 -38.05 -29.69 -4.01
CA GLY C 117 -37.54 -29.47 -5.36
C GLY C 117 -36.06 -29.24 -5.55
N VAL C 118 -35.33 -29.00 -4.44
CA VAL C 118 -33.93 -28.58 -4.55
C VAL C 118 -33.07 -29.63 -5.25
N GLY C 119 -32.47 -29.20 -6.36
CA GLY C 119 -31.69 -30.06 -7.23
C GLY C 119 -32.51 -30.86 -8.21
N LYS C 120 -33.81 -30.57 -8.29
CA LYS C 120 -34.75 -31.30 -9.14
C LYS C 120 -35.63 -30.39 -10.02
N ARG C 121 -36.57 -31.01 -10.73
CA ARG C 121 -37.43 -30.34 -11.70
C ARG C 121 -38.38 -29.31 -11.12
N GLY C 122 -38.90 -29.56 -9.92
CA GLY C 122 -39.81 -28.63 -9.28
C GLY C 122 -39.24 -27.25 -8.98
N ILE C 123 -38.01 -27.20 -8.49
CA ILE C 123 -37.32 -25.93 -8.33
C ILE C 123 -36.76 -25.48 -9.67
N GLU C 124 -36.34 -26.39 -10.56
CA GLU C 124 -36.05 -25.94 -11.95
C GLU C 124 -37.15 -25.03 -12.56
N GLU C 125 -38.42 -25.46 -12.53
CA GLU C 125 -39.54 -24.70 -13.09
C GLU C 125 -39.77 -23.37 -12.36
N ARG C 126 -39.63 -23.40 -11.05
CA ARG C 126 -39.79 -22.20 -10.24
C ARG C 126 -38.77 -21.14 -10.62
N ILE C 127 -37.53 -21.57 -10.88
CA ILE C 127 -36.44 -20.70 -11.28
C ILE C 127 -36.64 -20.12 -12.69
N GLN C 128 -36.96 -20.98 -13.68
CA GLN C 128 -37.31 -20.55 -15.06
C GLN C 128 -38.50 -19.61 -15.09
N GLU C 129 -39.54 -19.94 -14.32
CA GLU C 129 -40.68 -19.04 -14.13
C GLU C 129 -40.26 -17.70 -13.54
N GLU C 130 -39.56 -17.68 -12.42
CA GLU C 130 -39.13 -16.41 -11.84
C GLU C 130 -38.13 -15.61 -12.73
N ALA C 131 -37.26 -16.31 -13.42
CA ALA C 131 -36.36 -15.72 -14.37
C ALA C 131 -37.15 -15.06 -15.54
N GLY C 132 -38.28 -15.68 -15.91
CA GLY C 132 -39.16 -15.18 -16.97
C GLY C 132 -39.68 -13.80 -16.60
N PHE C 133 -39.98 -13.66 -15.31
CA PHE C 133 -40.52 -12.43 -14.78
C PHE C 133 -39.43 -11.38 -14.67
N LEU C 134 -38.21 -11.79 -14.29
CA LEU C 134 -37.05 -10.89 -14.28
C LEU C 134 -36.78 -10.36 -15.68
N ILE C 135 -36.82 -11.22 -16.71
CA ILE C 135 -36.66 -10.75 -18.07
C ILE C 135 -37.68 -9.65 -18.37
N ASP C 136 -38.93 -9.90 -18.03
CA ASP C 136 -40.02 -8.93 -18.23
C ASP C 136 -39.78 -7.59 -17.51
N ALA C 137 -39.41 -7.64 -16.22
CA ALA C 137 -39.01 -6.44 -15.45
C ALA C 137 -37.89 -5.66 -16.16
N LEU C 138 -36.96 -6.38 -16.78
CA LEU C 138 -35.81 -5.76 -17.35
C LEU C 138 -36.11 -5.19 -18.74
N ARG C 139 -36.98 -5.87 -19.49
CA ARG C 139 -37.41 -5.33 -20.77
C ARG C 139 -38.18 -4.02 -20.51
N GLY C 140 -38.94 -4.02 -19.43
CA GLY C 140 -39.68 -2.86 -18.95
C GLY C 140 -38.87 -1.69 -18.45
N THR C 141 -37.55 -1.78 -18.47
CA THR C 141 -36.69 -0.61 -18.20
C THR C 141 -36.11 -0.04 -19.48
N HIS C 142 -36.50 -0.61 -20.62
CA HIS C 142 -36.24 -0.02 -21.93
C HIS C 142 -34.82 0.51 -22.18
N GLY C 143 -33.85 -0.07 -21.49
CA GLY C 143 -32.47 0.19 -21.77
C GLY C 143 -32.02 1.44 -21.06
N ALA C 144 -32.84 1.93 -20.13
CA ALA C 144 -32.43 3.05 -19.27
C ALA C 144 -31.27 2.56 -18.45
N ASN C 145 -30.37 3.48 -18.13
CA ASN C 145 -29.24 3.24 -17.24
C ASN C 145 -29.71 3.09 -15.77
N ILE C 146 -29.57 1.90 -15.20
CA ILE C 146 -30.23 1.54 -13.91
C ILE C 146 -29.30 0.83 -12.87
N ASP C 147 -29.76 0.77 -11.62
CA ASP C 147 -29.15 -0.02 -10.49
C ASP C 147 -29.73 -1.42 -10.41
N PRO C 148 -28.90 -2.46 -10.70
CA PRO C 148 -29.40 -3.85 -10.79
C PRO C 148 -29.75 -4.53 -9.46
N THR C 149 -29.26 -3.95 -8.37
CA THR C 149 -29.31 -4.53 -7.02
C THR C 149 -30.67 -5.09 -6.61
N PHE C 150 -31.69 -4.26 -6.73
CA PHE C 150 -33.05 -4.63 -6.32
C PHE C 150 -33.89 -5.41 -7.34
N PHE C 151 -33.55 -5.32 -8.62
CA PHE C 151 -34.14 -6.18 -9.67
C PHE C 151 -33.68 -7.62 -9.41
N LEU C 152 -32.41 -7.76 -9.09
CA LEU C 152 -31.80 -9.06 -8.83
C LEU C 152 -32.27 -9.72 -7.53
N SER C 153 -32.30 -8.95 -6.44
CA SER C 153 -32.57 -9.56 -5.12
C SER C 153 -34.04 -9.94 -4.96
N ARG C 154 -34.93 -9.33 -5.77
CA ARG C 154 -36.37 -9.67 -5.72
C ARG C 154 -36.53 -11.02 -6.36
N THR C 155 -35.75 -11.23 -7.43
CA THR C 155 -35.86 -12.40 -8.23
C THR C 155 -35.32 -13.64 -7.52
N VAL C 156 -34.18 -13.47 -6.87
CA VAL C 156 -33.51 -14.54 -6.19
C VAL C 156 -34.29 -14.85 -4.93
N SER C 157 -34.67 -13.80 -4.22
CA SER C 157 -35.46 -13.91 -2.99
C SER C 157 -36.75 -14.71 -3.21
N ASN C 158 -37.37 -14.51 -4.37
CA ASN C 158 -38.61 -15.21 -4.71
C ASN C 158 -38.50 -16.70 -4.91
N VAL C 159 -37.30 -17.21 -5.10
CA VAL C 159 -37.14 -18.63 -5.22
C VAL C 159 -37.12 -19.29 -3.86
N ILE C 160 -36.31 -18.80 -2.95
CA ILE C 160 -36.27 -19.32 -1.57
C ILE C 160 -37.56 -19.02 -0.76
N SER C 161 -38.26 -17.96 -1.18
CA SER C 161 -39.53 -17.56 -0.57
C SER C 161 -40.66 -18.53 -0.94
N SER C 162 -40.64 -19.02 -2.18
CA SER C 162 -41.50 -20.11 -2.60
C SER C 162 -41.37 -21.38 -1.79
N ILE C 163 -40.21 -21.59 -1.19
CA ILE C 163 -39.95 -22.80 -0.42
C ILE C 163 -40.35 -22.60 1.03
N VAL C 164 -39.97 -21.48 1.61
CA VAL C 164 -40.21 -21.24 3.04
C VAL C 164 -41.62 -20.69 3.38
N PHE C 165 -42.16 -19.83 2.49
CA PHE C 165 -43.48 -19.19 2.66
C PHE C 165 -44.57 -19.83 1.77
N GLY C 166 -44.16 -20.63 0.78
CA GLY C 166 -45.09 -21.30 -0.13
C GLY C 166 -45.67 -20.46 -1.25
N ASP C 167 -45.27 -19.19 -1.29
CA ASP C 167 -45.58 -18.27 -2.39
C ASP C 167 -44.60 -17.09 -2.53
N ARG C 168 -44.47 -16.60 -3.75
CA ARG C 168 -43.63 -15.53 -4.09
C ARG C 168 -44.30 -14.24 -3.71
N PHE C 169 -43.47 -13.21 -3.57
CA PHE C 169 -43.94 -11.86 -3.33
C PHE C 169 -44.24 -11.18 -4.64
N ASP C 170 -45.24 -10.30 -4.66
CA ASP C 170 -45.42 -9.44 -5.81
C ASP C 170 -44.24 -8.44 -5.87
N TYR C 171 -43.78 -8.09 -7.07
CA TYR C 171 -42.65 -7.16 -7.24
C TYR C 171 -42.83 -5.74 -6.77
N GLU C 172 -44.10 -5.30 -6.61
CA GLU C 172 -44.39 -3.92 -6.19
C GLU C 172 -44.60 -3.77 -4.69
N ASP C 173 -44.92 -4.86 -4.01
CA ASP C 173 -45.10 -4.88 -2.56
C ASP C 173 -44.00 -4.06 -1.85
N LYS C 174 -44.41 -3.06 -1.09
CA LYS C 174 -43.47 -2.10 -0.51
C LYS C 174 -42.72 -2.75 0.65
N GLU C 175 -43.36 -3.73 1.26
CA GLU C 175 -42.78 -4.39 2.41
C GLU C 175 -41.67 -5.34 1.98
N PHE C 176 -41.87 -5.98 0.84
CA PHE C 176 -40.86 -6.80 0.18
C PHE C 176 -39.55 -5.98 0.01
N LEU C 177 -39.70 -4.80 -0.55
CA LEU C 177 -38.58 -3.93 -0.78
C LEU C 177 -37.87 -3.58 0.50
N SER C 178 -38.67 -3.36 1.53
CA SER C 178 -38.20 -2.98 2.85
C SER C 178 -37.40 -4.13 3.48
N LEU C 179 -37.94 -5.34 3.34
CA LEU C 179 -37.29 -6.56 3.78
C LEU C 179 -35.90 -6.69 3.19
N LEU C 180 -35.78 -6.35 1.91
CA LEU C 180 -34.57 -6.64 1.20
C LEU C 180 -33.47 -5.65 1.57
N ARG C 181 -33.86 -4.44 1.96
CA ARG C 181 -32.91 -3.44 2.47
C ARG C 181 -32.37 -3.85 3.84
N MET C 182 -33.25 -4.33 4.73
CA MET C 182 -32.84 -4.84 6.04
C MET C 182 -31.78 -5.93 5.88
N MET C 183 -31.99 -6.79 4.88
CA MET C 183 -31.07 -7.83 4.49
C MET C 183 -29.76 -7.30 3.89
N LEU C 184 -29.86 -6.29 3.03
CA LEU C 184 -28.68 -5.72 2.43
C LEU C 184 -27.82 -4.88 3.37
N GLY C 185 -28.45 -4.08 4.21
CA GLY C 185 -27.73 -3.24 5.12
C GLY C 185 -27.03 -4.03 6.22
N SER C 186 -27.70 -5.06 6.73
CA SER C 186 -27.24 -6.00 7.76
C SER C 186 -26.02 -6.78 7.32
N PHE C 187 -26.11 -7.21 6.08
CA PHE C 187 -25.11 -7.95 5.45
C PHE C 187 -23.88 -7.03 5.22
N GLN C 188 -24.16 -5.86 4.64
N GLN C 188 -24.14 -5.83 4.69
CA GLN C 188 -23.08 -4.96 4.25
CA GLN C 188 -23.04 -4.97 4.28
C GLN C 188 -22.34 -4.52 5.49
C GLN C 188 -22.37 -4.27 5.44
N PHE C 189 -23.13 -4.26 6.56
CA PHE C 189 -22.58 -3.91 7.84
C PHE C 189 -21.38 -4.82 8.26
N THR C 190 -21.56 -6.14 8.19
CA THR C 190 -20.53 -7.12 8.57
C THR C 190 -19.21 -6.97 7.82
N ALA C 191 -19.26 -6.43 6.61
CA ALA C 191 -18.09 -6.25 5.79
C ALA C 191 -17.26 -4.95 6.02
N THR C 192 -17.81 -4.00 6.76
CA THR C 192 -17.22 -2.64 6.98
C THR C 192 -16.23 -2.65 8.18
N SER C 193 -15.34 -1.67 8.28
CA SER C 193 -14.46 -1.62 9.40
C SER C 193 -15.14 -1.62 10.80
N THR C 194 -16.18 -0.79 10.98
CA THR C 194 -17.03 -0.78 12.18
C THR C 194 -17.66 -2.18 12.51
N GLY C 195 -18.12 -2.90 11.47
CA GLY C 195 -18.52 -4.32 11.64
C GLY C 195 -17.38 -5.21 12.14
N GLN C 196 -16.17 -4.90 11.72
CA GLN C 196 -15.07 -5.71 12.16
C GLN C 196 -14.56 -5.33 13.56
N LEU C 197 -14.60 -4.04 13.89
CA LEU C 197 -14.40 -3.64 15.25
C LEU C 197 -15.41 -4.33 16.18
N TYR C 198 -16.65 -4.44 15.72
CA TYR C 198 -17.72 -5.04 16.46
C TYR C 198 -17.46 -6.56 16.68
N GLU C 199 -16.76 -7.22 15.75
CA GLU C 199 -16.25 -8.59 16.05
C GLU C 199 -15.35 -8.67 17.29
N MET C 200 -14.54 -7.65 17.51
CA MET C 200 -13.57 -7.66 18.55
C MET C 200 -14.13 -7.19 19.88
N PHE C 201 -15.02 -6.21 19.85
CA PHE C 201 -15.33 -5.44 21.03
C PHE C 201 -16.80 -5.28 21.27
N SER C 202 -17.55 -6.32 20.92
CA SER C 202 -19.00 -6.28 20.87
C SER C 202 -19.65 -6.05 22.22
N SER C 203 -19.03 -6.58 23.27
CA SER C 203 -19.58 -6.54 24.57
C SER C 203 -19.48 -5.14 25.11
N VAL C 204 -18.75 -4.24 24.42
CA VAL C 204 -18.81 -2.79 24.78
C VAL C 204 -19.72 -2.05 23.80
N MET C 205 -19.43 -2.26 22.51
CA MET C 205 -20.03 -1.57 21.42
C MET C 205 -21.56 -1.81 21.24
N LYS C 206 -22.10 -2.90 21.82
CA LYS C 206 -23.55 -3.21 21.73
C LYS C 206 -24.41 -2.20 22.55
N HIS C 207 -23.72 -1.39 23.33
CA HIS C 207 -24.28 -0.43 24.21
C HIS C 207 -23.85 0.97 23.77
N LEU C 208 -23.05 1.07 22.72
CA LEU C 208 -22.67 2.39 22.22
C LEU C 208 -23.51 2.80 21.04
N PRO C 209 -23.77 4.10 20.86
CA PRO C 209 -24.40 4.58 19.57
C PRO C 209 -23.53 4.30 18.31
N GLY C 210 -24.15 3.98 17.18
CA GLY C 210 -23.49 3.91 15.88
C GLY C 210 -24.07 2.94 14.88
N PRO C 211 -23.31 2.65 13.79
CA PRO C 211 -23.79 1.78 12.69
C PRO C 211 -24.28 0.39 13.13
N GLN C 212 -23.67 -0.15 14.20
CA GLN C 212 -24.15 -1.39 14.86
C GLN C 212 -25.62 -1.35 15.30
N GLN C 213 -26.08 -0.19 15.73
CA GLN C 213 -27.45 0.03 16.13
C GLN C 213 -28.45 -0.09 14.94
N GLN C 214 -28.12 0.49 13.76
CA GLN C 214 -28.93 0.35 12.52
C GLN C 214 -29.13 -1.15 12.09
N ALA C 215 -28.00 -1.85 12.02
CA ALA C 215 -27.92 -3.27 11.85
C ALA C 215 -28.73 -4.11 12.85
N PHE C 216 -28.78 -3.78 14.14
CA PHE C 216 -29.68 -4.47 15.06
C PHE C 216 -31.14 -4.19 14.75
N LYS C 217 -31.52 -2.92 14.50
CA LYS C 217 -32.90 -2.59 14.05
C LYS C 217 -33.28 -3.44 12.85
N GLU C 218 -32.40 -3.47 11.83
CA GLU C 218 -32.64 -4.33 10.65
C GLU C 218 -32.79 -5.82 10.99
N LEU C 219 -31.88 -6.36 11.79
CA LEU C 219 -32.03 -7.76 12.21
C LEU C 219 -33.40 -8.05 12.87
N GLN C 220 -33.73 -7.29 13.91
CA GLN C 220 -34.99 -7.32 14.62
C GLN C 220 -36.19 -7.23 13.70
N GLY C 221 -36.16 -6.30 12.76
CA GLY C 221 -37.17 -6.14 11.74
C GLY C 221 -37.40 -7.41 10.95
N LEU C 222 -36.32 -8.02 10.45
CA LEU C 222 -36.45 -9.29 9.72
C LEU C 222 -37.00 -10.39 10.59
N GLU C 223 -36.57 -10.43 11.84
CA GLU C 223 -37.11 -11.38 12.84
C GLU C 223 -38.63 -11.23 13.03
N ASP C 224 -39.08 -9.98 13.20
CA ASP C 224 -40.51 -9.60 13.36
C ASP C 224 -41.34 -10.11 12.19
N PHE C 225 -40.82 -9.95 10.99
CA PHE C 225 -41.56 -10.39 9.84
C PHE C 225 -41.77 -11.91 9.80
N ILE C 226 -40.71 -12.67 10.06
CA ILE C 226 -40.82 -14.10 10.13
C ILE C 226 -41.79 -14.56 11.24
N ALA C 227 -41.70 -13.92 12.40
CA ALA C 227 -42.65 -14.15 13.47
C ALA C 227 -44.14 -14.10 13.01
N LYS C 228 -44.50 -13.08 12.20
CA LYS C 228 -45.87 -12.93 11.68
C LYS C 228 -46.30 -14.04 10.70
N LYS C 229 -45.41 -14.40 9.78
CA LYS C 229 -45.68 -15.51 8.86
C LYS C 229 -45.84 -16.82 9.60
N VAL C 230 -45.05 -17.04 10.66
CA VAL C 230 -45.22 -18.22 11.50
C VAL C 230 -46.61 -18.30 12.15
N GLU C 231 -47.05 -17.18 12.72
CA GLU C 231 -48.34 -17.02 13.37
C GLU C 231 -49.46 -17.21 12.37
N HIS C 232 -49.29 -16.61 11.19
CA HIS C 232 -50.27 -16.71 10.11
C HIS C 232 -50.39 -18.16 9.67
N ASN C 233 -49.29 -18.90 9.77
CA ASN C 233 -49.21 -20.29 9.37
C ASN C 233 -49.70 -21.32 10.40
N GLN C 234 -49.67 -20.98 11.68
CA GLN C 234 -50.08 -21.92 12.74
C GLN C 234 -51.56 -22.08 12.75
N ARG C 235 -52.23 -20.99 12.32
CA ARG C 235 -53.69 -20.84 12.29
C ARG C 235 -54.38 -21.39 11.03
N THR C 236 -53.81 -21.16 9.84
CA THR C 236 -54.40 -21.75 8.63
C THR C 236 -53.83 -23.14 8.35
N LEU C 237 -53.17 -23.70 9.34
CA LEU C 237 -52.39 -24.91 9.13
C LEU C 237 -53.26 -26.11 8.76
N ASP C 238 -52.69 -27.05 8.01
CA ASP C 238 -53.25 -28.38 7.84
C ASP C 238 -52.20 -29.44 8.17
N PRO C 239 -52.33 -30.12 9.34
CA PRO C 239 -51.43 -31.18 9.87
C PRO C 239 -51.15 -32.35 8.91
N ASN C 240 -51.91 -32.44 7.83
CA ASN C 240 -51.81 -33.55 6.89
C ASN C 240 -51.36 -33.14 5.49
N SER C 241 -51.24 -31.83 5.24
CA SER C 241 -50.82 -31.34 3.92
C SER C 241 -49.92 -30.07 3.92
N PRO C 242 -48.61 -30.25 4.13
CA PRO C 242 -47.71 -29.09 4.25
C PRO C 242 -47.58 -28.24 2.96
N ARG C 243 -47.76 -26.92 3.08
CA ARG C 243 -47.61 -25.97 1.97
C ARG C 243 -46.15 -25.54 1.71
N ASP C 244 -45.31 -25.63 2.76
CA ASP C 244 -43.97 -25.07 2.74
C ASP C 244 -43.10 -25.56 3.87
N PHE C 245 -42.00 -24.84 4.07
CA PHE C 245 -40.96 -25.19 5.05
C PHE C 245 -41.45 -24.91 6.48
N ILE C 246 -42.19 -23.82 6.62
CA ILE C 246 -42.79 -23.49 7.88
C ILE C 246 -43.76 -24.57 8.28
N ASP C 247 -44.70 -24.90 7.40
CA ASP C 247 -45.71 -25.96 7.68
C ASP C 247 -45.03 -27.30 8.08
N SER C 248 -44.08 -27.78 7.26
CA SER C 248 -43.31 -29.00 7.54
C SER C 248 -42.71 -28.96 8.96
N PHE C 249 -42.14 -27.80 9.31
CA PHE C 249 -41.51 -27.61 10.61
C PHE C 249 -42.59 -27.59 11.71
N LEU C 250 -43.68 -26.87 11.46
CA LEU C 250 -44.83 -26.83 12.33
C LEU C 250 -45.37 -28.23 12.62
N ILE C 251 -45.41 -29.10 11.60
CA ILE C 251 -45.84 -30.49 11.70
C ILE C 251 -44.94 -31.31 12.60
N ARG C 252 -43.63 -31.10 12.47
CA ARG C 252 -42.64 -31.83 13.26
C ARG C 252 -42.70 -31.46 14.76
N MET C 253 -42.91 -30.16 15.03
CA MET C 253 -43.13 -29.56 16.34
C MET C 253 -44.28 -30.21 17.10
N GLN C 254 -45.43 -30.40 16.44
CA GLN C 254 -46.55 -31.17 17.01
C GLN C 254 -46.14 -32.59 17.35
N GLU C 255 -45.32 -33.23 16.52
CA GLU C 255 -44.84 -34.58 16.82
C GLU C 255 -43.80 -34.69 17.92
N GLU C 256 -43.16 -33.58 18.30
CA GLU C 256 -42.06 -33.62 19.29
C GLU C 256 -42.44 -32.95 20.61
N GLU C 257 -43.72 -32.60 20.73
CA GLU C 257 -44.24 -31.83 21.85
C GLU C 257 -44.32 -32.69 23.09
N LYS C 258 -44.27 -34.01 22.89
CA LYS C 258 -44.12 -35.03 23.95
C LYS C 258 -42.68 -35.08 24.48
N ASN C 259 -41.75 -34.54 23.69
CA ASN C 259 -40.32 -34.51 24.04
C ASN C 259 -39.92 -33.20 24.76
N PRO C 260 -39.20 -33.31 25.90
CA PRO C 260 -38.65 -32.12 26.55
C PRO C 260 -37.24 -31.72 26.03
N ASN C 261 -36.55 -32.68 25.43
CA ASN C 261 -35.15 -32.58 25.06
C ASN C 261 -35.04 -32.27 23.57
N THR C 262 -36.17 -32.03 22.93
CA THR C 262 -36.22 -31.84 21.49
C THR C 262 -35.78 -30.46 20.99
N GLU C 263 -35.29 -30.41 19.75
CA GLU C 263 -34.89 -29.10 19.16
C GLU C 263 -35.96 -28.38 18.35
N PHE C 264 -37.08 -29.06 18.10
CA PHE C 264 -38.15 -28.45 17.29
C PHE C 264 -39.16 -27.68 18.13
N TYR C 265 -38.80 -26.46 18.48
CA TYR C 265 -39.72 -25.49 19.11
C TYR C 265 -39.64 -24.17 18.32
N LEU C 266 -40.53 -23.23 18.67
CA LEU C 266 -40.80 -22.03 17.88
C LEU C 266 -39.58 -21.11 17.62
N LYS C 267 -38.69 -21.04 18.59
CA LYS C 267 -37.55 -20.15 18.54
C LYS C 267 -36.56 -20.71 17.51
N ASN C 268 -36.34 -22.03 17.51
CA ASN C 268 -35.54 -22.69 16.48
C ASN C 268 -36.13 -22.61 15.08
N LEU C 269 -37.46 -22.56 15.04
CA LEU C 269 -38.22 -22.44 13.81
C LEU C 269 -38.08 -21.08 13.16
N VAL C 270 -38.38 -20.04 13.90
CA VAL C 270 -38.20 -18.66 13.43
C VAL C 270 -36.78 -18.41 12.91
N MET C 271 -35.75 -18.86 13.63
CA MET C 271 -34.37 -18.56 13.32
C MET C 271 -33.80 -19.28 12.12
N THR C 272 -34.11 -20.56 11.96
CA THR C 272 -33.74 -21.35 10.79
C THR C 272 -34.35 -20.78 9.52
N THR C 273 -35.62 -20.43 9.58
CA THR C 273 -36.34 -19.87 8.42
C THR C 273 -35.67 -18.56 8.05
N LEU C 274 -35.31 -17.76 9.06
CA LEU C 274 -34.48 -16.60 8.84
C LEU C 274 -33.10 -16.94 8.23
N ASN C 275 -32.46 -18.04 8.66
CA ASN C 275 -31.22 -18.53 8.02
C ASN C 275 -31.42 -18.81 6.55
N LEU C 276 -32.49 -19.54 6.21
CA LEU C 276 -32.82 -19.84 4.86
C LEU C 276 -33.10 -18.57 4.02
N PHE C 277 -33.86 -17.64 4.57
CA PHE C 277 -34.39 -16.53 3.80
C PHE C 277 -33.29 -15.51 3.53
N PHE C 278 -32.55 -15.14 4.59
CA PHE C 278 -31.36 -14.31 4.51
C PHE C 278 -30.25 -14.93 3.65
N ALA C 279 -29.91 -16.19 3.87
CA ALA C 279 -28.84 -16.81 3.09
C ALA C 279 -29.30 -17.18 1.70
N GLY C 280 -30.59 -17.44 1.53
CA GLY C 280 -31.17 -17.69 0.21
C GLY C 280 -31.25 -16.47 -0.68
N THR C 281 -31.12 -15.30 -0.08
CA THR C 281 -31.35 -14.08 -0.79
C THR C 281 -30.04 -13.37 -1.10
N GLU C 282 -29.22 -13.15 -0.09
CA GLU C 282 -28.12 -12.20 -0.22
C GLU C 282 -26.83 -12.76 -0.82
N THR C 283 -26.69 -14.07 -0.85
CA THR C 283 -25.43 -14.61 -1.36
C THR C 283 -25.37 -14.77 -2.88
N VAL C 284 -26.45 -15.25 -3.47
CA VAL C 284 -26.58 -15.45 -4.89
C VAL C 284 -26.85 -14.09 -5.55
N SER C 285 -27.68 -13.30 -4.89
CA SER C 285 -27.91 -11.96 -5.27
C SER C 285 -26.61 -11.19 -5.51
N THR C 286 -25.82 -11.03 -4.43
CA THR C 286 -24.52 -10.40 -4.45
C THR C 286 -23.56 -11.01 -5.47
N THR C 287 -23.67 -12.32 -5.71
CA THR C 287 -22.80 -13.00 -6.68
C THR C 287 -23.21 -12.68 -8.15
N LEU C 288 -24.50 -12.62 -8.42
CA LEU C 288 -25.00 -12.21 -9.70
C LEU C 288 -24.61 -10.77 -9.96
N ARG C 289 -24.58 -10.01 -8.88
CA ARG C 289 -24.24 -8.63 -8.94
C ARG C 289 -22.80 -8.36 -9.31
N TYR C 290 -21.86 -8.95 -8.59
CA TYR C 290 -20.43 -8.94 -8.90
C TYR C 290 -20.13 -9.48 -10.30
N GLY C 291 -20.90 -10.48 -10.70
CA GLY C 291 -20.78 -11.11 -11.96
C GLY C 291 -20.99 -10.13 -13.11
N PHE C 292 -22.00 -9.27 -13.00
CA PHE C 292 -22.33 -8.38 -14.12
C PHE C 292 -21.22 -7.39 -14.36
N LEU C 293 -20.72 -6.86 -13.26
CA LEU C 293 -19.59 -5.98 -13.25
C LEU C 293 -18.35 -6.58 -13.89
N LEU C 294 -17.95 -7.73 -13.39
CA LEU C 294 -16.87 -8.51 -13.96
C LEU C 294 -17.06 -8.79 -15.47
N LEU C 295 -18.31 -8.91 -15.90
CA LEU C 295 -18.66 -9.21 -17.28
C LEU C 295 -18.50 -7.99 -18.21
N MET C 296 -18.97 -6.81 -17.77
CA MET C 296 -18.71 -5.54 -18.41
C MET C 296 -17.22 -5.15 -18.41
N LYS C 297 -16.48 -5.54 -17.38
CA LYS C 297 -15.04 -5.34 -17.33
C LYS C 297 -14.33 -6.25 -18.31
N HIS C 298 -14.93 -7.39 -18.65
CA HIS C 298 -14.33 -8.33 -19.59
C HIS C 298 -15.18 -8.74 -20.83
N PRO C 299 -15.39 -7.80 -21.79
CA PRO C 299 -16.23 -7.99 -22.98
C PRO C 299 -15.88 -9.26 -23.78
N GLU C 300 -14.60 -9.55 -23.91
CA GLU C 300 -14.20 -10.78 -24.55
C GLU C 300 -14.90 -12.02 -23.88
N VAL C 301 -15.02 -12.03 -22.54
CA VAL C 301 -15.71 -13.08 -21.79
C VAL C 301 -17.23 -13.13 -22.03
N GLU C 302 -17.84 -11.97 -22.08
CA GLU C 302 -19.26 -11.88 -22.37
C GLU C 302 -19.65 -12.45 -23.74
N ALA C 303 -18.79 -12.25 -24.75
CA ALA C 303 -19.13 -12.59 -26.12
C ALA C 303 -19.02 -14.09 -26.36
N LYS C 304 -17.99 -14.72 -25.76
CA LYS C 304 -17.82 -16.17 -25.79
C LYS C 304 -19.00 -16.82 -25.09
N VAL C 305 -19.38 -16.28 -23.92
CA VAL C 305 -20.63 -16.71 -23.30
C VAL C 305 -21.81 -16.69 -24.27
N HIS C 306 -22.19 -15.51 -24.76
CA HIS C 306 -23.23 -15.35 -25.82
C HIS C 306 -23.16 -16.38 -26.95
N GLU C 307 -21.98 -16.59 -27.52
CA GLU C 307 -21.74 -17.67 -28.52
C GLU C 307 -22.17 -19.07 -28.02
N GLU C 308 -21.84 -19.40 -26.78
CA GLU C 308 -22.17 -20.73 -26.28
C GLU C 308 -23.69 -20.85 -26.09
N ILE C 309 -24.33 -19.80 -25.57
CA ILE C 309 -25.78 -19.77 -25.37
C ILE C 309 -26.52 -20.04 -26.69
N ASP C 310 -26.18 -19.27 -27.73
CA ASP C 310 -26.91 -19.28 -29.02
C ASP C 310 -26.83 -20.61 -29.74
N ARG C 311 -25.63 -21.21 -29.74
CA ARG C 311 -25.39 -22.51 -30.37
C ARG C 311 -26.17 -23.62 -29.63
N VAL C 312 -25.96 -23.73 -28.33
CA VAL C 312 -26.52 -24.83 -27.53
C VAL C 312 -28.01 -24.67 -27.25
N ILE C 313 -28.44 -23.45 -26.90
CA ILE C 313 -29.83 -23.20 -26.50
C ILE C 313 -30.64 -22.45 -27.56
N GLY C 314 -30.01 -21.56 -28.31
CA GLY C 314 -30.71 -20.75 -29.27
C GLY C 314 -31.49 -19.66 -28.58
N LYS C 315 -32.43 -19.08 -29.31
CA LYS C 315 -33.18 -17.91 -28.87
C LYS C 315 -34.62 -18.22 -28.45
N ASN C 316 -35.10 -19.41 -28.80
CA ASN C 316 -36.53 -19.72 -28.65
C ASN C 316 -36.87 -20.27 -27.27
N ARG C 317 -36.33 -21.42 -26.87
CA ARG C 317 -36.70 -22.04 -25.57
C ARG C 317 -36.01 -21.45 -24.32
N GLN C 318 -36.46 -21.91 -23.15
CA GLN C 318 -35.85 -21.46 -21.91
C GLN C 318 -34.65 -22.33 -21.61
N PRO C 319 -33.55 -21.74 -21.07
CA PRO C 319 -32.41 -22.54 -20.69
C PRO C 319 -32.76 -23.45 -19.52
N LYS C 320 -32.26 -24.68 -19.58
CA LYS C 320 -32.48 -25.63 -18.50
C LYS C 320 -31.11 -25.96 -17.87
N PHE C 321 -31.12 -26.43 -16.62
CA PHE C 321 -29.92 -26.77 -15.89
C PHE C 321 -29.02 -27.81 -16.59
N GLU C 322 -29.59 -28.88 -17.12
CA GLU C 322 -28.81 -29.90 -17.82
C GLU C 322 -28.01 -29.40 -19.05
N ASP C 323 -28.41 -28.24 -19.59
CA ASP C 323 -27.64 -27.56 -20.62
C ASP C 323 -26.21 -27.24 -20.20
N ARG C 324 -25.92 -27.39 -18.91
CA ARG C 324 -24.61 -27.00 -18.37
C ARG C 324 -23.51 -27.97 -18.83
N ALA C 325 -23.91 -29.19 -19.11
CA ALA C 325 -23.06 -30.27 -19.59
C ALA C 325 -22.42 -29.98 -20.98
N LYS C 326 -23.19 -29.36 -21.86
CA LYS C 326 -22.74 -28.97 -23.20
C LYS C 326 -22.32 -27.46 -23.19
N MET C 327 -22.02 -26.92 -22.01
CA MET C 327 -21.61 -25.52 -21.84
C MET C 327 -20.40 -25.30 -20.91
N PRO C 328 -19.25 -25.92 -21.22
CA PRO C 328 -18.08 -25.85 -20.35
C PRO C 328 -17.51 -24.44 -20.18
N TYR C 329 -17.60 -23.59 -21.20
CA TYR C 329 -17.11 -22.23 -21.05
C TYR C 329 -17.94 -21.39 -20.10
N THR C 330 -19.27 -21.39 -20.27
CA THR C 330 -20.18 -20.64 -19.40
C THR C 330 -19.97 -21.10 -17.93
N GLU C 331 -19.69 -22.39 -17.80
CA GLU C 331 -19.50 -22.99 -16.52
C GLU C 331 -18.23 -22.46 -15.88
N ALA C 332 -17.15 -22.40 -16.64
CA ALA C 332 -15.87 -21.88 -16.14
C ALA C 332 -15.97 -20.42 -15.69
N VAL C 333 -16.75 -19.64 -16.42
CA VAL C 333 -17.02 -18.26 -16.06
C VAL C 333 -17.76 -18.05 -14.72
N ILE C 334 -18.80 -18.83 -14.45
CA ILE C 334 -19.54 -18.74 -13.17
C ILE C 334 -18.68 -19.15 -11.94
N HIS C 335 -17.86 -20.18 -12.10
CA HIS C 335 -16.92 -20.60 -11.09
C HIS C 335 -15.87 -19.51 -10.85
N GLU C 336 -15.48 -18.81 -11.93
CA GLU C 336 -14.44 -17.82 -11.86
C GLU C 336 -15.02 -16.60 -11.24
N ILE C 337 -16.29 -16.37 -11.45
CA ILE C 337 -17.02 -15.27 -10.75
C ILE C 337 -17.10 -15.53 -9.22
N GLN C 338 -17.51 -16.74 -8.84
CA GLN C 338 -17.48 -17.18 -7.46
C GLN C 338 -16.11 -17.13 -6.82
N ARG C 339 -15.10 -17.70 -7.45
CA ARG C 339 -13.73 -17.67 -6.94
C ARG C 339 -13.16 -16.23 -6.72
N PHE C 340 -13.39 -15.36 -7.70
CA PHE C 340 -12.98 -13.96 -7.64
C PHE C 340 -13.80 -13.14 -6.66
N GLY C 341 -15.11 -13.25 -6.73
CA GLY C 341 -16.06 -12.62 -5.80
C GLY C 341 -15.78 -12.91 -4.33
N ASP C 342 -15.27 -14.11 -4.04
CA ASP C 342 -14.78 -14.48 -2.72
C ASP C 342 -15.77 -14.09 -1.61
N MET C 343 -17.01 -14.49 -1.87
CA MET C 343 -18.18 -14.21 -1.09
C MET C 343 -17.94 -14.00 0.42
N LEU C 344 -17.62 -15.09 1.13
CA LEU C 344 -17.18 -15.11 2.50
C LEU C 344 -15.71 -15.53 2.69
N PRO C 345 -14.81 -14.55 2.80
CA PRO C 345 -13.37 -14.84 2.75
C PRO C 345 -12.75 -15.59 3.94
N MET C 346 -13.36 -15.50 5.11
CA MET C 346 -12.86 -16.15 6.33
C MET C 346 -13.85 -17.22 6.74
N GLY C 347 -14.75 -17.58 5.83
CA GLY C 347 -15.81 -18.53 6.10
C GLY C 347 -16.76 -18.06 7.19
N LEU C 348 -17.58 -18.99 7.65
CA LEU C 348 -18.20 -18.87 8.91
C LEU C 348 -17.24 -19.51 9.91
N ALA C 349 -17.00 -18.84 11.03
CA ALA C 349 -16.13 -19.36 12.13
C ALA C 349 -16.55 -20.72 12.68
N HIS C 350 -15.54 -21.56 12.90
CA HIS C 350 -15.72 -22.86 13.50
C HIS C 350 -15.23 -22.82 14.97
N ARG C 351 -15.55 -23.83 15.73
CA ARG C 351 -14.85 -24.07 16.95
C ARG C 351 -14.64 -25.60 17.12
N VAL C 352 -13.61 -25.98 17.86
CA VAL C 352 -13.42 -27.37 18.26
C VAL C 352 -14.37 -27.80 19.41
N ASN C 353 -15.02 -28.96 19.25
CA ASN C 353 -15.88 -29.56 20.33
C ASN C 353 -15.09 -29.94 21.56
N LYS C 354 -13.89 -30.47 21.36
CA LYS C 354 -13.15 -31.01 22.45
C LYS C 354 -11.65 -30.72 22.34
N ASP C 355 -10.89 -31.08 23.37
CA ASP C 355 -9.47 -30.94 23.32
C ASP C 355 -8.98 -31.68 22.09
N THR C 356 -8.12 -30.98 21.36
CA THR C 356 -7.73 -31.42 20.03
C THR C 356 -6.27 -31.25 19.87
N LYS C 357 -5.65 -32.30 19.35
CA LYS C 357 -4.26 -32.34 18.95
C LYS C 357 -4.23 -32.12 17.37
N PHE C 358 -3.58 -31.07 16.86
CA PHE C 358 -3.58 -30.82 15.41
C PHE C 358 -2.23 -30.31 14.88
N ARG C 359 -1.64 -31.07 13.93
CA ARG C 359 -0.26 -30.88 13.46
C ARG C 359 0.73 -30.51 14.56
N ASP C 360 0.95 -31.32 15.57
CA ASP C 360 1.91 -30.90 16.65
C ASP C 360 1.43 -29.72 17.56
N PHE C 361 0.28 -29.17 17.26
CA PHE C 361 -0.35 -28.18 18.13
C PHE C 361 -1.45 -28.78 19.04
N PHE C 362 -1.64 -28.14 20.20
CA PHE C 362 -2.76 -28.45 21.07
C PHE C 362 -3.82 -27.32 21.12
N LEU C 363 -5.08 -27.72 20.96
CA LEU C 363 -6.23 -26.83 20.89
C LEU C 363 -7.21 -27.14 22.02
N PRO C 364 -7.34 -26.23 23.00
CA PRO C 364 -8.30 -26.52 24.10
C PRO C 364 -9.76 -26.55 23.64
N LYS C 365 -10.60 -27.32 24.32
CA LYS C 365 -12.03 -27.31 24.06
C LYS C 365 -12.58 -25.90 23.88
N GLY C 366 -13.35 -25.72 22.80
CA GLY C 366 -13.93 -24.43 22.47
C GLY C 366 -13.05 -23.35 21.85
N THR C 367 -11.83 -23.67 21.46
CA THR C 367 -11.10 -22.77 20.61
C THR C 367 -11.84 -22.45 19.26
N GLU C 368 -11.96 -21.18 18.97
CA GLU C 368 -12.50 -20.71 17.68
C GLU C 368 -11.50 -20.89 16.53
N VAL C 369 -12.02 -21.30 15.41
CA VAL C 369 -11.18 -21.56 14.25
C VAL C 369 -11.68 -20.71 13.04
N PHE C 370 -10.76 -19.98 12.43
CA PHE C 370 -11.01 -19.29 11.18
C PHE C 370 -10.46 -20.08 10.01
N PRO C 371 -11.36 -20.71 9.23
CA PRO C 371 -10.92 -21.33 7.99
C PRO C 371 -10.93 -20.29 6.85
N MET C 372 -9.75 -19.83 6.42
CA MET C 372 -9.66 -18.74 5.46
C MET C 372 -9.95 -19.15 4.00
N LEU C 373 -11.23 -19.29 3.69
CA LEU C 373 -11.64 -19.81 2.42
C LEU C 373 -11.09 -18.92 1.29
N GLY C 374 -11.10 -17.62 1.51
CA GLY C 374 -10.35 -16.69 0.74
C GLY C 374 -8.98 -17.10 0.26
N SER C 375 -8.19 -17.72 1.16
CA SER C 375 -6.81 -18.12 0.89
C SER C 375 -6.68 -19.43 0.11
N VAL C 376 -7.78 -20.18 -0.03
CA VAL C 376 -7.79 -21.47 -0.76
C VAL C 376 -8.15 -21.15 -2.22
N LEU C 377 -9.16 -20.30 -2.39
CA LEU C 377 -9.62 -19.76 -3.65
C LEU C 377 -8.49 -18.91 -4.31
N ARG C 378 -7.46 -18.63 -3.55
CA ARG C 378 -6.28 -17.96 -4.08
C ARG C 378 -4.96 -18.73 -3.81
N ASP C 379 -5.07 -20.01 -3.48
CA ASP C 379 -3.88 -20.83 -3.35
C ASP C 379 -3.10 -20.91 -4.68
N PRO C 380 -1.89 -20.34 -4.72
CA PRO C 380 -1.17 -20.26 -5.99
C PRO C 380 -0.76 -21.62 -6.55
N ARG C 381 -0.80 -22.66 -5.75
CA ARG C 381 -0.57 -24.03 -6.19
C ARG C 381 -1.75 -24.54 -7.05
N PHE C 382 -2.91 -23.94 -6.86
CA PHE C 382 -4.13 -24.37 -7.53
C PHE C 382 -4.61 -23.43 -8.62
N PHE C 383 -4.20 -22.17 -8.57
CA PHE C 383 -4.67 -21.24 -9.57
C PHE C 383 -3.49 -20.45 -10.05
N SER C 384 -3.24 -20.56 -11.34
CA SER C 384 -2.03 -19.98 -11.91
C SER C 384 -1.92 -18.44 -11.80
N ASN C 385 -3.06 -17.73 -11.86
CA ASN C 385 -3.11 -16.26 -11.71
C ASN C 385 -4.06 -15.82 -10.58
N PRO C 386 -3.75 -16.18 -9.33
CA PRO C 386 -4.66 -16.01 -8.19
C PRO C 386 -5.42 -14.69 -8.10
N ARG C 387 -4.78 -13.56 -8.46
CA ARG C 387 -5.35 -12.24 -8.20
C ARG C 387 -6.17 -11.75 -9.37
N ASP C 388 -6.17 -12.55 -10.44
CA ASP C 388 -6.77 -12.23 -11.74
C ASP C 388 -8.13 -12.90 -12.01
N PHE C 389 -8.93 -12.25 -12.83
CA PHE C 389 -10.16 -12.82 -13.32
C PHE C 389 -9.82 -13.54 -14.64
N ASN C 390 -9.87 -14.85 -14.59
CA ASN C 390 -9.55 -15.63 -15.72
C ASN C 390 -10.23 -17.01 -15.79
N PRO C 391 -11.22 -17.14 -16.68
CA PRO C 391 -12.00 -18.37 -16.89
C PRO C 391 -11.17 -19.59 -17.30
N GLN C 392 -9.98 -19.38 -17.84
CA GLN C 392 -9.05 -20.50 -18.06
C GLN C 392 -8.65 -21.30 -16.81
N HIS C 393 -8.76 -20.71 -15.61
CA HIS C 393 -8.59 -21.41 -14.30
C HIS C 393 -9.43 -22.70 -14.13
N PHE C 394 -10.50 -22.83 -14.89
CA PHE C 394 -11.41 -23.93 -14.76
C PHE C 394 -11.55 -24.72 -16.06
N LEU C 395 -10.65 -24.41 -16.98
CA LEU C 395 -10.59 -25.05 -18.28
C LEU C 395 -9.31 -25.86 -18.49
N ASP C 396 -9.44 -27.05 -19.08
CA ASP C 396 -8.28 -27.83 -19.56
C ASP C 396 -7.75 -27.34 -20.93
N LYS C 397 -6.83 -28.09 -21.52
CA LYS C 397 -6.24 -27.75 -22.84
C LYS C 397 -7.27 -27.96 -23.96
N LYS C 398 -7.99 -29.10 -23.91
CA LYS C 398 -9.04 -29.46 -24.88
C LYS C 398 -10.34 -28.69 -24.69
N GLY C 399 -10.30 -27.50 -24.10
CA GLY C 399 -11.50 -26.64 -23.91
C GLY C 399 -12.59 -27.20 -23.01
N GLN C 400 -12.28 -28.25 -22.25
N GLN C 400 -12.30 -28.27 -22.27
CA GLN C 400 -13.23 -28.89 -21.36
CA GLN C 400 -13.28 -28.87 -21.37
C GLN C 400 -13.12 -28.40 -19.89
C GLN C 400 -13.14 -28.37 -19.91
N PHE C 401 -14.20 -28.56 -19.12
CA PHE C 401 -14.27 -28.02 -17.75
C PHE C 401 -13.53 -28.81 -16.72
N LYS C 402 -12.78 -28.09 -15.87
CA LYS C 402 -11.86 -28.69 -14.92
C LYS C 402 -12.10 -28.23 -13.45
N LYS C 403 -12.75 -29.11 -12.69
CA LYS C 403 -12.79 -29.03 -11.24
C LYS C 403 -11.43 -28.74 -10.61
N SER C 404 -11.45 -28.08 -9.47
CA SER C 404 -10.28 -27.85 -8.67
C SER C 404 -10.61 -28.26 -7.26
N ASP C 405 -9.71 -28.97 -6.59
CA ASP C 405 -9.87 -29.23 -5.16
C ASP C 405 -9.93 -27.93 -4.30
N ALA C 406 -9.51 -26.82 -4.85
CA ALA C 406 -9.48 -25.61 -4.11
C ALA C 406 -10.67 -24.65 -4.29
N PHE C 407 -11.68 -25.08 -5.05
CA PHE C 407 -12.86 -24.27 -5.31
C PHE C 407 -13.81 -24.58 -4.13
N VAL C 408 -13.77 -23.70 -3.15
CA VAL C 408 -14.41 -24.03 -1.88
C VAL C 408 -15.21 -22.88 -1.33
N PRO C 409 -15.92 -22.16 -2.20
CA PRO C 409 -16.67 -21.01 -1.71
C PRO C 409 -17.89 -21.39 -0.79
N PHE C 410 -18.43 -22.58 -0.97
CA PHE C 410 -19.44 -23.16 -0.12
C PHE C 410 -18.82 -23.93 1.03
N SER C 411 -17.55 -23.64 1.36
CA SER C 411 -16.81 -24.40 2.36
C SER C 411 -16.79 -25.99 2.20
N ILE C 412 -16.29 -26.69 3.21
CA ILE C 412 -16.09 -28.14 3.16
C ILE C 412 -16.30 -28.66 4.57
N GLY C 413 -16.50 -29.97 4.68
CA GLY C 413 -16.51 -30.63 5.94
C GLY C 413 -17.91 -30.76 6.45
N LYS C 414 -18.05 -30.92 7.78
CA LYS C 414 -19.30 -31.35 8.43
C LYS C 414 -20.37 -30.26 8.42
N ARG C 415 -19.92 -29.01 8.34
CA ARG C 415 -20.85 -27.86 8.27
C ARG C 415 -20.92 -27.19 6.89
N TYR C 416 -20.49 -27.90 5.82
CA TYR C 416 -20.55 -27.40 4.40
C TYR C 416 -21.92 -26.74 4.09
N CYS C 417 -21.92 -25.78 3.15
CA CYS C 417 -23.16 -25.18 2.67
C CYS C 417 -24.16 -26.23 2.15
N PHE C 418 -25.31 -26.32 2.81
CA PHE C 418 -26.32 -27.15 2.21
C PHE C 418 -27.28 -26.33 1.30
N GLY C 419 -26.92 -25.08 1.05
CA GLY C 419 -27.61 -24.30 0.04
C GLY C 419 -26.99 -24.29 -1.33
N GLU C 420 -25.91 -25.04 -1.50
CA GLU C 420 -25.11 -25.07 -2.71
C GLU C 420 -25.90 -25.61 -3.88
N GLY C 421 -26.63 -26.70 -3.65
CA GLY C 421 -27.57 -27.28 -4.59
C GLY C 421 -28.47 -26.25 -5.26
N LEU C 422 -29.15 -25.47 -4.42
CA LEU C 422 -29.98 -24.43 -4.85
C LEU C 422 -29.17 -23.30 -5.55
N ALA C 423 -28.06 -22.90 -4.93
CA ALA C 423 -27.19 -21.88 -5.42
C ALA C 423 -26.59 -22.20 -6.83
N ARG C 424 -26.00 -23.37 -7.03
CA ARG C 424 -25.45 -23.74 -8.35
C ARG C 424 -26.47 -23.68 -9.50
N MET C 425 -27.66 -24.18 -9.26
CA MET C 425 -28.72 -24.15 -10.26
C MET C 425 -29.34 -22.77 -10.48
N GLU C 426 -29.39 -21.95 -9.44
CA GLU C 426 -29.86 -20.59 -9.57
C GLU C 426 -28.87 -19.71 -10.35
N LEU C 427 -27.59 -19.88 -10.05
CA LEU C 427 -26.56 -19.13 -10.69
C LEU C 427 -26.53 -19.45 -12.17
N PHE C 428 -26.76 -20.71 -12.50
CA PHE C 428 -26.61 -21.14 -13.86
C PHE C 428 -27.76 -20.63 -14.69
N LEU C 429 -28.98 -20.93 -14.22
CA LEU C 429 -30.18 -20.42 -14.87
C LEU C 429 -30.32 -18.89 -14.86
N PHE C 430 -30.07 -18.18 -13.75
CA PHE C 430 -30.19 -16.74 -13.82
C PHE C 430 -29.17 -16.12 -14.76
N PHE C 431 -27.90 -16.57 -14.74
CA PHE C 431 -26.90 -16.02 -15.64
C PHE C 431 -27.22 -16.22 -17.11
N THR C 432 -27.64 -17.42 -17.47
CA THR C 432 -27.84 -17.80 -18.87
C THR C 432 -29.06 -17.15 -19.54
N THR C 433 -30.18 -17.20 -18.82
CA THR C 433 -31.45 -16.63 -19.23
C THR C 433 -31.28 -15.13 -19.39
N ILE C 434 -30.60 -14.47 -18.46
CA ILE C 434 -30.40 -13.05 -18.58
C ILE C 434 -29.56 -12.78 -19.80
N MET C 435 -28.48 -13.55 -19.94
CA MET C 435 -27.57 -13.27 -21.00
C MET C 435 -28.03 -13.82 -22.35
N GLN C 436 -29.17 -14.51 -22.36
CA GLN C 436 -29.80 -14.94 -23.60
C GLN C 436 -30.41 -13.74 -24.29
N ASN C 437 -31.16 -12.96 -23.49
CA ASN C 437 -31.99 -11.83 -23.93
C ASN C 437 -31.31 -10.46 -23.85
N PHE C 438 -30.18 -10.34 -23.17
CA PHE C 438 -29.52 -9.05 -23.06
C PHE C 438 -28.01 -9.10 -23.17
N ARG C 439 -27.49 -8.00 -23.71
CA ARG C 439 -26.09 -7.61 -23.63
C ARG C 439 -25.95 -6.44 -22.62
N PHE C 440 -24.85 -6.38 -21.90
CA PHE C 440 -24.69 -5.35 -20.86
C PHE C 440 -23.82 -4.16 -21.30
N LYS C 441 -24.26 -2.97 -20.95
CA LYS C 441 -23.56 -1.73 -21.23
C LYS C 441 -23.45 -0.97 -19.90
N SER C 442 -22.26 -0.49 -19.56
CA SER C 442 -22.13 0.42 -18.42
C SER C 442 -21.82 1.81 -18.95
N PRO C 443 -22.14 2.87 -18.16
CA PRO C 443 -21.72 4.25 -18.49
C PRO C 443 -20.18 4.47 -18.43
N GLN C 444 -19.39 3.42 -18.24
CA GLN C 444 -17.95 3.57 -18.26
C GLN C 444 -17.30 2.75 -19.39
N SER C 445 -16.05 3.07 -19.73
CA SER C 445 -15.22 2.22 -20.60
C SER C 445 -14.70 1.01 -19.80
N PRO C 446 -14.47 -0.16 -20.46
CA PRO C 446 -14.03 -1.35 -19.66
C PRO C 446 -12.86 -1.06 -18.73
N LYS C 447 -11.80 -0.47 -19.26
CA LYS C 447 -10.61 -0.19 -18.47
C LYS C 447 -10.82 0.71 -17.23
N ASP C 448 -11.77 1.64 -17.26
CA ASP C 448 -12.10 2.45 -16.06
C ASP C 448 -12.89 1.74 -14.94
N ILE C 449 -13.49 0.57 -15.22
CA ILE C 449 -14.29 -0.19 -14.23
C ILE C 449 -13.49 -0.76 -13.02
N ASP C 450 -13.84 -0.31 -11.81
CA ASP C 450 -13.29 -0.83 -10.56
C ASP C 450 -14.03 -2.12 -10.10
N VAL C 451 -13.28 -3.22 -10.05
CA VAL C 451 -13.82 -4.53 -9.72
C VAL C 451 -13.26 -5.00 -8.40
N SER C 452 -12.48 -4.15 -7.79
CA SER C 452 -12.03 -4.38 -6.43
C SER C 452 -13.24 -4.10 -5.53
N PRO C 453 -13.28 -4.77 -4.38
CA PRO C 453 -14.44 -4.69 -3.47
C PRO C 453 -14.60 -3.34 -2.76
N LYS C 454 -15.83 -2.84 -2.66
CA LYS C 454 -16.16 -1.75 -1.76
C LYS C 454 -15.80 -2.10 -0.29
N HIS C 455 -16.20 -3.28 0.19
CA HIS C 455 -15.87 -3.72 1.55
C HIS C 455 -15.50 -5.20 1.54
N VAL C 456 -14.52 -5.51 2.37
CA VAL C 456 -14.16 -6.89 2.66
C VAL C 456 -14.13 -7.11 4.17
N GLY C 457 -14.99 -7.97 4.62
CA GLY C 457 -14.93 -8.37 6.02
C GLY C 457 -15.44 -9.76 6.15
N PHE C 458 -16.64 -9.89 6.72
CA PHE C 458 -17.30 -11.14 6.78
C PHE C 458 -17.70 -11.59 5.40
N ALA C 459 -18.14 -10.63 4.57
CA ALA C 459 -18.46 -10.85 3.15
C ALA C 459 -17.69 -9.87 2.25
N THR C 460 -17.60 -10.18 0.98
CA THR C 460 -16.89 -9.33 0.00
C THR C 460 -17.99 -8.61 -0.78
N ILE C 461 -18.03 -7.28 -0.64
CA ILE C 461 -19.10 -6.47 -1.17
C ILE C 461 -18.62 -5.69 -2.36
N PRO C 462 -19.19 -5.95 -3.56
CA PRO C 462 -18.89 -5.15 -4.79
C PRO C 462 -19.28 -3.66 -4.70
N ARG C 463 -18.45 -2.82 -5.31
CA ARG C 463 -18.77 -1.37 -5.41
C ARG C 463 -20.13 -1.08 -6.06
N ASN C 464 -20.77 0.02 -5.65
CA ASN C 464 -21.95 0.59 -6.32
C ASN C 464 -21.69 0.87 -7.81
N TYR C 465 -22.63 0.49 -8.66
CA TYR C 465 -22.53 0.76 -10.08
C TYR C 465 -23.91 0.82 -10.77
N THR C 466 -23.97 1.45 -11.93
CA THR C 466 -25.15 1.35 -12.77
C THR C 466 -24.82 0.63 -14.06
N MET C 467 -25.88 0.15 -14.71
CA MET C 467 -25.81 -0.51 -15.97
C MET C 467 -27.16 -0.45 -16.71
N SER C 468 -27.13 -0.87 -17.96
CA SER C 468 -28.36 -1.06 -18.69
C SER C 468 -28.34 -2.36 -19.51
N PHE C 469 -29.52 -2.96 -19.60
CA PHE C 469 -29.70 -4.24 -20.29
C PHE C 469 -30.35 -3.96 -21.66
N LEU C 470 -29.61 -4.13 -22.74
CA LEU C 470 -30.12 -3.85 -24.12
C LEU C 470 -30.49 -5.15 -24.82
N PRO C 471 -31.66 -5.21 -25.50
CA PRO C 471 -32.04 -6.50 -26.15
C PRO C 471 -31.10 -7.04 -27.24
N ARG C 472 -31.23 -8.32 -27.54
CA ARG C 472 -30.37 -8.95 -28.56
C ARG C 472 -31.16 -9.25 -29.85
N LYS D 8 -76.47 -50.24 20.89
CA LYS D 8 -76.47 -51.54 21.64
C LYS D 8 -75.01 -51.99 21.95
N GLY D 9 -74.08 -51.76 21.02
CA GLY D 9 -72.65 -52.17 21.16
C GLY D 9 -72.31 -53.41 20.38
N LYS D 10 -72.75 -53.44 19.13
CA LYS D 10 -72.85 -54.67 18.36
C LYS D 10 -72.33 -54.37 16.95
N LEU D 11 -71.92 -55.39 16.21
CA LEU D 11 -71.46 -55.21 14.81
C LEU D 11 -72.64 -54.94 13.92
N PRO D 12 -72.42 -54.25 12.77
CA PRO D 12 -73.51 -54.00 11.80
C PRO D 12 -74.18 -55.29 11.34
N PRO D 13 -75.46 -55.25 11.10
CA PRO D 13 -76.20 -56.44 10.70
C PRO D 13 -75.80 -56.97 9.31
N GLY D 14 -75.94 -58.28 9.12
CA GLY D 14 -75.80 -58.92 7.83
C GLY D 14 -76.18 -60.39 7.84
N PRO D 15 -76.18 -61.01 6.65
CA PRO D 15 -76.61 -62.40 6.46
C PRO D 15 -75.77 -63.39 7.26
N THR D 16 -76.40 -64.43 7.77
CA THR D 16 -75.63 -65.39 8.57
C THR D 16 -74.60 -66.08 7.64
N PRO D 17 -73.32 -66.10 8.07
CA PRO D 17 -72.23 -66.84 7.45
C PRO D 17 -72.10 -68.32 7.86
N LEU D 18 -71.55 -69.08 6.94
CA LEU D 18 -71.18 -70.43 7.20
C LEU D 18 -69.69 -70.41 7.58
N PRO D 19 -69.24 -71.42 8.36
CA PRO D 19 -67.82 -71.52 8.67
C PRO D 19 -66.87 -71.60 7.43
N PHE D 20 -65.78 -70.86 7.52
CA PHE D 20 -64.78 -70.81 6.46
C PHE D 20 -65.27 -70.13 5.18
N ILE D 21 -66.36 -70.58 4.63
CA ILE D 21 -66.80 -70.05 3.34
C ILE D 21 -67.52 -68.67 3.51
N GLY D 22 -67.91 -68.33 4.74
CA GLY D 22 -68.55 -67.08 5.05
C GLY D 22 -69.85 -66.86 4.34
N ASN D 23 -69.89 -65.84 3.50
CA ASN D 23 -71.10 -65.51 2.78
C ASN D 23 -71.05 -65.76 1.25
N TYR D 24 -70.20 -66.70 0.84
CA TYR D 24 -70.13 -67.23 -0.56
C TYR D 24 -71.47 -67.56 -1.27
N LEU D 25 -72.39 -68.24 -0.58
CA LEU D 25 -73.84 -68.39 -1.07
C LEU D 25 -74.63 -67.12 -1.45
N GLN D 26 -74.25 -65.99 -0.88
CA GLN D 26 -74.96 -64.75 -1.12
C GLN D 26 -74.20 -63.88 -2.09
N LEU D 27 -73.01 -64.31 -2.44
CA LEU D 27 -72.11 -63.56 -3.29
C LEU D 27 -71.88 -64.20 -4.66
N ASN D 28 -71.83 -63.38 -5.69
CA ASN D 28 -71.56 -63.81 -7.04
C ASN D 28 -70.22 -63.21 -7.46
N THR D 29 -69.19 -64.04 -7.40
CA THR D 29 -67.83 -63.61 -7.72
C THR D 29 -67.71 -62.94 -9.12
N GLU D 30 -68.61 -63.27 -10.03
CA GLU D 30 -68.59 -62.69 -11.37
C GLU D 30 -69.04 -61.19 -11.41
N GLN D 31 -69.83 -60.81 -10.41
N GLN D 31 -69.79 -60.78 -10.40
CA GLN D 31 -70.36 -59.44 -10.24
CA GLN D 31 -70.16 -59.37 -10.26
C GLN D 31 -70.51 -59.15 -8.73
C GLN D 31 -70.47 -59.04 -8.81
N MET D 32 -69.37 -58.88 -8.07
CA MET D 32 -69.34 -58.67 -6.61
C MET D 32 -70.06 -57.40 -6.16
N TYR D 33 -69.94 -56.34 -6.96
CA TYR D 33 -70.48 -55.07 -6.61
C TYR D 33 -72.02 -55.14 -6.62
N ASN D 34 -72.58 -55.81 -7.62
CA ASN D 34 -73.97 -56.14 -7.63
C ASN D 34 -74.43 -56.93 -6.41
N SER D 35 -73.65 -57.92 -5.99
CA SER D 35 -73.96 -58.81 -4.86
C SER D 35 -74.08 -58.05 -3.57
N LEU D 36 -73.10 -57.18 -3.32
CA LEU D 36 -73.03 -56.37 -2.15
C LEU D 36 -74.13 -55.31 -2.18
N MET D 37 -74.47 -54.78 -3.35
CA MET D 37 -75.61 -53.87 -3.46
C MET D 37 -76.99 -54.55 -3.26
N LYS D 38 -77.13 -55.79 -3.67
CA LYS D 38 -78.32 -56.57 -3.42
C LYS D 38 -78.52 -56.89 -1.91
N ILE D 39 -77.42 -57.23 -1.24
CA ILE D 39 -77.41 -57.36 0.23
C ILE D 39 -77.80 -56.06 0.96
N SER D 40 -77.28 -54.93 0.47
CA SER D 40 -77.60 -53.57 0.94
C SER D 40 -79.10 -53.17 0.83
N GLU D 41 -79.77 -53.62 -0.21
CA GLU D 41 -81.16 -53.36 -0.37
C GLU D 41 -81.91 -54.00 0.77
N ARG D 42 -81.46 -55.16 1.16
CA ARG D 42 -81.91 -55.85 2.35
C ARG D 42 -81.52 -55.34 3.76
N TYR D 43 -80.28 -54.96 3.96
CA TYR D 43 -79.78 -54.63 5.28
C TYR D 43 -79.52 -53.19 5.55
N GLY D 44 -79.59 -52.39 4.53
CA GLY D 44 -79.22 -51.00 4.72
C GLY D 44 -77.79 -50.67 4.33
N PRO D 45 -77.42 -49.42 4.55
CA PRO D 45 -76.19 -48.92 3.91
C PRO D 45 -74.86 -49.27 4.62
N VAL D 46 -74.94 -49.77 5.84
CA VAL D 46 -73.81 -50.20 6.55
C VAL D 46 -74.12 -51.61 6.96
N PHE D 47 -73.30 -52.56 6.50
CA PHE D 47 -73.51 -53.99 6.82
C PHE D 47 -72.27 -54.85 7.03
N THR D 48 -72.41 -55.97 7.70
CA THR D 48 -71.32 -56.92 7.88
C THR D 48 -71.45 -58.04 6.85
N ILE D 49 -70.32 -58.34 6.20
CA ILE D 49 -70.21 -59.47 5.28
C ILE D 49 -68.96 -60.36 5.61
N HIS D 50 -68.99 -61.64 5.26
CA HIS D 50 -67.84 -62.51 5.45
C HIS D 50 -67.36 -63.01 4.08
N LEU D 51 -66.29 -62.39 3.61
CA LEU D 51 -65.61 -62.82 2.43
C LEU D 51 -64.64 -63.95 2.80
N GLY D 52 -65.14 -65.17 2.76
CA GLY D 52 -64.47 -66.28 3.37
C GLY D 52 -64.33 -66.01 4.86
N PRO D 53 -63.15 -66.36 5.43
CA PRO D 53 -62.80 -66.11 6.83
C PRO D 53 -62.80 -64.60 7.23
N ARG D 54 -62.81 -63.71 6.25
CA ARG D 54 -62.61 -62.28 6.46
C ARG D 54 -63.90 -61.52 6.81
N ARG D 55 -63.93 -61.01 8.04
CA ARG D 55 -64.99 -60.19 8.53
C ARG D 55 -64.77 -58.73 8.01
N VAL D 56 -65.76 -58.27 7.21
CA VAL D 56 -65.75 -56.99 6.52
C VAL D 56 -67.03 -56.19 6.79
N VAL D 57 -66.87 -54.92 7.15
CA VAL D 57 -67.97 -53.99 7.28
C VAL D 57 -68.01 -53.25 5.99
N VAL D 58 -69.17 -53.14 5.39
CA VAL D 58 -69.34 -52.55 4.09
C VAL D 58 -70.18 -51.27 4.16
N LEU D 59 -69.68 -50.21 3.54
CA LEU D 59 -70.31 -48.90 3.44
C LEU D 59 -70.84 -48.54 2.05
N CYS D 60 -72.15 -48.29 1.95
CA CYS D 60 -72.81 -47.86 0.69
C CYS D 60 -73.45 -46.48 0.69
N GLY D 61 -73.22 -45.77 -0.42
CA GLY D 61 -73.71 -44.40 -0.68
C GLY D 61 -72.85 -43.32 -0.01
N HIS D 62 -73.05 -42.10 -0.48
CA HIS D 62 -72.36 -40.91 0.00
C HIS D 62 -72.22 -40.72 1.47
N ASP D 63 -73.28 -40.96 2.21
CA ASP D 63 -73.30 -40.60 3.62
C ASP D 63 -72.44 -41.51 4.48
N ALA D 64 -72.68 -42.80 4.39
CA ALA D 64 -72.02 -43.78 5.18
C ALA D 64 -70.49 -43.69 4.95
N VAL D 65 -70.06 -43.56 3.69
CA VAL D 65 -68.67 -43.48 3.31
C VAL D 65 -67.97 -42.20 3.86
N LYS D 66 -68.61 -41.04 3.67
CA LYS D 66 -68.12 -39.72 4.17
C LYS D 66 -68.01 -39.72 5.70
N GLU D 67 -69.05 -40.20 6.35
CA GLU D 67 -69.06 -40.27 7.81
C GLU D 67 -67.94 -41.16 8.37
N ALA D 68 -67.54 -42.18 7.64
CA ALA D 68 -66.41 -43.01 8.09
C ALA D 68 -65.04 -42.43 7.68
N LEU D 69 -64.79 -42.28 6.39
CA LEU D 69 -63.53 -41.87 5.89
C LEU D 69 -63.16 -40.41 6.24
N VAL D 70 -64.12 -39.52 6.39
CA VAL D 70 -63.84 -38.13 6.75
C VAL D 70 -64.09 -37.76 8.22
N ASP D 71 -65.34 -37.91 8.67
CA ASP D 71 -65.77 -37.46 9.99
C ASP D 71 -65.14 -38.27 11.06
N GLN D 72 -64.70 -39.48 10.74
CA GLN D 72 -63.86 -40.25 11.66
C GLN D 72 -62.56 -40.77 10.99
N ALA D 73 -61.82 -39.86 10.38
CA ALA D 73 -60.74 -40.17 9.49
C ALA D 73 -59.63 -41.06 10.06
N GLU D 74 -59.18 -40.74 11.27
CA GLU D 74 -58.06 -41.42 11.89
C GLU D 74 -58.36 -42.90 12.26
N GLU D 75 -59.49 -43.15 12.91
CA GLU D 75 -60.01 -44.49 13.14
C GLU D 75 -60.08 -45.35 11.87
N PHE D 76 -60.55 -44.78 10.77
CA PHE D 76 -60.68 -45.50 9.54
C PHE D 76 -59.48 -45.48 8.56
N SER D 77 -58.34 -45.02 9.05
CA SER D 77 -57.19 -44.75 8.19
C SER D 77 -56.39 -46.00 7.86
N GLY D 78 -56.65 -47.10 8.52
CA GLY D 78 -55.95 -48.33 8.25
C GLY D 78 -56.17 -48.96 6.90
N ARG D 79 -55.29 -49.85 6.54
CA ARG D 79 -55.34 -50.56 5.29
C ARG D 79 -55.77 -51.97 5.54
N GLY D 80 -56.80 -52.37 4.84
CA GLY D 80 -57.23 -53.76 4.77
C GLY D 80 -56.38 -54.55 3.75
N GLU D 81 -56.72 -55.80 3.47
CA GLU D 81 -55.96 -56.60 2.53
C GLU D 81 -56.58 -56.68 1.10
N GLN D 82 -55.74 -56.80 0.08
CA GLN D 82 -56.20 -57.13 -1.26
C GLN D 82 -55.33 -58.32 -1.67
N ALA D 83 -55.86 -59.53 -1.53
CA ALA D 83 -55.10 -60.79 -1.45
C ALA D 83 -54.13 -61.00 -2.60
N THR D 84 -54.52 -60.59 -3.81
CA THR D 84 -53.69 -60.76 -4.97
C THR D 84 -52.36 -60.01 -4.87
N PHE D 85 -52.45 -58.74 -4.51
CA PHE D 85 -51.28 -57.89 -4.39
C PHE D 85 -50.47 -58.25 -3.18
N ASP D 86 -51.14 -58.59 -2.09
CA ASP D 86 -50.48 -58.92 -0.82
C ASP D 86 -49.66 -60.18 -0.88
N TRP D 87 -49.85 -60.94 -1.95
CA TRP D 87 -48.97 -62.03 -2.34
C TRP D 87 -47.52 -61.50 -2.58
N LEU D 88 -47.41 -60.44 -3.36
CA LEU D 88 -46.15 -59.78 -3.62
C LEU D 88 -45.72 -58.75 -2.54
N PHE D 89 -46.61 -57.94 -1.97
CA PHE D 89 -46.18 -56.81 -1.12
C PHE D 89 -45.93 -57.16 0.31
N LYS D 90 -46.72 -58.08 0.88
CA LYS D 90 -46.54 -58.61 2.25
C LYS D 90 -46.35 -57.54 3.34
N GLY D 91 -47.09 -56.45 3.21
CA GLY D 91 -47.09 -55.43 4.25
C GLY D 91 -46.11 -54.29 3.99
N TYR D 92 -45.32 -54.38 2.90
CA TYR D 92 -44.28 -53.39 2.52
C TYR D 92 -44.72 -52.48 1.38
N GLY D 93 -44.17 -51.28 1.35
CA GLY D 93 -44.51 -50.29 0.31
C GLY D 93 -45.64 -49.40 0.82
N VAL D 94 -46.00 -48.37 0.11
CA VAL D 94 -46.83 -47.34 0.64
C VAL D 94 -48.31 -47.70 0.59
N ALA D 95 -48.75 -48.29 -0.53
CA ALA D 95 -50.13 -48.68 -0.75
C ALA D 95 -50.69 -49.74 0.21
N PHE D 96 -49.90 -50.74 0.56
CA PHE D 96 -50.41 -51.91 1.32
C PHE D 96 -49.77 -52.09 2.72
N SER D 97 -49.17 -51.02 3.22
CA SER D 97 -48.63 -50.96 4.57
C SER D 97 -49.59 -50.36 5.61
N ASN D 98 -49.23 -50.48 6.88
CA ASN D 98 -50.00 -49.91 7.99
C ASN D 98 -49.13 -49.12 8.98
N GLY D 99 -49.75 -48.28 9.85
CA GLY D 99 -49.06 -47.59 10.93
C GLY D 99 -47.91 -46.67 10.54
N GLU D 100 -46.82 -46.71 11.33
CA GLU D 100 -45.69 -45.76 11.16
C GLU D 100 -44.91 -45.99 9.85
N ARG D 101 -45.05 -47.17 9.25
CA ARG D 101 -44.48 -47.49 7.93
C ARG D 101 -45.27 -46.81 6.84
N ALA D 102 -46.59 -46.84 6.95
CA ALA D 102 -47.46 -46.24 5.95
C ALA D 102 -47.32 -44.75 6.01
N LYS D 103 -47.47 -44.18 7.22
CA LYS D 103 -47.34 -42.73 7.49
C LYS D 103 -46.03 -42.16 6.91
N GLN D 104 -44.96 -42.85 7.25
CA GLN D 104 -43.65 -42.46 6.81
C GLN D 104 -43.43 -42.57 5.29
N LEU D 105 -43.92 -43.65 4.67
CA LEU D 105 -43.74 -43.85 3.29
C LEU D 105 -44.54 -42.94 2.43
N ARG D 106 -45.69 -42.49 2.94
CA ARG D 106 -46.54 -41.57 2.25
C ARG D 106 -46.05 -40.12 2.35
N ARG D 107 -45.58 -39.74 3.54
CA ARG D 107 -45.14 -38.40 3.77
C ARG D 107 -43.92 -38.22 2.88
N PHE D 108 -43.04 -39.25 2.85
CA PHE D 108 -41.91 -39.23 1.97
C PHE D 108 -42.27 -39.13 0.47
N SER D 109 -43.17 -40.01 0.03
CA SER D 109 -43.63 -40.07 -1.37
C SER D 109 -44.33 -38.85 -1.92
N ILE D 110 -45.25 -38.27 -1.14
CA ILE D 110 -45.95 -37.06 -1.53
C ILE D 110 -44.91 -35.96 -1.66
N ALA D 111 -44.06 -35.83 -0.67
CA ALA D 111 -43.03 -34.79 -0.70
C ALA D 111 -42.04 -34.99 -1.87
N THR D 112 -41.53 -36.21 -2.02
CA THR D 112 -40.59 -36.51 -3.11
C THR D 112 -41.18 -36.30 -4.50
N LEU D 113 -42.40 -36.78 -4.69
CA LEU D 113 -43.16 -36.56 -5.91
C LEU D 113 -43.46 -35.09 -6.27
N ARG D 114 -43.90 -34.29 -5.29
CA ARG D 114 -44.04 -32.83 -5.45
C ARG D 114 -42.73 -32.16 -5.82
N GLY D 115 -41.63 -32.72 -5.32
CA GLY D 115 -40.29 -32.22 -5.58
C GLY D 115 -39.87 -32.41 -7.02
N PHE D 116 -40.28 -33.52 -7.64
CA PHE D 116 -40.03 -33.79 -9.07
C PHE D 116 -41.08 -33.15 -9.95
N GLY D 117 -41.95 -32.36 -9.31
CA GLY D 117 -42.94 -31.53 -10.01
C GLY D 117 -44.30 -32.14 -10.22
N VAL D 118 -44.51 -33.33 -9.64
CA VAL D 118 -45.76 -34.06 -9.80
C VAL D 118 -46.90 -33.31 -9.06
N GLY D 119 -47.98 -32.98 -9.77
CA GLY D 119 -49.06 -32.14 -9.23
C GLY D 119 -48.66 -30.67 -9.05
N LYS D 120 -47.75 -30.17 -9.89
CA LYS D 120 -47.33 -28.76 -9.91
C LYS D 120 -47.18 -28.43 -11.42
N ARG D 121 -46.76 -27.20 -11.74
CA ARG D 121 -46.45 -26.80 -13.13
C ARG D 121 -45.24 -27.58 -13.71
N GLY D 122 -44.44 -28.18 -12.83
CA GLY D 122 -43.20 -28.84 -13.20
C GLY D 122 -43.23 -30.06 -14.12
N ILE D 123 -44.24 -30.91 -13.94
CA ILE D 123 -44.39 -32.15 -14.71
C ILE D 123 -45.12 -31.87 -16.03
N GLU D 124 -45.59 -30.64 -16.16
CA GLU D 124 -46.37 -30.24 -17.31
C GLU D 124 -45.66 -30.41 -18.67
N GLU D 125 -44.39 -30.02 -18.79
CA GLU D 125 -43.68 -30.17 -20.09
C GLU D 125 -43.55 -31.64 -20.52
N ARG D 126 -43.30 -32.51 -19.54
CA ARG D 126 -43.16 -33.94 -19.73
C ARG D 126 -44.44 -34.57 -20.32
N ILE D 127 -45.62 -34.18 -19.82
CA ILE D 127 -46.88 -34.70 -20.30
C ILE D 127 -47.13 -34.21 -21.72
N GLN D 128 -46.91 -32.92 -21.96
CA GLN D 128 -47.07 -32.31 -23.30
C GLN D 128 -46.17 -32.95 -24.36
N GLU D 129 -44.91 -33.22 -23.97
CA GLU D 129 -43.91 -33.88 -24.81
C GLU D 129 -44.35 -35.28 -25.19
N GLU D 130 -44.94 -35.99 -24.22
CA GLU D 130 -45.38 -37.36 -24.47
C GLU D 130 -46.68 -37.43 -25.28
N ALA D 131 -47.57 -36.47 -25.03
CA ALA D 131 -48.74 -36.24 -25.83
C ALA D 131 -48.32 -36.20 -27.29
N GLY D 132 -47.30 -35.37 -27.55
CA GLY D 132 -46.65 -35.25 -28.85
C GLY D 132 -46.24 -36.57 -29.48
N PHE D 133 -45.54 -37.39 -28.73
CA PHE D 133 -45.13 -38.71 -29.23
C PHE D 133 -46.26 -39.71 -29.39
N LEU D 134 -47.43 -39.42 -28.85
CA LEU D 134 -48.59 -40.29 -29.08
C LEU D 134 -49.30 -39.86 -30.34
N ILE D 135 -49.42 -38.55 -30.51
CA ILE D 135 -49.93 -37.98 -31.79
C ILE D 135 -49.15 -38.51 -33.02
N ASP D 136 -47.81 -38.50 -32.96
CA ASP D 136 -46.95 -38.92 -34.07
C ASP D 136 -47.20 -40.40 -34.37
N ALA D 137 -47.27 -41.19 -33.30
CA ALA D 137 -47.44 -42.62 -33.39
C ALA D 137 -48.85 -43.06 -33.82
N LEU D 138 -49.84 -42.20 -33.55
CA LEU D 138 -51.20 -42.46 -33.99
C LEU D 138 -51.39 -42.18 -35.45
N ARG D 139 -50.89 -41.03 -35.94
CA ARG D 139 -50.65 -40.80 -37.38
C ARG D 139 -49.93 -41.99 -38.05
N GLY D 140 -48.98 -42.62 -37.38
CA GLY D 140 -48.27 -43.77 -37.95
C GLY D 140 -49.10 -45.05 -38.10
N THR D 141 -50.39 -44.96 -37.80
CA THR D 141 -51.36 -46.02 -38.06
C THR D 141 -52.12 -45.77 -39.38
N HIS D 142 -51.89 -44.55 -39.88
CA HIS D 142 -52.40 -44.03 -41.15
C HIS D 142 -53.92 -43.87 -41.24
N GLY D 143 -54.67 -44.48 -40.30
CA GLY D 143 -56.15 -44.41 -40.29
C GLY D 143 -56.83 -45.78 -40.23
N ALA D 144 -56.04 -46.83 -40.01
CA ALA D 144 -56.55 -48.20 -39.93
C ALA D 144 -57.39 -48.50 -38.68
N ASN D 145 -57.87 -49.73 -38.57
CA ASN D 145 -58.50 -50.14 -37.35
C ASN D 145 -57.55 -50.78 -36.34
N ILE D 146 -57.29 -50.02 -35.28
CA ILE D 146 -56.41 -50.48 -34.22
C ILE D 146 -57.07 -50.67 -32.85
N ASP D 147 -56.48 -51.61 -32.13
CA ASP D 147 -56.67 -51.80 -30.74
C ASP D 147 -55.82 -50.76 -30.01
N PRO D 148 -56.46 -49.73 -29.42
CA PRO D 148 -55.76 -48.60 -28.85
C PRO D 148 -54.99 -48.87 -27.53
N THR D 149 -55.20 -50.05 -26.94
CA THR D 149 -54.70 -50.37 -25.57
C THR D 149 -53.24 -50.00 -25.37
N PHE D 150 -52.36 -50.69 -26.06
CA PHE D 150 -50.98 -50.53 -25.80
C PHE D 150 -50.38 -49.21 -26.27
N PHE D 151 -51.13 -48.46 -27.11
CA PHE D 151 -50.77 -47.11 -27.50
C PHE D 151 -50.90 -46.15 -26.37
N LEU D 152 -52.11 -46.11 -25.81
CA LEU D 152 -52.40 -45.35 -24.63
C LEU D 152 -51.48 -45.68 -23.45
N SER D 153 -51.24 -46.98 -23.25
CA SER D 153 -50.49 -47.43 -22.11
C SER D 153 -49.00 -47.07 -22.17
N ARG D 154 -48.36 -47.22 -23.33
CA ARG D 154 -46.96 -46.84 -23.50
C ARG D 154 -46.78 -45.39 -23.08
N THR D 155 -47.71 -44.57 -23.52
CA THR D 155 -47.61 -43.14 -23.40
C THR D 155 -47.75 -42.73 -21.96
N VAL D 156 -48.71 -43.32 -21.27
CA VAL D 156 -49.06 -42.98 -19.90
C VAL D 156 -47.96 -43.50 -19.03
N SER D 157 -47.59 -44.75 -19.27
CA SER D 157 -46.56 -45.36 -18.47
C SER D 157 -45.27 -44.59 -18.55
N ASN D 158 -45.01 -43.94 -19.69
CA ASN D 158 -43.82 -43.07 -19.85
C ASN D 158 -43.74 -41.80 -19.01
N VAL D 159 -44.88 -41.26 -18.60
CA VAL D 159 -44.91 -40.09 -17.75
C VAL D 159 -44.42 -40.41 -16.38
N ILE D 160 -44.97 -41.46 -15.80
CA ILE D 160 -44.60 -41.88 -14.48
C ILE D 160 -43.29 -42.65 -14.53
N SER D 161 -42.89 -43.15 -15.67
CA SER D 161 -41.53 -43.72 -15.68
C SER D 161 -40.39 -42.68 -15.72
N SER D 162 -40.60 -41.52 -16.35
CA SER D 162 -39.64 -40.40 -16.28
C SER D 162 -39.37 -39.93 -14.82
N ILE D 163 -40.47 -39.89 -14.05
CA ILE D 163 -40.48 -39.56 -12.63
C ILE D 163 -39.73 -40.57 -11.76
N VAL D 164 -40.01 -41.87 -11.95
CA VAL D 164 -39.43 -42.90 -11.06
C VAL D 164 -38.15 -43.55 -11.57
N PHE D 165 -38.02 -43.75 -12.89
CA PHE D 165 -36.78 -44.33 -13.48
C PHE D 165 -35.75 -43.30 -13.97
N GLY D 166 -36.15 -42.06 -14.06
CA GLY D 166 -35.22 -41.04 -14.54
C GLY D 166 -35.42 -40.70 -16.00
N ASP D 167 -35.86 -41.67 -16.79
CA ASP D 167 -36.15 -41.45 -18.24
C ASP D 167 -37.26 -42.36 -18.85
N ARG D 168 -37.84 -41.88 -19.95
CA ARG D 168 -38.81 -42.64 -20.72
C ARG D 168 -38.28 -43.97 -21.33
N PHE D 169 -39.20 -44.79 -21.80
CA PHE D 169 -38.88 -46.00 -22.53
C PHE D 169 -39.04 -45.66 -23.99
N ASP D 170 -38.37 -46.39 -24.86
CA ASP D 170 -38.65 -46.22 -26.28
C ASP D 170 -39.90 -47.05 -26.57
N TYR D 171 -40.77 -46.54 -27.42
CA TYR D 171 -41.99 -47.24 -27.83
C TYR D 171 -41.80 -48.64 -28.44
N GLU D 172 -40.57 -48.94 -28.90
CA GLU D 172 -40.23 -50.21 -29.56
C GLU D 172 -39.51 -51.23 -28.68
N ASP D 173 -39.11 -50.80 -27.50
CA ASP D 173 -38.56 -51.70 -26.50
C ASP D 173 -39.49 -52.92 -26.32
N LYS D 174 -38.93 -54.12 -26.54
CA LYS D 174 -39.63 -55.38 -26.30
C LYS D 174 -40.00 -55.57 -24.83
N GLU D 175 -39.02 -55.34 -23.95
CA GLU D 175 -39.16 -55.47 -22.49
C GLU D 175 -40.21 -54.52 -21.83
N PHE D 176 -40.28 -53.27 -22.29
CA PHE D 176 -41.35 -52.32 -21.95
C PHE D 176 -42.72 -52.90 -22.23
N LEU D 177 -42.87 -53.41 -23.45
CA LEU D 177 -44.14 -53.95 -23.88
C LEU D 177 -44.45 -55.14 -23.02
N SER D 178 -43.46 -55.98 -22.83
CA SER D 178 -43.58 -57.10 -21.91
C SER D 178 -44.12 -56.66 -20.54
N LEU D 179 -43.57 -55.58 -19.97
CA LEU D 179 -44.01 -55.03 -18.69
C LEU D 179 -45.45 -54.54 -18.72
N LEU D 180 -45.82 -53.91 -19.84
CA LEU D 180 -47.16 -53.42 -20.02
C LEU D 180 -48.14 -54.55 -20.11
N ARG D 181 -47.69 -55.71 -20.59
CA ARG D 181 -48.57 -56.89 -20.62
C ARG D 181 -48.71 -57.51 -19.25
N MET D 182 -47.64 -57.50 -18.47
CA MET D 182 -47.63 -58.08 -17.14
C MET D 182 -48.59 -57.33 -16.23
N MET D 183 -48.63 -56.00 -16.38
CA MET D 183 -49.48 -55.17 -15.56
C MET D 183 -50.94 -55.38 -15.94
N LEU D 184 -51.24 -55.20 -17.21
CA LEU D 184 -52.59 -55.24 -17.69
C LEU D 184 -53.26 -56.55 -17.31
N GLY D 185 -52.49 -57.63 -17.27
CA GLY D 185 -53.01 -58.95 -17.01
C GLY D 185 -53.25 -59.26 -15.56
N SER D 186 -52.50 -58.56 -14.71
CA SER D 186 -52.53 -58.68 -13.25
C SER D 186 -53.71 -57.92 -12.69
N PHE D 187 -53.74 -56.64 -13.04
CA PHE D 187 -54.83 -55.75 -12.77
C PHE D 187 -56.15 -56.36 -13.22
N GLN D 188 -56.16 -56.94 -14.41
CA GLN D 188 -57.34 -57.50 -15.02
C GLN D 188 -57.80 -58.76 -14.29
N PHE D 189 -56.84 -59.60 -13.88
CA PHE D 189 -57.13 -60.79 -13.05
C PHE D 189 -58.03 -60.49 -11.84
N THR D 190 -57.78 -59.39 -11.16
CA THR D 190 -58.45 -59.02 -9.92
C THR D 190 -59.95 -58.64 -10.12
N ALA D 191 -60.28 -58.27 -11.36
CA ALA D 191 -61.60 -57.91 -11.81
C ALA D 191 -62.42 -59.13 -12.22
N THR D 192 -61.79 -60.25 -12.45
CA THR D 192 -62.48 -61.49 -12.87
C THR D 192 -63.10 -62.26 -11.68
N SER D 193 -64.05 -63.15 -12.00
CA SER D 193 -64.67 -63.99 -10.98
C SER D 193 -63.59 -64.73 -10.23
N THR D 194 -62.61 -65.35 -10.92
CA THR D 194 -61.51 -66.10 -10.28
C THR D 194 -60.66 -65.27 -9.29
N GLY D 195 -60.27 -64.08 -9.74
CA GLY D 195 -59.71 -63.08 -8.85
C GLY D 195 -60.59 -62.73 -7.64
N GLN D 196 -61.89 -62.78 -7.77
CA GLN D 196 -62.70 -62.52 -6.61
C GLN D 196 -62.84 -63.78 -5.71
N LEU D 197 -62.81 -64.95 -6.31
CA LEU D 197 -62.82 -66.14 -5.52
C LEU D 197 -61.53 -66.14 -4.63
N TYR D 198 -60.43 -65.68 -5.22
CA TYR D 198 -59.15 -65.55 -4.59
C TYR D 198 -59.13 -64.59 -3.39
N GLU D 199 -59.92 -63.53 -3.44
CA GLU D 199 -60.05 -62.68 -2.22
C GLU D 199 -60.63 -63.40 -1.08
N MET D 200 -61.44 -64.41 -1.34
CA MET D 200 -62.08 -65.10 -0.24
C MET D 200 -61.23 -66.27 0.25
N PHE D 201 -60.46 -66.86 -0.68
CA PHE D 201 -59.92 -68.19 -0.46
C PHE D 201 -58.43 -68.37 -0.78
N SER D 202 -57.66 -67.29 -0.64
CA SER D 202 -56.28 -67.26 -1.10
C SER D 202 -55.38 -68.23 -0.32
N SER D 203 -55.63 -68.43 0.95
CA SER D 203 -54.76 -69.28 1.70
C SER D 203 -54.86 -70.77 1.27
N VAL D 204 -55.88 -71.14 0.48
CA VAL D 204 -55.92 -72.38 -0.33
C VAL D 204 -55.46 -72.16 -1.81
N MET D 205 -56.10 -71.22 -2.49
CA MET D 205 -55.88 -71.02 -3.91
C MET D 205 -54.46 -70.64 -4.37
N LYS D 206 -53.63 -70.14 -3.45
CA LYS D 206 -52.27 -69.80 -3.78
C LYS D 206 -51.38 -71.08 -4.09
N HIS D 207 -51.90 -72.25 -3.74
CA HIS D 207 -51.24 -73.54 -3.85
C HIS D 207 -51.94 -74.40 -4.90
N LEU D 208 -52.89 -73.79 -5.54
CA LEU D 208 -53.67 -74.48 -6.54
C LEU D 208 -53.25 -73.95 -7.91
N PRO D 209 -53.38 -74.79 -8.95
CA PRO D 209 -53.18 -74.24 -10.28
C PRO D 209 -54.41 -73.45 -10.84
N GLY D 210 -54.14 -72.53 -11.74
CA GLY D 210 -55.15 -71.66 -12.38
C GLY D 210 -54.66 -70.25 -12.65
N PRO D 211 -55.59 -69.34 -12.98
CA PRO D 211 -55.17 -68.01 -13.48
C PRO D 211 -54.39 -67.11 -12.49
N GLN D 212 -54.62 -67.31 -11.19
CA GLN D 212 -53.90 -66.65 -10.12
C GLN D 212 -52.39 -66.91 -10.18
N GLN D 213 -51.99 -68.09 -10.66
CA GLN D 213 -50.59 -68.43 -10.84
C GLN D 213 -49.89 -67.55 -11.91
N GLN D 214 -50.52 -67.34 -13.06
CA GLN D 214 -50.08 -66.29 -13.99
C GLN D 214 -49.89 -64.90 -13.34
N ALA D 215 -50.88 -64.53 -12.52
CA ALA D 215 -50.91 -63.26 -11.88
C ALA D 215 -49.70 -63.18 -10.93
N PHE D 216 -49.42 -64.24 -10.20
CA PHE D 216 -48.17 -64.30 -9.43
C PHE D 216 -46.88 -64.14 -10.28
N LYS D 217 -46.77 -64.85 -11.40
CA LYS D 217 -45.57 -64.83 -12.21
C LYS D 217 -45.36 -63.43 -12.73
N GLU D 218 -46.45 -62.88 -13.30
CA GLU D 218 -46.56 -61.53 -13.76
C GLU D 218 -46.10 -60.48 -12.75
N LEU D 219 -46.48 -60.62 -11.48
CA LEU D 219 -46.12 -59.60 -10.49
C LEU D 219 -44.66 -59.77 -10.11
N GLN D 220 -44.24 -61.03 -9.89
CA GLN D 220 -42.84 -61.38 -9.62
C GLN D 220 -41.91 -60.78 -10.71
N GLY D 221 -42.30 -60.89 -11.97
CA GLY D 221 -41.57 -60.29 -13.09
C GLY D 221 -41.63 -58.79 -13.10
N LEU D 222 -42.70 -58.21 -12.53
CA LEU D 222 -42.69 -56.79 -12.23
C LEU D 222 -41.78 -56.43 -11.05
N GLU D 223 -41.74 -57.24 -9.98
CA GLU D 223 -40.79 -57.00 -8.86
C GLU D 223 -39.30 -57.09 -9.27
N ASP D 224 -38.97 -58.04 -10.14
CA ASP D 224 -37.60 -58.35 -10.55
C ASP D 224 -37.07 -57.22 -11.39
N PHE D 225 -37.86 -56.79 -12.35
CA PHE D 225 -37.52 -55.62 -13.07
C PHE D 225 -37.31 -54.37 -12.20
N ILE D 226 -38.19 -54.09 -11.23
CA ILE D 226 -37.94 -52.95 -10.33
C ILE D 226 -36.60 -53.06 -9.57
N ALA D 227 -36.35 -54.23 -8.94
CA ALA D 227 -35.10 -54.57 -8.23
C ALA D 227 -33.85 -54.39 -9.09
N LYS D 228 -33.97 -54.77 -10.36
CA LYS D 228 -32.89 -54.69 -11.33
C LYS D 228 -32.57 -53.23 -11.65
N LYS D 229 -33.60 -52.38 -11.80
CA LYS D 229 -33.36 -50.95 -11.97
C LYS D 229 -32.76 -50.29 -10.74
N VAL D 230 -33.12 -50.77 -9.54
CA VAL D 230 -32.67 -50.14 -8.29
C VAL D 230 -31.21 -50.41 -8.04
N GLU D 231 -30.82 -51.69 -8.12
CA GLU D 231 -29.40 -52.11 -8.18
C GLU D 231 -28.60 -51.19 -9.12
N HIS D 232 -29.04 -51.09 -10.36
CA HIS D 232 -28.41 -50.24 -11.33
C HIS D 232 -28.19 -48.80 -10.85
N ASN D 233 -29.21 -48.18 -10.27
CA ASN D 233 -29.11 -46.83 -9.73
C ASN D 233 -28.14 -46.69 -8.53
N GLN D 234 -28.00 -47.75 -7.74
CA GLN D 234 -27.18 -47.72 -6.55
C GLN D 234 -25.68 -47.48 -6.84
N ARG D 235 -25.20 -48.02 -7.95
CA ARG D 235 -23.79 -47.96 -8.29
C ARG D 235 -23.44 -46.74 -9.15
N THR D 236 -24.48 -45.97 -9.55
CA THR D 236 -24.27 -44.72 -10.30
C THR D 236 -24.68 -43.47 -9.50
N LEU D 237 -24.87 -43.66 -8.19
CA LEU D 237 -25.52 -42.68 -7.34
C LEU D 237 -24.65 -41.51 -6.88
N ASP D 238 -25.05 -40.29 -7.24
CA ASP D 238 -24.50 -39.07 -6.63
C ASP D 238 -25.53 -38.31 -5.78
N PRO D 239 -25.28 -38.21 -4.45
CA PRO D 239 -26.24 -37.64 -3.52
C PRO D 239 -26.47 -36.16 -3.75
N ASN D 240 -25.55 -35.47 -4.43
CA ASN D 240 -25.77 -34.07 -4.82
C ASN D 240 -26.59 -33.90 -6.09
N SER D 241 -26.93 -35.02 -6.72
CA SER D 241 -27.56 -35.06 -8.02
C SER D 241 -28.62 -36.23 -8.17
N PRO D 242 -29.90 -36.03 -7.76
CA PRO D 242 -30.86 -37.14 -7.95
C PRO D 242 -31.61 -37.12 -9.30
N ARG D 243 -31.56 -38.23 -10.03
CA ARG D 243 -32.22 -38.32 -11.35
C ARG D 243 -33.70 -38.67 -11.21
N ASP D 244 -34.09 -39.24 -10.08
CA ASP D 244 -35.39 -39.87 -9.98
C ASP D 244 -35.78 -40.26 -8.55
N PHE D 245 -36.96 -40.87 -8.43
CA PHE D 245 -37.54 -41.26 -7.16
C PHE D 245 -36.68 -42.31 -6.45
N ILE D 246 -36.05 -43.16 -7.25
CA ILE D 246 -35.22 -44.22 -6.66
C ILE D 246 -34.02 -43.63 -5.98
N ASP D 247 -33.41 -42.62 -6.62
CA ASP D 247 -32.25 -41.93 -6.01
C ASP D 247 -32.63 -41.32 -4.66
N SER D 248 -33.72 -40.53 -4.67
CA SER D 248 -34.21 -39.77 -3.57
C SER D 248 -34.39 -40.65 -2.37
N PHE D 249 -35.02 -41.82 -2.59
CA PHE D 249 -35.21 -42.84 -1.57
C PHE D 249 -33.90 -43.39 -1.03
N LEU D 250 -32.97 -43.76 -1.92
CA LEU D 250 -31.67 -44.26 -1.53
C LEU D 250 -30.86 -43.22 -0.73
N ILE D 251 -30.91 -41.96 -1.14
CA ILE D 251 -30.29 -40.87 -0.41
C ILE D 251 -30.81 -40.93 1.01
N ARG D 252 -32.15 -40.98 1.14
CA ARG D 252 -32.82 -41.08 2.42
C ARG D 252 -32.38 -42.30 3.20
N MET D 253 -32.17 -43.41 2.52
CA MET D 253 -31.57 -44.58 3.15
C MET D 253 -30.17 -44.38 3.74
N GLN D 254 -29.33 -43.53 3.10
CA GLN D 254 -28.00 -43.20 3.67
C GLN D 254 -28.15 -42.40 4.97
N GLU D 255 -28.89 -41.31 4.91
CA GLU D 255 -29.25 -40.55 6.10
C GLU D 255 -29.82 -41.42 7.22
N GLU D 256 -30.31 -42.61 6.90
CA GLU D 256 -31.05 -43.42 7.88
C GLU D 256 -30.41 -44.77 8.31
N GLU D 257 -29.22 -45.09 7.77
CA GLU D 257 -28.41 -46.28 8.19
C GLU D 257 -28.03 -46.31 9.70
N LYS D 258 -27.74 -45.14 10.27
CA LYS D 258 -27.41 -45.04 11.70
C LYS D 258 -28.66 -44.78 12.60
N ASN D 259 -29.82 -45.21 12.09
CA ASN D 259 -31.06 -45.41 12.85
C ASN D 259 -31.64 -46.81 12.52
N PRO D 260 -31.72 -47.72 13.52
CA PRO D 260 -32.06 -49.13 13.19
C PRO D 260 -33.56 -49.42 13.03
N ASN D 261 -34.41 -48.50 13.47
CA ASN D 261 -35.84 -48.73 13.42
C ASN D 261 -36.58 -47.85 12.42
N THR D 262 -35.95 -47.65 11.28
CA THR D 262 -36.47 -46.81 10.24
C THR D 262 -37.26 -47.62 9.23
N GLU D 263 -38.07 -46.94 8.45
CA GLU D 263 -38.75 -47.59 7.32
C GLU D 263 -38.06 -47.42 5.96
N PHE D 264 -36.90 -46.77 5.94
CA PHE D 264 -36.22 -46.55 4.70
C PHE D 264 -35.12 -47.59 4.46
N TYR D 265 -35.53 -48.69 3.84
CA TYR D 265 -34.62 -49.74 3.42
C TYR D 265 -35.14 -50.40 2.14
N LEU D 266 -34.35 -51.29 1.56
CA LEU D 266 -34.50 -51.72 0.17
C LEU D 266 -35.95 -52.23 -0.14
N LYS D 267 -36.45 -53.11 0.70
CA LYS D 267 -37.74 -53.68 0.43
C LYS D 267 -38.81 -52.59 0.26
N ASN D 268 -38.90 -51.65 1.21
CA ASN D 268 -39.87 -50.55 1.07
C ASN D 268 -39.69 -49.71 -0.21
N LEU D 269 -38.46 -49.58 -0.73
CA LEU D 269 -38.24 -48.82 -1.95
C LEU D 269 -38.74 -49.55 -3.22
N VAL D 270 -38.39 -50.83 -3.31
CA VAL D 270 -38.77 -51.70 -4.40
C VAL D 270 -40.28 -51.82 -4.45
N MET D 271 -40.93 -51.77 -3.29
CA MET D 271 -42.38 -51.90 -3.30
C MET D 271 -43.13 -50.62 -3.66
N THR D 272 -42.70 -49.50 -3.09
CA THR D 272 -43.31 -48.21 -3.30
C THR D 272 -43.19 -47.83 -4.76
N THR D 273 -41.99 -48.01 -5.31
CA THR D 273 -41.73 -47.70 -6.70
C THR D 273 -42.68 -48.53 -7.56
N LEU D 274 -42.78 -49.81 -7.22
CA LEU D 274 -43.76 -50.64 -7.88
C LEU D 274 -45.23 -50.16 -7.77
N ASN D 275 -45.68 -49.79 -6.57
CA ASN D 275 -46.98 -49.06 -6.37
C ASN D 275 -47.13 -47.86 -7.29
N LEU D 276 -46.08 -47.07 -7.41
CA LEU D 276 -46.16 -45.89 -8.25
C LEU D 276 -46.16 -46.27 -9.71
N PHE D 277 -45.35 -47.27 -10.08
CA PHE D 277 -45.18 -47.60 -11.49
C PHE D 277 -46.41 -48.33 -12.01
N PHE D 278 -47.01 -49.22 -11.21
CA PHE D 278 -48.20 -49.98 -11.64
C PHE D 278 -49.39 -48.99 -11.71
N ALA D 279 -49.64 -48.28 -10.62
CA ALA D 279 -50.80 -47.40 -10.53
C ALA D 279 -50.68 -46.25 -11.49
N GLY D 280 -49.48 -45.71 -11.64
CA GLY D 280 -49.21 -44.62 -12.57
C GLY D 280 -49.38 -45.02 -14.03
N THR D 281 -49.63 -46.28 -14.30
CA THR D 281 -49.80 -46.75 -15.66
C THR D 281 -51.23 -47.17 -15.92
N GLU D 282 -51.76 -47.97 -15.02
CA GLU D 282 -52.90 -48.78 -15.29
C GLU D 282 -54.20 -48.00 -15.23
N THR D 283 -54.31 -47.14 -14.25
CA THR D 283 -55.55 -46.50 -13.98
C THR D 283 -55.93 -45.40 -15.01
N VAL D 284 -55.00 -44.48 -15.28
CA VAL D 284 -55.19 -43.41 -16.28
C VAL D 284 -55.38 -44.04 -17.67
N SER D 285 -54.58 -45.06 -17.92
CA SER D 285 -54.70 -45.83 -19.14
C SER D 285 -56.07 -46.52 -19.41
N THR D 286 -56.59 -47.27 -18.43
CA THR D 286 -57.93 -47.85 -18.51
C THR D 286 -59.00 -46.79 -18.62
N THR D 287 -58.80 -45.64 -17.98
CA THR D 287 -59.76 -44.53 -18.09
C THR D 287 -59.85 -43.84 -19.47
N LEU D 288 -58.71 -43.68 -20.14
CA LEU D 288 -58.71 -43.16 -21.48
C LEU D 288 -59.37 -44.20 -22.41
N ARG D 289 -59.05 -45.47 -22.17
CA ARG D 289 -59.57 -46.53 -23.02
C ARG D 289 -61.13 -46.60 -22.92
N TYR D 290 -61.63 -46.54 -21.69
CA TYR D 290 -63.07 -46.61 -21.44
C TYR D 290 -63.78 -45.42 -22.08
N GLY D 291 -63.16 -44.26 -21.94
CA GLY D 291 -63.70 -43.02 -22.48
C GLY D 291 -63.74 -42.89 -24.00
N PHE D 292 -62.72 -43.38 -24.69
CA PHE D 292 -62.71 -43.30 -26.14
C PHE D 292 -63.90 -44.10 -26.60
N LEU D 293 -64.34 -45.04 -25.78
CA LEU D 293 -65.45 -45.84 -26.16
C LEU D 293 -66.81 -45.15 -25.91
N LEU D 294 -66.99 -44.50 -24.75
CA LEU D 294 -68.20 -43.72 -24.46
C LEU D 294 -68.48 -42.62 -25.51
N LEU D 295 -67.39 -41.99 -25.96
CA LEU D 295 -67.44 -40.93 -26.94
C LEU D 295 -67.99 -41.39 -28.33
N MET D 296 -67.46 -42.48 -28.90
CA MET D 296 -67.91 -43.03 -30.17
C MET D 296 -69.37 -43.49 -30.12
N LYS D 297 -69.82 -43.92 -28.93
CA LYS D 297 -71.24 -44.18 -28.64
C LYS D 297 -72.07 -42.91 -28.53
N HIS D 298 -71.44 -41.80 -28.20
CA HIS D 298 -72.17 -40.54 -28.07
C HIS D 298 -71.57 -39.43 -28.98
N PRO D 299 -71.67 -39.60 -30.32
CA PRO D 299 -70.95 -38.73 -31.24
C PRO D 299 -71.35 -37.26 -31.16
N GLU D 300 -72.55 -37.01 -30.67
CA GLU D 300 -73.01 -35.66 -30.39
C GLU D 300 -72.27 -35.07 -29.19
N VAL D 301 -71.87 -35.91 -28.25
CA VAL D 301 -71.08 -35.46 -27.10
C VAL D 301 -69.64 -35.20 -27.56
N GLU D 302 -69.10 -36.08 -28.42
CA GLU D 302 -67.76 -35.88 -28.99
C GLU D 302 -67.67 -34.57 -29.81
N ALA D 303 -68.71 -34.27 -30.57
CA ALA D 303 -68.78 -33.07 -31.43
C ALA D 303 -68.75 -31.74 -30.68
N LYS D 304 -69.38 -31.69 -29.51
CA LYS D 304 -69.35 -30.51 -28.61
C LYS D 304 -67.98 -30.26 -27.91
N VAL D 305 -67.28 -31.35 -27.55
CA VAL D 305 -65.88 -31.33 -27.13
C VAL D 305 -65.01 -30.78 -28.25
N HIS D 306 -65.22 -31.31 -29.46
CA HIS D 306 -64.58 -30.74 -30.63
C HIS D 306 -64.80 -29.23 -30.73
N GLU D 307 -66.06 -28.80 -30.73
CA GLU D 307 -66.32 -27.34 -30.79
C GLU D 307 -65.50 -26.54 -29.75
N GLU D 308 -65.45 -27.04 -28.51
CA GLU D 308 -64.84 -26.31 -27.39
C GLU D 308 -63.31 -26.17 -27.50
N ILE D 309 -62.65 -27.22 -28.02
CA ILE D 309 -61.20 -27.21 -28.31
C ILE D 309 -60.82 -26.23 -29.44
N ASP D 310 -61.53 -26.33 -30.57
CA ASP D 310 -61.34 -25.46 -31.72
C ASP D 310 -61.47 -24.03 -31.30
N ARG D 311 -62.60 -23.64 -30.69
CA ARG D 311 -62.82 -22.25 -30.26
CA ARG D 311 -62.79 -22.24 -30.29
C ARG D 311 -61.74 -21.73 -29.30
N VAL D 312 -61.42 -22.51 -28.27
CA VAL D 312 -60.54 -22.09 -27.17
C VAL D 312 -59.01 -22.24 -27.40
N ILE D 313 -58.60 -23.32 -28.03
CA ILE D 313 -57.19 -23.59 -28.19
C ILE D 313 -56.83 -23.41 -29.66
N GLY D 314 -57.75 -23.76 -30.54
CA GLY D 314 -57.50 -23.77 -31.96
C GLY D 314 -56.75 -25.03 -32.30
N LYS D 315 -56.01 -24.96 -33.41
CA LYS D 315 -55.43 -26.12 -34.04
C LYS D 315 -53.89 -26.24 -33.97
N ASN D 316 -53.16 -25.21 -33.58
CA ASN D 316 -51.71 -25.20 -33.84
C ASN D 316 -50.78 -25.41 -32.64
N ARG D 317 -51.01 -24.65 -31.57
CA ARG D 317 -50.35 -24.91 -30.28
C ARG D 317 -50.84 -26.18 -29.56
N GLN D 318 -50.00 -26.66 -28.65
CA GLN D 318 -50.33 -27.74 -27.74
C GLN D 318 -51.24 -27.22 -26.62
N PRO D 319 -52.27 -28.01 -26.22
CA PRO D 319 -53.14 -27.71 -25.07
C PRO D 319 -52.35 -27.71 -23.78
N LYS D 320 -52.74 -26.88 -22.82
CA LYS D 320 -52.10 -26.87 -21.50
C LYS D 320 -53.11 -26.86 -20.34
N PHE D 321 -52.64 -27.05 -19.11
CA PHE D 321 -53.53 -27.33 -17.98
C PHE D 321 -54.46 -26.18 -17.60
N GLU D 322 -53.96 -24.95 -17.66
CA GLU D 322 -54.71 -23.71 -17.43
C GLU D 322 -55.91 -23.48 -18.37
N ASP D 323 -55.97 -24.22 -19.48
CA ASP D 323 -57.11 -24.17 -20.42
C ASP D 323 -58.38 -24.80 -19.81
N ARG D 324 -58.19 -25.60 -18.76
CA ARG D 324 -59.27 -26.11 -17.92
C ARG D 324 -60.39 -25.11 -17.66
N ALA D 325 -60.01 -23.96 -17.14
CA ALA D 325 -60.90 -22.91 -16.64
C ALA D 325 -61.81 -22.30 -17.69
N LYS D 326 -61.43 -22.41 -18.95
CA LYS D 326 -62.20 -21.83 -20.03
C LYS D 326 -62.86 -22.95 -20.87
N MET D 327 -62.67 -24.20 -20.43
CA MET D 327 -63.28 -25.37 -21.08
C MET D 327 -64.24 -26.22 -20.23
N PRO D 328 -65.29 -25.61 -19.68
CA PRO D 328 -66.23 -26.28 -18.78
C PRO D 328 -66.86 -27.57 -19.29
N TYR D 329 -67.11 -27.64 -20.57
CA TYR D 329 -67.90 -28.76 -21.05
C TYR D 329 -67.05 -30.02 -21.16
N THR D 330 -65.81 -29.85 -21.60
CA THR D 330 -64.78 -30.89 -21.72
C THR D 330 -64.42 -31.48 -20.37
N GLU D 331 -64.06 -30.61 -19.43
CA GLU D 331 -63.89 -30.96 -18.03
C GLU D 331 -65.08 -31.81 -17.52
N ALA D 332 -66.30 -31.49 -17.96
CA ALA D 332 -67.50 -32.23 -17.52
C ALA D 332 -67.62 -33.62 -18.15
N VAL D 333 -67.14 -33.75 -19.39
CA VAL D 333 -67.09 -35.04 -20.06
C VAL D 333 -66.04 -35.97 -19.38
N ILE D 334 -64.96 -35.37 -18.90
CA ILE D 334 -63.88 -36.14 -18.27
C ILE D 334 -64.32 -36.69 -16.89
N HIS D 335 -64.83 -35.80 -16.07
CA HIS D 335 -65.45 -36.15 -14.81
C HIS D 335 -66.53 -37.21 -14.98
N GLU D 336 -67.22 -37.19 -16.13
CA GLU D 336 -68.33 -38.11 -16.36
C GLU D 336 -67.87 -39.44 -17.01
N ILE D 337 -66.70 -39.44 -17.66
CA ILE D 337 -66.03 -40.67 -18.02
C ILE D 337 -65.51 -41.35 -16.76
N GLN D 338 -64.96 -40.54 -15.85
CA GLN D 338 -64.40 -41.05 -14.60
C GLN D 338 -65.50 -41.68 -13.76
N ARG D 339 -66.65 -41.01 -13.66
CA ARG D 339 -67.80 -41.45 -12.83
C ARG D 339 -68.47 -42.72 -13.37
N PHE D 340 -68.67 -42.79 -14.70
CA PHE D 340 -69.35 -43.93 -15.35
C PHE D 340 -68.45 -45.12 -15.32
N GLY D 341 -67.18 -44.86 -15.64
CA GLY D 341 -66.10 -45.84 -15.72
C GLY D 341 -65.85 -46.51 -14.39
N ASP D 342 -65.95 -45.77 -13.31
CA ASP D 342 -65.91 -46.38 -11.95
C ASP D 342 -64.73 -47.32 -11.75
N MET D 343 -63.54 -46.81 -12.07
CA MET D 343 -62.32 -47.54 -12.07
C MET D 343 -62.21 -48.52 -10.92
N LEU D 344 -62.33 -48.05 -9.69
CA LEU D 344 -62.24 -48.89 -8.52
C LEU D 344 -63.55 -48.88 -7.72
N PRO D 345 -64.43 -49.83 -8.01
CA PRO D 345 -65.81 -49.80 -7.49
C PRO D 345 -65.92 -50.05 -6.00
N MET D 346 -65.01 -50.81 -5.42
CA MET D 346 -65.08 -51.09 -3.98
C MET D 346 -63.91 -50.41 -3.28
N GLY D 347 -63.32 -49.40 -3.94
CA GLY D 347 -62.10 -48.75 -3.46
C GLY D 347 -61.03 -49.76 -3.16
N LEU D 348 -59.91 -49.30 -2.62
CA LEU D 348 -59.01 -50.15 -1.90
C LEU D 348 -59.48 -50.33 -0.42
N ALA D 349 -59.48 -51.57 0.08
CA ALA D 349 -59.97 -51.90 1.43
C ALA D 349 -59.35 -51.09 2.54
N HIS D 350 -60.16 -50.64 3.49
CA HIS D 350 -59.66 -50.10 4.74
C HIS D 350 -59.70 -51.09 5.89
N ARG D 351 -59.32 -50.63 7.04
CA ARG D 351 -59.16 -51.44 8.26
C ARG D 351 -59.28 -50.50 9.46
N VAL D 352 -59.81 -50.82 10.57
CA VAL D 352 -59.83 -49.90 11.73
C VAL D 352 -58.64 -50.04 12.69
N ASN D 353 -57.98 -48.89 12.90
CA ASN D 353 -56.76 -48.74 13.68
C ASN D 353 -56.93 -49.11 15.18
N LYS D 354 -58.15 -48.89 15.74
CA LYS D 354 -58.47 -49.12 17.15
C LYS D 354 -59.93 -49.66 17.25
N ASP D 355 -60.41 -49.91 18.46
CA ASP D 355 -61.83 -50.16 18.67
C ASP D 355 -62.64 -48.92 18.31
N THR D 356 -63.68 -49.08 17.49
CA THR D 356 -64.34 -47.92 16.95
C THR D 356 -65.84 -48.03 17.08
N LYS D 357 -66.44 -46.90 17.38
CA LYS D 357 -67.84 -46.74 17.43
C LYS D 357 -68.26 -45.93 16.21
N PHE D 358 -69.07 -46.51 15.34
CA PHE D 358 -69.58 -45.82 14.21
C PHE D 358 -71.07 -46.05 14.09
N ARG D 359 -71.87 -45.00 14.15
CA ARG D 359 -73.32 -45.07 13.98
C ARG D 359 -74.03 -46.02 14.92
N ASP D 360 -73.58 -46.13 16.14
CA ASP D 360 -74.18 -47.07 17.04
C ASP D 360 -73.80 -48.51 16.84
N PHE D 361 -72.82 -48.77 15.99
CA PHE D 361 -72.27 -50.09 15.82
C PHE D 361 -70.89 -50.13 16.44
N PHE D 362 -70.47 -51.30 16.86
CA PHE D 362 -69.13 -51.46 17.35
C PHE D 362 -68.27 -52.19 16.35
N LEU D 363 -67.03 -51.74 16.17
CA LEU D 363 -66.06 -52.47 15.31
C LEU D 363 -64.75 -52.74 16.02
N PRO D 364 -64.48 -54.00 16.37
CA PRO D 364 -63.15 -54.35 16.89
C PRO D 364 -62.01 -53.89 15.99
N LYS D 365 -60.94 -53.39 16.63
CA LYS D 365 -59.60 -53.18 16.06
C LYS D 365 -59.21 -54.25 15.04
N GLY D 366 -58.80 -53.82 13.81
CA GLY D 366 -58.42 -54.78 12.78
C GLY D 366 -59.49 -55.13 11.77
N THR D 367 -60.75 -54.80 12.12
CA THR D 367 -61.91 -54.99 11.25
C THR D 367 -61.78 -54.21 9.93
N GLU D 368 -61.88 -54.99 8.87
CA GLU D 368 -61.78 -54.51 7.51
C GLU D 368 -63.06 -53.79 7.09
N VAL D 369 -62.88 -52.70 6.37
CA VAL D 369 -63.98 -51.86 5.93
C VAL D 369 -63.89 -51.70 4.40
N PHE D 370 -65.03 -51.98 3.73
CA PHE D 370 -65.19 -51.71 2.28
C PHE D 370 -65.92 -50.40 1.95
N PRO D 371 -65.17 -49.42 1.46
CA PRO D 371 -65.89 -48.18 1.15
C PRO D 371 -66.39 -48.28 -0.31
N MET D 372 -67.70 -48.31 -0.53
CA MET D 372 -68.18 -48.67 -1.85
C MET D 372 -68.23 -47.46 -2.75
N LEU D 373 -67.06 -47.01 -3.22
CA LEU D 373 -66.98 -45.79 -4.04
C LEU D 373 -67.88 -45.77 -5.34
N GLY D 374 -68.16 -46.95 -5.89
CA GLY D 374 -69.15 -47.08 -6.93
C GLY D 374 -70.55 -46.67 -6.54
N SER D 375 -70.93 -46.98 -5.30
CA SER D 375 -72.24 -46.56 -4.72
C SER D 375 -72.37 -45.05 -4.41
N VAL D 376 -71.24 -44.34 -4.45
CA VAL D 376 -71.19 -42.89 -4.34
C VAL D 376 -71.25 -42.23 -5.73
N LEU D 377 -70.64 -42.93 -6.71
CA LEU D 377 -70.61 -42.43 -8.11
C LEU D 377 -71.96 -42.65 -8.79
N ARG D 378 -72.81 -43.46 -8.15
CA ARG D 378 -74.15 -43.79 -8.61
C ARG D 378 -75.24 -43.44 -7.60
N ASP D 379 -74.96 -42.63 -6.61
CA ASP D 379 -75.96 -42.28 -5.59
C ASP D 379 -77.03 -41.31 -6.14
N PRO D 380 -78.33 -41.69 -6.06
CA PRO D 380 -79.43 -40.92 -6.69
C PRO D 380 -79.68 -39.52 -6.13
N ARG D 381 -79.17 -39.18 -4.95
CA ARG D 381 -79.36 -37.85 -4.41
C ARG D 381 -78.47 -36.87 -5.13
N PHE D 382 -77.44 -37.41 -5.77
CA PHE D 382 -76.34 -36.67 -6.35
C PHE D 382 -76.27 -36.67 -7.88
N PHE D 383 -76.72 -37.74 -8.49
CA PHE D 383 -76.84 -37.76 -9.94
C PHE D 383 -78.24 -38.20 -10.29
N SER D 384 -78.82 -37.47 -11.25
CA SER D 384 -80.19 -37.68 -11.71
C SER D 384 -80.40 -38.94 -12.59
N ASN D 385 -79.46 -39.27 -13.47
CA ASN D 385 -79.58 -40.48 -14.34
C ASN D 385 -78.34 -41.32 -14.12
N PRO D 386 -78.28 -41.97 -12.95
CA PRO D 386 -76.96 -42.35 -12.48
C PRO D 386 -76.31 -43.52 -13.22
N ARG D 387 -77.08 -44.29 -13.95
CA ARG D 387 -76.51 -45.40 -14.71
C ARG D 387 -76.29 -45.16 -16.22
N ASP D 388 -76.56 -43.92 -16.65
N ASP D 388 -76.61 -43.96 -16.72
CA ASP D 388 -76.34 -43.47 -18.04
CA ASP D 388 -76.26 -43.62 -18.13
C ASP D 388 -75.15 -42.50 -18.13
C ASP D 388 -75.20 -42.51 -18.17
N PHE D 389 -74.58 -42.36 -19.33
CA PHE D 389 -73.50 -41.40 -19.53
C PHE D 389 -74.12 -40.07 -19.87
N ASN D 390 -74.12 -39.15 -18.90
CA ASN D 390 -74.67 -37.84 -19.07
C ASN D 390 -73.80 -36.68 -18.52
N PRO D 391 -73.03 -36.05 -19.41
CA PRO D 391 -72.19 -34.90 -19.02
C PRO D 391 -72.95 -33.71 -18.37
N GLN D 392 -74.28 -33.63 -18.48
CA GLN D 392 -75.06 -32.60 -17.78
C GLN D 392 -74.97 -32.76 -16.27
N HIS D 393 -74.54 -33.93 -15.82
CA HIS D 393 -74.29 -34.22 -14.41
C HIS D 393 -73.27 -33.32 -13.77
N PHE D 394 -72.32 -32.79 -14.56
CA PHE D 394 -71.28 -31.91 -14.00
C PHE D 394 -71.34 -30.45 -14.44
N LEU D 395 -72.50 -30.08 -15.00
CA LEU D 395 -72.85 -28.69 -15.40
C LEU D 395 -74.13 -28.18 -14.75
N ASP D 396 -74.13 -26.89 -14.41
CA ASP D 396 -75.33 -26.13 -14.07
C ASP D 396 -76.14 -25.79 -15.33
N LYS D 397 -76.99 -24.77 -15.25
CA LYS D 397 -77.85 -24.43 -16.38
C LYS D 397 -77.25 -23.35 -17.30
N LYS D 398 -76.18 -22.71 -16.85
CA LYS D 398 -75.41 -21.73 -17.66
C LYS D 398 -74.26 -22.36 -18.49
N GLY D 399 -73.97 -23.64 -18.29
CA GLY D 399 -72.94 -24.34 -19.07
C GLY D 399 -71.62 -24.36 -18.33
N GLN D 400 -71.63 -23.79 -17.14
CA GLN D 400 -70.47 -23.75 -16.24
C GLN D 400 -70.32 -25.03 -15.43
N PHE D 401 -69.07 -25.45 -15.20
CA PHE D 401 -68.77 -26.67 -14.50
C PHE D 401 -69.32 -26.67 -13.08
N LYS D 402 -69.90 -27.82 -12.70
CA LYS D 402 -70.47 -28.01 -11.36
C LYS D 402 -69.83 -29.18 -10.59
N LYS D 403 -69.10 -28.86 -9.53
CA LYS D 403 -68.52 -29.88 -8.71
C LYS D 403 -69.61 -30.66 -7.99
N SER D 404 -69.24 -31.89 -7.61
CA SER D 404 -70.13 -32.74 -6.92
C SER D 404 -69.38 -33.44 -5.78
N ASP D 405 -69.97 -33.33 -4.60
CA ASP D 405 -69.47 -33.97 -3.37
C ASP D 405 -69.43 -35.53 -3.41
N ALA D 406 -70.02 -36.13 -4.42
CA ALA D 406 -70.04 -37.56 -4.61
C ALA D 406 -69.13 -37.97 -5.76
N PHE D 407 -68.33 -37.02 -6.24
CA PHE D 407 -67.34 -37.36 -7.23
C PHE D 407 -66.07 -37.65 -6.42
N VAL D 408 -65.90 -38.95 -6.14
CA VAL D 408 -64.92 -39.50 -5.23
C VAL D 408 -64.12 -40.68 -5.80
N PRO D 409 -63.75 -40.66 -7.10
CA PRO D 409 -63.11 -41.87 -7.60
C PRO D 409 -61.65 -42.03 -7.13
N PHE D 410 -61.05 -40.94 -6.64
CA PHE D 410 -59.78 -40.98 -5.92
C PHE D 410 -59.87 -41.26 -4.40
N SER D 411 -61.05 -41.69 -3.98
CA SER D 411 -61.44 -41.82 -2.59
C SER D 411 -61.40 -40.48 -1.77
N ILE D 412 -61.35 -40.61 -0.45
CA ILE D 412 -61.37 -39.48 0.45
C ILE D 412 -60.76 -39.90 1.76
N GLY D 413 -60.41 -38.93 2.61
CA GLY D 413 -59.86 -39.25 3.94
C GLY D 413 -58.35 -39.39 4.00
N LYS D 414 -57.84 -39.92 5.11
CA LYS D 414 -56.40 -39.96 5.40
C LYS D 414 -55.52 -40.87 4.49
N ARG D 415 -56.15 -41.87 3.87
CA ARG D 415 -55.49 -42.60 2.78
C ARG D 415 -55.88 -42.26 1.34
N TYR D 416 -56.43 -41.09 1.10
CA TYR D 416 -56.85 -40.73 -0.28
C TYR D 416 -55.67 -40.83 -1.27
N CYS D 417 -55.98 -41.08 -2.54
CA CYS D 417 -55.01 -41.22 -3.61
C CYS D 417 -54.20 -39.97 -3.72
N PHE D 418 -52.90 -40.11 -3.54
CA PHE D 418 -52.06 -38.96 -3.76
C PHE D 418 -51.51 -38.92 -5.19
N GLY D 419 -52.03 -39.82 -6.02
CA GLY D 419 -51.80 -39.80 -7.43
C GLY D 419 -52.73 -38.87 -8.17
N GLU D 420 -53.71 -38.32 -7.45
CA GLU D 420 -54.77 -37.50 -8.04
C GLU D 420 -54.24 -36.35 -8.89
N GLY D 421 -53.30 -35.55 -8.37
CA GLY D 421 -52.76 -34.40 -9.06
C GLY D 421 -52.27 -34.77 -10.45
N LEU D 422 -51.51 -35.86 -10.50
CA LEU D 422 -50.94 -36.31 -11.73
C LEU D 422 -52.00 -36.84 -12.67
N ALA D 423 -52.83 -37.75 -12.16
CA ALA D 423 -53.93 -38.32 -12.93
C ALA D 423 -54.76 -37.29 -13.70
N ARG D 424 -55.11 -36.20 -13.03
CA ARG D 424 -56.06 -35.21 -13.55
C ARG D 424 -55.50 -34.30 -14.64
N MET D 425 -54.21 -34.02 -14.52
CA MET D 425 -53.45 -33.31 -15.50
C MET D 425 -53.24 -34.22 -16.65
N GLU D 426 -52.96 -35.50 -16.36
CA GLU D 426 -52.73 -36.49 -17.40
C GLU D 426 -53.97 -36.73 -18.28
N LEU D 427 -55.17 -36.79 -17.69
CA LEU D 427 -56.40 -37.02 -18.42
C LEU D 427 -56.84 -35.82 -19.23
N PHE D 428 -56.77 -34.64 -18.62
CA PHE D 428 -57.02 -33.43 -19.36
C PHE D 428 -56.07 -33.23 -20.53
N LEU D 429 -54.77 -33.43 -20.35
CA LEU D 429 -53.88 -33.18 -21.47
C LEU D 429 -53.98 -34.28 -22.48
N PHE D 430 -54.08 -35.52 -22.01
CA PHE D 430 -54.21 -36.64 -22.92
C PHE D 430 -55.48 -36.59 -23.73
N PHE D 431 -56.62 -36.43 -23.06
CA PHE D 431 -57.89 -36.18 -23.79
C PHE D 431 -57.90 -35.02 -24.79
N THR D 432 -57.49 -33.82 -24.40
CA THR D 432 -57.61 -32.72 -25.34
C THR D 432 -56.65 -32.72 -26.51
N THR D 433 -55.46 -33.26 -26.33
CA THR D 433 -54.50 -33.26 -27.40
C THR D 433 -54.92 -34.23 -28.47
N ILE D 434 -55.31 -35.43 -28.07
CA ILE D 434 -55.82 -36.42 -29.01
C ILE D 434 -57.12 -36.00 -29.74
N MET D 435 -58.06 -35.39 -29.03
CA MET D 435 -59.27 -34.85 -29.63
C MET D 435 -59.03 -33.69 -30.58
N GLN D 436 -57.94 -32.95 -30.37
CA GLN D 436 -57.52 -31.80 -31.20
C GLN D 436 -57.13 -32.27 -32.59
N ASN D 437 -56.33 -33.34 -32.67
CA ASN D 437 -55.78 -33.84 -33.92
C ASN D 437 -56.62 -34.91 -34.61
N PHE D 438 -57.48 -35.57 -33.86
CA PHE D 438 -58.22 -36.75 -34.36
C PHE D 438 -59.70 -36.74 -34.02
N ARG D 439 -60.51 -37.30 -34.92
CA ARG D 439 -61.89 -37.70 -34.64
C ARG D 439 -61.94 -39.23 -34.60
N PHE D 440 -62.97 -39.82 -34.01
CA PHE D 440 -62.94 -41.26 -33.73
C PHE D 440 -63.92 -42.01 -34.57
N LYS D 441 -63.57 -43.22 -35.01
CA LYS D 441 -64.51 -44.03 -35.79
C LYS D 441 -64.39 -45.50 -35.41
N SER D 442 -65.51 -46.16 -35.20
CA SER D 442 -65.48 -47.62 -34.97
C SER D 442 -66.16 -48.42 -36.09
N PRO D 443 -65.78 -49.69 -36.25
CA PRO D 443 -66.42 -50.48 -37.29
C PRO D 443 -67.77 -51.00 -36.85
N GLN D 444 -68.53 -50.23 -36.08
CA GLN D 444 -69.96 -50.49 -35.87
C GLN D 444 -70.76 -49.20 -35.63
N SER D 445 -72.06 -49.24 -35.88
CA SER D 445 -72.94 -48.13 -35.55
C SER D 445 -72.91 -47.71 -34.05
N PRO D 446 -73.09 -46.41 -33.73
CA PRO D 446 -73.23 -46.02 -32.32
C PRO D 446 -74.30 -46.76 -31.50
N LYS D 447 -75.41 -47.11 -32.10
CA LYS D 447 -76.46 -47.88 -31.41
C LYS D 447 -75.97 -49.32 -31.01
N ASP D 448 -75.06 -49.91 -31.76
CA ASP D 448 -74.62 -51.29 -31.50
C ASP D 448 -73.46 -51.41 -30.47
N ILE D 449 -72.77 -50.30 -30.18
CA ILE D 449 -71.62 -50.28 -29.25
C ILE D 449 -71.99 -50.55 -27.79
N ASP D 450 -71.34 -51.55 -27.21
CA ASP D 450 -71.68 -51.96 -25.89
C ASP D 450 -70.70 -51.45 -24.83
N VAL D 451 -71.15 -50.43 -24.11
CA VAL D 451 -70.33 -49.78 -23.11
C VAL D 451 -70.35 -50.43 -21.75
N SER D 452 -71.10 -51.47 -21.57
CA SER D 452 -71.11 -52.10 -20.30
C SER D 452 -69.76 -52.70 -20.15
N PRO D 453 -69.36 -52.93 -18.91
CA PRO D 453 -68.08 -53.49 -18.56
C PRO D 453 -67.81 -54.96 -18.88
N LYS D 454 -66.62 -55.27 -19.32
CA LYS D 454 -66.20 -56.63 -19.48
C LYS D 454 -66.02 -57.40 -18.19
N HIS D 455 -65.35 -56.83 -17.21
CA HIS D 455 -65.19 -57.43 -15.91
C HIS D 455 -65.36 -56.38 -14.83
N VAL D 456 -65.91 -56.77 -13.70
CA VAL D 456 -65.99 -55.88 -12.55
C VAL D 456 -65.56 -56.65 -11.31
N GLY D 457 -64.52 -56.17 -10.65
CA GLY D 457 -64.03 -56.86 -9.47
C GLY D 457 -63.47 -55.83 -8.57
N PHE D 458 -62.16 -55.92 -8.33
CA PHE D 458 -61.40 -54.82 -7.75
C PHE D 458 -61.34 -53.59 -8.70
N ALA D 459 -61.42 -53.83 -10.03
CA ALA D 459 -61.45 -52.76 -11.03
C ALA D 459 -62.57 -53.01 -11.99
N THR D 460 -62.95 -51.97 -12.71
CA THR D 460 -63.87 -52.10 -13.82
C THR D 460 -63.07 -52.12 -15.15
N ILE D 461 -63.18 -53.22 -15.92
CA ILE D 461 -62.52 -53.32 -17.24
C ILE D 461 -63.48 -53.19 -18.39
N PRO D 462 -63.22 -52.23 -19.30
CA PRO D 462 -63.96 -52.06 -20.57
C PRO D 462 -63.77 -53.23 -21.53
N ARG D 463 -64.62 -53.33 -22.54
CA ARG D 463 -64.57 -54.45 -23.48
C ARG D 463 -63.46 -54.26 -24.51
N ASN D 464 -63.07 -55.37 -25.12
CA ASN D 464 -62.10 -55.33 -26.22
C ASN D 464 -62.74 -54.61 -27.40
N TYR D 465 -62.04 -53.63 -27.98
CA TYR D 465 -62.56 -52.98 -29.18
C TYR D 465 -61.48 -52.46 -30.13
N THR D 466 -61.96 -52.00 -31.28
CA THR D 466 -61.06 -51.45 -32.27
C THR D 466 -61.61 -50.09 -32.66
N MET D 467 -60.72 -49.18 -33.04
CA MET D 467 -61.14 -47.91 -33.58
C MET D 467 -60.13 -47.36 -34.60
N SER D 468 -60.48 -46.27 -35.25
CA SER D 468 -59.51 -45.61 -36.10
C SER D 468 -59.40 -44.15 -35.74
N PHE D 469 -58.18 -43.64 -35.83
CA PHE D 469 -57.89 -42.27 -35.52
C PHE D 469 -57.68 -41.52 -36.86
N LEU D 470 -58.66 -40.69 -37.22
CA LEU D 470 -58.71 -39.92 -38.46
C LEU D 470 -58.39 -38.50 -38.09
N PRO D 471 -57.49 -37.83 -38.87
CA PRO D 471 -57.23 -36.38 -38.70
C PRO D 471 -58.44 -35.51 -39.11
N ARG D 472 -58.54 -34.27 -38.62
CA ARG D 472 -59.79 -33.49 -38.77
C ARG D 472 -59.67 -32.26 -39.67
N LYS E 8 -37.16 46.25 -65.07
CA LYS E 8 -36.61 46.71 -66.39
C LYS E 8 -36.50 45.61 -67.50
N GLY E 9 -36.37 44.34 -67.09
CA GLY E 9 -36.24 43.17 -68.00
C GLY E 9 -34.83 42.74 -68.45
N LYS E 10 -33.80 43.28 -67.80
CA LYS E 10 -32.39 42.99 -68.18
C LYS E 10 -31.46 42.72 -66.98
N LEU E 11 -30.16 42.87 -67.23
CA LEU E 11 -29.11 42.61 -66.25
C LEU E 11 -28.96 43.71 -65.19
N PRO E 12 -28.82 43.31 -63.90
CA PRO E 12 -28.63 44.30 -62.84
C PRO E 12 -27.57 45.33 -63.19
N PRO E 13 -27.79 46.57 -62.77
CA PRO E 13 -26.79 47.59 -63.05
C PRO E 13 -25.51 47.33 -62.22
N GLY E 14 -24.43 48.00 -62.61
CA GLY E 14 -23.20 47.98 -61.84
C GLY E 14 -22.20 48.89 -62.49
N PRO E 15 -21.02 49.06 -61.89
CA PRO E 15 -20.04 50.03 -62.38
C PRO E 15 -19.57 49.65 -63.79
N THR E 16 -19.12 50.63 -64.56
CA THR E 16 -18.87 50.31 -65.98
C THR E 16 -17.51 49.65 -66.14
N PRO E 17 -17.47 48.44 -66.73
CA PRO E 17 -16.27 47.63 -66.80
C PRO E 17 -15.31 48.10 -67.87
N LEU E 18 -13.99 47.93 -67.66
CA LEU E 18 -13.02 48.01 -68.73
C LEU E 18 -12.84 46.69 -69.54
N PRO E 19 -12.44 46.75 -70.79
CA PRO E 19 -12.15 45.52 -71.48
C PRO E 19 -10.98 44.72 -70.93
N PHE E 20 -11.23 43.45 -70.80
CA PHE E 20 -10.38 42.48 -70.17
C PHE E 20 -10.29 42.60 -68.67
N ILE E 21 -9.91 43.74 -68.15
CA ILE E 21 -9.81 43.88 -66.72
C ILE E 21 -11.12 43.89 -65.94
N GLY E 22 -12.22 44.14 -66.62
CA GLY E 22 -13.54 44.27 -66.00
C GLY E 22 -13.57 45.46 -65.04
N ASN E 23 -13.90 45.18 -63.78
CA ASN E 23 -13.96 46.21 -62.79
C ASN E 23 -12.81 46.12 -61.79
N TYR E 24 -11.63 45.74 -62.26
CA TYR E 24 -10.44 45.60 -61.39
C TYR E 24 -10.07 46.88 -60.64
N LEU E 25 -10.15 48.01 -61.34
CA LEU E 25 -9.73 49.30 -60.81
C LEU E 25 -10.66 49.86 -59.72
N GLN E 26 -11.93 49.41 -59.75
CA GLN E 26 -12.89 49.68 -58.67
C GLN E 26 -12.81 48.63 -57.54
N LEU E 27 -11.90 47.69 -57.62
CA LEU E 27 -11.77 46.63 -56.62
C LEU E 27 -10.43 46.64 -55.96
N ASN E 28 -10.30 45.86 -54.88
CA ASN E 28 -9.12 45.78 -54.05
C ASN E 28 -8.79 44.33 -53.74
N THR E 29 -7.88 43.74 -54.52
CA THR E 29 -7.47 42.35 -54.32
C THR E 29 -6.99 41.96 -52.88
N GLU E 30 -6.50 42.95 -52.10
CA GLU E 30 -6.22 42.63 -50.68
C GLU E 30 -7.51 42.56 -49.83
N GLN E 31 -8.56 43.23 -50.29
CA GLN E 31 -9.80 43.41 -49.53
C GLN E 31 -11.02 43.27 -50.40
N MET E 32 -11.32 42.09 -50.93
CA MET E 32 -12.38 41.99 -51.94
C MET E 32 -13.75 42.20 -51.37
N TYR E 33 -14.00 41.61 -50.22
CA TYR E 33 -15.24 41.82 -49.55
C TYR E 33 -15.59 43.32 -49.31
N ASN E 34 -14.66 44.09 -48.73
CA ASN E 34 -14.88 45.50 -48.37
C ASN E 34 -15.24 46.31 -49.57
N SER E 35 -14.50 46.05 -50.66
CA SER E 35 -14.63 46.64 -51.99
C SER E 35 -16.00 46.48 -52.56
N LEU E 36 -16.59 45.30 -52.37
CA LEU E 36 -17.84 44.95 -53.01
C LEU E 36 -19.01 45.52 -52.19
N MET E 37 -18.79 45.69 -50.90
CA MET E 37 -19.70 46.46 -50.03
C MET E 37 -19.78 47.97 -50.37
N LYS E 38 -18.69 48.60 -50.77
CA LYS E 38 -18.68 50.03 -51.12
C LYS E 38 -19.44 50.31 -52.42
N ILE E 39 -19.31 49.38 -53.36
CA ILE E 39 -20.06 49.41 -54.60
C ILE E 39 -21.52 49.09 -54.36
N SER E 40 -21.76 48.30 -53.34
CA SER E 40 -23.12 48.04 -52.86
C SER E 40 -23.88 49.28 -52.41
N GLU E 41 -23.17 50.16 -51.70
CA GLU E 41 -23.70 51.38 -51.17
C GLU E 41 -24.24 52.27 -52.29
N ARG E 42 -23.66 52.10 -53.47
CA ARG E 42 -23.93 52.94 -54.62
C ARG E 42 -24.88 52.30 -55.65
N TYR E 43 -25.14 50.99 -55.53
CA TYR E 43 -25.98 50.27 -56.52
C TYR E 43 -27.10 49.48 -55.87
N GLY E 44 -27.03 49.31 -54.56
CA GLY E 44 -28.05 48.55 -53.86
C GLY E 44 -27.68 47.07 -53.79
N PRO E 45 -28.56 46.24 -53.18
CA PRO E 45 -28.07 44.93 -52.71
C PRO E 45 -27.81 43.90 -53.84
N VAL E 46 -28.17 44.24 -55.07
CA VAL E 46 -28.11 43.29 -56.17
C VAL E 46 -27.40 44.00 -57.29
N PHE E 47 -26.31 43.43 -57.78
CA PHE E 47 -25.49 44.11 -58.79
C PHE E 47 -24.55 43.23 -59.57
N THR E 48 -24.09 43.82 -60.66
CA THR E 48 -23.26 43.14 -61.57
C THR E 48 -21.83 43.64 -61.45
N ILE E 49 -20.89 42.71 -61.40
CA ILE E 49 -19.47 42.99 -61.35
C ILE E 49 -18.68 42.16 -62.37
N HIS E 50 -17.56 42.70 -62.81
CA HIS E 50 -16.67 42.01 -63.71
C HIS E 50 -15.30 41.70 -63.06
N LEU E 51 -15.07 40.41 -62.79
CA LEU E 51 -13.82 39.90 -62.19
C LEU E 51 -12.95 39.45 -63.30
N GLY E 52 -12.04 40.34 -63.73
CA GLY E 52 -11.45 40.32 -65.06
C GLY E 52 -12.56 40.06 -66.05
N PRO E 53 -12.41 39.03 -66.91
CA PRO E 53 -13.48 38.73 -67.88
C PRO E 53 -14.79 38.10 -67.30
N ARG E 54 -14.76 37.59 -66.07
CA ARG E 54 -15.87 36.83 -65.49
C ARG E 54 -17.02 37.73 -65.08
N ARG E 55 -18.19 37.55 -65.67
CA ARG E 55 -19.31 38.36 -65.28
C ARG E 55 -19.97 37.72 -64.08
N VAL E 56 -20.24 38.50 -63.05
CA VAL E 56 -20.79 37.98 -61.80
C VAL E 56 -21.96 38.80 -61.18
N VAL E 57 -23.02 38.08 -60.81
CA VAL E 57 -24.10 38.71 -60.05
C VAL E 57 -23.88 38.59 -58.54
N VAL E 58 -23.69 39.73 -57.92
CA VAL E 58 -23.47 39.81 -56.49
C VAL E 58 -24.71 40.12 -55.65
N LEU E 59 -24.84 39.36 -54.55
CA LEU E 59 -25.97 39.39 -53.64
C LEU E 59 -25.64 39.84 -52.21
N CYS E 60 -26.25 40.96 -51.77
CA CYS E 60 -25.98 41.52 -50.43
C CYS E 60 -27.15 41.52 -49.44
N GLY E 61 -26.81 41.26 -48.17
CA GLY E 61 -27.79 41.27 -47.09
C GLY E 61 -28.73 40.07 -47.12
N HIS E 62 -29.46 39.89 -46.02
CA HIS E 62 -30.18 38.65 -45.77
C HIS E 62 -31.25 38.40 -46.81
N ASP E 63 -32.07 39.42 -47.10
CA ASP E 63 -33.22 39.30 -47.98
C ASP E 63 -32.81 38.87 -49.40
N ALA E 64 -31.77 39.50 -49.93
CA ALA E 64 -31.35 39.24 -51.29
C ALA E 64 -30.69 37.87 -51.47
N VAL E 65 -30.01 37.39 -50.42
CA VAL E 65 -29.32 36.09 -50.50
C VAL E 65 -30.34 34.94 -50.29
N LYS E 66 -31.31 35.17 -49.42
CA LYS E 66 -32.42 34.24 -49.17
C LYS E 66 -33.28 34.03 -50.41
N GLU E 67 -33.71 35.13 -51.04
CA GLU E 67 -34.68 35.06 -52.17
C GLU E 67 -34.10 34.27 -53.32
N ALA E 68 -32.78 34.39 -53.51
CA ALA E 68 -32.05 33.67 -54.56
C ALA E 68 -31.83 32.20 -54.19
N LEU E 69 -31.22 31.95 -53.03
CA LEU E 69 -30.86 30.60 -52.62
C LEU E 69 -31.99 29.73 -52.01
N VAL E 70 -32.93 30.33 -51.30
CA VAL E 70 -34.03 29.56 -50.76
C VAL E 70 -35.29 29.61 -51.64
N ASP E 71 -35.95 30.76 -51.79
CA ASP E 71 -37.21 30.86 -52.58
C ASP E 71 -37.01 30.45 -54.03
N GLN E 72 -35.86 30.76 -54.61
CA GLN E 72 -35.57 30.30 -55.98
C GLN E 72 -34.46 29.23 -56.03
N ALA E 73 -34.50 28.30 -55.09
CA ALA E 73 -33.41 27.36 -54.83
C ALA E 73 -32.99 26.53 -56.03
N GLU E 74 -33.96 26.02 -56.78
CA GLU E 74 -33.67 25.22 -57.98
C GLU E 74 -32.96 25.98 -59.10
N GLU E 75 -33.15 27.30 -59.16
CA GLU E 75 -32.51 28.05 -60.27
C GLU E 75 -31.04 28.39 -59.96
N PHE E 76 -30.76 28.67 -58.70
CA PHE E 76 -29.44 29.14 -58.23
C PHE E 76 -28.52 28.07 -57.63
N SER E 77 -28.67 26.82 -58.09
CA SER E 77 -28.03 25.66 -57.46
C SER E 77 -26.81 25.18 -58.24
N GLY E 78 -26.48 25.92 -59.29
CA GLY E 78 -25.27 25.65 -60.07
C GLY E 78 -24.00 26.13 -59.38
N ARG E 79 -22.95 25.81 -59.86
CA ARG E 79 -21.67 26.09 -59.24
C ARG E 79 -20.84 26.93 -60.19
N GLY E 80 -20.34 27.92 -59.67
CA GLY E 80 -19.43 28.81 -60.38
C GLY E 80 -18.03 28.31 -60.15
N GLU E 81 -17.08 29.22 -60.18
CA GLU E 81 -15.69 28.84 -60.24
C GLU E 81 -14.83 29.46 -59.19
N GLN E 82 -13.96 28.64 -58.63
CA GLN E 82 -12.90 29.17 -57.84
C GLN E 82 -11.61 28.79 -58.57
N ALA E 83 -10.93 29.78 -59.12
CA ALA E 83 -9.89 29.54 -60.10
C ALA E 83 -8.71 28.67 -59.60
N THR E 84 -8.31 28.89 -58.34
CA THR E 84 -7.27 28.08 -57.72
C THR E 84 -7.65 26.60 -57.57
N PHE E 85 -8.86 26.30 -57.11
CA PHE E 85 -9.27 24.93 -56.96
C PHE E 85 -9.71 24.29 -58.28
N ASP E 86 -10.25 25.09 -59.18
CA ASP E 86 -10.59 24.61 -60.54
C ASP E 86 -9.43 24.01 -61.33
N TRP E 87 -8.24 24.60 -61.21
CA TRP E 87 -6.99 24.13 -61.81
C TRP E 87 -6.82 22.63 -61.57
N LEU E 88 -7.02 22.20 -60.32
CA LEU E 88 -6.92 20.80 -59.98
C LEU E 88 -8.17 19.99 -60.28
N PHE E 89 -9.35 20.54 -59.98
CA PHE E 89 -10.57 19.80 -59.99
C PHE E 89 -11.22 19.66 -61.33
N LYS E 90 -11.14 20.71 -62.16
CA LYS E 90 -11.63 20.71 -63.55
C LYS E 90 -13.04 20.12 -63.72
N GLY E 91 -13.91 20.31 -62.73
CA GLY E 91 -15.30 19.94 -62.87
C GLY E 91 -15.74 18.70 -62.13
N TYR E 92 -14.76 17.91 -61.72
CA TYR E 92 -14.99 16.65 -61.05
C TYR E 92 -14.94 16.82 -59.54
N GLY E 93 -15.71 16.01 -58.84
CA GLY E 93 -15.78 16.06 -57.38
C GLY E 93 -17.17 16.52 -57.00
N VAL E 94 -17.55 16.31 -55.75
CA VAL E 94 -18.84 16.78 -55.26
C VAL E 94 -18.90 18.34 -55.20
N ALA E 95 -17.80 18.97 -54.82
CA ALA E 95 -17.80 20.39 -54.50
C ALA E 95 -17.85 21.37 -55.68
N PHE E 96 -17.10 21.08 -56.74
CA PHE E 96 -16.92 22.00 -57.86
C PHE E 96 -17.59 21.47 -59.13
N SER E 97 -18.73 20.79 -58.98
CA SER E 97 -19.44 20.23 -60.14
C SER E 97 -20.91 20.68 -60.24
N ASN E 98 -21.54 20.32 -61.35
CA ASN E 98 -22.79 20.89 -61.77
C ASN E 98 -23.86 19.86 -62.08
N GLY E 99 -25.11 20.18 -61.78
CA GLY E 99 -26.22 19.31 -62.17
C GLY E 99 -26.17 17.90 -61.65
N GLU E 100 -26.19 16.92 -62.57
CA GLU E 100 -26.42 15.49 -62.28
C GLU E 100 -25.26 14.82 -61.55
N ARG E 101 -24.05 15.32 -61.79
CA ARG E 101 -22.85 14.89 -61.08
C ARG E 101 -22.85 15.35 -59.60
N ALA E 102 -23.14 16.64 -59.38
CA ALA E 102 -23.34 17.20 -58.06
C ALA E 102 -24.41 16.43 -57.28
N LYS E 103 -25.58 16.24 -57.91
CA LYS E 103 -26.72 15.62 -57.25
C LYS E 103 -26.37 14.19 -56.85
N GLN E 104 -25.78 13.47 -57.78
CA GLN E 104 -25.39 12.08 -57.59
C GLN E 104 -24.29 11.94 -56.51
N LEU E 105 -23.23 12.72 -56.63
CA LEU E 105 -22.17 12.69 -55.62
C LEU E 105 -22.54 13.21 -54.22
N ARG E 106 -23.52 14.11 -54.13
CA ARG E 106 -24.02 14.60 -52.85
C ARG E 106 -24.82 13.52 -52.15
N ARG E 107 -25.83 12.98 -52.84
CA ARG E 107 -26.73 11.97 -52.27
C ARG E 107 -25.92 10.81 -51.67
N PHE E 108 -24.94 10.33 -52.42
CA PHE E 108 -24.04 9.29 -51.95
C PHE E 108 -23.13 9.76 -50.78
N SER E 109 -22.47 10.90 -50.93
CA SER E 109 -21.66 11.43 -49.84
C SER E 109 -22.39 11.55 -48.50
N ILE E 110 -23.61 12.07 -48.52
CA ILE E 110 -24.45 12.21 -47.30
C ILE E 110 -24.80 10.85 -46.69
N ALA E 111 -25.25 9.91 -47.54
CA ALA E 111 -25.62 8.57 -47.10
C ALA E 111 -24.42 7.78 -46.53
N THR E 112 -23.31 7.79 -47.25
CA THR E 112 -22.12 7.10 -46.82
C THR E 112 -21.66 7.69 -45.48
N LEU E 113 -21.73 9.01 -45.35
CA LEU E 113 -21.27 9.75 -44.16
C LEU E 113 -22.00 9.46 -42.83
N ARG E 114 -23.34 9.44 -42.87
CA ARG E 114 -24.19 8.95 -41.77
C ARG E 114 -23.79 7.52 -41.48
N GLY E 115 -23.84 6.67 -42.51
CA GLY E 115 -23.41 5.26 -42.43
C GLY E 115 -22.22 4.99 -41.54
N PHE E 116 -21.24 5.92 -41.51
CA PHE E 116 -19.99 5.81 -40.71
C PHE E 116 -19.96 6.67 -39.44
N GLY E 117 -21.11 7.00 -38.86
CA GLY E 117 -21.16 7.70 -37.57
C GLY E 117 -21.62 9.16 -37.38
N VAL E 118 -21.82 9.92 -38.47
CA VAL E 118 -22.30 11.30 -38.36
C VAL E 118 -23.82 11.34 -38.13
N GLY E 119 -24.24 12.26 -37.26
CA GLY E 119 -25.60 12.24 -36.71
C GLY E 119 -25.69 11.31 -35.49
N LYS E 120 -24.56 10.72 -35.10
CA LYS E 120 -24.55 9.54 -34.21
C LYS E 120 -23.38 9.45 -33.22
N ARG E 121 -23.53 8.59 -32.21
CA ARG E 121 -22.49 8.25 -31.23
C ARG E 121 -21.25 7.70 -31.93
N GLY E 122 -21.47 6.96 -33.01
CA GLY E 122 -20.41 6.49 -33.89
C GLY E 122 -19.18 7.37 -33.90
N ILE E 123 -19.33 8.60 -34.42
CA ILE E 123 -18.21 9.58 -34.51
C ILE E 123 -18.05 10.49 -33.30
N GLU E 124 -19.14 10.67 -32.55
CA GLU E 124 -19.08 11.33 -31.25
C GLU E 124 -17.85 10.86 -30.50
N GLU E 125 -17.73 9.55 -30.29
CA GLU E 125 -16.68 8.99 -29.41
C GLU E 125 -15.29 9.11 -30.01
N ARG E 126 -15.22 8.99 -31.34
CA ARG E 126 -13.97 9.18 -32.08
C ARG E 126 -13.41 10.61 -31.83
N ILE E 127 -14.29 11.60 -31.81
CA ILE E 127 -13.93 12.99 -31.49
C ILE E 127 -13.48 13.14 -30.04
N GLN E 128 -14.11 12.37 -29.16
CA GLN E 128 -13.69 12.34 -27.75
C GLN E 128 -12.31 11.76 -27.62
N GLU E 129 -12.09 10.61 -28.26
CA GLU E 129 -10.78 9.96 -28.21
C GLU E 129 -9.69 10.93 -28.68
N GLU E 130 -9.90 11.48 -29.89
CA GLU E 130 -8.91 12.32 -30.54
C GLU E 130 -8.63 13.59 -29.74
N ALA E 131 -9.69 14.16 -29.17
CA ALA E 131 -9.55 15.26 -28.20
C ALA E 131 -8.67 14.80 -27.03
N GLY E 132 -9.00 13.67 -26.39
CA GLY E 132 -8.18 13.13 -25.29
C GLY E 132 -6.68 13.18 -25.57
N PHE E 133 -6.29 12.68 -26.75
CA PHE E 133 -4.90 12.62 -27.20
C PHE E 133 -4.28 14.02 -27.41
N LEU E 134 -5.12 15.00 -27.74
CA LEU E 134 -4.73 16.43 -27.84
C LEU E 134 -4.43 17.07 -26.48
N ILE E 135 -5.31 16.83 -25.51
CA ILE E 135 -5.06 17.21 -24.12
C ILE E 135 -3.67 16.73 -23.62
N ASP E 136 -3.34 15.46 -23.89
CA ASP E 136 -2.04 14.91 -23.48
C ASP E 136 -0.86 15.75 -24.04
N ALA E 137 -0.94 16.10 -25.33
CA ALA E 137 0.17 16.73 -26.04
C ALA E 137 0.33 18.15 -25.52
N LEU E 138 -0.81 18.75 -25.18
CA LEU E 138 -0.85 20.08 -24.58
C LEU E 138 -0.20 20.08 -23.20
N ARG E 139 -0.21 18.94 -22.50
CA ARG E 139 0.61 18.84 -21.26
C ARG E 139 2.11 18.70 -21.58
N GLY E 140 2.45 17.99 -22.64
CA GLY E 140 3.84 17.72 -23.02
C GLY E 140 4.63 18.94 -23.46
N THR E 141 3.96 20.09 -23.42
CA THR E 141 4.56 21.40 -23.72
C THR E 141 4.94 22.19 -22.47
N HIS E 142 4.55 21.61 -21.32
CA HIS E 142 4.83 22.09 -19.94
C HIS E 142 4.31 23.47 -19.53
N GLY E 143 3.71 24.20 -20.47
CA GLY E 143 3.16 25.53 -20.21
C GLY E 143 3.83 26.64 -21.00
N ALA E 144 4.82 26.26 -21.80
CA ALA E 144 5.56 27.18 -22.66
C ALA E 144 4.73 27.77 -23.84
N ASN E 145 5.35 28.73 -24.54
CA ASN E 145 4.78 29.33 -25.73
C ASN E 145 4.97 28.45 -26.94
N ILE E 146 3.86 28.28 -27.66
CA ILE E 146 3.80 27.42 -28.84
C ILE E 146 2.95 28.04 -29.97
N ASP E 147 3.31 27.74 -31.21
CA ASP E 147 2.38 27.96 -32.29
C ASP E 147 1.35 26.84 -32.20
N PRO E 148 0.05 27.20 -32.09
CA PRO E 148 -1.02 26.21 -31.99
C PRO E 148 -1.55 25.69 -33.33
N THR E 149 -1.05 26.20 -34.44
CA THR E 149 -1.62 25.87 -35.73
C THR E 149 -1.73 24.37 -35.92
N PHE E 150 -0.59 23.69 -35.80
CA PHE E 150 -0.46 22.28 -36.16
C PHE E 150 -0.95 21.26 -35.14
N PHE E 151 -0.76 21.55 -33.85
CA PHE E 151 -1.42 20.81 -32.76
C PHE E 151 -2.94 20.73 -33.03
N LEU E 152 -3.53 21.80 -33.57
CA LEU E 152 -4.97 21.85 -33.82
C LEU E 152 -5.44 21.07 -35.03
N SER E 153 -4.77 21.24 -36.17
CA SER E 153 -5.19 20.56 -37.40
C SER E 153 -4.90 19.05 -37.41
N ARG E 154 -3.85 18.62 -36.69
CA ARG E 154 -3.54 17.20 -36.53
C ARG E 154 -4.76 16.49 -35.99
N THR E 155 -5.49 17.20 -35.14
CA THR E 155 -6.52 16.61 -34.32
C THR E 155 -7.82 16.59 -35.09
N VAL E 156 -8.11 17.72 -35.70
CA VAL E 156 -9.26 17.84 -36.59
C VAL E 156 -9.16 16.90 -37.82
N SER E 157 -8.02 16.89 -38.51
CA SER E 157 -7.78 16.02 -39.67
C SER E 157 -8.03 14.53 -39.43
N ASN E 158 -7.78 14.07 -38.20
CA ASN E 158 -7.87 12.68 -37.84
C ASN E 158 -9.31 12.20 -37.83
N VAL E 159 -10.22 13.10 -37.50
CA VAL E 159 -11.64 12.80 -37.51
C VAL E 159 -12.08 12.40 -38.91
N ILE E 160 -11.97 13.35 -39.85
CA ILE E 160 -12.29 13.09 -41.25
C ILE E 160 -11.45 11.94 -41.80
N SER E 161 -10.17 11.91 -41.44
CA SER E 161 -9.29 10.80 -41.83
C SER E 161 -9.72 9.43 -41.34
N SER E 162 -10.33 9.37 -40.15
CA SER E 162 -10.95 8.14 -39.65
C SER E 162 -12.07 7.75 -40.57
N ILE E 163 -12.80 8.74 -41.07
CA ILE E 163 -13.90 8.48 -41.99
C ILE E 163 -13.38 8.02 -43.36
N VAL E 164 -12.54 8.82 -44.02
CA VAL E 164 -12.18 8.57 -45.43
C VAL E 164 -11.07 7.52 -45.65
N PHE E 165 -10.21 7.36 -44.65
CA PHE E 165 -9.14 6.34 -44.69
C PHE E 165 -9.38 5.10 -43.81
N GLY E 166 -10.44 5.08 -43.02
CA GLY E 166 -10.73 3.95 -42.14
C GLY E 166 -9.91 3.89 -40.85
N ASP E 167 -8.77 4.59 -40.86
CA ASP E 167 -7.83 4.67 -39.73
C ASP E 167 -7.27 6.11 -39.54
N ARG E 168 -6.77 6.41 -38.34
CA ARG E 168 -6.17 7.72 -37.98
C ARG E 168 -4.67 7.80 -38.35
N PHE E 169 -4.06 8.98 -38.23
CA PHE E 169 -2.58 9.12 -38.40
C PHE E 169 -1.84 9.19 -37.05
N ASP E 170 -0.65 8.61 -36.98
CA ASP E 170 0.24 8.72 -35.81
C ASP E 170 0.69 10.18 -35.71
N TYR E 171 0.58 10.78 -34.53
CA TYR E 171 0.96 12.19 -34.27
C TYR E 171 2.29 12.75 -34.81
N GLU E 172 3.25 11.89 -35.15
CA GLU E 172 4.59 12.34 -35.56
C GLU E 172 4.97 11.83 -36.94
N ASP E 173 3.96 11.46 -37.75
CA ASP E 173 4.16 11.02 -39.14
C ASP E 173 4.64 12.21 -39.97
N LYS E 174 5.84 12.10 -40.53
CA LYS E 174 6.47 13.24 -41.23
C LYS E 174 5.74 13.66 -42.53
N GLU E 175 5.24 12.66 -43.25
CA GLU E 175 4.42 12.83 -44.45
C GLU E 175 3.06 13.53 -44.13
N PHE E 176 2.43 13.15 -43.01
CA PHE E 176 1.21 13.77 -42.48
C PHE E 176 1.42 15.25 -42.11
N LEU E 177 2.57 15.60 -41.54
CA LEU E 177 2.96 17.00 -41.30
C LEU E 177 3.14 17.72 -42.65
N SER E 178 3.65 16.98 -43.64
CA SER E 178 3.74 17.53 -45.00
C SER E 178 2.34 17.72 -45.65
N LEU E 179 1.38 16.87 -45.26
CA LEU E 179 0.03 16.94 -45.79
C LEU E 179 -0.75 18.16 -45.30
N LEU E 180 -0.62 18.40 -44.01
CA LEU E 180 -1.21 19.53 -43.36
C LEU E 180 -0.55 20.79 -43.84
N ARG E 181 0.78 20.75 -43.99
CA ARG E 181 1.58 21.86 -44.56
C ARG E 181 1.09 22.28 -45.95
N MET E 182 0.75 21.28 -46.76
CA MET E 182 0.19 21.47 -48.09
C MET E 182 -1.21 22.11 -48.08
N MET E 183 -2.14 21.56 -47.28
CA MET E 183 -3.47 22.16 -47.18
C MET E 183 -3.49 23.56 -46.59
N LEU E 184 -2.68 23.79 -45.57
CA LEU E 184 -2.55 25.15 -45.05
C LEU E 184 -2.18 26.18 -46.14
N GLY E 185 -0.96 26.13 -46.68
CA GLY E 185 -0.43 27.14 -47.62
C GLY E 185 -1.38 27.44 -48.77
N SER E 186 -1.92 26.37 -49.31
CA SER E 186 -2.92 26.31 -50.35
C SER E 186 -4.19 27.13 -50.11
N PHE E 187 -4.87 26.81 -49.00
CA PHE E 187 -6.08 27.43 -48.55
C PHE E 187 -5.77 28.90 -48.24
N GLN E 188 -4.63 29.14 -47.62
CA GLN E 188 -4.19 30.51 -47.33
C GLN E 188 -3.94 31.34 -48.58
N PHE E 189 -3.43 30.71 -49.65
CA PHE E 189 -3.09 31.42 -50.85
C PHE E 189 -4.35 32.08 -51.47
N THR E 190 -5.47 31.40 -51.38
CA THR E 190 -6.70 31.95 -51.92
C THR E 190 -7.19 33.22 -51.18
N ALA E 191 -6.63 33.46 -50.01
CA ALA E 191 -6.99 34.66 -49.23
C ALA E 191 -6.08 35.88 -49.47
N THR E 192 -4.91 35.65 -50.06
CA THR E 192 -3.94 36.71 -50.37
C THR E 192 -4.39 37.55 -51.60
N SER E 193 -3.80 38.73 -51.81
CA SER E 193 -4.13 39.50 -53.02
C SER E 193 -3.71 38.84 -54.32
N THR E 194 -2.49 38.27 -54.37
CA THR E 194 -2.13 37.41 -55.49
C THR E 194 -3.21 36.34 -55.79
N GLY E 195 -3.60 35.61 -54.74
CA GLY E 195 -4.70 34.66 -54.79
C GLY E 195 -5.96 35.19 -55.41
N GLN E 196 -6.26 36.43 -55.09
CA GLN E 196 -7.48 37.01 -55.60
C GLN E 196 -7.27 37.66 -56.93
N LEU E 197 -6.06 38.14 -57.22
CA LEU E 197 -5.72 38.62 -58.57
C LEU E 197 -5.82 37.42 -59.47
N TYR E 198 -5.42 36.27 -58.94
CA TYR E 198 -5.47 35.02 -59.63
C TYR E 198 -6.87 34.66 -60.07
N GLU E 199 -7.86 34.99 -59.28
CA GLU E 199 -9.25 34.80 -59.62
C GLU E 199 -9.71 35.57 -60.83
N MET E 200 -9.18 36.77 -60.99
CA MET E 200 -9.47 37.54 -62.15
C MET E 200 -8.69 37.08 -63.40
N PHE E 201 -7.40 36.72 -63.27
CA PHE E 201 -6.51 36.52 -64.44
C PHE E 201 -5.77 35.15 -64.59
N SER E 202 -6.38 34.08 -64.06
CA SER E 202 -5.82 32.74 -64.07
C SER E 202 -5.44 32.33 -65.47
N SER E 203 -6.28 32.72 -66.43
CA SER E 203 -6.06 32.44 -67.84
C SER E 203 -4.70 32.96 -68.33
N VAL E 204 -4.10 33.85 -67.56
CA VAL E 204 -2.74 34.29 -67.82
C VAL E 204 -1.74 33.85 -66.71
N MET E 205 -2.14 33.97 -65.45
CA MET E 205 -1.24 33.69 -64.32
C MET E 205 -0.84 32.23 -64.18
N LYS E 206 -1.75 31.30 -64.46
CA LYS E 206 -1.41 29.88 -64.52
C LYS E 206 -0.06 29.56 -65.28
N HIS E 207 0.27 30.33 -66.30
CA HIS E 207 1.56 30.17 -67.03
C HIS E 207 2.71 31.04 -66.52
N LEU E 208 2.49 31.84 -65.48
CA LEU E 208 3.55 32.70 -64.93
C LEU E 208 4.06 32.21 -63.57
N PRO E 209 5.30 32.57 -63.21
CA PRO E 209 5.83 32.31 -61.87
C PRO E 209 5.19 33.22 -60.85
N GLY E 210 5.20 32.76 -59.61
CA GLY E 210 4.62 33.45 -58.49
C GLY E 210 4.08 32.40 -57.58
N PRO E 211 3.53 32.81 -56.43
CA PRO E 211 3.06 31.89 -55.41
C PRO E 211 1.93 30.99 -55.85
N GLN E 212 1.32 31.28 -57.00
CA GLN E 212 0.32 30.38 -57.55
C GLN E 212 0.95 29.04 -57.96
N GLN E 213 2.18 29.07 -58.45
CA GLN E 213 2.87 27.84 -58.77
C GLN E 213 3.02 26.96 -57.53
N GLN E 214 3.33 27.57 -56.37
CA GLN E 214 3.44 26.82 -55.13
C GLN E 214 2.06 26.24 -54.73
N ALA E 215 0.98 26.97 -55.01
CA ALA E 215 -0.33 26.46 -54.67
C ALA E 215 -0.70 25.22 -55.47
N PHE E 216 -0.27 25.16 -56.73
CA PHE E 216 -0.54 24.04 -57.60
C PHE E 216 0.21 22.81 -57.09
N LYS E 217 1.49 22.98 -56.76
N LYS E 217 1.50 22.99 -56.77
CA LYS E 217 2.37 21.88 -56.29
CA LYS E 217 2.43 21.96 -56.25
C LYS E 217 1.90 21.22 -54.98
C LYS E 217 1.87 21.24 -55.01
N GLU E 218 1.47 22.10 -54.04
CA GLU E 218 0.68 21.70 -52.86
C GLU E 218 -0.55 20.83 -53.23
N LEU E 219 -1.34 21.30 -54.20
CA LEU E 219 -2.54 20.60 -54.66
C LEU E 219 -2.27 19.31 -55.43
N GLN E 220 -1.25 19.34 -56.28
CA GLN E 220 -0.85 18.14 -56.99
CA GLN E 220 -0.80 18.17 -57.01
C GLN E 220 -0.49 17.07 -55.97
N GLY E 221 0.31 17.46 -54.98
CA GLY E 221 0.72 16.59 -53.87
C GLY E 221 -0.40 15.99 -53.03
N LEU E 222 -1.43 16.80 -52.79
CA LEU E 222 -2.62 16.30 -52.10
C LEU E 222 -3.33 15.22 -52.89
N GLU E 223 -3.40 15.40 -54.21
CA GLU E 223 -4.02 14.45 -55.09
C GLU E 223 -3.16 13.17 -55.28
N ASP E 224 -1.84 13.31 -55.44
CA ASP E 224 -0.89 12.17 -55.44
C ASP E 224 -1.09 11.32 -54.19
N PHE E 225 -1.14 11.96 -53.02
CA PHE E 225 -1.35 11.23 -51.80
C PHE E 225 -2.69 10.49 -51.74
N ILE E 226 -3.79 11.19 -52.03
CA ILE E 226 -5.10 10.56 -52.09
C ILE E 226 -5.13 9.46 -53.14
N ALA E 227 -4.61 9.73 -54.34
CA ALA E 227 -4.64 8.76 -55.43
C ALA E 227 -3.84 7.50 -55.11
N LYS E 228 -2.70 7.63 -54.42
CA LYS E 228 -1.96 6.45 -53.92
C LYS E 228 -2.79 5.61 -52.92
N LYS E 229 -3.45 6.27 -51.96
CA LYS E 229 -4.32 5.57 -51.00
C LYS E 229 -5.49 4.81 -51.61
N VAL E 230 -6.05 5.33 -52.68
CA VAL E 230 -7.13 4.63 -53.41
C VAL E 230 -6.65 3.34 -54.07
N GLU E 231 -5.45 3.36 -54.66
CA GLU E 231 -4.81 2.15 -55.20
C GLU E 231 -4.51 1.10 -54.10
N HIS E 232 -4.23 1.55 -52.87
CA HIS E 232 -4.01 0.65 -51.73
C HIS E 232 -5.31 0.01 -51.31
N ASN E 233 -6.34 0.84 -51.14
CA ASN E 233 -7.70 0.40 -50.88
C ASN E 233 -8.32 -0.42 -52.02
N GLN E 234 -7.64 -0.48 -53.16
CA GLN E 234 -8.16 -1.22 -54.32
C GLN E 234 -7.84 -2.73 -54.31
N ARG E 235 -6.56 -3.07 -54.13
CA ARG E 235 -6.12 -4.46 -54.16
C ARG E 235 -6.41 -5.22 -52.87
N THR E 236 -7.07 -4.58 -51.90
CA THR E 236 -7.35 -5.18 -50.59
C THR E 236 -8.83 -5.13 -50.22
N LEU E 237 -9.65 -4.68 -51.15
CA LEU E 237 -11.08 -4.48 -50.93
C LEU E 237 -11.79 -5.75 -50.54
N ASP E 238 -12.82 -5.61 -49.72
CA ASP E 238 -13.81 -6.64 -49.51
C ASP E 238 -15.16 -5.98 -49.66
N PRO E 239 -15.97 -6.50 -50.55
CA PRO E 239 -17.19 -5.85 -50.98
C PRO E 239 -18.41 -5.99 -50.11
N ASN E 240 -18.32 -6.73 -49.02
CA ASN E 240 -19.42 -6.79 -48.07
C ASN E 240 -19.09 -6.11 -46.76
N SER E 241 -17.92 -5.49 -46.73
CA SER E 241 -17.31 -5.00 -45.49
C SER E 241 -16.42 -3.75 -45.71
N PRO E 242 -17.04 -2.54 -45.81
CA PRO E 242 -16.30 -1.27 -45.97
C PRO E 242 -15.52 -0.75 -44.75
N ARG E 243 -14.22 -0.51 -44.94
CA ARG E 243 -13.40 0.08 -43.87
C ARG E 243 -13.55 1.61 -43.78
N ASP E 244 -13.91 2.23 -44.92
CA ASP E 244 -13.93 3.70 -45.06
C ASP E 244 -14.77 4.23 -46.22
N PHE E 245 -14.81 5.57 -46.34
CA PHE E 245 -15.56 6.26 -47.37
C PHE E 245 -15.12 5.77 -48.73
N ILE E 246 -13.83 5.44 -48.85
CA ILE E 246 -13.27 5.03 -50.13
C ILE E 246 -13.69 3.60 -50.54
N ASP E 247 -13.67 2.66 -49.60
CA ASP E 247 -14.23 1.31 -49.81
C ASP E 247 -15.70 1.38 -50.26
N SER E 248 -16.50 2.26 -49.65
CA SER E 248 -17.92 2.42 -49.98
C SER E 248 -18.19 2.87 -51.42
N PHE E 249 -17.39 3.82 -51.91
CA PHE E 249 -17.52 4.46 -53.22
C PHE E 249 -17.13 3.50 -54.32
N LEU E 250 -16.13 2.66 -54.06
CA LEU E 250 -15.63 1.63 -55.00
C LEU E 250 -16.62 0.48 -55.21
N ILE E 251 -17.32 0.11 -54.13
CA ILE E 251 -18.39 -0.90 -54.16
C ILE E 251 -19.57 -0.38 -54.99
N ARG E 252 -19.82 0.93 -54.87
CA ARG E 252 -20.81 1.64 -55.68
C ARG E 252 -20.40 1.69 -57.15
N MET E 253 -19.09 1.79 -57.39
CA MET E 253 -18.50 1.76 -58.72
C MET E 253 -18.68 0.44 -59.44
N GLN E 254 -18.68 -0.67 -58.69
CA GLN E 254 -18.94 -2.00 -59.24
C GLN E 254 -20.41 -2.13 -59.64
N GLU E 255 -21.33 -1.72 -58.76
CA GLU E 255 -22.76 -1.75 -59.08
C GLU E 255 -23.20 -0.87 -60.26
N GLU E 256 -22.45 0.19 -60.54
CA GLU E 256 -22.85 1.14 -61.58
C GLU E 256 -21.93 1.11 -62.82
N GLU E 257 -21.10 0.06 -62.96
CA GLU E 257 -20.23 -0.08 -64.15
C GLU E 257 -21.05 -0.55 -65.38
N LYS E 258 -22.29 -1.00 -65.11
CA LYS E 258 -23.34 -1.20 -66.11
C LYS E 258 -23.81 0.08 -66.85
N ASN E 259 -24.10 1.15 -66.09
CA ASN E 259 -24.57 2.45 -66.66
C ASN E 259 -23.44 3.22 -67.39
N PRO E 260 -23.66 3.59 -68.67
CA PRO E 260 -22.65 4.45 -69.32
C PRO E 260 -22.74 5.95 -68.94
N ASN E 261 -23.79 6.35 -68.23
CA ASN E 261 -24.03 7.78 -67.89
C ASN E 261 -23.71 8.22 -66.46
N THR E 262 -23.37 7.26 -65.61
CA THR E 262 -23.16 7.55 -64.20
C THR E 262 -21.82 8.22 -63.89
N GLU E 263 -21.71 8.72 -62.66
CA GLU E 263 -20.63 9.56 -62.20
C GLU E 263 -19.65 8.81 -61.29
N PHE E 264 -19.89 7.53 -61.10
CA PHE E 264 -19.04 6.78 -60.22
C PHE E 264 -17.91 6.15 -61.00
N TYR E 265 -16.86 6.94 -61.21
CA TYR E 265 -15.64 6.47 -61.82
C TYR E 265 -14.46 6.99 -61.00
N LEU E 266 -13.24 6.57 -61.36
CA LEU E 266 -11.97 6.97 -60.72
C LEU E 266 -11.79 8.47 -60.40
N LYS E 267 -12.05 9.37 -61.36
CA LYS E 267 -11.75 10.79 -61.12
C LYS E 267 -12.61 11.33 -59.96
N ASN E 268 -13.91 11.02 -60.02
CA ASN E 268 -14.84 11.49 -59.01
C ASN E 268 -14.62 10.89 -57.63
N LEU E 269 -13.98 9.72 -57.56
CA LEU E 269 -13.54 9.20 -56.29
C LEU E 269 -12.36 10.02 -55.71
N VAL E 270 -11.30 10.20 -56.49
CA VAL E 270 -10.15 10.99 -56.06
C VAL E 270 -10.56 12.40 -55.62
N MET E 271 -11.27 13.10 -56.48
CA MET E 271 -11.71 14.44 -56.19
C MET E 271 -12.69 14.56 -55.00
N THR E 272 -13.72 13.72 -54.89
CA THR E 272 -14.66 13.84 -53.76
C THR E 272 -13.96 13.64 -52.40
N THR E 273 -13.08 12.65 -52.34
CA THR E 273 -12.27 12.33 -51.15
C THR E 273 -11.45 13.53 -50.73
N LEU E 274 -10.67 14.04 -51.67
CA LEU E 274 -9.95 15.28 -51.49
C LEU E 274 -10.81 16.42 -50.91
N ASN E 275 -11.98 16.71 -51.50
CA ASN E 275 -12.96 17.69 -50.96
C ASN E 275 -13.28 17.48 -49.48
N LEU E 276 -13.49 16.23 -49.05
CA LEU E 276 -13.83 15.98 -47.67
C LEU E 276 -12.66 16.10 -46.75
N PHE E 277 -11.53 15.53 -47.14
CA PHE E 277 -10.29 15.62 -46.39
C PHE E 277 -9.84 17.06 -46.21
N PHE E 278 -9.80 17.79 -47.31
CA PHE E 278 -9.48 19.21 -47.30
C PHE E 278 -10.52 20.00 -46.51
N ALA E 279 -11.79 19.91 -46.95
CA ALA E 279 -12.86 20.71 -46.33
C ALA E 279 -13.23 20.22 -44.93
N GLY E 280 -12.53 19.18 -44.47
CA GLY E 280 -12.79 18.58 -43.15
C GLY E 280 -11.65 18.73 -42.17
N THR E 281 -10.56 19.36 -42.63
CA THR E 281 -9.37 19.61 -41.84
C THR E 281 -9.26 21.11 -41.70
N GLU E 282 -9.52 21.82 -42.81
CA GLU E 282 -9.16 23.19 -42.88
C GLU E 282 -10.16 24.14 -42.22
N THR E 283 -11.43 23.81 -42.28
CA THR E 283 -12.46 24.75 -41.82
C THR E 283 -12.58 24.85 -40.30
N VAL E 284 -12.68 23.68 -39.65
CA VAL E 284 -12.76 23.56 -38.20
C VAL E 284 -11.46 24.04 -37.54
N SER E 285 -10.37 23.80 -38.26
CA SER E 285 -9.02 24.12 -37.83
C SER E 285 -8.81 25.62 -37.66
N THR E 286 -9.14 26.34 -38.72
CA THR E 286 -9.13 27.78 -38.72
C THR E 286 -10.07 28.40 -37.69
N THR E 287 -11.33 27.94 -37.63
CA THR E 287 -12.30 28.48 -36.68
C THR E 287 -11.76 28.38 -35.25
N LEU E 288 -11.42 27.16 -34.84
CA LEU E 288 -10.77 26.94 -33.55
C LEU E 288 -9.60 27.90 -33.32
N ARG E 289 -8.73 28.07 -34.32
CA ARG E 289 -7.48 28.85 -34.15
C ARG E 289 -7.77 30.34 -33.94
N TYR E 290 -8.62 30.91 -34.78
CA TYR E 290 -9.16 32.24 -34.59
C TYR E 290 -9.87 32.41 -33.24
N GLY E 291 -10.69 31.42 -32.87
CA GLY E 291 -11.49 31.45 -31.65
C GLY E 291 -10.68 31.65 -30.35
N PHE E 292 -9.52 30.97 -30.27
CA PHE E 292 -8.56 31.18 -29.20
C PHE E 292 -7.95 32.58 -29.17
N LEU E 293 -7.58 33.13 -30.33
CA LEU E 293 -7.10 34.51 -30.35
C LEU E 293 -8.14 35.49 -29.78
N LEU E 294 -9.42 35.11 -29.85
CA LEU E 294 -10.53 35.97 -29.39
C LEU E 294 -10.84 35.73 -27.91
N LEU E 295 -10.64 34.50 -27.45
CA LEU E 295 -10.72 34.19 -26.02
C LEU E 295 -9.63 34.87 -25.19
N MET E 296 -8.44 35.05 -25.77
CA MET E 296 -7.35 35.73 -25.09
C MET E 296 -7.54 37.24 -25.06
N LYS E 297 -7.90 37.81 -26.22
CA LYS E 297 -8.30 39.21 -26.38
C LYS E 297 -9.44 39.64 -25.44
N HIS E 298 -10.49 38.81 -25.32
CA HIS E 298 -11.63 39.06 -24.44
C HIS E 298 -11.71 38.01 -23.29
N PRO E 299 -10.91 38.19 -22.21
CA PRO E 299 -10.85 37.11 -21.18
C PRO E 299 -12.06 37.07 -20.25
N GLU E 300 -12.85 38.14 -20.23
CA GLU E 300 -14.19 38.17 -19.59
C GLU E 300 -15.09 37.05 -20.15
N VAL E 301 -14.89 36.73 -21.43
CA VAL E 301 -15.67 35.77 -22.20
C VAL E 301 -15.14 34.37 -21.89
N GLU E 302 -13.82 34.24 -21.87
CA GLU E 302 -13.10 33.00 -21.48
C GLU E 302 -13.62 32.54 -20.10
N ALA E 303 -13.88 33.53 -19.25
CA ALA E 303 -14.36 33.38 -17.88
C ALA E 303 -15.69 32.66 -17.68
N LYS E 304 -16.76 33.15 -18.32
CA LYS E 304 -18.09 32.52 -18.19
C LYS E 304 -18.11 31.10 -18.78
N VAL E 305 -17.37 30.91 -19.87
CA VAL E 305 -17.14 29.58 -20.43
C VAL E 305 -16.64 28.60 -19.34
N HIS E 306 -15.54 28.97 -18.69
CA HIS E 306 -14.97 28.28 -17.54
C HIS E 306 -16.06 28.04 -16.44
N GLU E 307 -16.87 29.06 -16.13
CA GLU E 307 -17.90 28.94 -15.08
C GLU E 307 -18.91 27.85 -15.46
N GLU E 308 -19.27 27.82 -16.74
CA GLU E 308 -20.36 26.98 -17.23
C GLU E 308 -19.94 25.54 -17.38
N ILE E 309 -18.74 25.30 -17.87
CA ILE E 309 -18.23 23.94 -18.03
C ILE E 309 -18.12 23.26 -16.67
N ASP E 310 -17.50 23.95 -15.70
CA ASP E 310 -17.44 23.53 -14.31
C ASP E 310 -18.78 23.25 -13.62
N ARG E 311 -19.76 24.13 -13.82
N ARG E 311 -19.77 24.14 -13.78
CA ARG E 311 -21.12 23.96 -13.27
CA ARG E 311 -21.11 23.88 -13.23
C ARG E 311 -21.92 22.85 -13.95
C ARG E 311 -21.78 22.70 -13.94
N VAL E 312 -21.76 22.73 -15.27
CA VAL E 312 -22.47 21.72 -16.06
C VAL E 312 -21.74 20.36 -16.26
N ILE E 313 -20.46 20.38 -16.62
CA ILE E 313 -19.75 19.14 -16.96
C ILE E 313 -18.93 18.56 -15.78
N GLY E 314 -18.14 19.41 -15.14
CA GLY E 314 -17.24 18.98 -14.08
C GLY E 314 -15.79 19.02 -14.55
N LYS E 315 -14.96 18.24 -13.87
CA LYS E 315 -13.56 18.00 -14.22
C LYS E 315 -13.41 16.48 -14.28
N ASN E 316 -14.54 15.79 -14.11
CA ASN E 316 -14.60 14.36 -14.21
C ASN E 316 -14.66 13.94 -15.68
N ARG E 317 -15.87 13.80 -16.24
CA ARG E 317 -16.07 13.10 -17.52
C ARG E 317 -15.70 13.89 -18.82
N GLN E 318 -15.58 13.14 -19.92
CA GLN E 318 -15.45 13.74 -21.25
C GLN E 318 -16.82 14.26 -21.67
N PRO E 319 -16.92 15.57 -22.03
CA PRO E 319 -18.17 16.22 -22.46
C PRO E 319 -18.79 15.46 -23.59
N LYS E 320 -20.11 15.30 -23.54
CA LYS E 320 -20.87 14.65 -24.60
C LYS E 320 -21.56 15.75 -25.42
N PHE E 321 -22.05 15.38 -26.59
CA PHE E 321 -22.66 16.35 -27.50
C PHE E 321 -24.00 16.91 -26.96
N GLU E 322 -24.90 16.04 -26.49
CA GLU E 322 -26.18 16.52 -25.92
C GLU E 322 -26.08 17.54 -24.74
N ASP E 323 -24.87 17.73 -24.19
CA ASP E 323 -24.56 18.84 -23.24
C ASP E 323 -25.05 20.26 -23.65
N ARG E 324 -25.14 20.51 -24.96
CA ARG E 324 -25.46 21.84 -25.52
C ARG E 324 -26.68 22.52 -24.88
N ALA E 325 -27.76 21.75 -24.71
CA ALA E 325 -29.02 22.23 -24.13
C ALA E 325 -28.84 23.02 -22.86
N LYS E 326 -28.00 22.51 -21.96
CA LYS E 326 -27.79 23.13 -20.64
C LYS E 326 -26.57 24.10 -20.58
N MET E 327 -25.93 24.24 -21.73
CA MET E 327 -24.77 25.13 -21.93
C MET E 327 -25.08 26.19 -23.02
N PRO E 328 -25.86 27.23 -22.68
CA PRO E 328 -26.24 28.13 -23.77
C PRO E 328 -25.20 29.20 -24.06
N TYR E 329 -24.32 29.50 -23.11
CA TYR E 329 -23.45 30.64 -23.29
C TYR E 329 -22.22 30.26 -24.14
N THR E 330 -21.77 29.01 -23.97
CA THR E 330 -20.69 28.41 -24.77
C THR E 330 -21.10 28.32 -26.26
N GLU E 331 -22.31 27.78 -26.46
CA GLU E 331 -23.00 27.72 -27.71
C GLU E 331 -23.05 29.10 -28.41
N ALA E 332 -23.38 30.16 -27.67
CA ALA E 332 -23.42 31.50 -28.26
C ALA E 332 -22.04 32.06 -28.56
N VAL E 333 -21.02 31.62 -27.82
CA VAL E 333 -19.63 32.01 -27.98
C VAL E 333 -19.05 31.30 -29.21
N ILE E 334 -19.50 30.06 -29.47
CA ILE E 334 -19.10 29.31 -30.65
C ILE E 334 -19.74 29.94 -31.90
N HIS E 335 -21.05 30.23 -31.81
CA HIS E 335 -21.78 30.95 -32.84
C HIS E 335 -21.12 32.28 -33.17
N GLU E 336 -20.79 33.03 -32.13
CA GLU E 336 -20.16 34.33 -32.29
C GLU E 336 -18.72 34.20 -32.84
N ILE E 337 -18.04 33.12 -32.49
CA ILE E 337 -16.75 32.87 -33.08
C ILE E 337 -16.91 32.61 -34.62
N GLN E 338 -17.81 31.73 -34.99
CA GLN E 338 -18.12 31.47 -36.36
C GLN E 338 -18.52 32.72 -37.08
N ARG E 339 -19.41 33.50 -36.46
CA ARG E 339 -20.00 34.67 -37.11
C ARG E 339 -18.91 35.70 -37.34
N PHE E 340 -18.13 36.00 -36.31
CA PHE E 340 -16.99 36.93 -36.41
C PHE E 340 -15.89 36.44 -37.34
N GLY E 341 -15.62 35.13 -37.27
CA GLY E 341 -14.69 34.46 -38.17
C GLY E 341 -15.03 34.72 -39.65
N ASP E 342 -16.31 34.61 -40.02
CA ASP E 342 -16.80 34.90 -41.36
C ASP E 342 -15.92 34.13 -42.36
N MET E 343 -15.94 32.80 -42.15
CA MET E 343 -15.01 31.82 -42.69
C MET E 343 -14.77 31.90 -44.22
N LEU E 344 -15.87 31.83 -44.96
CA LEU E 344 -15.93 32.05 -46.37
C LEU E 344 -16.75 33.33 -46.69
N PRO E 345 -16.13 34.53 -46.75
CA PRO E 345 -16.89 35.76 -46.88
C PRO E 345 -17.89 35.87 -48.04
N MET E 346 -17.53 35.32 -49.21
CA MET E 346 -18.33 35.44 -50.46
C MET E 346 -18.95 34.10 -50.84
N GLY E 347 -18.97 33.22 -49.85
CA GLY E 347 -19.30 31.83 -50.03
C GLY E 347 -18.45 31.09 -51.03
N LEU E 348 -18.93 29.91 -51.44
CA LEU E 348 -18.51 29.30 -52.68
C LEU E 348 -19.38 29.92 -53.79
N ALA E 349 -18.78 30.35 -54.88
CA ALA E 349 -19.58 30.90 -56.02
C ALA E 349 -20.67 29.97 -56.57
N HIS E 350 -21.83 30.52 -56.89
CA HIS E 350 -22.90 29.77 -57.56
C HIS E 350 -23.08 30.16 -59.03
N ARG E 351 -24.13 29.63 -59.65
CA ARG E 351 -24.37 29.74 -61.11
C ARG E 351 -25.83 29.34 -61.46
N VAL E 352 -26.45 30.08 -62.38
CA VAL E 352 -27.82 29.74 -62.76
C VAL E 352 -27.89 28.67 -63.85
N ASN E 353 -28.70 27.63 -63.58
CA ASN E 353 -29.01 26.49 -64.50
C ASN E 353 -29.63 26.92 -65.83
N LYS E 354 -30.65 27.78 -65.74
CA LYS E 354 -31.46 28.25 -66.88
C LYS E 354 -31.66 29.77 -66.78
N ASP E 355 -32.17 30.40 -67.83
CA ASP E 355 -32.44 31.86 -67.80
C ASP E 355 -33.42 32.23 -66.68
N THR E 356 -32.97 33.05 -65.73
CA THR E 356 -33.78 33.28 -64.53
C THR E 356 -34.29 34.72 -64.35
N LYS E 357 -35.58 34.84 -64.02
CA LYS E 357 -36.20 36.09 -63.57
C LYS E 357 -35.96 36.36 -62.08
N PHE E 358 -35.13 37.36 -61.75
CA PHE E 358 -34.87 37.71 -60.35
C PHE E 358 -35.14 39.18 -60.12
N ARG E 359 -36.13 39.48 -59.30
CA ARG E 359 -36.48 40.86 -58.93
C ARG E 359 -36.51 41.87 -60.10
N ASP E 360 -37.14 41.48 -61.21
CA ASP E 360 -37.12 42.25 -62.46
C ASP E 360 -35.76 42.37 -63.16
N PHE E 361 -34.87 41.44 -62.84
CA PHE E 361 -33.64 41.27 -63.59
C PHE E 361 -33.73 39.99 -64.40
N PHE E 362 -32.93 39.93 -65.48
CA PHE E 362 -32.77 38.72 -66.26
C PHE E 362 -31.32 38.15 -66.19
N LEU E 363 -31.18 36.84 -66.01
CA LEU E 363 -29.85 36.25 -65.89
C LEU E 363 -29.64 35.17 -66.94
N PRO E 364 -28.93 35.51 -68.02
CA PRO E 364 -28.56 34.54 -69.04
C PRO E 364 -28.03 33.21 -68.43
N LYS E 365 -28.32 32.08 -69.11
CA LYS E 365 -27.84 30.76 -68.69
C LYS E 365 -26.38 30.89 -68.30
N GLY E 366 -26.04 30.34 -67.14
CA GLY E 366 -24.66 30.22 -66.71
C GLY E 366 -24.00 31.47 -66.19
N THR E 367 -24.75 32.44 -65.69
CA THR E 367 -24.16 33.66 -65.10
C THR E 367 -23.68 33.31 -63.68
N GLU E 368 -22.46 33.76 -63.32
CA GLU E 368 -21.90 33.54 -61.96
C GLU E 368 -22.63 34.30 -60.83
N VAL E 369 -22.79 33.65 -59.70
CA VAL E 369 -23.47 34.22 -58.57
C VAL E 369 -22.63 34.08 -57.31
N PHE E 370 -22.27 35.22 -56.72
CA PHE E 370 -21.63 35.32 -55.41
C PHE E 370 -22.67 35.69 -54.33
N PRO E 371 -22.98 34.77 -53.41
CA PRO E 371 -23.79 35.11 -52.24
C PRO E 371 -22.93 35.60 -51.07
N MET E 372 -22.97 36.88 -50.79
CA MET E 372 -22.06 37.45 -49.83
C MET E 372 -22.47 37.00 -48.48
N LEU E 373 -21.80 35.97 -47.96
CA LEU E 373 -22.29 35.29 -46.75
C LEU E 373 -21.91 36.18 -45.59
N GLY E 374 -20.77 36.83 -45.75
CA GLY E 374 -20.20 37.67 -44.74
C GLY E 374 -21.07 38.85 -44.53
N SER E 375 -21.84 39.24 -45.56
CA SER E 375 -22.72 40.41 -45.42
C SER E 375 -24.00 40.09 -44.68
N VAL E 376 -24.44 38.85 -44.73
CA VAL E 376 -25.58 38.40 -43.96
C VAL E 376 -25.16 38.31 -42.49
N LEU E 377 -23.95 37.83 -42.24
CA LEU E 377 -23.44 37.69 -40.90
C LEU E 377 -23.09 39.05 -40.27
N ARG E 378 -22.94 40.07 -41.10
CA ARG E 378 -22.75 41.43 -40.62
C ARG E 378 -23.95 42.36 -40.86
N ASP E 379 -25.09 41.78 -41.25
CA ASP E 379 -26.32 42.53 -41.57
C ASP E 379 -26.89 43.32 -40.39
N PRO E 380 -27.01 44.68 -40.54
CA PRO E 380 -27.47 45.52 -39.41
C PRO E 380 -28.91 45.23 -38.97
N ARG E 381 -29.63 44.42 -39.72
CA ARG E 381 -31.04 44.14 -39.46
C ARG E 381 -31.16 42.95 -38.53
N PHE E 382 -30.04 42.32 -38.25
CA PHE E 382 -30.08 41.10 -37.49
C PHE E 382 -29.12 41.18 -36.33
N PHE E 383 -28.17 42.10 -36.43
CA PHE E 383 -27.07 42.17 -35.50
C PHE E 383 -26.83 43.60 -35.05
N SER E 384 -26.84 43.81 -33.73
CA SER E 384 -26.76 45.14 -33.12
C SER E 384 -25.40 45.82 -33.28
N ASN E 385 -24.33 45.05 -33.07
CA ASN E 385 -22.95 45.54 -33.19
C ASN E 385 -22.14 44.57 -34.09
N PRO E 386 -22.44 44.53 -35.40
CA PRO E 386 -21.92 43.49 -36.31
C PRO E 386 -20.38 43.41 -36.48
N ARG E 387 -19.66 44.47 -36.06
CA ARG E 387 -18.19 44.56 -36.12
C ARG E 387 -17.48 44.07 -34.82
N ASP E 388 -18.17 44.21 -33.68
CA ASP E 388 -17.58 43.77 -32.40
C ASP E 388 -17.67 42.26 -32.22
N PHE E 389 -16.72 41.68 -31.48
CA PHE E 389 -16.93 40.34 -30.91
C PHE E 389 -17.85 40.42 -29.65
N ASN E 390 -19.09 39.92 -29.77
CA ASN E 390 -20.08 39.99 -28.70
C ASN E 390 -21.03 38.79 -28.64
N PRO E 391 -20.84 37.89 -27.67
CA PRO E 391 -21.68 36.70 -27.62
C PRO E 391 -23.13 36.89 -27.19
N GLN E 392 -23.56 38.16 -27.05
CA GLN E 392 -24.92 38.51 -26.65
C GLN E 392 -25.89 38.54 -27.86
N HIS E 393 -25.31 38.54 -29.06
CA HIS E 393 -26.03 38.43 -30.35
C HIS E 393 -26.81 37.14 -30.45
N PHE E 394 -26.34 36.16 -29.69
CA PHE E 394 -27.01 34.87 -29.63
C PHE E 394 -27.62 34.52 -28.23
N LEU E 395 -27.82 35.56 -27.40
CA LEU E 395 -28.42 35.46 -26.05
C LEU E 395 -29.55 36.51 -25.77
N ASP E 396 -30.68 36.07 -25.20
CA ASP E 396 -31.72 37.05 -24.80
C ASP E 396 -31.41 37.76 -23.48
N LYS E 397 -32.47 38.33 -22.86
CA LYS E 397 -32.37 39.00 -21.56
C LYS E 397 -32.14 37.95 -20.45
N LYS E 398 -32.83 36.80 -20.61
CA LYS E 398 -32.70 35.63 -19.73
C LYS E 398 -31.30 34.94 -19.76
N GLY E 399 -30.58 35.08 -20.88
CA GLY E 399 -29.40 34.28 -21.11
C GLY E 399 -29.80 32.89 -21.62
N GLN E 400 -30.76 32.85 -22.54
CA GLN E 400 -31.07 31.65 -23.36
C GLN E 400 -30.52 31.85 -24.78
N PHE E 401 -30.20 30.74 -25.45
CA PHE E 401 -29.70 30.78 -26.81
C PHE E 401 -30.75 31.31 -27.80
N LYS E 402 -30.40 32.41 -28.46
CA LYS E 402 -31.21 33.00 -29.51
C LYS E 402 -30.63 32.65 -30.91
N LYS E 403 -31.36 31.84 -31.66
CA LYS E 403 -31.02 31.58 -33.06
C LYS E 403 -31.22 32.87 -33.88
N SER E 404 -30.60 32.89 -35.06
CA SER E 404 -30.73 33.96 -36.04
C SER E 404 -30.84 33.37 -37.46
N ASP E 405 -31.85 33.82 -38.19
CA ASP E 405 -32.02 33.47 -39.58
C ASP E 405 -30.78 33.87 -40.40
N ALA E 406 -30.09 34.92 -39.93
CA ALA E 406 -28.87 35.43 -40.57
C ALA E 406 -27.59 34.66 -40.28
N PHE E 407 -27.71 33.57 -39.51
CA PHE E 407 -26.59 32.68 -39.24
C PHE E 407 -26.48 31.62 -40.31
N VAL E 408 -25.68 31.94 -41.32
CA VAL E 408 -25.47 31.06 -42.46
C VAL E 408 -23.98 30.91 -42.88
N PRO E 409 -23.10 30.57 -41.89
CA PRO E 409 -21.68 30.38 -42.16
C PRO E 409 -21.47 29.14 -42.98
N PHE E 410 -22.50 28.29 -43.00
CA PHE E 410 -22.54 27.09 -43.79
C PHE E 410 -23.31 27.27 -45.10
N SER E 411 -23.80 28.49 -45.36
CA SER E 411 -24.70 28.76 -46.49
C SER E 411 -26.09 28.22 -46.27
N ILE E 412 -26.91 28.26 -47.30
CA ILE E 412 -28.29 27.79 -47.37
C ILE E 412 -28.59 27.42 -48.81
N GLY E 413 -29.60 26.58 -49.01
CA GLY E 413 -30.08 26.25 -50.34
C GLY E 413 -29.84 24.81 -50.74
N LYS E 414 -29.82 24.57 -52.04
CA LYS E 414 -29.62 23.23 -52.59
C LYS E 414 -28.17 22.76 -52.44
N ARG E 415 -27.24 23.70 -52.31
CA ARG E 415 -25.81 23.39 -52.17
C ARG E 415 -25.22 23.71 -50.80
N TYR E 416 -26.06 23.79 -49.77
CA TYR E 416 -25.60 24.08 -48.40
C TYR E 416 -24.61 23.02 -47.94
N CYS E 417 -23.74 23.38 -46.98
CA CYS E 417 -22.70 22.45 -46.46
C CYS E 417 -23.32 21.20 -45.93
N PHE E 418 -22.92 20.05 -46.45
CA PHE E 418 -23.30 18.81 -45.77
C PHE E 418 -22.28 18.37 -44.70
N GLY E 419 -21.15 19.07 -44.58
CA GLY E 419 -20.22 18.89 -43.48
C GLY E 419 -20.72 19.48 -42.16
N GLU E 420 -21.96 19.96 -42.17
CA GLU E 420 -22.49 20.79 -41.08
C GLU E 420 -22.69 20.07 -39.73
N GLY E 421 -23.26 18.86 -39.76
CA GLY E 421 -23.38 18.06 -38.55
C GLY E 421 -22.02 17.72 -37.95
N LEU E 422 -21.12 17.26 -38.81
CA LEU E 422 -19.78 16.94 -38.38
C LEU E 422 -19.08 18.13 -37.72
N ALA E 423 -19.11 19.28 -38.38
CA ALA E 423 -18.41 20.49 -37.91
C ALA E 423 -19.02 21.15 -36.65
N ARG E 424 -20.36 21.15 -36.52
CA ARG E 424 -21.00 21.65 -35.29
C ARG E 424 -20.57 20.79 -34.07
N MET E 425 -20.55 19.48 -34.27
CA MET E 425 -20.12 18.55 -33.26
C MET E 425 -18.63 18.68 -32.94
N GLU E 426 -17.78 18.85 -33.97
CA GLU E 426 -16.34 18.95 -33.75
C GLU E 426 -15.98 20.25 -33.05
N LEU E 427 -16.68 21.31 -33.43
CA LEU E 427 -16.40 22.62 -32.87
C LEU E 427 -16.82 22.64 -31.40
N PHE E 428 -17.95 22.01 -31.06
CA PHE E 428 -18.36 21.98 -29.68
C PHE E 428 -17.34 21.18 -28.83
N LEU E 429 -17.12 19.93 -29.23
CA LEU E 429 -16.32 19.02 -28.45
C LEU E 429 -14.88 19.45 -28.28
N PHE E 430 -14.20 19.88 -29.35
CA PHE E 430 -12.81 20.42 -29.17
C PHE E 430 -12.73 21.66 -28.28
N PHE E 431 -13.71 22.56 -28.39
CA PHE E 431 -13.74 23.78 -27.56
C PHE E 431 -13.97 23.47 -26.06
N THR E 432 -15.04 22.71 -25.80
CA THR E 432 -15.35 22.24 -24.47
C THR E 432 -14.13 21.62 -23.78
N THR E 433 -13.62 20.55 -24.39
CA THR E 433 -12.60 19.75 -23.77
C THR E 433 -11.37 20.62 -23.59
N ILE E 434 -11.00 21.41 -24.60
CA ILE E 434 -9.78 22.22 -24.48
C ILE E 434 -9.87 23.27 -23.35
N MET E 435 -11.03 23.93 -23.23
CA MET E 435 -11.23 24.91 -22.17
C MET E 435 -11.35 24.26 -20.77
N GLN E 436 -12.06 23.13 -20.71
CA GLN E 436 -12.21 22.35 -19.49
C GLN E 436 -10.84 22.06 -18.85
N ASN E 437 -9.86 21.71 -19.68
CA ASN E 437 -8.50 21.36 -19.20
C ASN E 437 -7.46 22.48 -19.12
N PHE E 438 -7.66 23.62 -19.81
CA PHE E 438 -6.64 24.70 -19.84
C PHE E 438 -7.14 26.15 -19.82
N ARG E 439 -6.27 27.04 -19.34
CA ARG E 439 -6.43 28.48 -19.61
C ARG E 439 -5.34 28.96 -20.56
N PHE E 440 -5.55 30.14 -21.15
CA PHE E 440 -4.68 30.66 -22.20
C PHE E 440 -4.02 31.96 -21.79
N LYS E 441 -2.71 32.02 -21.96
CA LYS E 441 -1.95 33.26 -21.75
C LYS E 441 -1.26 33.54 -23.09
N SER E 442 -1.25 34.79 -23.51
CA SER E 442 -0.40 35.19 -24.63
C SER E 442 0.87 35.85 -24.09
N PRO E 443 1.94 36.01 -24.93
CA PRO E 443 3.11 36.76 -24.46
C PRO E 443 2.91 38.24 -24.66
N GLN E 444 1.68 38.67 -24.94
CA GLN E 444 1.35 40.09 -25.06
C GLN E 444 0.04 40.55 -24.34
N SER E 445 -0.20 41.87 -24.31
CA SER E 445 -1.27 42.50 -23.52
C SER E 445 -2.66 42.44 -24.20
N PRO E 446 -3.72 41.94 -23.51
CA PRO E 446 -5.08 41.88 -24.12
C PRO E 446 -5.51 43.11 -24.97
N LYS E 447 -5.43 44.32 -24.40
CA LYS E 447 -5.62 45.57 -25.14
C LYS E 447 -4.88 45.59 -26.49
N ASP E 448 -3.71 44.97 -26.55
CA ASP E 448 -2.83 45.04 -27.74
C ASP E 448 -2.91 43.81 -28.71
N ILE E 449 -3.75 42.80 -28.44
CA ILE E 449 -3.94 41.70 -29.39
C ILE E 449 -4.76 42.17 -30.62
N ASP E 450 -4.21 41.96 -31.81
CA ASP E 450 -4.92 42.36 -33.01
C ASP E 450 -5.79 41.19 -33.47
N VAL E 451 -7.08 41.44 -33.62
CA VAL E 451 -8.01 40.39 -34.14
C VAL E 451 -8.44 40.59 -35.61
N SER E 452 -8.04 41.69 -36.22
CA SER E 452 -8.35 41.84 -37.65
C SER E 452 -7.55 40.79 -38.45
N PRO E 453 -8.23 40.12 -39.41
CA PRO E 453 -7.63 38.97 -40.10
C PRO E 453 -6.34 39.34 -40.81
N LYS E 454 -5.42 38.38 -40.86
CA LYS E 454 -4.17 38.47 -41.62
C LYS E 454 -4.41 38.71 -43.14
N HIS E 455 -5.36 37.96 -43.70
CA HIS E 455 -5.74 38.05 -45.09
C HIS E 455 -7.24 37.69 -45.25
N VAL E 456 -7.92 38.36 -46.15
CA VAL E 456 -9.34 38.08 -46.38
C VAL E 456 -9.59 37.95 -47.89
N GLY E 457 -10.13 36.80 -48.30
CA GLY E 457 -10.28 36.46 -49.69
C GLY E 457 -11.41 35.49 -49.83
N PHE E 458 -11.17 34.38 -50.51
CA PHE E 458 -12.14 33.35 -50.54
C PHE E 458 -12.32 32.84 -49.06
N ALA E 459 -11.25 32.96 -48.28
CA ALA E 459 -11.27 32.60 -46.87
C ALA E 459 -10.82 33.77 -45.96
N THR E 460 -11.25 33.71 -44.70
CA THR E 460 -10.71 34.60 -43.66
C THR E 460 -9.60 33.91 -42.82
N ILE E 461 -8.46 34.58 -42.69
CA ILE E 461 -7.30 33.96 -42.11
C ILE E 461 -6.77 34.83 -40.95
N PRO E 462 -6.57 34.22 -39.75
CA PRO E 462 -5.99 34.87 -38.57
C PRO E 462 -4.49 35.18 -38.67
N ARG E 463 -4.12 36.28 -38.02
CA ARG E 463 -2.73 36.58 -37.73
C ARG E 463 -2.01 35.45 -36.97
N ASN E 464 -0.70 35.39 -37.24
CA ASN E 464 0.18 34.42 -36.61
C ASN E 464 0.37 34.82 -35.14
N TYR E 465 0.26 33.82 -34.27
CA TYR E 465 0.42 34.07 -32.84
C TYR E 465 0.98 32.86 -32.06
N THR E 466 1.46 33.15 -30.88
CA THR E 466 1.91 32.11 -29.95
C THR E 466 1.03 32.20 -28.70
N MET E 467 0.97 31.10 -27.97
CA MET E 467 0.10 31.08 -26.82
C MET E 467 0.60 30.05 -25.84
N SER E 468 0.08 30.10 -24.63
CA SER E 468 0.38 29.08 -23.60
C SER E 468 -0.85 28.33 -23.06
N PHE E 469 -0.69 27.03 -22.82
CA PHE E 469 -1.70 26.21 -22.14
C PHE E 469 -1.23 25.75 -20.75
N LEU E 470 -1.71 26.43 -19.72
CA LEU E 470 -1.38 26.14 -18.32
C LEU E 470 -2.63 25.48 -17.72
N PRO E 471 -2.51 24.22 -17.20
CA PRO E 471 -3.62 23.40 -16.59
C PRO E 471 -4.42 24.08 -15.46
N ARG E 472 -5.75 23.93 -15.48
CA ARG E 472 -6.64 24.41 -14.41
C ARG E 472 -6.83 23.28 -13.39
N LYS F 8 -47.65 6.75 32.94
CA LYS F 8 -46.38 6.18 33.50
C LYS F 8 -46.24 4.67 33.25
N GLY F 9 -46.94 4.20 32.22
CA GLY F 9 -47.01 2.78 31.85
C GLY F 9 -45.75 2.12 31.28
N LYS F 10 -44.58 2.77 31.41
CA LYS F 10 -43.27 2.13 31.11
C LYS F 10 -42.35 1.81 32.34
N LEU F 11 -41.07 1.63 32.05
CA LEU F 11 -40.00 1.54 33.03
C LEU F 11 -40.05 2.64 34.10
N PRO F 12 -39.67 2.29 35.33
CA PRO F 12 -39.51 3.26 36.40
C PRO F 12 -38.50 4.39 36.08
N PRO F 13 -38.70 5.60 36.64
CA PRO F 13 -37.81 6.71 36.29
C PRO F 13 -36.46 6.60 36.99
N GLY F 14 -35.45 7.30 36.50
CA GLY F 14 -34.21 7.41 37.19
C GLY F 14 -33.30 8.35 36.45
N PRO F 15 -32.11 8.61 37.00
CA PRO F 15 -31.20 9.53 36.33
C PRO F 15 -30.83 9.06 34.92
N THR F 16 -30.53 10.01 34.06
CA THR F 16 -30.23 9.74 32.65
C THR F 16 -28.85 9.07 32.53
N PRO F 17 -28.81 7.90 31.93
CA PRO F 17 -27.58 7.17 31.70
C PRO F 17 -26.75 7.68 30.56
N LEU F 18 -25.46 7.48 30.66
CA LEU F 18 -24.54 7.55 29.56
C LEU F 18 -24.43 6.18 28.94
N PRO F 19 -24.17 6.09 27.65
CA PRO F 19 -24.00 4.79 27.06
C PRO F 19 -22.79 4.06 27.55
N PHE F 20 -23.03 2.78 27.80
CA PHE F 20 -22.08 1.87 28.38
C PHE F 20 -21.76 2.10 29.85
N ILE F 21 -21.34 3.27 30.24
CA ILE F 21 -21.08 3.52 31.63
C ILE F 21 -22.32 3.63 32.43
N GLY F 22 -23.45 3.87 31.82
CA GLY F 22 -24.67 4.05 32.55
C GLY F 22 -24.68 5.23 33.48
N ASN F 23 -24.91 4.94 34.74
CA ASN F 23 -24.97 5.96 35.80
C ASN F 23 -23.71 6.03 36.67
N TYR F 24 -22.63 5.45 36.18
CA TYR F 24 -21.34 5.55 36.80
C TYR F 24 -20.99 6.93 37.47
N LEU F 25 -21.28 8.03 36.77
CA LEU F 25 -20.86 9.36 37.27
C LEU F 25 -21.77 9.91 38.34
N GLN F 26 -22.98 9.37 38.42
CA GLN F 26 -23.93 9.64 39.48
C GLN F 26 -23.71 8.75 40.74
N LEU F 27 -22.59 8.01 40.81
CA LEU F 27 -22.41 6.91 41.77
C LEU F 27 -20.96 6.88 42.27
N ASN F 28 -20.76 6.37 43.48
CA ASN F 28 -19.45 6.25 44.17
C ASN F 28 -19.24 4.74 44.41
N THR F 29 -18.24 4.17 43.77
CA THR F 29 -17.95 2.76 43.99
C THR F 29 -17.43 2.44 45.43
N GLU F 30 -16.89 3.44 46.15
CA GLU F 30 -16.53 3.21 47.58
C GLU F 30 -17.76 3.15 48.55
N GLN F 31 -18.89 3.69 48.10
CA GLN F 31 -20.09 3.86 48.93
C GLN F 31 -21.34 3.74 48.08
N MET F 32 -21.61 2.54 47.56
CA MET F 32 -22.71 2.42 46.61
C MET F 32 -24.02 2.56 47.31
N TYR F 33 -24.08 2.13 48.57
CA TYR F 33 -25.34 2.23 49.28
C TYR F 33 -25.76 3.70 49.46
N ASN F 34 -24.87 4.53 50.03
CA ASN F 34 -25.17 5.92 50.23
C ASN F 34 -25.58 6.63 48.93
N SER F 35 -24.93 6.19 47.84
CA SER F 35 -25.17 6.66 46.47
C SER F 35 -26.59 6.42 45.96
N LEU F 36 -27.04 5.17 45.99
CA LEU F 36 -28.42 4.81 45.63
C LEU F 36 -29.47 5.53 46.51
N MET F 37 -29.25 5.52 47.81
CA MET F 37 -30.08 6.23 48.77
C MET F 37 -30.27 7.74 48.51
N LYS F 38 -29.20 8.45 48.17
CA LYS F 38 -29.28 9.88 47.83
C LYS F 38 -29.97 10.17 46.46
N ILE F 39 -30.15 9.12 45.67
CA ILE F 39 -30.86 9.18 44.40
C ILE F 39 -32.31 8.88 44.67
N SER F 40 -32.58 8.05 45.69
CA SER F 40 -33.95 7.71 46.09
C SER F 40 -34.79 8.86 46.71
N GLU F 41 -34.10 9.81 47.34
CA GLU F 41 -34.66 11.06 47.82
C GLU F 41 -35.35 11.81 46.66
N ARG F 42 -34.67 11.92 45.52
CA ARG F 42 -35.18 12.62 44.33
C ARG F 42 -36.22 11.84 43.51
N TYR F 43 -35.97 10.57 43.22
CA TYR F 43 -36.85 9.81 42.33
C TYR F 43 -37.84 8.88 43.04
N GLY F 44 -37.87 8.92 44.36
CA GLY F 44 -38.84 8.10 45.11
C GLY F 44 -38.36 6.71 45.50
N PRO F 45 -39.32 5.81 45.88
CA PRO F 45 -38.88 4.56 46.46
C PRO F 45 -38.44 3.50 45.44
N VAL F 46 -39.10 3.45 44.29
CA VAL F 46 -38.76 2.53 43.21
C VAL F 46 -38.18 3.37 42.10
N PHE F 47 -36.94 3.05 41.71
CA PHE F 47 -36.24 3.71 40.63
C PHE F 47 -35.40 2.80 39.74
N THR F 48 -35.02 3.34 38.59
CA THR F 48 -34.14 2.69 37.63
C THR F 48 -32.74 3.27 37.69
N ILE F 49 -31.76 2.39 37.74
CA ILE F 49 -30.36 2.72 37.74
C ILE F 49 -29.63 1.85 36.75
N HIS F 50 -28.52 2.32 36.23
CA HIS F 50 -27.78 1.63 35.20
C HIS F 50 -26.35 1.46 35.70
N LEU F 51 -26.02 0.23 36.15
CA LEU F 51 -24.69 -0.12 36.65
C LEU F 51 -23.90 -0.55 35.42
N GLY F 52 -23.24 0.42 34.80
CA GLY F 52 -22.59 0.21 33.54
C GLY F 52 -23.67 -0.23 32.58
N PRO F 53 -23.40 -1.31 31.82
CA PRO F 53 -24.37 -1.86 30.91
C PRO F 53 -25.66 -2.36 31.51
N ARG F 54 -25.69 -2.60 32.81
CA ARG F 54 -26.79 -3.32 33.45
C ARG F 54 -27.89 -2.37 33.88
N ARG F 55 -29.11 -2.70 33.46
CA ARG F 55 -30.32 -2.02 33.84
C ARG F 55 -30.93 -2.76 35.05
N VAL F 56 -30.95 -2.07 36.19
CA VAL F 56 -31.36 -2.61 37.45
C VAL F 56 -32.47 -1.72 38.02
N VAL F 57 -33.54 -2.34 38.48
CA VAL F 57 -34.57 -1.68 39.24
C VAL F 57 -34.32 -1.78 40.79
N VAL F 58 -34.21 -0.63 41.45
CA VAL F 58 -33.88 -0.58 42.87
C VAL F 58 -35.13 -0.31 43.74
N LEU F 59 -35.45 -1.26 44.61
CA LEU F 59 -36.48 -1.07 45.64
C LEU F 59 -35.91 -0.58 46.98
N CYS F 60 -36.42 0.54 47.47
CA CYS F 60 -35.98 1.07 48.76
C CYS F 60 -37.09 1.02 49.79
N GLY F 61 -36.69 0.68 51.01
CA GLY F 61 -37.63 0.60 52.14
C GLY F 61 -38.62 -0.55 52.14
N HIS F 62 -39.15 -0.86 53.33
CA HIS F 62 -39.99 -2.04 53.64
C HIS F 62 -41.20 -2.24 52.73
N ASP F 63 -41.98 -1.20 52.49
CA ASP F 63 -43.21 -1.40 51.75
C ASP F 63 -42.87 -1.77 50.33
N ALA F 64 -41.95 -1.00 49.74
CA ALA F 64 -41.41 -1.27 48.39
C ALA F 64 -40.87 -2.70 48.21
N VAL F 65 -40.09 -3.21 49.18
CA VAL F 65 -39.41 -4.51 49.01
C VAL F 65 -40.30 -5.73 49.27
N LYS F 66 -41.15 -5.61 50.27
CA LYS F 66 -42.16 -6.62 50.58
C LYS F 66 -43.22 -6.72 49.48
N GLU F 67 -43.73 -5.59 48.98
CA GLU F 67 -44.67 -5.63 47.81
C GLU F 67 -44.10 -6.48 46.66
N ALA F 68 -42.78 -6.43 46.51
CA ALA F 68 -42.07 -7.14 45.45
C ALA F 68 -41.76 -8.57 45.83
N LEU F 69 -41.16 -8.77 47.00
CA LEU F 69 -40.64 -10.08 47.34
C LEU F 69 -41.65 -11.06 47.92
N VAL F 70 -42.69 -10.55 48.58
CA VAL F 70 -43.75 -11.40 49.13
C VAL F 70 -44.99 -11.37 48.25
N ASP F 71 -45.68 -10.23 48.18
CA ASP F 71 -46.98 -10.11 47.47
C ASP F 71 -46.93 -10.52 46.00
N GLN F 72 -45.73 -10.52 45.43
CA GLN F 72 -45.51 -10.99 44.09
C GLN F 72 -44.32 -11.91 44.08
N ALA F 73 -44.18 -12.72 45.11
CA ALA F 73 -43.04 -13.64 45.26
C ALA F 73 -42.62 -14.32 43.94
N GLU F 74 -43.57 -15.01 43.32
CA GLU F 74 -43.39 -15.82 42.13
C GLU F 74 -42.59 -15.13 40.98
N GLU F 75 -42.86 -13.85 40.74
CA GLU F 75 -42.42 -13.15 39.54
C GLU F 75 -41.04 -12.53 39.73
N PHE F 76 -40.82 -12.13 40.97
CA PHE F 76 -39.59 -11.48 41.38
C PHE F 76 -38.60 -12.46 41.99
N SER F 77 -38.72 -13.75 41.65
CA SER F 77 -37.90 -14.81 42.29
C SER F 77 -36.78 -15.38 41.41
N GLY F 78 -36.41 -14.65 40.35
CA GLY F 78 -35.22 -15.00 39.56
C GLY F 78 -33.93 -14.51 40.20
N ARG F 79 -32.79 -14.93 39.67
CA ARG F 79 -31.49 -14.45 40.17
C ARG F 79 -30.84 -13.47 39.20
N GLY F 80 -30.52 -12.27 39.66
CA GLY F 80 -29.73 -11.32 38.88
C GLY F 80 -28.28 -11.75 38.82
N GLU F 81 -27.34 -10.84 38.68
CA GLU F 81 -25.95 -11.25 38.71
C GLU F 81 -25.14 -10.61 39.82
N GLN F 82 -24.16 -11.33 40.32
CA GLN F 82 -23.11 -10.77 41.13
C GLN F 82 -21.89 -11.20 40.38
N ALA F 83 -21.30 -10.24 39.68
CA ALA F 83 -20.30 -10.52 38.63
C ALA F 83 -19.11 -11.34 39.10
N THR F 84 -18.55 -11.02 40.26
CA THR F 84 -17.35 -11.68 40.77
C THR F 84 -17.53 -13.19 40.90
N PHE F 85 -18.56 -13.58 41.65
CA PHE F 85 -18.83 -14.97 41.95
C PHE F 85 -19.38 -15.62 40.70
N ASP F 86 -19.91 -14.82 39.78
CA ASP F 86 -20.31 -15.30 38.46
C ASP F 86 -19.14 -15.77 37.61
N TRP F 87 -17.97 -15.19 37.80
CA TRP F 87 -16.77 -15.64 37.10
C TRP F 87 -16.50 -17.11 37.33
N LEU F 88 -16.82 -17.59 38.54
CA LEU F 88 -16.70 -19.02 38.87
C LEU F 88 -18.00 -19.81 38.70
N PHE F 89 -19.14 -19.28 39.07
CA PHE F 89 -20.38 -20.05 39.02
C PHE F 89 -21.02 -20.20 37.67
N LYS F 90 -20.84 -19.22 36.79
CA LYS F 90 -21.28 -19.29 35.35
C LYS F 90 -22.72 -19.78 35.14
N GLY F 91 -23.55 -19.59 36.18
CA GLY F 91 -24.97 -19.98 36.17
C GLY F 91 -25.23 -21.24 36.99
N TYR F 92 -24.16 -21.94 37.38
CA TYR F 92 -24.27 -23.22 38.10
C TYR F 92 -24.21 -23.08 39.63
N GLY F 93 -24.85 -24.02 40.33
CA GLY F 93 -24.91 -24.04 41.78
C GLY F 93 -26.29 -23.61 42.28
N VAL F 94 -26.54 -23.76 43.58
CA VAL F 94 -27.80 -23.35 44.17
C VAL F 94 -27.96 -21.79 44.33
N ALA F 95 -26.90 -21.09 44.74
CA ALA F 95 -26.94 -19.64 44.95
C ALA F 95 -27.17 -18.85 43.66
N PHE F 96 -26.34 -19.09 42.66
CA PHE F 96 -26.39 -18.23 41.48
C PHE F 96 -27.01 -18.88 40.22
N SER F 97 -28.31 -19.25 40.30
CA SER F 97 -29.05 -19.83 39.16
C SER F 97 -30.58 -19.57 39.13
N ASN F 98 -31.26 -20.06 38.07
CA ASN F 98 -32.63 -19.68 37.67
C ASN F 98 -33.58 -20.86 37.37
N GLY F 99 -34.89 -20.59 37.30
CA GLY F 99 -35.92 -21.48 36.73
C GLY F 99 -36.16 -22.85 37.35
N GLU F 100 -36.31 -23.86 36.49
CA GLU F 100 -36.34 -25.24 36.96
C GLU F 100 -35.09 -25.57 37.82
N ARG F 101 -33.93 -25.00 37.47
CA ARG F 101 -32.64 -25.30 38.15
C ARG F 101 -32.49 -24.76 39.57
N ALA F 102 -32.83 -23.49 39.78
CA ALA F 102 -32.87 -22.92 41.13
C ALA F 102 -33.84 -23.74 41.98
N LYS F 103 -35.07 -23.90 41.47
CA LYS F 103 -36.15 -24.58 42.16
C LYS F 103 -35.76 -26.04 42.53
N GLN F 104 -35.02 -26.72 41.66
CA GLN F 104 -34.66 -28.13 41.88
C GLN F 104 -33.47 -28.37 42.82
N LEU F 105 -32.51 -27.43 42.87
CA LEU F 105 -31.40 -27.52 43.84
C LEU F 105 -31.74 -26.89 45.21
N ARG F 106 -32.83 -26.15 45.26
CA ARG F 106 -33.30 -25.54 46.50
C ARG F 106 -34.11 -26.53 47.30
N ARG F 107 -34.77 -27.45 46.60
CA ARG F 107 -35.54 -28.54 47.23
C ARG F 107 -34.60 -29.53 47.91
N PHE F 108 -33.69 -30.08 47.13
CA PHE F 108 -32.76 -31.10 47.62
C PHE F 108 -31.96 -30.63 48.83
N SER F 109 -31.34 -29.45 48.72
CA SER F 109 -30.37 -28.97 49.69
C SER F 109 -30.98 -28.68 51.06
N ILE F 110 -32.18 -28.09 51.10
CA ILE F 110 -32.92 -27.92 52.36
C ILE F 110 -33.22 -29.30 52.96
N ALA F 111 -33.71 -30.21 52.11
CA ALA F 111 -34.12 -31.55 52.53
C ALA F 111 -32.93 -32.36 53.05
N THR F 112 -31.79 -32.23 52.37
CA THR F 112 -30.54 -32.91 52.76
C THR F 112 -29.96 -32.34 54.04
N LEU F 113 -30.06 -31.03 54.18
CA LEU F 113 -29.56 -30.34 55.37
C LEU F 113 -30.34 -30.73 56.59
N ARG F 114 -31.66 -30.90 56.41
CA ARG F 114 -32.53 -31.29 57.50
C ARG F 114 -32.19 -32.70 58.03
N GLY F 115 -32.24 -33.71 57.16
CA GLY F 115 -31.91 -35.09 57.54
C GLY F 115 -30.56 -35.21 58.22
N PHE F 116 -29.73 -34.19 58.03
CA PHE F 116 -28.37 -34.17 58.57
C PHE F 116 -28.16 -33.37 59.85
N GLY F 117 -29.14 -32.58 60.24
CA GLY F 117 -28.94 -31.63 61.34
C GLY F 117 -29.98 -30.51 61.50
N VAL F 118 -29.91 -29.49 60.63
CA VAL F 118 -30.83 -28.32 60.69
C VAL F 118 -32.30 -28.68 61.12
N GLY F 119 -32.78 -27.95 62.14
CA GLY F 119 -34.05 -28.29 62.82
C GLY F 119 -33.76 -29.13 64.06
N LYS F 120 -33.29 -30.36 63.84
CA LYS F 120 -33.08 -31.37 64.89
C LYS F 120 -32.09 -30.94 65.99
N ARG F 121 -32.10 -31.67 67.10
CA ARG F 121 -31.13 -31.46 68.19
C ARG F 121 -29.72 -31.91 67.75
N GLY F 122 -29.67 -32.82 66.78
CA GLY F 122 -28.42 -33.37 66.25
C GLY F 122 -27.38 -32.32 65.90
N ILE F 123 -27.79 -31.28 65.16
CA ILE F 123 -26.89 -30.19 64.79
C ILE F 123 -26.43 -29.33 65.98
N GLU F 124 -27.38 -29.07 66.89
CA GLU F 124 -27.09 -28.29 68.07
C GLU F 124 -25.85 -28.86 68.77
N GLU F 125 -25.81 -30.19 68.94
CA GLU F 125 -24.74 -30.84 69.71
C GLU F 125 -23.39 -30.69 69.05
N ARG F 126 -23.39 -30.73 67.71
CA ARG F 126 -22.16 -30.50 66.95
C ARG F 126 -21.61 -29.10 67.26
N ILE F 127 -22.48 -28.09 67.24
CA ILE F 127 -22.06 -26.71 67.52
C ILE F 127 -21.43 -26.54 68.92
N GLN F 128 -22.03 -27.21 69.92
CA GLN F 128 -21.59 -27.08 71.32
C GLN F 128 -20.18 -27.63 71.53
N GLU F 129 -19.86 -28.71 70.80
CA GLU F 129 -18.52 -29.27 70.79
C GLU F 129 -17.55 -28.24 70.22
N GLU F 130 -17.96 -27.58 69.12
CA GLU F 130 -17.09 -26.62 68.45
C GLU F 130 -16.86 -25.36 69.31
N ALA F 131 -17.93 -24.93 69.98
CA ALA F 131 -17.90 -23.84 70.99
C ALA F 131 -16.98 -24.15 72.18
N GLY F 132 -17.06 -25.38 72.68
CA GLY F 132 -16.16 -25.87 73.72
C GLY F 132 -14.72 -25.97 73.23
N PHE F 133 -14.54 -26.41 71.99
CA PHE F 133 -13.21 -26.44 71.34
C PHE F 133 -12.57 -25.06 71.18
N LEU F 134 -13.39 -24.04 70.92
CA LEU F 134 -12.90 -22.67 70.85
C LEU F 134 -12.60 -22.11 72.23
N ILE F 135 -13.37 -22.53 73.24
CA ILE F 135 -13.13 -22.11 74.62
C ILE F 135 -11.76 -22.58 75.06
N ASP F 136 -11.49 -23.88 74.89
CA ASP F 136 -10.13 -24.44 75.10
C ASP F 136 -9.13 -23.60 74.34
N ALA F 137 -9.41 -23.42 73.05
CA ALA F 137 -8.55 -22.66 72.12
C ALA F 137 -8.41 -21.19 72.48
N LEU F 138 -9.41 -20.64 73.18
CA LEU F 138 -9.36 -19.25 73.66
C LEU F 138 -8.58 -19.05 74.98
N ARG F 139 -8.72 -19.99 75.93
CA ARG F 139 -7.86 -20.04 77.11
C ARG F 139 -6.39 -20.04 76.68
N GLY F 140 -6.12 -20.67 75.53
CA GLY F 140 -4.78 -20.74 74.95
C GLY F 140 -3.95 -19.46 74.95
N THR F 141 -4.63 -18.29 74.94
CA THR F 141 -3.95 -17.01 74.82
C THR F 141 -3.45 -16.38 76.13
N HIS F 142 -4.20 -16.59 77.21
CA HIS F 142 -3.95 -15.94 78.50
C HIS F 142 -3.95 -14.43 78.35
N GLY F 143 -5.14 -13.92 78.02
CA GLY F 143 -5.45 -12.48 78.04
C GLY F 143 -4.54 -11.52 77.29
N ALA F 144 -3.73 -12.05 76.38
CA ALA F 144 -2.92 -11.20 75.50
C ALA F 144 -3.74 -10.64 74.32
N ASN F 145 -3.14 -9.70 73.56
CA ASN F 145 -3.74 -9.09 72.34
C ASN F 145 -3.59 -9.92 71.05
N ILE F 146 -4.74 -10.20 70.43
CA ILE F 146 -4.81 -11.03 69.23
C ILE F 146 -5.82 -10.45 68.23
N ASP F 147 -5.72 -10.90 66.97
CA ASP F 147 -6.79 -10.70 65.99
C ASP F 147 -7.80 -11.86 66.10
N PRO F 148 -9.07 -11.55 66.45
CA PRO F 148 -10.13 -12.58 66.61
C PRO F 148 -10.59 -13.24 65.30
N THR F 149 -10.34 -12.60 64.16
CA THR F 149 -10.89 -12.99 62.86
C THR F 149 -10.78 -14.48 62.60
N PHE F 150 -9.55 -14.98 62.66
CA PHE F 150 -9.23 -16.37 62.37
C PHE F 150 -9.66 -17.40 63.45
N PHE F 151 -9.65 -17.02 64.73
CA PHE F 151 -10.18 -17.89 65.80
C PHE F 151 -11.70 -18.10 65.60
N LEU F 152 -12.39 -17.05 65.17
CA LEU F 152 -13.83 -17.13 64.89
C LEU F 152 -14.19 -17.95 63.65
N SER F 153 -13.55 -17.63 62.53
CA SER F 153 -13.82 -18.36 61.28
C SER F 153 -13.48 -19.87 61.36
N ARG F 154 -12.40 -20.23 62.07
CA ARG F 154 -12.05 -21.63 62.25
C ARG F 154 -13.22 -22.36 62.85
N THR F 155 -13.79 -21.83 63.93
CA THR F 155 -14.85 -22.50 64.65
C THR F 155 -16.13 -22.58 63.85
N VAL F 156 -16.43 -21.49 63.15
CA VAL F 156 -17.65 -21.45 62.34
C VAL F 156 -17.54 -22.38 61.12
N SER F 157 -16.37 -22.37 60.49
CA SER F 157 -16.11 -23.18 59.32
C SER F 157 -16.27 -24.70 59.62
N ASN F 158 -15.71 -25.12 60.77
CA ASN F 158 -15.78 -26.53 61.21
C ASN F 158 -17.22 -27.02 61.39
N VAL F 159 -18.14 -26.07 61.63
CA VAL F 159 -19.56 -26.41 61.70
C VAL F 159 -20.11 -26.82 60.33
N ILE F 160 -19.97 -25.96 59.31
CA ILE F 160 -20.54 -26.25 57.98
C ILE F 160 -19.81 -27.39 57.24
N SER F 161 -18.52 -27.55 57.53
CA SER F 161 -17.72 -28.68 57.07
C SER F 161 -18.32 -30.02 57.52
N SER F 162 -18.41 -30.24 58.83
CA SER F 162 -18.96 -31.47 59.44
C SER F 162 -20.12 -32.01 58.63
N ILE F 163 -21.04 -31.12 58.23
CA ILE F 163 -22.20 -31.48 57.40
C ILE F 163 -21.88 -31.81 55.93
N VAL F 164 -21.10 -30.95 55.27
CA VAL F 164 -20.81 -31.15 53.84
C VAL F 164 -19.78 -32.23 53.53
N PHE F 165 -18.80 -32.38 54.44
CA PHE F 165 -17.63 -33.23 54.28
C PHE F 165 -17.57 -34.56 55.05
N GLY F 166 -18.01 -34.59 56.31
CA GLY F 166 -17.99 -35.82 57.14
C GLY F 166 -17.28 -35.73 58.49
N ASP F 167 -16.38 -34.76 58.59
CA ASP F 167 -15.71 -34.39 59.86
C ASP F 167 -15.01 -33.01 59.82
N ARG F 168 -14.87 -32.44 61.01
CA ARG F 168 -14.13 -31.22 61.26
C ARG F 168 -12.71 -31.25 60.71
N PHE F 169 -12.08 -30.08 60.63
CA PHE F 169 -10.65 -29.92 60.33
C PHE F 169 -9.89 -29.66 61.61
N ASP F 170 -8.64 -30.10 61.68
CA ASP F 170 -7.81 -29.72 62.82
C ASP F 170 -7.54 -28.20 62.82
N TYR F 171 -7.43 -27.61 64.01
CA TYR F 171 -7.21 -26.18 64.17
C TYR F 171 -5.84 -25.69 63.71
N GLU F 172 -5.04 -26.57 63.12
CA GLU F 172 -3.72 -26.18 62.60
C GLU F 172 -3.20 -26.93 61.38
N ASP F 173 -4.11 -27.61 60.66
CA ASP F 173 -3.81 -28.10 59.30
C ASP F 173 -3.54 -26.84 58.46
N LYS F 174 -2.50 -26.84 57.63
CA LYS F 174 -2.15 -25.61 56.92
C LYS F 174 -3.05 -25.40 55.70
N GLU F 175 -3.66 -26.48 55.21
CA GLU F 175 -4.58 -26.43 54.07
C GLU F 175 -5.80 -25.57 54.46
N PHE F 176 -6.27 -25.79 55.68
CA PHE F 176 -7.39 -25.08 56.29
C PHE F 176 -7.19 -23.57 56.40
N LEU F 177 -6.06 -23.16 56.97
CA LEU F 177 -5.72 -21.73 57.11
C LEU F 177 -5.72 -21.06 55.71
N SER F 178 -5.00 -21.70 54.77
CA SER F 178 -4.99 -21.35 53.34
C SER F 178 -6.42 -21.05 52.80
N LEU F 179 -7.31 -22.03 52.89
CA LEU F 179 -8.71 -21.90 52.45
C LEU F 179 -9.51 -20.71 53.05
N LEU F 180 -9.30 -20.48 54.34
CA LEU F 180 -9.92 -19.39 55.07
C LEU F 180 -9.42 -18.02 54.57
N ARG F 181 -8.14 -17.92 54.23
CA ARG F 181 -7.58 -16.69 53.67
C ARG F 181 -8.16 -16.36 52.29
N MET F 182 -8.70 -17.40 51.65
CA MET F 182 -9.30 -17.33 50.34
C MET F 182 -10.74 -16.83 50.40
N MET F 183 -11.52 -17.39 51.31
CA MET F 183 -12.90 -16.93 51.47
C MET F 183 -12.95 -15.48 51.97
N LEU F 184 -11.99 -15.13 52.83
CA LEU F 184 -11.95 -13.79 53.40
C LEU F 184 -11.54 -12.76 52.36
N GLY F 185 -10.43 -13.01 51.66
CA GLY F 185 -9.98 -12.15 50.57
C GLY F 185 -11.12 -11.85 49.60
N SER F 186 -11.72 -12.93 49.09
CA SER F 186 -12.76 -12.91 48.10
C SER F 186 -14.02 -12.14 48.45
N PHE F 187 -14.51 -12.35 49.66
CA PHE F 187 -15.66 -11.64 50.23
C PHE F 187 -15.34 -10.15 50.49
N GLN F 188 -14.12 -9.90 50.96
CA GLN F 188 -13.62 -8.57 51.19
C GLN F 188 -13.47 -7.81 49.84
N PHE F 189 -13.02 -8.51 48.82
CA PHE F 189 -12.93 -7.89 47.47
C PHE F 189 -14.26 -7.31 46.98
N THR F 190 -15.36 -8.05 47.13
CA THR F 190 -16.68 -7.58 46.72
C THR F 190 -17.17 -6.29 47.40
N ALA F 191 -16.63 -5.99 48.57
CA ALA F 191 -17.03 -4.78 49.31
C ALA F 191 -16.09 -3.56 49.08
N THR F 192 -15.01 -3.73 48.32
CA THR F 192 -14.11 -2.61 47.96
C THR F 192 -14.66 -1.82 46.74
N SER F 193 -14.05 -0.67 46.42
CA SER F 193 -14.56 0.14 45.29
C SER F 193 -14.20 -0.48 43.92
N THR F 194 -13.00 -1.04 43.84
CA THR F 194 -12.62 -1.86 42.69
C THR F 194 -13.60 -3.02 42.46
N GLY F 195 -14.07 -3.64 43.55
CA GLY F 195 -15.02 -4.73 43.41
C GLY F 195 -16.39 -4.26 42.94
N GLN F 196 -16.80 -3.04 43.34
CA GLN F 196 -18.08 -2.53 42.88
C GLN F 196 -17.89 -1.99 41.47
N LEU F 197 -16.70 -1.50 41.20
CA LEU F 197 -16.33 -1.12 39.87
C LEU F 197 -16.50 -2.34 38.98
N TYR F 198 -15.98 -3.49 39.42
CA TYR F 198 -16.08 -4.74 38.69
C TYR F 198 -17.51 -5.12 38.39
N GLU F 199 -18.46 -4.83 39.28
CA GLU F 199 -19.88 -5.12 38.97
C GLU F 199 -20.47 -4.34 37.77
N MET F 200 -19.91 -3.18 37.48
CA MET F 200 -20.37 -2.45 36.34
C MET F 200 -19.67 -2.95 35.03
N PHE F 201 -18.33 -2.95 35.04
CA PHE F 201 -17.48 -3.14 33.89
C PHE F 201 -16.81 -4.52 33.82
N SER F 202 -17.48 -5.54 34.36
CA SER F 202 -17.01 -6.93 34.32
C SER F 202 -16.47 -7.38 32.93
N SER F 203 -17.21 -7.06 31.86
CA SER F 203 -16.87 -7.47 30.52
C SER F 203 -15.55 -6.92 29.99
N VAL F 204 -14.96 -5.97 30.70
CA VAL F 204 -13.65 -5.43 30.34
C VAL F 204 -12.60 -5.88 31.36
N MET F 205 -12.94 -5.74 32.63
CA MET F 205 -12.02 -5.95 33.74
C MET F 205 -11.61 -7.42 33.98
N LYS F 206 -12.50 -8.34 33.70
CA LYS F 206 -12.16 -9.78 33.76
C LYS F 206 -10.87 -10.08 32.94
N HIS F 207 -10.56 -9.24 31.95
CA HIS F 207 -9.40 -9.40 31.06
C HIS F 207 -8.23 -8.47 31.33
N LEU F 208 -8.30 -7.77 32.45
CA LEU F 208 -7.27 -6.80 32.85
C LEU F 208 -6.59 -7.23 34.17
N PRO F 209 -5.32 -6.86 34.39
CA PRO F 209 -4.68 -7.10 35.68
C PRO F 209 -5.28 -6.30 36.86
N GLY F 210 -5.12 -6.84 38.07
CA GLY F 210 -5.50 -6.16 39.32
C GLY F 210 -6.18 -6.98 40.41
N PRO F 211 -6.60 -6.29 41.49
CA PRO F 211 -7.30 -6.95 42.62
C PRO F 211 -8.34 -8.00 42.19
N GLN F 212 -8.90 -7.88 40.99
CA GLN F 212 -9.91 -8.83 40.51
C GLN F 212 -9.32 -10.19 40.10
N GLN F 213 -8.08 -10.20 39.57
CA GLN F 213 -7.44 -11.46 39.16
C GLN F 213 -7.11 -12.36 40.35
N GLN F 214 -6.69 -11.71 41.45
CA GLN F 214 -6.37 -12.34 42.71
C GLN F 214 -7.59 -13.05 43.27
N ALA F 215 -8.68 -12.32 43.40
CA ALA F 215 -9.97 -12.92 43.75
C ALA F 215 -10.33 -14.14 42.87
N PHE F 216 -9.93 -14.13 41.62
CA PHE F 216 -10.25 -15.19 40.71
C PHE F 216 -9.47 -16.43 41.14
N LYS F 217 -8.17 -16.26 41.39
CA LYS F 217 -7.32 -17.35 41.83
C LYS F 217 -7.81 -17.91 43.18
N GLU F 218 -8.10 -17.04 44.14
CA GLU F 218 -8.73 -17.46 45.41
C GLU F 218 -9.99 -18.32 45.23
N LEU F 219 -10.79 -18.01 44.20
CA LEU F 219 -12.03 -18.79 43.93
C LEU F 219 -11.72 -20.05 43.13
N GLN F 220 -10.68 -19.99 42.30
CA GLN F 220 -10.19 -21.14 41.56
C GLN F 220 -9.52 -22.06 42.58
N GLY F 221 -8.88 -21.46 43.57
CA GLY F 221 -8.30 -22.20 44.70
C GLY F 221 -9.37 -22.90 45.50
N LEU F 222 -10.47 -22.19 45.74
CA LEU F 222 -11.59 -22.76 46.48
C LEU F 222 -12.35 -23.83 45.69
N GLU F 223 -12.40 -23.69 44.37
CA GLU F 223 -13.07 -24.72 43.54
C GLU F 223 -12.25 -26.02 43.48
N ASP F 224 -10.92 -25.90 43.50
CA ASP F 224 -9.98 -27.02 43.39
C ASP F 224 -10.01 -27.96 44.59
N PHE F 225 -10.04 -27.41 45.81
CA PHE F 225 -10.24 -28.21 46.98
C PHE F 225 -11.57 -28.94 46.96
N ILE F 226 -12.64 -28.28 46.51
CA ILE F 226 -13.95 -28.96 46.48
C ILE F 226 -13.97 -30.01 45.37
N ALA F 227 -12.95 -29.96 44.50
CA ALA F 227 -12.69 -30.99 43.50
C ALA F 227 -11.81 -32.16 44.04
N LYS F 228 -10.68 -31.87 44.72
CA LYS F 228 -9.82 -32.93 45.34
C LYS F 228 -10.51 -33.69 46.49
N LYS F 229 -11.25 -32.96 47.35
CA LYS F 229 -12.20 -33.59 48.30
C LYS F 229 -13.35 -34.38 47.63
N VAL F 230 -13.69 -34.08 46.39
CA VAL F 230 -14.69 -34.90 45.67
C VAL F 230 -14.05 -36.13 45.00
N GLU F 231 -12.78 -36.01 44.57
CA GLU F 231 -11.99 -37.12 43.99
C GLU F 231 -11.68 -38.24 44.98
N HIS F 232 -11.83 -37.94 46.27
CA HIS F 232 -11.50 -38.87 47.34
C HIS F 232 -12.77 -39.60 47.83
N ASN F 233 -13.91 -38.95 47.66
CA ASN F 233 -15.20 -39.48 48.13
C ASN F 233 -16.00 -40.21 47.03
N GLN F 234 -15.41 -40.40 45.84
CA GLN F 234 -15.99 -41.23 44.78
C GLN F 234 -15.55 -42.68 44.95
N ARG F 235 -14.23 -42.87 45.06
CA ARG F 235 -13.62 -44.19 45.26
C ARG F 235 -13.78 -44.73 46.68
N THR F 236 -14.26 -43.89 47.61
CA THR F 236 -14.56 -44.31 48.98
C THR F 236 -16.06 -44.20 49.29
N LEU F 237 -16.91 -44.68 48.38
CA LEU F 237 -18.36 -44.43 48.42
C LEU F 237 -19.18 -45.65 48.83
N ASP F 238 -20.42 -45.46 49.29
CA ASP F 238 -21.34 -46.58 49.55
C ASP F 238 -22.81 -46.20 49.33
N PRO F 239 -23.52 -46.89 48.39
CA PRO F 239 -24.90 -46.54 48.02
C PRO F 239 -25.96 -46.56 49.14
N ASN F 240 -25.76 -47.40 50.16
CA ASN F 240 -26.70 -47.57 51.31
C ASN F 240 -26.92 -46.28 52.15
N SER F 241 -26.38 -46.20 53.37
CA SER F 241 -26.62 -44.98 54.15
C SER F 241 -25.62 -43.88 53.74
N PRO F 242 -26.08 -42.61 53.74
CA PRO F 242 -25.28 -41.42 53.36
C PRO F 242 -24.27 -40.92 54.40
N ARG F 243 -23.03 -40.67 53.98
CA ARG F 243 -21.92 -40.35 54.92
C ARG F 243 -21.67 -38.86 55.20
N ASP F 244 -22.07 -37.98 54.27
CA ASP F 244 -21.93 -36.49 54.37
C ASP F 244 -22.77 -35.79 53.30
N PHE F 245 -22.71 -34.45 53.22
CA PHE F 245 -23.52 -33.74 52.21
C PHE F 245 -23.20 -34.17 50.77
N ILE F 246 -21.91 -34.19 50.44
CA ILE F 246 -21.43 -34.66 49.14
C ILE F 246 -22.04 -36.02 48.75
N ASP F 247 -21.91 -37.00 49.64
CA ASP F 247 -22.32 -38.39 49.37
C ASP F 247 -23.84 -38.56 49.07
N SER F 248 -24.68 -37.74 49.70
CA SER F 248 -26.12 -37.70 49.36
C SER F 248 -26.29 -37.26 47.90
N PHE F 249 -25.52 -36.25 47.48
CA PHE F 249 -25.66 -35.69 46.13
C PHE F 249 -25.23 -36.72 45.09
N LEU F 250 -24.17 -37.46 45.38
CA LEU F 250 -23.72 -38.56 44.52
C LEU F 250 -24.70 -39.76 44.42
N ILE F 251 -25.35 -40.11 45.54
CA ILE F 251 -26.45 -41.11 45.59
C ILE F 251 -27.67 -40.66 44.78
N ARG F 252 -27.76 -39.35 44.55
CA ARG F 252 -28.75 -38.78 43.66
C ARG F 252 -28.16 -38.70 42.25
N MET F 253 -26.83 -38.77 42.19
CA MET F 253 -26.02 -38.66 40.97
C MET F 253 -25.69 -40.02 40.33
N GLN F 254 -26.12 -41.10 40.98
CA GLN F 254 -26.22 -42.39 40.35
C GLN F 254 -27.65 -42.49 39.80
N GLU F 255 -28.62 -42.24 40.68
CA GLU F 255 -30.03 -42.51 40.44
C GLU F 255 -30.65 -41.79 39.22
N GLU F 256 -30.08 -40.66 38.81
CA GLU F 256 -30.71 -39.85 37.73
C GLU F 256 -29.95 -39.71 36.38
N GLU F 257 -28.92 -40.55 36.14
CA GLU F 257 -28.22 -40.60 34.84
C GLU F 257 -29.15 -41.07 33.72
N LYS F 258 -30.21 -41.79 34.10
CA LYS F 258 -31.26 -42.23 33.17
C LYS F 258 -31.91 -41.03 32.50
N ASN F 259 -31.90 -39.88 33.17
CA ASN F 259 -32.45 -38.64 32.61
C ASN F 259 -31.33 -37.86 31.90
N PRO F 260 -31.55 -37.50 30.61
CA PRO F 260 -30.61 -36.58 29.97
C PRO F 260 -31.09 -35.12 30.04
N ASN F 261 -31.99 -34.82 31.01
CA ASN F 261 -32.58 -33.49 31.23
C ASN F 261 -32.38 -32.97 32.67
N THR F 262 -32.05 -33.87 33.59
CA THR F 262 -31.90 -33.58 35.03
C THR F 262 -31.00 -32.38 35.41
N GLU F 263 -31.16 -31.89 36.63
CA GLU F 263 -30.27 -30.84 37.13
C GLU F 263 -29.23 -31.28 38.15
N PHE F 264 -29.05 -32.59 38.31
CA PHE F 264 -28.08 -33.11 39.27
C PHE F 264 -26.86 -33.74 38.56
N TYR F 265 -25.84 -32.93 38.25
CA TYR F 265 -24.57 -33.43 37.67
C TYR F 265 -23.28 -32.95 38.36
N LEU F 266 -22.13 -33.37 37.81
CA LEU F 266 -20.81 -33.03 38.35
C LEU F 266 -20.66 -31.53 38.69
N LYS F 267 -21.10 -30.65 37.77
CA LYS F 267 -20.90 -29.20 37.93
C LYS F 267 -21.75 -28.59 39.05
N ASN F 268 -23.04 -28.91 39.06
CA ASN F 268 -23.93 -28.44 40.12
C ASN F 268 -23.54 -28.92 41.51
N LEU F 269 -22.85 -30.06 41.61
CA LEU F 269 -22.36 -30.52 42.93
C LEU F 269 -21.20 -29.68 43.41
N VAL F 270 -20.17 -29.53 42.59
CA VAL F 270 -19.00 -28.74 43.01
C VAL F 270 -19.35 -27.27 43.40
N MET F 271 -20.35 -26.70 42.70
CA MET F 271 -20.73 -25.31 42.89
C MET F 271 -21.63 -25.12 44.13
N THR F 272 -22.71 -25.90 44.20
CA THR F 272 -23.62 -25.96 45.37
C THR F 272 -22.89 -26.20 46.70
N THR F 273 -21.98 -27.14 46.69
CA THR F 273 -21.18 -27.44 47.86
C THR F 273 -20.27 -26.27 48.22
N LEU F 274 -19.80 -25.54 47.21
CA LEU F 274 -18.95 -24.38 47.49
C LEU F 274 -19.80 -23.23 48.03
N ASN F 275 -21.01 -23.07 47.53
CA ASN F 275 -21.97 -22.13 48.12
C ASN F 275 -22.09 -22.37 49.64
N LEU F 276 -22.30 -23.64 49.98
CA LEU F 276 -22.50 -24.02 51.38
C LEU F 276 -21.32 -23.73 52.28
N PHE F 277 -20.14 -24.20 51.87
CA PHE F 277 -18.93 -24.03 52.66
C PHE F 277 -18.65 -22.56 52.77
N PHE F 278 -19.08 -21.84 51.75
CA PHE F 278 -18.70 -20.47 51.57
C PHE F 278 -19.52 -19.54 52.45
N ALA F 279 -20.83 -19.55 52.24
CA ALA F 279 -21.73 -18.63 52.92
C ALA F 279 -21.79 -18.94 54.41
N GLY F 280 -21.70 -20.23 54.74
CA GLY F 280 -21.74 -20.75 56.12
C GLY F 280 -20.54 -20.51 57.02
N THR F 281 -19.56 -19.81 56.44
CA THR F 281 -18.31 -19.46 57.10
C THR F 281 -18.20 -17.96 57.22
N GLU F 282 -18.31 -17.26 56.10
CA GLU F 282 -17.99 -15.82 56.12
C GLU F 282 -19.05 -14.89 56.76
N THR F 283 -20.33 -15.13 56.49
CA THR F 283 -21.44 -14.33 57.05
C THR F 283 -21.50 -14.43 58.58
N VAL F 284 -21.87 -15.60 59.08
CA VAL F 284 -21.81 -15.88 60.49
C VAL F 284 -20.55 -15.30 61.18
N SER F 285 -19.37 -15.52 60.61
CA SER F 285 -18.13 -15.09 61.26
C SER F 285 -17.91 -13.56 61.32
N THR F 286 -18.26 -12.89 60.23
CA THR F 286 -18.16 -11.45 60.10
C THR F 286 -19.11 -10.81 61.10
N THR F 287 -20.29 -11.40 61.26
CA THR F 287 -21.32 -10.95 62.22
C THR F 287 -20.82 -11.04 63.69
N LEU F 288 -20.24 -12.20 64.04
CA LEU F 288 -19.63 -12.41 65.34
C LEU F 288 -18.49 -11.45 65.52
N ARG F 289 -17.82 -11.11 64.41
CA ARG F 289 -16.60 -10.30 64.47
C ARG F 289 -16.96 -8.85 64.74
N TYR F 290 -18.02 -8.41 64.08
CA TYR F 290 -18.57 -7.07 64.21
C TYR F 290 -19.24 -6.92 65.60
N GLY F 291 -19.96 -7.98 66.00
CA GLY F 291 -20.63 -8.09 67.29
C GLY F 291 -19.74 -7.79 68.50
N PHE F 292 -18.62 -8.50 68.61
CA PHE F 292 -17.67 -8.29 69.71
C PHE F 292 -17.10 -6.87 69.74
N LEU F 293 -16.88 -6.25 68.57
CA LEU F 293 -16.34 -4.89 68.54
C LEU F 293 -17.40 -3.82 68.86
N LEU F 294 -18.67 -4.18 68.74
CA LEU F 294 -19.76 -3.32 69.19
C LEU F 294 -19.93 -3.39 70.72
N LEU F 295 -19.78 -4.58 71.28
CA LEU F 295 -19.96 -4.78 72.70
C LEU F 295 -18.81 -4.18 73.50
N MET F 296 -17.64 -4.02 72.88
CA MET F 296 -16.51 -3.34 73.52
C MET F 296 -16.68 -1.81 73.50
N LYS F 297 -17.38 -1.30 72.49
CA LYS F 297 -17.63 0.13 72.32
C LYS F 297 -18.75 0.53 73.26
N HIS F 298 -19.66 -0.42 73.48
CA HIS F 298 -20.71 -0.28 74.50
C HIS F 298 -20.56 -1.33 75.62
N PRO F 299 -19.60 -1.13 76.58
CA PRO F 299 -19.49 -2.05 77.75
C PRO F 299 -20.81 -2.23 78.58
N GLU F 300 -21.75 -1.30 78.40
CA GLU F 300 -23.04 -1.27 79.10
C GLU F 300 -24.03 -2.32 78.61
N VAL F 301 -23.96 -2.63 77.31
CA VAL F 301 -24.75 -3.69 76.69
C VAL F 301 -24.12 -5.02 77.10
N GLU F 302 -22.80 -5.00 77.25
CA GLU F 302 -22.02 -6.17 77.60
C GLU F 302 -22.35 -6.64 79.01
N ALA F 303 -22.09 -5.79 80.00
CA ALA F 303 -22.42 -6.06 81.41
C ALA F 303 -23.80 -6.72 81.61
N LYS F 304 -24.83 -6.14 80.98
CA LYS F 304 -26.22 -6.63 81.01
C LYS F 304 -26.39 -8.01 80.40
N VAL F 305 -25.54 -8.29 79.40
CA VAL F 305 -25.49 -9.58 78.74
C VAL F 305 -24.87 -10.62 79.69
N HIS F 306 -23.74 -10.29 80.30
CA HIS F 306 -23.16 -11.09 81.39
C HIS F 306 -24.16 -11.44 82.52
N GLU F 307 -24.94 -10.44 82.96
CA GLU F 307 -25.90 -10.61 84.05
C GLU F 307 -27.05 -11.50 83.66
N GLU F 308 -27.60 -11.30 82.45
CA GLU F 308 -28.72 -12.12 81.99
C GLU F 308 -28.23 -13.54 81.74
N ILE F 309 -26.93 -13.69 81.48
CA ILE F 309 -26.33 -15.00 81.33
C ILE F 309 -26.26 -15.72 82.68
N ASP F 310 -25.61 -15.10 83.67
CA ASP F 310 -25.52 -15.64 85.04
C ASP F 310 -26.88 -16.12 85.59
N ARG F 311 -27.88 -15.22 85.54
CA ARG F 311 -29.18 -15.45 86.16
C ARG F 311 -30.02 -16.58 85.53
N VAL F 312 -29.76 -16.94 84.27
CA VAL F 312 -30.54 -17.97 83.54
C VAL F 312 -29.68 -19.18 83.23
N ILE F 313 -28.42 -18.93 82.90
CA ILE F 313 -27.50 -19.97 82.47
C ILE F 313 -26.68 -20.48 83.66
N GLY F 314 -25.96 -19.59 84.32
CA GLY F 314 -25.11 -19.97 85.44
C GLY F 314 -23.78 -20.47 84.95
N LYS F 315 -22.88 -20.80 85.88
CA LYS F 315 -21.48 -21.14 85.58
C LYS F 315 -21.27 -22.47 84.84
N ASN F 316 -21.88 -23.53 85.36
CA ASN F 316 -21.48 -24.91 85.05
C ASN F 316 -21.54 -25.38 83.61
N ARG F 317 -22.70 -25.95 83.24
CA ARG F 317 -22.92 -26.59 81.93
C ARG F 317 -22.55 -25.67 80.75
N GLN F 318 -22.49 -26.25 79.53
CA GLN F 318 -22.42 -25.42 78.32
C GLN F 318 -23.84 -24.91 78.14
N PRO F 319 -23.99 -23.79 77.43
CA PRO F 319 -25.34 -23.29 77.08
C PRO F 319 -26.10 -24.16 76.05
N LYS F 320 -27.42 -23.97 75.99
CA LYS F 320 -28.28 -24.63 75.01
C LYS F 320 -29.24 -23.62 74.34
N PHE F 321 -29.95 -24.08 73.31
CA PHE F 321 -30.74 -23.20 72.44
C PHE F 321 -32.10 -22.80 73.01
N GLU F 322 -32.77 -23.73 73.72
CA GLU F 322 -34.06 -23.45 74.35
C GLU F 322 -33.98 -22.23 75.27
N ASP F 323 -32.79 -22.04 75.86
CA ASP F 323 -32.40 -20.85 76.64
C ASP F 323 -32.73 -19.50 75.99
N ARG F 324 -33.16 -19.57 74.73
CA ARG F 324 -33.57 -18.41 73.97
C ARG F 324 -34.83 -17.84 74.62
N ALA F 325 -35.87 -18.68 74.72
CA ALA F 325 -37.22 -18.26 75.15
C ALA F 325 -37.26 -17.59 76.53
N LYS F 326 -36.23 -17.82 77.34
CA LYS F 326 -36.17 -17.30 78.72
C LYS F 326 -35.10 -16.19 78.94
N MET F 327 -34.71 -15.53 77.85
CA MET F 327 -33.77 -14.37 77.86
C MET F 327 -34.23 -13.33 76.84
N PRO F 328 -35.11 -12.39 77.25
CA PRO F 328 -35.50 -11.39 76.28
C PRO F 328 -34.32 -10.57 75.74
N TYR F 329 -33.64 -9.83 76.60
CA TYR F 329 -32.62 -8.83 76.21
C TYR F 329 -31.49 -9.38 75.30
N THR F 330 -31.17 -10.66 75.43
CA THR F 330 -30.06 -11.24 74.66
C THR F 330 -30.44 -11.47 73.19
N GLU F 331 -31.62 -12.04 72.94
CA GLU F 331 -32.16 -12.17 71.58
C GLU F 331 -32.24 -10.79 70.85
N ALA F 332 -32.19 -9.72 71.64
CA ALA F 332 -32.25 -8.36 71.13
C ALA F 332 -30.87 -7.78 70.76
N VAL F 333 -29.85 -8.10 71.57
CA VAL F 333 -28.47 -7.70 71.26
C VAL F 333 -27.99 -8.35 69.94
N ILE F 334 -28.27 -9.64 69.75
CA ILE F 334 -27.90 -10.32 68.52
C ILE F 334 -28.65 -9.65 67.35
N HIS F 335 -29.96 -9.48 67.51
CA HIS F 335 -30.79 -8.86 66.49
C HIS F 335 -30.19 -7.51 66.10
N GLU F 336 -29.88 -6.72 67.11
CA GLU F 336 -29.30 -5.41 66.96
C GLU F 336 -27.93 -5.34 66.30
N ILE F 337 -27.12 -6.35 66.53
CA ILE F 337 -25.85 -6.52 65.86
C ILE F 337 -26.12 -6.82 64.37
N GLN F 338 -27.18 -7.58 64.11
CA GLN F 338 -27.55 -8.04 62.77
C GLN F 338 -28.17 -6.92 61.96
N ARG F 339 -29.05 -6.16 62.62
CA ARG F 339 -29.64 -4.99 62.05
C ARG F 339 -28.58 -3.92 61.73
N PHE F 340 -27.61 -3.72 62.62
CA PHE F 340 -26.68 -2.60 62.52
C PHE F 340 -25.49 -3.01 61.62
N GLY F 341 -25.25 -4.31 61.57
CA GLY F 341 -24.13 -4.91 60.85
C GLY F 341 -24.37 -4.98 59.36
N ASP F 342 -25.67 -5.04 59.00
CA ASP F 342 -26.19 -4.79 57.67
C ASP F 342 -25.39 -5.64 56.66
N MET F 343 -25.33 -6.93 56.93
CA MET F 343 -24.55 -7.90 56.17
C MET F 343 -24.55 -7.71 54.64
N LEU F 344 -25.71 -7.88 54.02
CA LEU F 344 -25.90 -7.60 52.59
C LEU F 344 -26.90 -6.47 52.32
N PRO F 345 -26.44 -5.20 52.31
CA PRO F 345 -27.26 -3.98 52.21
C PRO F 345 -28.12 -3.86 50.95
N MET F 346 -27.60 -4.35 49.83
CA MET F 346 -28.31 -4.39 48.56
C MET F 346 -28.71 -5.84 48.22
N GLY F 347 -28.66 -6.68 49.25
CA GLY F 347 -29.06 -8.06 49.16
C GLY F 347 -28.22 -8.77 48.14
N LEU F 348 -28.75 -9.85 47.61
CA LEU F 348 -28.15 -10.50 46.48
C LEU F 348 -29.14 -10.25 45.36
N ALA F 349 -28.61 -9.95 44.17
CA ALA F 349 -29.40 -9.49 43.05
C ALA F 349 -30.54 -10.45 42.64
N HIS F 350 -31.72 -9.88 42.48
CA HIS F 350 -32.82 -10.63 41.90
C HIS F 350 -33.04 -10.25 40.38
N ARG F 351 -33.90 -11.02 39.71
CA ARG F 351 -34.52 -10.63 38.42
C ARG F 351 -35.94 -11.16 38.20
N VAL F 352 -36.62 -10.58 37.23
CA VAL F 352 -37.98 -10.97 36.91
C VAL F 352 -38.03 -12.04 35.81
N ASN F 353 -38.85 -13.08 36.06
CA ASN F 353 -39.17 -14.21 35.14
C ASN F 353 -39.87 -13.81 33.83
N LYS F 354 -40.70 -12.76 33.92
CA LYS F 354 -41.66 -12.41 32.84
C LYS F 354 -41.97 -10.91 32.78
N ASP F 355 -42.68 -10.49 31.73
CA ASP F 355 -43.16 -9.10 31.67
C ASP F 355 -44.08 -8.86 32.87
N THR F 356 -43.73 -7.85 33.66
CA THR F 356 -44.30 -7.64 34.97
C THR F 356 -44.89 -6.23 35.12
N LYS F 357 -46.00 -6.15 35.84
CA LYS F 357 -46.57 -4.88 36.24
C LYS F 357 -46.40 -4.72 37.76
N PHE F 358 -46.21 -3.49 38.24
CA PHE F 358 -45.90 -3.26 39.65
C PHE F 358 -46.00 -1.79 40.02
N ARG F 359 -46.85 -1.46 41.00
CA ARG F 359 -47.00 -0.07 41.50
C ARG F 359 -47.10 1.02 40.38
N ASP F 360 -47.61 0.60 39.22
CA ASP F 360 -47.90 1.44 38.04
C ASP F 360 -46.78 1.41 36.99
N PHE F 361 -45.85 0.48 37.17
CA PHE F 361 -44.68 0.36 36.30
C PHE F 361 -44.74 -0.95 35.53
N PHE F 362 -43.82 -1.11 34.57
CA PHE F 362 -43.74 -2.29 33.71
C PHE F 362 -42.30 -2.74 33.70
N LEU F 363 -42.08 -4.02 33.98
CA LEU F 363 -40.74 -4.58 33.94
C LEU F 363 -40.60 -5.64 32.86
N PRO F 364 -39.81 -5.34 31.78
CA PRO F 364 -39.43 -6.28 30.72
C PRO F 364 -38.70 -7.47 31.30
N LYS F 365 -38.81 -8.62 30.62
CA LYS F 365 -38.29 -9.91 31.10
C LYS F 365 -36.79 -9.89 31.40
N GLY F 366 -36.39 -10.52 32.51
CA GLY F 366 -34.98 -10.60 32.90
C GLY F 366 -34.33 -9.30 33.34
N THR F 367 -35.14 -8.35 33.83
CA THR F 367 -34.65 -7.06 34.33
C THR F 367 -34.12 -7.23 35.76
N GLU F 368 -32.90 -6.78 36.03
CA GLU F 368 -32.31 -6.95 37.38
C GLU F 368 -33.02 -6.10 38.49
N VAL F 369 -33.28 -6.71 39.65
CA VAL F 369 -33.94 -6.02 40.77
C VAL F 369 -33.04 -6.03 42.03
N PHE F 370 -32.62 -4.87 42.50
CA PHE F 370 -31.96 -4.82 43.78
C PHE F 370 -32.97 -4.51 44.89
N PRO F 371 -33.06 -5.39 45.89
CA PRO F 371 -33.90 -5.09 47.05
C PRO F 371 -33.00 -4.63 48.16
N MET F 372 -33.09 -3.35 48.48
CA MET F 372 -32.16 -2.72 49.40
C MET F 372 -32.51 -3.10 50.83
N LEU F 373 -32.02 -4.27 51.24
CA LEU F 373 -32.41 -4.86 52.49
C LEU F 373 -31.98 -3.98 53.65
N GLY F 374 -30.85 -3.29 53.45
CA GLY F 374 -30.30 -2.38 54.42
C GLY F 374 -31.13 -1.15 54.65
N SER F 375 -31.99 -0.82 53.69
CA SER F 375 -32.85 0.36 53.83
C SER F 375 -34.14 -0.01 54.58
N VAL F 376 -34.50 -1.29 54.53
CA VAL F 376 -35.54 -1.85 55.39
C VAL F 376 -34.99 -1.88 56.83
N LEU F 377 -33.82 -2.49 57.00
CA LEU F 377 -33.08 -2.55 58.27
C LEU F 377 -32.88 -1.18 58.94
N ARG F 378 -33.13 -0.10 58.21
CA ARG F 378 -33.01 1.23 58.74
C ARG F 378 -34.22 2.08 58.37
N ASP F 379 -35.32 1.44 57.99
CA ASP F 379 -36.53 2.19 57.66
C ASP F 379 -36.94 3.07 58.86
N PRO F 380 -36.90 4.42 58.68
CA PRO F 380 -37.04 5.31 59.85
C PRO F 380 -38.45 5.24 60.47
N ARG F 381 -39.28 4.38 59.89
CA ARG F 381 -40.70 4.24 60.18
C ARG F 381 -40.89 2.98 60.99
N PHE F 382 -39.77 2.40 61.42
CA PHE F 382 -39.76 1.08 62.02
C PHE F 382 -38.74 0.90 63.13
N PHE F 383 -37.79 1.85 63.20
CA PHE F 383 -36.72 1.90 64.20
C PHE F 383 -36.41 3.38 64.43
N SER F 384 -36.45 3.81 65.69
CA SER F 384 -36.48 5.22 66.03
C SER F 384 -35.11 5.89 65.97
N ASN F 385 -34.05 5.10 66.14
CA ASN F 385 -32.68 5.63 66.01
C ASN F 385 -31.84 4.71 65.09
N PRO F 386 -32.20 4.65 63.78
CA PRO F 386 -31.57 3.70 62.85
C PRO F 386 -30.05 3.86 62.71
N ARG F 387 -29.57 5.09 62.81
CA ARG F 387 -28.12 5.36 62.80
C ARG F 387 -27.41 4.94 64.10
N ASP F 388 -28.19 4.57 65.13
CA ASP F 388 -27.60 4.23 66.44
C ASP F 388 -27.74 2.76 66.81
N PHE F 389 -26.70 2.22 67.46
CA PHE F 389 -26.72 0.86 68.01
C PHE F 389 -27.53 0.81 69.32
N ASN F 390 -28.84 0.60 69.18
CA ASN F 390 -29.77 0.63 70.29
C ASN F 390 -30.57 -0.66 70.39
N PRO F 391 -30.06 -1.62 71.17
CA PRO F 391 -30.74 -2.87 71.48
C PRO F 391 -32.23 -2.72 71.85
N GLN F 392 -32.64 -1.57 72.37
CA GLN F 392 -34.06 -1.35 72.63
C GLN F 392 -34.94 -1.55 71.39
N HIS F 393 -34.39 -1.40 70.17
CA HIS F 393 -35.19 -1.56 68.92
C HIS F 393 -35.96 -2.89 68.87
N PHE F 394 -35.50 -3.85 69.65
CA PHE F 394 -36.19 -5.11 69.77
C PHE F 394 -36.71 -5.38 71.21
N LEU F 395 -37.33 -4.37 71.83
CA LEU F 395 -37.95 -4.47 73.17
C LEU F 395 -39.28 -3.66 73.33
N ASP F 396 -40.33 -4.31 73.87
CA ASP F 396 -41.62 -3.64 74.14
C ASP F 396 -41.62 -2.91 75.49
N LYS F 397 -42.82 -2.56 75.98
CA LYS F 397 -42.96 -1.78 77.22
C LYS F 397 -42.13 -2.26 78.48
N LYS F 398 -42.15 -3.56 78.78
CA LYS F 398 -41.52 -4.11 79.99
C LYS F 398 -40.35 -5.11 79.73
N GLY F 399 -39.53 -4.81 78.72
CA GLY F 399 -38.31 -5.57 78.43
C GLY F 399 -38.45 -6.97 77.82
N GLN F 400 -39.58 -7.27 77.21
CA GLN F 400 -39.81 -8.56 76.55
C GLN F 400 -39.59 -8.41 75.03
N PHE F 401 -38.98 -9.43 74.40
CA PHE F 401 -38.57 -9.37 72.97
C PHE F 401 -39.71 -9.09 72.01
N LYS F 402 -39.57 -8.02 71.22
CA LYS F 402 -40.56 -7.59 70.23
C LYS F 402 -40.05 -7.87 68.81
N LYS F 403 -40.80 -8.71 68.08
CA LYS F 403 -40.64 -8.91 66.63
C LYS F 403 -40.54 -7.56 65.90
N SER F 404 -39.83 -7.56 64.78
CA SER F 404 -39.90 -6.48 63.79
C SER F 404 -40.15 -7.16 62.45
N ASP F 405 -41.26 -6.83 61.79
CA ASP F 405 -41.64 -7.33 60.45
C ASP F 405 -40.58 -6.89 59.42
N ALA F 406 -39.92 -5.76 59.69
CA ALA F 406 -38.80 -5.25 58.90
C ALA F 406 -37.45 -5.85 59.24
N PHE F 407 -37.41 -6.85 60.10
CA PHE F 407 -36.17 -7.58 60.35
C PHE F 407 -35.90 -8.67 59.28
N VAL F 408 -35.11 -8.29 58.29
CA VAL F 408 -34.99 -9.02 57.03
C VAL F 408 -33.53 -9.27 56.58
N PRO F 409 -32.60 -9.54 57.52
CA PRO F 409 -31.23 -9.62 57.04
C PRO F 409 -30.94 -10.90 56.23
N PHE F 410 -31.86 -11.87 56.29
CA PHE F 410 -31.85 -13.07 55.44
C PHE F 410 -32.81 -12.90 54.27
N SER F 411 -33.23 -11.68 54.00
CA SER F 411 -34.16 -11.39 52.89
C SER F 411 -35.57 -12.02 53.07
N ILE F 412 -36.43 -11.91 52.06
CA ILE F 412 -37.75 -12.55 52.04
C ILE F 412 -38.12 -13.06 50.63
N GLY F 413 -39.34 -13.56 50.48
CA GLY F 413 -39.80 -14.12 49.19
C GLY F 413 -39.27 -15.53 49.00
N LYS F 414 -39.39 -16.06 47.77
CA LYS F 414 -39.05 -17.47 47.47
C LYS F 414 -37.56 -17.86 47.54
N ARG F 415 -36.70 -16.88 47.33
CA ARG F 415 -35.26 -17.12 47.41
C ARG F 415 -34.70 -16.84 48.80
N TYR F 416 -35.53 -16.86 49.85
CA TYR F 416 -35.04 -16.56 51.21
C TYR F 416 -33.87 -17.43 51.67
N CYS F 417 -32.96 -16.82 52.42
CA CYS F 417 -31.82 -17.57 52.94
C CYS F 417 -32.24 -18.81 53.70
N PHE F 418 -31.81 -19.99 53.25
CA PHE F 418 -32.18 -21.23 53.93
C PHE F 418 -31.16 -21.73 54.97
N GLY F 419 -30.14 -20.93 55.21
CA GLY F 419 -29.27 -21.14 56.34
C GLY F 419 -29.75 -20.33 57.55
N GLU F 420 -30.90 -19.65 57.41
CA GLU F 420 -31.46 -18.77 58.46
C GLU F 420 -31.48 -19.46 59.81
N GLY F 421 -31.97 -20.71 59.83
CA GLY F 421 -32.05 -21.55 61.04
C GLY F 421 -30.71 -21.94 61.65
N LEU F 422 -29.79 -22.46 60.82
CA LEU F 422 -28.43 -22.73 61.27
C LEU F 422 -27.77 -21.50 61.87
N ALA F 423 -27.91 -20.34 61.21
CA ALA F 423 -27.23 -19.10 61.62
C ALA F 423 -27.71 -18.49 62.94
N ARG F 424 -29.03 -18.51 63.17
CA ARG F 424 -29.59 -18.12 64.48
C ARG F 424 -29.02 -19.02 65.60
N MET F 425 -29.08 -20.34 65.37
CA MET F 425 -28.45 -21.35 66.21
C MET F 425 -26.94 -21.17 66.33
N GLU F 426 -26.26 -20.74 65.27
CA GLU F 426 -24.83 -20.49 65.38
C GLU F 426 -24.61 -19.25 66.20
N LEU F 427 -25.13 -18.14 65.71
CA LEU F 427 -24.97 -16.86 66.37
C LEU F 427 -25.22 -16.97 67.87
N PHE F 428 -26.38 -17.55 68.23
CA PHE F 428 -26.73 -17.61 69.65
C PHE F 428 -25.69 -18.41 70.47
N LEU F 429 -25.52 -19.68 70.10
CA LEU F 429 -24.66 -20.56 70.83
C LEU F 429 -23.21 -20.09 70.93
N PHE F 430 -22.71 -19.39 69.93
CA PHE F 430 -21.33 -18.88 69.96
C PHE F 430 -21.20 -17.62 70.80
N PHE F 431 -22.08 -16.65 70.56
CA PHE F 431 -22.12 -15.45 71.36
C PHE F 431 -22.18 -15.79 72.86
N THR F 432 -23.19 -16.56 73.27
CA THR F 432 -23.39 -16.88 74.69
C THR F 432 -22.31 -17.78 75.36
N THR F 433 -21.80 -18.78 74.64
CA THR F 433 -20.73 -19.65 75.14
C THR F 433 -19.39 -18.93 75.21
N ILE F 434 -19.16 -17.96 74.32
CA ILE F 434 -17.97 -17.12 74.46
C ILE F 434 -18.14 -16.20 75.65
N MET F 435 -19.29 -15.55 75.73
CA MET F 435 -19.52 -14.48 76.71
C MET F 435 -19.66 -14.94 78.17
N GLN F 436 -20.13 -16.17 78.38
CA GLN F 436 -20.16 -16.73 79.73
C GLN F 436 -18.75 -16.90 80.31
N ASN F 437 -17.85 -17.50 79.54
CA ASN F 437 -16.51 -17.85 80.03
C ASN F 437 -15.48 -16.72 79.94
N PHE F 438 -15.87 -15.59 79.33
CA PHE F 438 -14.96 -14.48 79.01
C PHE F 438 -15.59 -13.08 79.11
N ARG F 439 -14.76 -12.09 79.45
CA ARG F 439 -15.09 -10.67 79.25
C ARG F 439 -14.10 -10.10 78.19
N PHE F 440 -14.48 -9.01 77.52
CA PHE F 440 -13.70 -8.49 76.40
C PHE F 440 -13.06 -7.16 76.78
N LYS F 441 -11.75 -7.04 76.57
CA LYS F 441 -11.02 -5.79 76.83
C LYS F 441 -10.32 -5.32 75.55
N SER F 442 -10.46 -4.03 75.26
CA SER F 442 -9.83 -3.43 74.11
C SER F 442 -8.58 -2.71 74.55
N PRO F 443 -7.54 -2.62 73.68
CA PRO F 443 -6.39 -1.78 74.02
C PRO F 443 -6.72 -0.27 74.01
N GLN F 444 -7.85 0.13 73.42
CA GLN F 444 -8.20 1.56 73.37
C GLN F 444 -9.51 1.92 74.08
N SER F 445 -9.60 3.18 74.51
CA SER F 445 -10.74 3.68 75.28
C SER F 445 -12.11 3.31 74.65
N PRO F 446 -13.11 2.86 75.46
CA PRO F 446 -14.47 2.59 74.95
C PRO F 446 -15.17 3.72 74.15
N LYS F 447 -14.52 4.87 73.96
CA LYS F 447 -15.07 5.99 73.19
C LYS F 447 -14.33 6.19 71.87
N ASP F 448 -13.00 6.14 71.93
CA ASP F 448 -12.13 6.33 70.77
C ASP F 448 -12.05 5.06 69.91
N ILE F 449 -13.13 4.30 69.84
CA ILE F 449 -13.24 3.19 68.89
C ILE F 449 -14.18 3.56 67.74
N ASP F 450 -13.73 3.28 66.53
CA ASP F 450 -14.52 3.47 65.33
C ASP F 450 -15.25 2.17 64.92
N VAL F 451 -16.56 2.21 65.03
CA VAL F 451 -17.44 1.08 64.68
C VAL F 451 -18.07 1.19 63.28
N SER F 452 -17.84 2.29 62.58
CA SER F 452 -18.29 2.41 61.18
C SER F 452 -17.51 1.43 60.26
N PRO F 453 -18.16 0.93 59.19
CA PRO F 453 -17.51 -0.12 58.39
C PRO F 453 -16.24 0.34 57.64
N LYS F 454 -15.32 -0.59 57.42
CA LYS F 454 -14.06 -0.36 56.65
C LYS F 454 -14.35 -0.23 55.13
N HIS F 455 -15.25 -1.07 54.64
CA HIS F 455 -15.73 -1.14 53.23
C HIS F 455 -17.19 -1.55 53.24
N VAL F 456 -17.98 -0.89 52.40
CA VAL F 456 -19.36 -1.31 52.13
C VAL F 456 -19.57 -1.41 50.61
N GLY F 457 -20.20 -2.52 50.21
CA GLY F 457 -20.54 -2.85 48.86
C GLY F 457 -21.59 -3.95 48.75
N PHE F 458 -21.21 -5.10 48.22
CA PHE F 458 -22.08 -6.26 48.30
C PHE F 458 -22.22 -6.72 49.79
N ALA F 459 -21.15 -6.58 50.57
CA ALA F 459 -21.15 -6.91 51.98
C ALA F 459 -20.73 -5.72 52.83
N THR F 460 -21.11 -5.71 54.12
CA THR F 460 -20.57 -4.74 55.07
C THR F 460 -19.41 -5.39 55.84
N ILE F 461 -18.23 -4.76 55.78
CA ILE F 461 -16.99 -5.25 56.43
C ILE F 461 -16.53 -4.34 57.61
N PRO F 462 -16.23 -4.95 58.79
CA PRO F 462 -15.69 -4.24 59.94
C PRO F 462 -14.18 -4.01 59.80
N ARG F 463 -13.69 -2.93 60.41
CA ARG F 463 -12.29 -2.55 60.34
C ARG F 463 -11.45 -3.58 61.06
N ASN F 464 -10.14 -3.51 60.86
CA ASN F 464 -9.21 -4.39 61.52
C ASN F 464 -9.17 -4.03 63.00
N TYR F 465 -9.18 -5.04 63.87
CA TYR F 465 -9.05 -4.79 65.31
C TYR F 465 -8.48 -5.98 66.15
N THR F 466 -7.91 -5.62 67.31
CA THR F 466 -7.34 -6.58 68.27
C THR F 466 -8.08 -6.44 69.62
N MET F 467 -8.26 -7.55 70.31
CA MET F 467 -8.96 -7.55 71.58
C MET F 467 -8.24 -8.42 72.60
N SER F 468 -8.25 -7.99 73.87
CA SER F 468 -7.80 -8.80 75.02
C SER F 468 -8.98 -9.64 75.51
N PHE F 469 -8.75 -10.95 75.71
CA PHE F 469 -9.78 -11.94 76.15
C PHE F 469 -9.69 -12.43 77.64
N LEU F 470 -9.89 -11.52 78.61
CA LEU F 470 -9.81 -11.83 80.06
C LEU F 470 -10.89 -12.84 80.56
N PRO F 471 -10.47 -13.97 81.22
CA PRO F 471 -11.39 -15.07 81.64
C PRO F 471 -12.39 -14.77 82.79
N ARG F 472 -13.35 -15.68 82.99
CA ARG F 472 -14.32 -15.53 84.08
C ARG F 472 -14.58 -16.84 84.82
N LYS G 10 17.07 10.77 18.17
CA LYS G 10 16.79 9.30 18.20
C LYS G 10 16.32 8.83 19.60
N LEU G 11 15.02 8.87 19.85
CA LEU G 11 14.48 8.40 21.12
C LEU G 11 14.85 6.93 21.38
N PRO G 12 15.18 6.57 22.63
CA PRO G 12 15.31 5.16 23.01
C PRO G 12 14.05 4.40 22.62
N PRO G 13 14.21 3.22 22.01
CA PRO G 13 12.99 2.58 21.50
C PRO G 13 12.22 1.99 22.69
N GLY G 14 11.00 1.51 22.44
CA GLY G 14 10.24 0.82 23.45
C GLY G 14 8.90 0.35 22.92
N PRO G 15 8.18 -0.45 23.70
CA PRO G 15 6.89 -0.93 23.16
C PRO G 15 5.98 0.23 22.66
N THR G 16 5.25 0.01 21.56
CA THR G 16 4.40 1.04 20.97
C THR G 16 3.17 1.30 21.83
N PRO G 17 2.88 2.61 22.06
CA PRO G 17 1.73 3.08 22.80
C PRO G 17 0.42 3.00 22.03
N LEU G 18 -0.66 2.86 22.79
CA LEU G 18 -1.99 3.33 22.41
C LEU G 18 -2.03 4.83 22.81
N PRO G 19 -2.93 5.61 22.18
CA PRO G 19 -2.88 7.00 22.56
C PRO G 19 -3.59 7.28 23.87
N PHE G 20 -2.98 8.20 24.61
CA PHE G 20 -3.43 8.63 25.91
C PHE G 20 -3.20 7.59 26.99
N ILE G 21 -3.73 6.37 26.81
CA ILE G 21 -3.47 5.30 27.76
C ILE G 21 -2.02 4.82 27.71
N GLY G 22 -1.30 5.12 26.63
CA GLY G 22 0.10 4.68 26.51
C GLY G 22 0.38 3.15 26.59
N ASN G 23 1.30 2.82 27.49
CA ASN G 23 1.76 1.46 27.66
C ASN G 23 1.12 0.79 28.85
N TYR G 24 0.02 1.36 29.28
CA TYR G 24 -0.79 0.82 30.37
C TYR G 24 -1.04 -0.67 30.22
N LEU G 25 -1.40 -1.10 29.02
CA LEU G 25 -1.77 -2.49 28.79
C LEU G 25 -0.59 -3.51 28.91
N GLN G 26 0.64 -3.09 28.59
CA GLN G 26 1.84 -3.89 28.86
C GLN G 26 2.31 -3.80 30.34
N LEU G 27 1.63 -3.00 31.16
CA LEU G 27 2.06 -2.76 32.53
C LEU G 27 1.13 -3.38 33.58
N ASN G 28 1.64 -3.64 34.78
CA ASN G 28 0.81 -4.15 35.88
C ASN G 28 0.81 -3.20 37.07
N THR G 29 -0.37 -2.67 37.39
CA THR G 29 -0.57 -1.78 38.55
C THR G 29 0.01 -2.30 39.87
N GLU G 30 -0.26 -3.57 40.20
CA GLU G 30 0.17 -4.19 41.45
C GLU G 30 1.69 -4.23 41.45
N GLN G 31 2.29 -5.00 40.53
CA GLN G 31 3.75 -5.18 40.43
C GLN G 31 4.42 -4.36 39.34
N MET G 32 4.34 -3.04 39.43
CA MET G 32 4.94 -2.11 38.46
C MET G 32 6.46 -2.22 38.24
N TYR G 33 7.18 -2.71 39.24
CA TYR G 33 8.62 -2.82 39.13
C TYR G 33 8.97 -3.96 38.13
N ASN G 34 8.36 -5.12 38.36
CA ASN G 34 8.61 -6.34 37.56
C ASN G 34 8.22 -6.15 36.11
N SER G 35 7.24 -5.27 35.88
CA SER G 35 6.77 -4.97 34.55
C SER G 35 7.82 -4.21 33.72
N LEU G 36 8.50 -3.24 34.33
CA LEU G 36 9.53 -2.50 33.60
C LEU G 36 10.80 -3.34 33.29
N MET G 37 11.15 -4.26 34.19
CA MET G 37 12.23 -5.21 33.97
C MET G 37 11.98 -6.21 32.84
N LYS G 38 10.77 -6.78 32.79
CA LYS G 38 10.33 -7.62 31.63
C LYS G 38 10.51 -6.90 30.29
N ILE G 39 10.22 -5.60 30.30
CA ILE G 39 10.38 -4.83 29.08
C ILE G 39 11.88 -4.56 28.88
N SER G 40 12.57 -4.24 29.98
CA SER G 40 14.03 -4.07 29.99
C SER G 40 14.73 -5.29 29.33
N GLU G 41 14.34 -6.49 29.73
CA GLU G 41 14.89 -7.72 29.17
C GLU G 41 14.78 -7.70 27.66
N ARG G 42 13.67 -7.16 27.16
CA ARG G 42 13.33 -7.26 25.75
C ARG G 42 13.65 -6.01 24.90
N TYR G 43 14.43 -5.07 25.45
CA TYR G 43 14.71 -3.77 24.81
C TYR G 43 16.08 -3.25 25.18
N GLY G 44 16.61 -3.87 26.23
CA GLY G 44 17.93 -3.56 26.72
C GLY G 44 17.88 -2.72 27.98
N PRO G 45 18.97 -2.03 28.30
CA PRO G 45 18.96 -1.39 29.61
C PRO G 45 18.35 0.03 29.61
N VAL G 46 18.12 0.61 28.45
CA VAL G 46 17.53 1.93 28.40
C VAL G 46 16.41 1.92 27.37
N PHE G 47 15.28 2.52 27.71
CA PHE G 47 14.07 2.46 26.88
C PHE G 47 13.00 3.47 27.26
N THR G 48 12.07 3.68 26.33
CA THR G 48 10.93 4.54 26.56
C THR G 48 9.66 3.75 26.85
N ILE G 49 9.04 4.09 27.99
CA ILE G 49 7.76 3.61 28.43
C ILE G 49 6.80 4.83 28.43
N HIS G 50 5.52 4.64 28.13
CA HIS G 50 4.55 5.72 28.19
C HIS G 50 3.59 5.42 29.35
N LEU G 51 3.73 6.19 30.44
CA LEU G 51 2.89 6.04 31.64
C LEU G 51 1.72 6.99 31.56
N GLY G 52 0.61 6.45 31.04
CA GLY G 52 -0.47 7.20 30.40
C GLY G 52 0.16 8.11 29.35
N PRO G 53 -0.16 9.41 29.42
CA PRO G 53 0.45 10.40 28.50
C PRO G 53 1.91 10.75 28.78
N ARG G 54 2.41 10.46 29.98
CA ARG G 54 3.75 10.85 30.36
C ARG G 54 4.74 9.99 29.60
N ARG G 55 5.65 10.61 28.86
CA ARG G 55 6.74 9.92 28.20
C ARG G 55 7.91 9.83 29.16
N VAL G 56 8.35 8.60 29.46
CA VAL G 56 9.37 8.34 30.49
C VAL G 56 10.54 7.49 29.99
N VAL G 57 11.76 8.02 30.08
CA VAL G 57 12.91 7.24 29.75
C VAL G 57 13.35 6.53 31.02
N VAL G 58 13.48 5.22 30.92
CA VAL G 58 13.89 4.41 32.07
C VAL G 58 15.35 3.88 31.98
N LEU G 59 16.03 3.82 33.12
CA LEU G 59 17.42 3.34 33.17
C LEU G 59 17.60 2.11 34.07
N CYS G 60 18.26 1.08 33.54
CA CYS G 60 18.51 -0.18 34.29
C CYS G 60 19.96 -0.66 34.40
N GLY G 61 20.35 -1.07 35.60
CA GLY G 61 21.74 -1.51 35.88
C GLY G 61 22.69 -0.40 36.32
N HIS G 62 23.75 -0.78 37.01
CA HIS G 62 24.69 0.20 37.58
C HIS G 62 25.36 0.98 36.46
N ASP G 63 25.71 0.28 35.39
CA ASP G 63 26.27 0.91 34.22
C ASP G 63 25.39 2.10 33.83
N ALA G 64 24.10 1.85 33.61
CA ALA G 64 23.16 2.83 33.05
C ALA G 64 22.79 4.02 33.94
N VAL G 65 22.61 3.79 35.23
CA VAL G 65 22.21 4.84 36.15
C VAL G 65 23.36 5.81 36.50
N LYS G 66 24.52 5.25 36.90
CA LYS G 66 25.69 6.04 37.32
C LYS G 66 26.26 6.79 36.12
N GLU G 67 25.99 6.25 34.93
CA GLU G 67 26.42 6.88 33.70
C GLU G 67 25.64 8.18 33.50
N ALA G 68 24.41 8.24 34.00
CA ALA G 68 23.58 9.44 33.85
C ALA G 68 23.61 10.36 35.06
N LEU G 69 23.51 9.78 36.27
CA LEU G 69 23.39 10.54 37.53
C LEU G 69 24.69 11.08 38.14
N VAL G 70 25.83 10.44 37.85
CA VAL G 70 27.13 11.04 38.16
C VAL G 70 27.77 11.66 36.89
N ASP G 71 28.14 10.82 35.90
CA ASP G 71 28.78 11.27 34.64
C ASP G 71 28.10 12.45 33.90
N GLN G 72 26.80 12.63 34.11
CA GLN G 72 26.11 13.74 33.48
C GLN G 72 25.23 14.50 34.48
N ALA G 73 25.70 14.55 35.72
CA ALA G 73 24.93 15.11 36.84
C ALA G 73 24.02 16.35 36.59
N GLU G 74 24.55 17.46 36.05
CA GLU G 74 23.71 18.67 35.89
C GLU G 74 22.58 18.39 34.90
N GLU G 75 22.92 17.62 33.88
CA GLU G 75 21.96 17.19 32.85
C GLU G 75 20.74 16.45 33.40
N PHE G 76 20.96 15.46 34.27
CA PHE G 76 19.82 14.76 34.89
C PHE G 76 19.40 15.29 36.28
N SER G 77 19.83 16.50 36.62
CA SER G 77 19.62 17.09 37.94
C SER G 77 18.16 17.38 38.27
N GLY G 78 17.37 17.71 37.27
CA GLY G 78 15.96 18.01 37.46
C GLY G 78 15.07 16.93 38.05
N ARG G 79 13.84 17.31 38.36
CA ARG G 79 12.86 16.48 39.02
C ARG G 79 11.60 16.31 38.16
N GLY G 80 10.92 15.16 38.27
CA GLY G 80 9.77 14.79 37.44
C GLY G 80 8.50 14.65 38.21
N GLU G 81 7.42 14.26 37.55
CA GLU G 81 6.10 14.21 38.18
C GLU G 81 6.01 13.11 39.23
N GLN G 82 5.29 13.40 40.31
CA GLN G 82 4.79 12.40 41.24
C GLN G 82 3.38 12.86 41.61
N ALA G 83 2.38 12.19 41.08
CA ALA G 83 1.05 12.77 40.90
C ALA G 83 0.21 13.00 42.16
N THR G 84 0.20 12.06 43.10
CA THR G 84 -0.54 12.21 44.35
C THR G 84 0.05 13.37 45.16
N PHE G 85 1.37 13.52 45.09
CA PHE G 85 2.05 14.60 45.81
C PHE G 85 1.98 15.94 45.10
N ASP G 86 2.10 15.94 43.77
CA ASP G 86 1.94 17.16 42.98
C ASP G 86 0.59 17.88 43.18
N TRP G 87 -0.44 17.15 43.60
CA TRP G 87 -1.75 17.73 43.92
C TRP G 87 -1.63 18.85 44.94
N LEU G 88 -0.80 18.64 45.96
CA LEU G 88 -0.64 19.62 47.03
C LEU G 88 0.61 20.47 46.87
N PHE G 89 1.70 19.84 46.48
CA PHE G 89 2.94 20.55 46.37
C PHE G 89 2.97 21.57 45.23
N LYS G 90 2.44 21.18 44.06
CA LYS G 90 2.39 22.05 42.90
C LYS G 90 3.71 22.83 42.68
N GLY G 91 4.83 22.11 42.67
CA GLY G 91 6.12 22.69 42.32
C GLY G 91 6.86 23.42 43.42
N TYR G 92 6.27 23.50 44.60
CA TYR G 92 6.82 24.22 45.74
C TYR G 92 7.52 23.27 46.76
N GLY G 93 8.32 23.85 47.68
CA GLY G 93 9.15 23.10 48.62
C GLY G 93 10.40 22.48 48.01
N VAL G 94 11.18 21.74 48.81
CA VAL G 94 12.50 21.29 48.38
C VAL G 94 12.45 20.04 47.45
N ALA G 95 11.65 19.05 47.85
CA ALA G 95 11.61 17.72 47.20
C ALA G 95 11.10 17.77 45.76
N PHE G 96 9.95 18.41 45.57
CA PHE G 96 9.28 18.40 44.30
C PHE G 96 9.47 19.73 43.57
N SER G 97 10.70 20.23 43.51
CA SER G 97 10.97 21.46 42.79
C SER G 97 12.14 21.38 41.79
N ASN G 98 12.30 22.42 40.99
CA ASN G 98 13.30 22.48 39.95
C ASN G 98 14.02 23.80 39.94
N GLY G 99 14.80 24.06 38.89
CA GLY G 99 15.44 25.35 38.68
C GLY G 99 16.04 26.01 39.93
N GLU G 100 15.94 27.35 39.96
CA GLU G 100 16.58 28.14 41.01
C GLU G 100 16.15 27.72 42.41
N ARG G 101 14.86 27.41 42.53
CA ARG G 101 14.17 27.12 43.75
C ARG G 101 14.68 25.84 44.47
N ALA G 102 15.05 24.85 43.68
CA ALA G 102 15.57 23.58 44.19
C ALA G 102 16.94 23.79 44.79
N LYS G 103 17.86 24.37 44.03
CA LYS G 103 19.19 24.66 44.55
C LYS G 103 19.15 25.58 45.79
N GLN G 104 18.26 26.57 45.75
CA GLN G 104 18.13 27.50 46.87
C GLN G 104 17.63 26.81 48.13
N LEU G 105 16.55 26.03 48.01
CA LEU G 105 15.93 25.33 49.15
C LEU G 105 16.70 24.11 49.73
N ARG G 106 17.51 23.47 48.88
CA ARG G 106 18.35 22.37 49.29
C ARG G 106 19.56 22.90 50.10
N ARG G 107 20.27 23.88 49.54
CA ARG G 107 21.53 24.39 50.11
C ARG G 107 21.30 24.92 51.51
N PHE G 108 20.13 25.51 51.66
CA PHE G 108 19.66 26.05 52.92
C PHE G 108 19.25 24.95 53.90
N SER G 109 18.74 23.81 53.41
CA SER G 109 18.35 22.69 54.30
C SER G 109 19.58 21.92 54.79
N ILE G 110 20.42 21.52 53.83
CA ILE G 110 21.68 20.84 54.13
C ILE G 110 22.49 21.61 55.15
N ALA G 111 22.60 22.94 54.99
CA ALA G 111 23.40 23.77 55.91
C ALA G 111 22.68 24.12 57.23
N THR G 112 21.36 24.11 57.23
CA THR G 112 20.64 24.46 58.46
C THR G 112 20.45 23.25 59.40
N LEU G 113 20.29 22.06 58.82
CA LEU G 113 20.32 20.78 59.56
C LEU G 113 21.66 20.55 60.26
N ARG G 114 22.75 20.65 59.50
CA ARG G 114 24.14 20.57 59.99
C ARG G 114 24.34 21.57 61.14
N GLY G 115 23.60 22.68 61.07
CA GLY G 115 23.53 23.73 62.11
C GLY G 115 23.42 23.20 63.54
N PHE G 116 22.24 22.78 63.95
CA PHE G 116 22.19 21.96 65.16
C PHE G 116 21.45 20.65 64.90
N GLY G 117 22.24 19.64 64.54
CA GLY G 117 21.75 18.35 64.09
C GLY G 117 22.86 17.47 63.56
N VAL G 118 22.64 16.90 62.35
CA VAL G 118 23.50 15.84 61.76
C VAL G 118 24.99 16.17 61.62
N GLY G 119 25.83 15.28 62.14
CA GLY G 119 27.28 15.44 62.09
C GLY G 119 27.91 15.67 63.43
N LYS G 120 27.12 16.08 64.43
CA LYS G 120 27.61 16.15 65.83
C LYS G 120 26.63 15.59 66.88
N ARG G 121 27.09 15.51 68.14
CA ARG G 121 26.20 15.19 69.26
C ARG G 121 25.30 16.40 69.53
N GLY G 122 24.04 16.13 69.86
CA GLY G 122 23.05 17.19 70.00
C GLY G 122 21.78 16.67 69.37
N ILE G 123 21.95 15.98 68.25
CA ILE G 123 20.90 15.21 67.57
C ILE G 123 21.02 13.71 67.94
N GLU G 124 22.26 13.23 67.99
CA GLU G 124 22.58 11.93 68.54
C GLU G 124 22.00 11.85 69.95
N GLU G 125 22.18 12.93 70.72
CA GLU G 125 21.65 13.06 72.08
C GLU G 125 20.14 13.06 72.07
N ARG G 126 19.54 13.72 71.07
CA ARG G 126 18.10 13.73 70.88
C ARG G 126 17.60 12.36 70.46
N ILE G 127 18.38 11.63 69.68
CA ILE G 127 18.00 10.27 69.27
C ILE G 127 18.10 9.27 70.42
N GLN G 128 19.24 9.26 71.11
CA GLN G 128 19.39 8.51 72.35
C GLN G 128 18.24 8.81 73.34
N GLU G 129 18.00 10.09 73.63
CA GLU G 129 16.87 10.44 74.50
C GLU G 129 15.54 9.87 73.97
N GLU G 130 15.42 9.74 72.65
CA GLU G 130 14.17 9.24 72.03
C GLU G 130 14.11 7.71 71.90
N ALA G 131 15.25 7.07 71.68
CA ALA G 131 15.30 5.61 71.61
C ALA G 131 15.22 4.96 73.00
N GLY G 132 15.37 5.79 74.04
CA GLY G 132 15.21 5.37 75.43
C GLY G 132 13.77 5.55 75.91
N PHE G 133 12.92 6.08 75.03
CA PHE G 133 11.47 6.16 75.27
C PHE G 133 10.71 5.02 74.55
N LEU G 134 11.36 4.39 73.56
CA LEU G 134 10.81 3.21 72.84
C LEU G 134 11.02 1.91 73.63
N ILE G 135 12.28 1.64 74.01
CA ILE G 135 12.68 0.46 74.77
C ILE G 135 11.82 0.29 76.03
N ASP G 136 11.54 1.40 76.71
CA ASP G 136 10.65 1.42 77.88
C ASP G 136 9.20 1.12 77.48
N ALA G 137 8.81 1.59 76.29
CA ALA G 137 7.47 1.39 75.78
C ALA G 137 7.28 -0.04 75.30
N LEU G 138 8.34 -0.62 74.74
CA LEU G 138 8.30 -2.03 74.31
C LEU G 138 8.57 -3.04 75.48
N ARG G 139 8.69 -2.49 76.69
CA ARG G 139 8.88 -3.24 77.93
C ARG G 139 7.64 -2.99 78.76
N GLY G 140 7.08 -1.79 78.61
CA GLY G 140 5.84 -1.35 79.26
C GLY G 140 4.62 -2.07 78.70
N THR G 141 4.74 -2.57 77.47
CA THR G 141 3.76 -3.52 76.90
C THR G 141 3.96 -4.95 77.43
N HIS G 142 4.94 -5.11 78.34
CA HIS G 142 5.14 -6.31 79.20
C HIS G 142 5.49 -7.63 78.47
N GLY G 143 5.64 -7.58 77.15
CA GLY G 143 6.12 -8.74 76.38
C GLY G 143 5.25 -9.41 75.32
N ALA G 144 4.04 -8.89 75.09
CA ALA G 144 3.09 -9.49 74.13
C ALA G 144 3.62 -9.65 72.69
N ASN G 145 2.99 -10.54 71.92
CA ASN G 145 3.17 -10.60 70.48
C ASN G 145 2.18 -9.62 69.82
N ILE G 146 2.67 -8.46 69.36
CA ILE G 146 1.81 -7.41 68.76
C ILE G 146 2.22 -6.95 67.35
N ASP G 147 1.46 -5.99 66.83
CA ASP G 147 1.79 -5.39 65.53
C ASP G 147 2.75 -4.18 65.66
N PRO G 148 3.95 -4.28 65.04
CA PRO G 148 5.02 -3.30 65.26
C PRO G 148 4.79 -1.92 64.61
N THR G 149 4.24 -1.94 63.38
CA THR G 149 4.05 -0.75 62.51
C THR G 149 3.76 0.57 63.26
N PHE G 150 2.64 0.62 63.98
CA PHE G 150 2.23 1.83 64.70
C PHE G 150 3.35 2.35 65.59
N PHE G 151 4.06 1.40 66.21
CA PHE G 151 4.94 1.70 67.34
C PHE G 151 6.20 2.40 66.87
N LEU G 152 6.85 1.85 65.85
CA LEU G 152 8.04 2.46 65.30
C LEU G 152 7.73 3.80 64.63
N SER G 153 6.48 4.00 64.22
CA SER G 153 6.01 5.24 63.56
C SER G 153 6.15 6.50 64.43
N ARG G 154 5.97 6.36 65.75
CA ARG G 154 6.06 7.49 66.70
C ARG G 154 7.50 7.91 66.92
N THR G 155 8.40 6.91 66.89
CA THR G 155 9.82 7.08 67.20
C THR G 155 10.60 7.61 66.02
N VAL G 156 10.18 7.18 64.84
CA VAL G 156 10.74 7.67 63.60
C VAL G 156 10.13 9.06 63.31
N SER G 157 8.87 9.25 63.68
CA SER G 157 8.21 10.54 63.54
C SER G 157 8.73 11.61 64.51
N ASN G 158 9.54 11.22 65.49
CA ASN G 158 10.01 12.16 66.52
C ASN G 158 11.43 12.70 66.33
N VAL G 159 12.16 12.14 65.37
CA VAL G 159 13.45 12.71 65.00
C VAL G 159 13.23 13.95 64.10
N ILE G 160 12.37 13.79 63.10
CA ILE G 160 11.92 14.90 62.27
C ILE G 160 11.33 16.01 63.12
N SER G 161 10.34 15.64 63.95
CA SER G 161 9.52 16.58 64.74
C SER G 161 10.33 17.36 65.77
N SER G 162 11.36 16.72 66.30
CA SER G 162 12.29 17.39 67.19
C SER G 162 13.11 18.44 66.44
N ILE G 163 13.41 18.13 65.18
CA ILE G 163 14.17 19.05 64.32
C ILE G 163 13.26 20.17 63.83
N VAL G 164 12.15 19.78 63.22
CA VAL G 164 11.27 20.76 62.63
C VAL G 164 10.46 21.60 63.65
N PHE G 165 9.98 20.97 64.73
CA PHE G 165 8.98 21.58 65.65
C PHE G 165 9.44 21.87 67.07
N GLY G 166 10.72 22.20 67.28
CA GLY G 166 11.25 22.53 68.62
C GLY G 166 11.47 21.37 69.61
N ASP G 167 10.43 20.57 69.85
CA ASP G 167 10.50 19.42 70.76
C ASP G 167 9.93 18.15 70.12
N ARG G 168 10.10 17.03 70.82
CA ARG G 168 9.43 15.77 70.55
C ARG G 168 7.92 15.88 70.83
N PHE G 169 7.20 14.81 70.55
CA PHE G 169 5.77 14.70 70.82
C PHE G 169 5.55 13.76 71.99
N ASP G 170 4.74 14.18 72.96
CA ASP G 170 4.27 13.21 73.94
C ASP G 170 3.31 12.26 73.23
N TYR G 171 3.59 10.97 73.35
CA TYR G 171 2.82 9.91 72.70
C TYR G 171 1.30 9.96 72.83
N GLU G 172 0.78 10.43 73.96
CA GLU G 172 -0.68 10.40 74.21
C GLU G 172 -1.45 11.58 73.60
N ASP G 173 -0.74 12.61 73.12
CA ASP G 173 -1.38 13.73 72.37
C ASP G 173 -2.16 13.26 71.11
N LYS G 174 -3.40 13.73 70.98
CA LYS G 174 -4.39 13.35 69.93
C LYS G 174 -4.07 13.96 68.55
N GLU G 175 -3.33 15.06 68.57
CA GLU G 175 -2.81 15.71 67.37
C GLU G 175 -1.75 14.83 66.69
N PHE G 176 -0.96 14.16 67.51
CA PHE G 176 0.17 13.37 67.06
C PHE G 176 -0.32 12.05 66.47
N LEU G 177 -1.39 11.47 67.03
CA LEU G 177 -2.07 10.33 66.40
C LEU G 177 -2.60 10.74 65.02
N SER G 178 -3.19 11.95 64.98
CA SER G 178 -3.83 12.53 63.79
C SER G 178 -2.89 12.70 62.58
N LEU G 179 -1.63 13.05 62.85
CA LEU G 179 -0.61 13.29 61.82
C LEU G 179 0.04 12.00 61.31
N LEU G 180 -0.02 10.95 62.11
CA LEU G 180 0.36 9.63 61.66
C LEU G 180 -0.81 9.08 60.87
N ARG G 181 -2.00 9.32 61.41
CA ARG G 181 -3.29 8.96 60.81
C ARG G 181 -3.32 9.40 59.32
N MET G 182 -3.08 10.69 59.10
CA MET G 182 -3.08 11.30 57.78
C MET G 182 -1.95 10.78 56.90
N MET G 183 -0.73 10.67 57.41
CA MET G 183 0.34 10.01 56.63
C MET G 183 0.14 8.49 56.45
N LEU G 184 -0.74 7.89 57.25
CA LEU G 184 -1.16 6.48 57.05
C LEU G 184 -2.02 6.35 55.79
N GLY G 185 -3.24 6.87 55.84
CA GLY G 185 -4.16 6.90 54.68
C GLY G 185 -3.68 7.71 53.48
N SER G 186 -2.41 8.11 53.49
CA SER G 186 -1.79 8.91 52.42
C SER G 186 -0.73 8.13 51.66
N PHE G 187 0.03 7.28 52.37
CA PHE G 187 0.93 6.31 51.73
C PHE G 187 0.21 5.00 51.44
N GLN G 188 -0.82 4.71 52.25
CA GLN G 188 -1.76 3.57 52.08
C GLN G 188 -2.66 3.67 50.83
N PHE G 189 -2.55 4.79 50.12
CA PHE G 189 -3.18 4.97 48.81
C PHE G 189 -2.16 4.77 47.69
N THR G 190 -0.99 5.39 47.77
CA THR G 190 0.08 5.03 46.83
C THR G 190 0.15 3.53 46.81
N ALA G 191 0.02 2.91 47.98
CA ALA G 191 -0.11 1.45 48.07
C ALA G 191 -1.30 0.81 47.26
N THR G 192 -2.51 1.35 47.32
CA THR G 192 -3.68 0.60 46.82
C THR G 192 -3.68 0.35 45.30
N SER G 193 -4.72 -0.36 44.85
CA SER G 193 -5.03 -0.54 43.44
C SER G 193 -5.26 0.83 42.71
N THR G 194 -6.17 1.63 43.28
CA THR G 194 -6.52 2.95 42.79
C THR G 194 -5.36 3.93 42.61
N GLY G 195 -4.36 3.84 43.49
CA GLY G 195 -3.33 4.88 43.60
C GLY G 195 -2.15 4.80 42.68
N GLN G 196 -2.02 3.67 41.99
CA GLN G 196 -0.96 3.49 40.99
C GLN G 196 -1.45 3.96 39.63
N LEU G 197 -2.73 3.65 39.38
CA LEU G 197 -3.53 4.17 38.27
C LEU G 197 -3.39 5.70 38.21
N TYR G 198 -3.51 6.31 39.40
CA TYR G 198 -3.50 7.76 39.58
C TYR G 198 -2.21 8.38 39.08
N GLU G 199 -1.10 7.68 39.18
CA GLU G 199 0.14 8.20 38.62
C GLU G 199 0.08 8.32 37.09
N MET G 200 -0.83 7.58 36.46
CA MET G 200 -1.00 7.65 35.03
C MET G 200 -2.14 8.57 34.59
N PHE G 201 -3.27 8.48 35.30
CA PHE G 201 -4.55 9.08 34.85
C PHE G 201 -5.16 10.22 35.73
N SER G 202 -4.30 11.06 36.29
CA SER G 202 -4.70 12.05 37.28
C SER G 202 -5.45 13.21 36.64
N SER G 203 -5.10 13.52 35.38
CA SER G 203 -5.93 14.27 34.44
C SER G 203 -7.44 14.13 34.60
N VAL G 204 -7.86 12.89 34.72
CA VAL G 204 -9.26 12.48 34.81
C VAL G 204 -9.66 12.13 36.24
N MET G 205 -8.76 11.40 36.91
CA MET G 205 -9.04 10.78 38.19
C MET G 205 -9.09 11.77 39.34
N LYS G 206 -8.32 12.88 39.27
CA LYS G 206 -8.53 13.96 40.26
C LYS G 206 -9.96 14.49 40.29
N HIS G 207 -10.70 14.35 39.20
CA HIS G 207 -12.08 14.82 39.15
C HIS G 207 -13.09 13.76 39.48
N LEU G 208 -12.64 12.54 39.71
CA LEU G 208 -13.60 11.45 39.88
C LEU G 208 -13.78 11.02 41.34
N PRO G 209 -15.00 10.59 41.70
CA PRO G 209 -15.27 10.05 43.01
C PRO G 209 -14.53 8.73 43.20
N GLY G 210 -13.64 8.71 44.17
CA GLY G 210 -12.92 7.50 44.47
C GLY G 210 -12.30 7.45 45.87
N PRO G 211 -11.53 6.38 46.11
CA PRO G 211 -10.52 6.21 47.15
C PRO G 211 -9.53 7.35 47.17
N GLN G 212 -9.45 8.15 46.09
CA GLN G 212 -8.50 9.29 46.01
C GLN G 212 -9.05 10.63 46.57
N GLN G 213 -10.38 10.75 46.66
CA GLN G 213 -11.05 11.87 47.36
C GLN G 213 -11.01 11.78 48.92
N GLN G 214 -10.69 10.60 49.47
CA GLN G 214 -10.31 10.49 50.89
C GLN G 214 -8.79 10.72 51.05
N ALA G 215 -8.03 10.49 49.99
CA ALA G 215 -6.57 10.71 49.97
C ALA G 215 -6.21 12.19 49.85
N PHE G 216 -7.10 12.96 49.22
CA PHE G 216 -6.84 14.38 49.01
C PHE G 216 -7.01 15.14 50.33
N LYS G 217 -8.02 14.75 51.11
CA LYS G 217 -8.34 15.33 52.41
C LYS G 217 -7.26 15.08 53.48
N GLU G 218 -6.63 13.91 53.42
CA GLU G 218 -5.55 13.59 54.36
C GLU G 218 -4.40 14.53 54.09
N LEU G 219 -4.28 14.92 52.83
CA LEU G 219 -3.13 15.71 52.40
C LEU G 219 -3.28 17.20 52.72
N GLN G 220 -4.49 17.72 52.50
CA GLN G 220 -4.89 19.07 52.93
C GLN G 220 -4.76 19.16 54.46
N GLY G 221 -5.32 18.17 55.18
CA GLY G 221 -5.26 18.08 56.65
C GLY G 221 -3.87 18.22 57.24
N LEU G 222 -2.89 17.61 56.57
CA LEU G 222 -1.47 17.79 56.87
C LEU G 222 -0.89 19.17 56.52
N GLU G 223 -1.46 19.87 55.55
CA GLU G 223 -0.95 21.21 55.19
C GLU G 223 -1.38 22.25 56.23
N ASP G 224 -2.55 22.02 56.83
CA ASP G 224 -3.12 22.87 57.87
C ASP G 224 -2.40 22.72 59.19
N PHE G 225 -2.15 21.48 59.56
CA PHE G 225 -1.32 21.13 60.70
C PHE G 225 0.03 21.87 60.74
N ILE G 226 0.69 21.99 59.60
CA ILE G 226 1.97 22.71 59.47
C ILE G 226 1.80 24.21 59.27
N ALA G 227 0.75 24.63 58.58
CA ALA G 227 0.48 26.06 58.40
C ALA G 227 0.15 26.70 59.78
N LYS G 228 -0.48 25.91 60.66
CA LYS G 228 -0.87 26.32 62.03
C LYS G 228 0.35 26.37 63.00
N LYS G 229 1.13 25.27 63.06
CA LYS G 229 2.44 25.21 63.76
C LYS G 229 3.46 26.26 63.27
N VAL G 230 3.35 26.70 62.02
CA VAL G 230 4.14 27.82 61.52
C VAL G 230 3.67 29.15 62.12
N GLU G 231 2.36 29.29 62.29
CA GLU G 231 1.77 30.46 62.95
C GLU G 231 2.01 30.48 64.47
N HIS G 232 2.14 29.29 65.08
CA HIS G 232 2.52 29.09 66.51
C HIS G 232 3.97 29.55 66.84
N ASN G 233 4.83 29.49 65.82
CA ASN G 233 6.24 29.92 65.89
C ASN G 233 6.45 31.31 65.30
N GLN G 234 5.49 31.81 64.51
CA GLN G 234 5.59 33.15 63.92
C GLN G 234 5.40 34.22 64.97
N ARG G 235 4.31 34.10 65.74
CA ARG G 235 4.03 35.03 66.82
C ARG G 235 5.07 35.03 67.97
N THR G 236 5.51 33.86 68.45
CA THR G 236 6.48 33.83 69.57
C THR G 236 7.91 33.45 69.18
N LEU G 237 8.55 34.32 68.39
CA LEU G 237 9.86 34.06 67.81
C LEU G 237 11.01 34.79 68.53
N ASP G 238 12.22 34.23 68.41
CA ASP G 238 13.44 34.79 69.00
C ASP G 238 14.56 34.68 67.95
N PRO G 239 14.84 35.78 67.22
CA PRO G 239 15.95 35.81 66.24
C PRO G 239 17.33 35.44 66.80
N ASN G 240 17.56 35.72 68.09
CA ASN G 240 18.84 35.51 68.76
C ASN G 240 19.17 34.05 69.06
N SER G 241 18.12 33.28 69.31
CA SER G 241 18.23 31.85 69.60
C SER G 241 17.13 31.09 68.86
N PRO G 242 17.48 30.44 67.74
CA PRO G 242 16.51 29.73 66.92
C PRO G 242 16.15 28.37 67.53
N ARG G 243 14.86 28.11 67.70
CA ARG G 243 14.42 26.93 68.43
C ARG G 243 14.47 25.66 67.57
N ASP G 244 14.16 25.81 66.28
CA ASP G 244 13.93 24.64 65.42
C ASP G 244 14.29 24.85 63.96
N PHE G 245 13.52 24.22 63.08
CA PHE G 245 13.68 24.40 61.63
C PHE G 245 12.81 25.57 61.17
N ILE G 246 11.57 25.60 61.63
CA ILE G 246 10.65 26.60 61.15
C ILE G 246 11.16 27.98 61.52
N ASP G 247 11.79 28.09 62.68
CA ASP G 247 12.33 29.36 63.16
C ASP G 247 13.46 29.81 62.29
N SER G 248 14.28 28.83 61.87
CA SER G 248 15.47 29.08 61.11
C SER G 248 15.12 29.62 59.75
N PHE G 249 14.01 29.13 59.19
CA PHE G 249 13.49 29.58 57.90
C PHE G 249 12.93 30.99 58.01
N LEU G 250 12.17 31.23 59.10
CA LEU G 250 11.61 32.55 59.40
C LEU G 250 12.64 33.68 59.47
N ILE G 251 13.84 33.34 59.97
CA ILE G 251 14.97 34.27 60.08
C ILE G 251 15.55 34.65 58.70
N ARG G 252 15.75 33.67 57.82
CA ARG G 252 16.19 34.00 56.46
C ARG G 252 15.07 34.70 55.66
N MET G 253 13.81 34.53 56.09
CA MET G 253 12.62 35.15 55.48
C MET G 253 12.52 36.67 55.72
N GLN G 254 12.76 37.08 56.97
CA GLN G 254 12.75 38.50 57.36
C GLN G 254 14.10 39.17 57.00
N GLU G 255 15.04 38.41 56.46
CA GLU G 255 16.38 38.93 56.10
C GLU G 255 16.60 39.09 54.61
N GLU G 256 15.73 38.52 53.79
CA GLU G 256 15.75 38.73 52.32
C GLU G 256 14.38 39.24 51.82
N GLU G 257 13.58 39.78 52.73
CA GLU G 257 12.28 40.38 52.45
C GLU G 257 12.42 41.52 51.43
N LYS G 258 13.41 42.37 51.64
CA LYS G 258 13.80 43.36 50.65
C LYS G 258 14.43 42.66 49.42
N ASN G 259 13.60 41.82 48.81
CA ASN G 259 13.88 41.11 47.55
C ASN G 259 12.61 40.30 47.20
N PRO G 260 11.66 40.91 46.45
CA PRO G 260 10.45 40.18 46.01
C PRO G 260 10.68 39.13 44.89
N ASN G 261 11.94 38.78 44.62
CA ASN G 261 12.28 37.76 43.63
C ASN G 261 13.16 36.66 44.18
N THR G 262 12.79 36.17 45.37
CA THR G 262 13.55 35.20 46.17
C THR G 262 12.67 33.97 46.35
N GLU G 263 13.26 32.87 46.80
CA GLU G 263 12.50 31.61 46.91
C GLU G 263 11.99 31.36 48.33
N PHE G 264 12.42 32.22 49.26
CA PHE G 264 12.09 32.06 50.67
C PHE G 264 10.81 32.81 50.96
N TYR G 265 9.73 32.06 51.25
CA TYR G 265 8.41 32.59 51.62
C TYR G 265 7.46 31.51 52.13
N LEU G 266 6.46 31.94 52.90
CA LEU G 266 5.49 31.08 53.58
C LEU G 266 5.22 29.73 52.91
N LYS G 267 4.64 29.76 51.71
CA LYS G 267 4.21 28.54 51.02
C LYS G 267 5.37 27.55 50.78
N ASN G 268 6.55 28.07 50.42
CA ASN G 268 7.79 27.28 50.32
C ASN G 268 8.39 26.72 51.62
N LEU G 269 8.10 27.36 52.75
CA LEU G 269 8.54 26.84 54.02
C LEU G 269 7.64 25.71 54.43
N VAL G 270 6.34 25.88 54.16
CA VAL G 270 5.32 24.90 54.53
C VAL G 270 5.56 23.58 53.80
N MET G 271 6.09 23.71 52.59
CA MET G 271 6.26 22.58 51.71
C MET G 271 7.53 21.88 52.04
N THR G 272 8.62 22.63 52.16
CA THR G 272 9.90 22.06 52.54
C THR G 272 9.83 21.24 53.84
N THR G 273 9.02 21.72 54.79
CA THR G 273 8.78 21.07 56.07
C THR G 273 7.98 19.75 55.95
N LEU G 274 6.81 19.83 55.34
CA LEU G 274 6.00 18.67 55.11
C LEU G 274 6.78 17.62 54.33
N ASN G 275 7.82 18.06 53.62
CA ASN G 275 8.71 17.18 52.85
C ASN G 275 9.51 16.29 53.77
N LEU G 276 9.92 16.86 54.89
CA LEU G 276 10.76 16.16 55.82
C LEU G 276 10.05 15.02 56.51
N PHE G 277 8.75 15.17 56.81
CA PHE G 277 7.94 14.04 57.24
C PHE G 277 7.95 12.96 56.17
N PHE G 278 7.31 13.21 55.04
CA PHE G 278 7.09 12.15 54.02
C PHE G 278 8.33 11.38 53.54
N ALA G 279 9.47 12.06 53.57
CA ALA G 279 10.76 11.46 53.24
C ALA G 279 11.47 10.89 54.49
N GLY G 280 11.12 11.39 55.68
CA GLY G 280 11.84 11.00 56.89
C GLY G 280 11.11 10.14 57.90
N THR G 281 9.86 9.80 57.59
CA THR G 281 9.03 8.99 58.45
C THR G 281 8.91 7.62 57.84
N GLU G 282 8.46 7.59 56.60
CA GLU G 282 8.05 6.34 55.97
C GLU G 282 9.22 5.40 55.69
N THR G 283 10.25 5.93 55.01
CA THR G 283 11.39 5.11 54.58
C THR G 283 12.21 4.56 55.77
N VAL G 284 12.34 5.37 56.80
CA VAL G 284 13.15 4.97 57.95
C VAL G 284 12.42 3.90 58.73
N SER G 285 11.19 4.20 59.16
CA SER G 285 10.39 3.22 59.89
C SER G 285 10.09 1.96 59.08
N THR G 286 9.77 2.12 57.81
CA THR G 286 9.53 0.93 56.99
C THR G 286 10.78 0.07 56.82
N THR G 287 11.96 0.69 56.85
CA THR G 287 13.22 -0.07 56.66
C THR G 287 13.55 -0.87 57.93
N LEU G 288 13.17 -0.32 59.09
CA LEU G 288 13.22 -1.07 60.34
C LEU G 288 12.18 -2.20 60.31
N ARG G 289 10.97 -1.84 59.90
CA ARG G 289 9.84 -2.75 59.68
C ARG G 289 10.26 -3.98 58.85
N TYR G 290 10.80 -3.74 57.67
CA TYR G 290 11.13 -4.82 56.73
C TYR G 290 12.27 -5.59 57.36
N GLY G 291 13.22 -4.84 57.92
CA GLY G 291 14.43 -5.37 58.54
C GLY G 291 14.29 -6.33 59.73
N PHE G 292 13.20 -6.23 60.48
CA PHE G 292 12.95 -7.19 61.56
C PHE G 292 12.60 -8.57 61.01
N LEU G 293 11.78 -8.59 59.97
CA LEU G 293 11.30 -9.84 59.36
C LEU G 293 12.42 -10.74 58.82
N LEU G 294 13.48 -10.13 58.28
CA LEU G 294 14.59 -10.85 57.61
C LEU G 294 15.57 -11.50 58.56
N LEU G 295 15.77 -10.92 59.73
CA LEU G 295 16.71 -11.48 60.71
C LEU G 295 16.06 -12.68 61.40
N MET G 296 14.72 -12.66 61.42
CA MET G 296 13.93 -13.76 61.91
C MET G 296 14.02 -14.98 60.99
N LYS G 297 13.88 -14.78 59.67
CA LYS G 297 14.02 -15.91 58.73
C LYS G 297 15.41 -16.54 58.89
N HIS G 298 16.39 -15.72 59.25
CA HIS G 298 17.77 -16.19 59.47
C HIS G 298 18.25 -15.94 60.90
N PRO G 299 17.91 -16.85 61.87
CA PRO G 299 18.44 -16.73 63.23
C PRO G 299 19.98 -16.73 63.27
N GLU G 300 20.61 -17.27 62.22
CA GLU G 300 22.08 -17.32 62.08
C GLU G 300 22.77 -15.94 61.92
N VAL G 301 22.12 -14.98 61.24
CA VAL G 301 22.70 -13.62 61.06
C VAL G 301 22.45 -12.68 62.24
N GLU G 302 21.28 -12.84 62.86
CA GLU G 302 20.91 -12.19 64.11
C GLU G 302 21.91 -12.54 65.22
N ALA G 303 22.26 -13.84 65.33
CA ALA G 303 23.21 -14.35 66.30
C ALA G 303 24.59 -13.73 66.10
N LYS G 304 25.09 -13.81 64.86
CA LYS G 304 26.44 -13.31 64.51
C LYS G 304 26.55 -11.80 64.82
N VAL G 305 25.40 -11.13 64.80
CA VAL G 305 25.29 -9.75 65.23
C VAL G 305 25.18 -9.64 66.76
N HIS G 306 24.27 -10.39 67.38
CA HIS G 306 24.19 -10.47 68.85
C HIS G 306 25.57 -10.42 69.56
N GLU G 307 26.49 -11.25 69.11
CA GLU G 307 27.78 -11.39 69.78
C GLU G 307 28.81 -10.36 69.28
N GLU G 308 28.37 -9.46 68.41
CA GLU G 308 29.15 -8.27 68.02
C GLU G 308 28.70 -7.00 68.76
N ILE G 309 27.57 -7.08 69.47
CA ILE G 309 27.09 -5.93 70.25
C ILE G 309 27.73 -5.95 71.62
N ASP G 310 27.74 -7.14 72.18
CA ASP G 310 28.12 -7.33 73.56
C ASP G 310 29.62 -7.15 73.72
N ARG G 311 30.37 -7.70 72.76
CA ARG G 311 31.83 -7.57 72.66
C ARG G 311 32.35 -6.15 72.38
N VAL G 312 31.46 -5.24 71.94
CA VAL G 312 31.80 -3.86 71.52
C VAL G 312 31.00 -2.76 72.26
N ILE G 313 29.85 -3.08 72.85
CA ILE G 313 29.05 -2.07 73.60
C ILE G 313 28.55 -2.58 74.96
N GLY G 314 28.10 -3.84 74.99
CA GLY G 314 27.59 -4.46 76.20
C GLY G 314 26.19 -3.98 76.61
N LYS G 315 25.51 -4.73 77.48
CA LYS G 315 24.16 -4.40 77.94
C LYS G 315 24.07 -3.18 78.87
N ASN G 316 25.17 -2.47 79.06
CA ASN G 316 25.25 -1.39 80.05
C ASN G 316 24.93 0.01 79.49
N ARG G 317 25.88 0.56 78.70
CA ARG G 317 25.78 1.92 78.14
C ARG G 317 24.89 1.96 76.89
N GLN G 318 24.14 3.06 76.76
CA GLN G 318 23.36 3.32 75.55
C GLN G 318 24.38 3.54 74.44
N PRO G 319 24.15 2.90 73.28
CA PRO G 319 25.20 2.96 72.29
C PRO G 319 25.26 4.39 71.72
N LYS G 320 26.19 4.60 70.80
CA LYS G 320 26.40 5.91 70.17
C LYS G 320 27.02 5.73 68.80
N PHE G 321 26.71 6.63 67.87
CA PHE G 321 27.05 6.43 66.46
C PHE G 321 28.47 5.93 66.24
N GLU G 322 29.41 6.44 67.06
CA GLU G 322 30.85 6.19 66.91
C GLU G 322 31.26 4.70 66.96
N ASP G 323 30.56 3.91 67.78
CA ASP G 323 30.70 2.42 67.84
C ASP G 323 30.64 1.61 66.49
N ARG G 324 30.11 2.23 65.43
CA ARG G 324 29.90 1.59 64.13
C ARG G 324 31.15 1.11 63.39
N ALA G 325 32.27 1.82 63.56
CA ALA G 325 33.54 1.45 62.91
C ALA G 325 34.17 0.23 63.56
N LYS G 326 33.78 -0.08 64.78
CA LYS G 326 34.24 -1.26 65.49
C LYS G 326 33.23 -2.42 65.46
N MET G 327 32.19 -2.28 64.64
CA MET G 327 31.13 -3.30 64.48
C MET G 327 30.82 -3.61 63.00
N PRO G 328 31.80 -4.20 62.29
CA PRO G 328 31.69 -4.35 60.84
C PRO G 328 30.57 -5.28 60.42
N TYR G 329 30.17 -6.23 61.27
CA TYR G 329 29.12 -7.17 60.87
C TYR G 329 27.76 -6.57 61.03
N THR G 330 27.62 -5.64 61.96
CA THR G 330 26.37 -4.91 62.10
C THR G 330 26.22 -3.89 60.97
N GLU G 331 27.26 -3.11 60.70
CA GLU G 331 27.21 -2.16 59.59
C GLU G 331 26.94 -2.92 58.29
N ALA G 332 27.45 -4.15 58.18
CA ALA G 332 27.11 -5.02 57.04
C ALA G 332 25.64 -5.43 57.01
N VAL G 333 25.02 -5.58 58.18
CA VAL G 333 23.64 -6.05 58.23
C VAL G 333 22.68 -4.98 57.81
N ILE G 334 22.76 -3.83 58.43
CA ILE G 334 21.97 -2.66 57.98
C ILE G 334 22.11 -2.45 56.45
N HIS G 335 23.35 -2.38 55.95
CA HIS G 335 23.57 -2.19 54.52
C HIS G 335 22.84 -3.15 53.61
N GLU G 336 22.97 -4.45 53.87
CA GLU G 336 22.21 -5.45 53.13
C GLU G 336 20.68 -5.45 53.39
N ILE G 337 20.22 -5.04 54.56
CA ILE G 337 18.78 -4.86 54.78
C ILE G 337 18.27 -3.95 53.66
N GLN G 338 18.86 -2.75 53.63
CA GLN G 338 18.48 -1.71 52.70
C GLN G 338 18.57 -2.18 51.29
N ARG G 339 19.47 -3.12 51.01
CA ARG G 339 19.67 -3.60 49.65
C ARG G 339 18.54 -4.51 49.25
N PHE G 340 17.94 -5.19 50.22
CA PHE G 340 16.85 -6.11 49.95
C PHE G 340 15.52 -5.40 49.92
N GLY G 341 15.25 -4.59 50.95
CA GLY G 341 13.96 -3.92 51.07
C GLY G 341 13.87 -2.65 50.24
N ASP G 342 14.26 -2.76 48.96
CA ASP G 342 14.51 -1.63 48.08
C ASP G 342 13.42 -0.58 48.21
N MET G 343 13.66 0.38 49.07
CA MET G 343 12.68 1.36 49.57
C MET G 343 11.92 2.17 48.52
N LEU G 344 12.66 2.93 47.72
CA LEU G 344 12.08 3.53 46.55
C LEU G 344 12.75 2.88 45.32
N PRO G 345 12.09 1.84 44.75
CA PRO G 345 12.58 1.00 43.65
C PRO G 345 12.85 1.74 42.36
N MET G 346 12.01 2.71 42.05
CA MET G 346 12.17 3.47 40.83
C MET G 346 12.55 4.87 41.28
N GLY G 347 13.01 4.94 42.52
CA GLY G 347 13.49 6.16 43.11
C GLY G 347 12.48 7.29 43.17
N LEU G 348 12.99 8.50 42.99
CA LEU G 348 12.17 9.66 42.75
C LEU G 348 12.37 10.11 41.30
N ALA G 349 11.29 10.18 40.54
CA ALA G 349 11.38 10.63 39.15
C ALA G 349 12.27 11.87 38.95
N HIS G 350 13.10 11.78 37.93
CA HIS G 350 13.95 12.88 37.51
C HIS G 350 13.35 13.46 36.24
N ARG G 351 14.06 14.39 35.62
CA ARG G 351 13.72 14.92 34.30
C ARG G 351 14.94 15.65 33.80
N VAL G 352 15.13 15.69 32.49
CA VAL G 352 16.23 16.48 31.93
C VAL G 352 15.79 17.92 31.79
N ASN G 353 16.69 18.86 32.14
CA ASN G 353 16.44 20.30 32.00
C ASN G 353 16.71 20.85 30.57
N LYS G 354 17.95 20.70 30.08
CA LYS G 354 18.26 21.09 28.69
C LYS G 354 18.04 19.90 27.71
N ASP G 355 18.10 20.18 26.40
CA ASP G 355 18.21 19.14 25.37
C ASP G 355 19.47 18.33 25.64
N THR G 356 19.38 17.01 25.46
CA THR G 356 20.38 16.07 26.01
C THR G 356 20.54 14.80 25.17
N LYS G 357 21.78 14.44 24.90
CA LYS G 357 22.07 13.18 24.26
C LYS G 357 22.75 12.27 25.27
N PHE G 358 22.26 11.04 25.41
CA PHE G 358 22.80 10.07 26.37
C PHE G 358 23.11 8.76 25.66
N ARG G 359 24.35 8.27 25.77
CA ARG G 359 24.83 7.26 24.80
C ARG G 359 24.42 7.78 23.39
N ASP G 360 23.97 6.91 22.49
CA ASP G 360 23.48 7.41 21.19
C ASP G 360 21.93 7.54 21.17
N PHE G 361 21.41 8.37 22.08
CA PHE G 361 19.96 8.66 22.28
C PHE G 361 19.79 10.17 22.58
N PHE G 362 18.79 10.82 21.96
CA PHE G 362 18.52 12.26 22.12
C PHE G 362 17.22 12.51 22.92
N LEU G 363 17.28 13.36 23.96
CA LEU G 363 16.15 13.57 24.91
C LEU G 363 15.53 14.98 24.94
N PRO G 364 14.33 15.15 24.35
CA PRO G 364 13.70 16.47 24.33
C PRO G 364 13.59 17.05 25.73
N LYS G 365 14.12 18.26 25.90
CA LYS G 365 13.94 19.10 27.10
C LYS G 365 12.70 18.72 27.89
N GLY G 366 12.87 18.35 29.15
CA GLY G 366 11.73 18.07 30.02
C GLY G 366 11.14 16.66 29.95
N THR G 367 11.92 15.68 29.47
CA THR G 367 11.53 14.27 29.48
C THR G 367 11.86 13.72 30.86
N GLU G 368 10.94 12.93 31.39
CA GLU G 368 11.09 12.36 32.70
C GLU G 368 12.04 11.16 32.62
N VAL G 369 12.72 10.89 33.73
CA VAL G 369 13.69 9.83 33.81
C VAL G 369 13.56 9.06 35.12
N PHE G 370 13.28 7.77 35.00
CA PHE G 370 13.21 6.89 36.19
C PHE G 370 14.55 6.18 36.32
N PRO G 371 15.33 6.53 37.35
CA PRO G 371 16.50 5.75 37.71
C PRO G 371 16.05 4.50 38.46
N MET G 372 16.15 3.33 37.83
CA MET G 372 15.69 2.12 38.50
C MET G 372 16.66 1.73 39.63
N LEU G 373 16.39 2.26 40.82
CA LEU G 373 17.23 2.06 42.00
C LEU G 373 17.30 0.60 42.41
N GLY G 374 16.16 -0.08 42.42
CA GLY G 374 16.15 -1.52 42.63
C GLY G 374 17.04 -2.25 41.64
N SER G 375 17.12 -1.77 40.40
CA SER G 375 17.92 -2.43 39.36
C SER G 375 19.44 -2.28 39.53
N VAL G 376 19.86 -1.39 40.40
CA VAL G 376 21.27 -1.24 40.70
C VAL G 376 21.54 -2.16 41.87
N LEU G 377 20.71 -2.06 42.90
CA LEU G 377 20.76 -2.90 44.06
C LEU G 377 20.70 -4.41 43.78
N ARG G 378 20.54 -4.80 42.52
CA ARG G 378 20.56 -6.21 42.11
C ARG G 378 21.50 -6.50 40.91
N ASP G 379 22.30 -5.50 40.50
CA ASP G 379 23.13 -5.63 39.28
C ASP G 379 23.99 -6.91 39.30
N PRO G 380 23.85 -7.79 38.27
CA PRO G 380 24.68 -9.00 38.07
C PRO G 380 26.19 -8.83 38.40
N ARG G 381 26.84 -7.86 37.76
CA ARG G 381 28.26 -7.55 37.97
C ARG G 381 28.67 -7.19 39.43
N PHE G 382 27.72 -6.87 40.30
CA PHE G 382 28.07 -6.21 41.57
C PHE G 382 27.84 -6.96 42.85
N PHE G 383 27.01 -7.99 42.79
CA PHE G 383 26.71 -8.86 43.94
C PHE G 383 26.59 -10.29 43.40
N SER G 384 27.28 -11.25 44.05
CA SER G 384 27.39 -12.64 43.54
C SER G 384 26.12 -13.54 43.65
N ASN G 385 25.30 -13.32 44.68
CA ASN G 385 24.01 -14.01 44.82
C ASN G 385 22.83 -13.02 44.95
N PRO G 386 22.23 -12.63 43.79
CA PRO G 386 21.40 -11.40 43.59
C PRO G 386 20.11 -11.25 44.42
N ARG G 387 19.14 -12.15 44.27
CA ARG G 387 17.81 -12.07 44.95
C ARG G 387 17.76 -12.77 46.33
N ASP G 388 18.82 -13.56 46.57
CA ASP G 388 19.10 -14.19 47.87
C ASP G 388 19.57 -13.08 48.84
N PHE G 389 19.11 -13.13 50.09
CA PHE G 389 19.63 -12.24 51.16
C PHE G 389 21.02 -12.68 51.69
N ASN G 390 22.07 -11.94 51.34
CA ASN G 390 23.44 -12.34 51.68
C ASN G 390 24.36 -11.16 52.14
N PRO G 391 24.68 -11.12 53.45
CA PRO G 391 25.54 -10.06 53.96
C PRO G 391 26.99 -10.06 53.46
N GLN G 392 27.46 -11.19 52.90
CA GLN G 392 28.88 -11.33 52.46
C GLN G 392 29.30 -10.41 51.33
N HIS G 393 28.32 -9.81 50.62
CA HIS G 393 28.57 -8.79 49.57
C HIS G 393 29.17 -7.52 50.18
N PHE G 394 28.77 -7.20 51.42
CA PHE G 394 29.37 -6.08 52.15
C PHE G 394 30.52 -6.52 53.10
N LEU G 395 31.14 -7.64 52.76
CA LEU G 395 32.24 -8.22 53.52
C LEU G 395 33.21 -8.93 52.59
N ASP G 396 34.50 -8.80 52.90
CA ASP G 396 35.54 -9.60 52.24
C ASP G 396 35.72 -10.98 52.93
N LYS G 397 36.93 -11.53 52.86
CA LYS G 397 37.22 -12.87 53.40
C LYS G 397 37.72 -12.82 54.87
N LYS G 398 37.81 -11.59 55.42
CA LYS G 398 38.15 -11.35 56.86
C LYS G 398 36.92 -11.27 57.80
N GLY G 399 35.92 -10.45 57.43
CA GLY G 399 34.93 -9.95 58.38
C GLY G 399 35.03 -8.43 58.44
N GLN G 400 35.82 -7.87 57.52
CA GLN G 400 35.94 -6.44 57.32
C GLN G 400 34.80 -5.95 56.43
N PHE G 401 34.36 -4.70 56.64
CA PHE G 401 33.27 -4.09 55.89
C PHE G 401 33.75 -3.61 54.50
N LYS G 402 33.07 -4.08 53.44
CA LYS G 402 33.33 -3.63 52.05
C LYS G 402 32.18 -2.78 51.48
N LYS G 403 32.51 -1.70 50.78
CA LYS G 403 31.48 -0.84 50.16
C LYS G 403 30.97 -1.48 48.87
N SER G 404 30.44 -0.65 48.00
CA SER G 404 29.97 -1.10 46.72
C SER G 404 29.55 0.12 45.94
N ASP G 405 30.06 0.26 44.72
CA ASP G 405 29.60 1.29 43.79
C ASP G 405 28.08 1.31 43.63
N ALA G 406 27.50 0.12 43.80
CA ALA G 406 26.10 -0.16 43.55
C ALA G 406 25.18 -0.10 44.77
N PHE G 407 25.70 0.24 45.96
CA PHE G 407 24.82 0.52 47.13
C PHE G 407 24.24 1.96 47.11
N VAL G 408 22.99 2.07 46.68
CA VAL G 408 22.45 3.39 46.41
C VAL G 408 21.01 3.59 46.86
N PRO G 409 20.67 3.15 48.10
CA PRO G 409 19.31 3.30 48.59
C PRO G 409 18.96 4.80 48.79
N PHE G 410 19.94 5.67 48.63
CA PHE G 410 19.72 7.09 48.85
C PHE G 410 19.94 7.79 47.53
N SER G 411 20.08 7.00 46.48
CA SER G 411 20.35 7.49 45.16
C SER G 411 21.77 8.13 45.08
N ILE G 412 22.12 8.66 43.91
CA ILE G 412 23.34 9.45 43.73
C ILE G 412 23.16 10.70 42.88
N GLY G 413 24.17 11.56 42.93
CA GLY G 413 24.24 12.68 42.00
C GLY G 413 23.82 14.00 42.60
N LYS G 414 23.02 14.76 41.85
CA LYS G 414 22.74 16.16 42.24
C LYS G 414 21.59 16.28 43.23
N ARG G 415 20.58 15.43 43.10
CA ARG G 415 19.49 15.40 44.08
C ARG G 415 19.58 14.23 45.08
N TYR G 416 20.77 13.66 45.28
CA TYR G 416 20.95 12.56 46.26
C TYR G 416 20.30 12.90 47.61
N CYS G 417 19.61 11.95 48.23
CA CYS G 417 19.00 12.19 49.54
C CYS G 417 19.97 12.91 50.45
N PHE G 418 19.62 14.12 50.87
CA PHE G 418 20.53 14.83 51.76
C PHE G 418 20.12 14.57 53.23
N GLY G 419 19.08 13.75 53.42
CA GLY G 419 18.74 13.19 54.71
C GLY G 419 19.53 11.95 55.13
N GLU G 420 20.61 11.61 54.40
CA GLU G 420 21.33 10.35 54.58
C GLU G 420 22.11 10.29 55.87
N GLY G 421 23.02 11.26 56.07
CA GLY G 421 23.75 11.37 57.34
C GLY G 421 22.82 11.00 58.49
N LEU G 422 21.60 11.49 58.40
CA LEU G 422 20.59 11.37 59.42
C LEU G 422 19.85 10.04 59.43
N ALA G 423 19.57 9.50 58.25
CA ALA G 423 18.93 8.19 58.12
C ALA G 423 19.87 7.09 58.59
N ARG G 424 21.11 7.12 58.10
CA ARG G 424 22.19 6.19 58.45
C ARG G 424 22.50 6.13 59.96
N MET G 425 22.48 7.29 60.62
CA MET G 425 22.54 7.40 62.08
C MET G 425 21.31 6.78 62.74
N GLU G 426 20.12 6.99 62.18
CA GLU G 426 18.92 6.38 62.77
C GLU G 426 18.88 4.87 62.56
N LEU G 427 19.08 4.47 61.32
CA LEU G 427 19.17 3.08 60.94
C LEU G 427 20.19 2.33 61.78
N PHE G 428 21.12 3.07 62.38
CA PHE G 428 22.16 2.43 63.16
C PHE G 428 21.80 2.32 64.61
N LEU G 429 21.35 3.41 65.22
CA LEU G 429 21.11 3.39 66.65
C LEU G 429 19.89 2.60 67.02
N PHE G 430 18.76 2.85 66.36
CA PHE G 430 17.51 2.16 66.66
C PHE G 430 17.74 0.68 66.50
N PHE G 431 18.29 0.28 65.37
CA PHE G 431 18.65 -1.12 65.13
C PHE G 431 19.51 -1.66 66.29
N THR G 432 20.60 -0.95 66.59
CA THR G 432 21.59 -1.36 67.62
C THR G 432 21.02 -1.36 69.08
N THR G 433 20.35 -0.30 69.47
CA THR G 433 19.72 -0.19 70.78
C THR G 433 18.50 -1.11 70.91
N ILE G 434 17.95 -1.55 69.79
CA ILE G 434 16.85 -2.51 69.82
C ILE G 434 17.37 -3.89 70.20
N MET G 435 18.44 -4.33 69.53
CA MET G 435 18.98 -5.68 69.75
C MET G 435 19.95 -5.84 70.93
N GLN G 436 20.28 -4.74 71.61
CA GLN G 436 21.02 -4.76 72.86
C GLN G 436 20.05 -5.15 74.00
N ASN G 437 18.77 -4.90 73.80
CA ASN G 437 17.79 -5.30 74.81
C ASN G 437 17.00 -6.56 74.47
N PHE G 438 16.75 -6.81 73.18
CA PHE G 438 15.84 -7.88 72.73
C PHE G 438 16.39 -8.85 71.67
N ARG G 439 15.83 -10.06 71.65
CA ARG G 439 16.02 -11.02 70.55
C ARG G 439 14.69 -11.16 69.79
N PHE G 440 14.72 -11.82 68.62
CA PHE G 440 13.53 -11.90 67.75
C PHE G 440 12.96 -13.30 67.46
N LYS G 441 11.71 -13.51 67.88
CA LYS G 441 10.98 -14.78 67.73
C LYS G 441 9.51 -14.50 67.40
N SER G 442 9.02 -15.19 66.37
CA SER G 442 7.63 -15.00 65.88
C SER G 442 6.92 -16.33 65.50
N PRO G 443 5.56 -16.35 65.53
CA PRO G 443 4.72 -17.56 65.29
C PRO G 443 5.18 -18.59 64.23
N GLN G 444 5.63 -18.11 63.07
CA GLN G 444 6.13 -18.99 61.99
C GLN G 444 7.42 -19.69 62.41
N SER G 445 7.56 -20.97 62.07
CA SER G 445 8.84 -21.68 62.19
C SER G 445 9.92 -20.84 61.48
N PRO G 446 11.22 -21.06 61.82
CA PRO G 446 12.28 -20.20 61.22
C PRO G 446 12.22 -19.97 59.68
N LYS G 447 12.63 -20.96 58.86
CA LYS G 447 12.65 -20.85 57.37
C LYS G 447 11.36 -21.33 56.66
N ASP G 448 10.23 -20.85 57.18
CA ASP G 448 8.91 -21.01 56.54
C ASP G 448 8.50 -19.66 55.91
N ILE G 449 8.26 -18.68 56.80
CA ILE G 449 7.73 -17.32 56.49
C ILE G 449 8.16 -16.64 55.17
N ASP G 450 7.21 -15.90 54.57
CA ASP G 450 7.44 -15.12 53.36
C ASP G 450 7.97 -13.72 53.69
N VAL G 451 9.22 -13.50 53.28
CA VAL G 451 9.92 -12.23 53.42
C VAL G 451 9.55 -11.30 52.26
N SER G 452 9.91 -11.74 51.04
CA SER G 452 9.66 -11.05 49.75
C SER G 452 8.32 -10.29 49.67
N PRO G 453 8.32 -9.12 49.02
CA PRO G 453 7.34 -8.02 49.20
C PRO G 453 5.88 -8.26 48.74
N LYS G 454 4.95 -7.48 49.29
CA LYS G 454 3.56 -7.44 48.81
C LYS G 454 3.31 -6.24 47.86
N HIS G 455 2.95 -5.09 48.46
CA HIS G 455 2.79 -3.81 47.76
C HIS G 455 4.13 -3.32 47.18
N VAL G 456 4.23 -3.25 45.87
CA VAL G 456 5.47 -2.78 45.23
C VAL G 456 5.16 -1.70 44.18
N GLY G 457 5.04 -0.45 44.61
CA GLY G 457 4.80 0.67 43.68
C GLY G 457 5.83 1.81 43.64
N PHE G 458 5.45 2.97 44.19
CA PHE G 458 6.37 4.07 44.48
C PHE G 458 7.40 3.59 45.51
N ALA G 459 6.94 2.85 46.52
CA ALA G 459 7.81 2.31 47.57
C ALA G 459 7.57 0.81 47.81
N THR G 460 8.63 0.05 48.09
CA THR G 460 8.53 -1.37 48.46
C THR G 460 8.03 -1.55 49.92
N ILE G 461 6.83 -2.11 50.05
CA ILE G 461 6.22 -2.47 51.33
C ILE G 461 6.37 -3.99 51.56
N PRO G 462 6.55 -4.43 52.84
CA PRO G 462 6.66 -5.87 53.18
C PRO G 462 5.37 -6.57 53.70
N ARG G 463 5.27 -7.88 53.42
CA ARG G 463 4.07 -8.69 53.75
C ARG G 463 3.75 -8.65 55.23
N ASN G 464 2.51 -8.30 55.56
CA ASN G 464 2.06 -8.10 56.97
C ASN G 464 2.47 -9.18 57.98
N TYR G 465 3.01 -8.74 59.11
CA TYR G 465 3.56 -9.66 60.11
C TYR G 465 3.48 -9.10 61.53
N THR G 466 3.61 -10.02 62.48
CA THR G 466 3.43 -9.74 63.90
C THR G 466 4.60 -10.48 64.65
N MET G 467 5.14 -9.91 65.73
CA MET G 467 6.37 -10.48 66.38
C MET G 467 6.58 -10.15 67.89
N SER G 468 7.42 -10.95 68.56
CA SER G 468 7.68 -10.81 70.00
C SER G 468 9.06 -10.18 70.31
N PHE G 469 9.06 -9.29 71.29
CA PHE G 469 10.28 -8.71 71.85
C PHE G 469 10.64 -9.42 73.17
N LEU G 470 11.62 -10.30 73.11
CA LEU G 470 12.08 -10.98 74.33
C LEU G 470 13.35 -10.34 74.92
N PRO G 471 13.30 -9.93 76.20
CA PRO G 471 14.48 -9.43 76.93
C PRO G 471 15.70 -10.40 76.92
N ARG G 472 16.89 -9.84 76.72
CA ARG G 472 18.11 -10.61 76.50
C ARG G 472 19.04 -10.63 77.73
N LYS H 10 29.61 50.45 -76.30
CA LYS H 10 29.43 48.97 -76.22
C LYS H 10 28.96 48.56 -74.80
N LEU H 11 27.71 48.92 -74.44
CA LEU H 11 27.08 48.55 -73.13
C LEU H 11 27.00 47.03 -72.88
N PRO H 12 27.15 46.59 -71.60
CA PRO H 12 27.32 45.14 -71.39
C PRO H 12 26.23 44.25 -72.02
N PRO H 13 26.58 43.03 -72.47
CA PRO H 13 25.53 42.14 -72.97
C PRO H 13 24.51 41.62 -71.92
N GLY H 14 23.41 41.04 -72.42
CA GLY H 14 22.33 40.51 -71.59
C GLY H 14 21.17 39.95 -72.39
N PRO H 15 20.25 39.24 -71.70
CA PRO H 15 19.03 38.68 -72.29
C PRO H 15 18.14 39.73 -72.98
N THR H 16 17.62 39.39 -74.16
CA THR H 16 16.84 40.38 -74.94
C THR H 16 15.56 40.74 -74.17
N PRO H 17 15.41 42.03 -73.79
CA PRO H 17 14.31 42.37 -72.86
C PRO H 17 12.95 42.63 -73.51
N LEU H 18 11.88 42.44 -72.75
CA LEU H 18 10.59 42.96 -73.22
C LEU H 18 10.43 44.45 -72.89
N PRO H 19 9.69 45.17 -73.70
CA PRO H 19 9.48 46.57 -73.40
C PRO H 19 8.74 46.76 -72.10
N PHE H 20 9.22 47.68 -71.28
CA PHE H 20 8.64 48.00 -69.99
C PHE H 20 8.73 46.92 -68.91
N ILE H 21 8.32 45.73 -69.24
CA ILE H 21 8.57 44.61 -68.35
C ILE H 21 10.03 44.19 -68.27
N GLY H 22 10.79 44.50 -69.30
CA GLY H 22 12.22 44.14 -69.38
C GLY H 22 12.46 42.64 -69.27
N ASN H 23 13.26 42.24 -68.29
CA ASN H 23 13.60 40.84 -68.12
C ASN H 23 12.84 40.07 -67.05
N TYR H 24 11.79 40.69 -66.52
CA TYR H 24 10.92 40.09 -65.50
C TYR H 24 10.56 38.60 -65.77
N LEU H 25 10.21 38.24 -67.00
CA LEU H 25 9.80 36.84 -67.28
C LEU H 25 10.89 35.78 -67.14
N GLN H 26 12.15 36.17 -67.30
CA GLN H 26 13.34 35.35 -66.99
C GLN H 26 13.64 35.23 -65.46
N LEU H 27 13.17 36.18 -64.65
CA LEU H 27 13.56 36.27 -63.24
C LEU H 27 12.63 35.58 -62.30
N ASN H 28 13.22 34.99 -61.27
CA ASN H 28 12.47 34.35 -60.21
C ASN H 28 12.48 35.29 -59.00
N THR H 29 11.31 35.86 -58.71
CA THR H 29 11.01 36.65 -57.49
C THR H 29 11.78 36.18 -56.23
N GLU H 30 11.65 34.88 -55.91
CA GLU H 30 12.22 34.28 -54.70
C GLU H 30 13.74 34.19 -54.78
N GLN H 31 14.24 33.43 -55.76
CA GLN H 31 15.68 33.15 -55.94
C GLN H 31 16.43 34.28 -56.64
N MET H 32 16.07 35.52 -56.33
CA MET H 32 16.59 36.67 -57.05
C MET H 32 18.08 36.63 -57.31
N TYR H 33 18.84 36.13 -56.34
CA TYR H 33 20.29 35.95 -56.50
C TYR H 33 20.64 34.86 -57.50
N ASN H 34 19.92 33.75 -57.42
CA ASN H 34 20.31 32.56 -58.17
C ASN H 34 19.86 32.58 -59.63
N SER H 35 18.68 33.16 -59.89
CA SER H 35 18.25 33.39 -61.28
C SER H 35 19.30 34.26 -61.98
N LEU H 36 19.80 35.24 -61.24
CA LEU H 36 20.82 36.18 -61.72
C LEU H 36 22.19 35.54 -61.92
N MET H 37 22.52 34.50 -61.17
CA MET H 37 23.79 33.81 -61.41
C MET H 37 23.64 32.79 -62.52
N LYS H 38 22.50 32.10 -62.55
CA LYS H 38 22.17 31.21 -63.65
C LYS H 38 22.16 31.98 -64.97
N ILE H 39 22.59 33.24 -64.93
CA ILE H 39 22.61 34.12 -66.09
C ILE H 39 24.02 34.64 -66.34
N SER H 40 24.83 34.59 -65.29
CA SER H 40 26.26 34.94 -65.33
C SER H 40 26.94 34.04 -66.32
N GLU H 41 26.53 32.78 -66.30
CA GLU H 41 27.23 31.69 -66.99
C GLU H 41 26.83 31.57 -68.45
N ARG H 42 26.18 32.59 -68.98
CA ARG H 42 25.98 32.64 -70.40
C ARG H 42 26.28 34.01 -71.00
N TYR H 43 26.67 34.95 -70.12
CA TYR H 43 26.93 36.33 -70.52
C TYR H 43 28.25 36.89 -69.98
N GLY H 44 28.63 36.47 -68.77
CA GLY H 44 29.95 36.86 -68.25
C GLY H 44 29.92 37.09 -66.77
N PRO H 45 30.86 37.93 -66.28
CA PRO H 45 30.76 38.39 -64.88
C PRO H 45 30.10 39.78 -64.77
N VAL H 46 29.89 40.43 -65.90
CA VAL H 46 29.43 41.83 -65.96
C VAL H 46 28.31 41.96 -67.01
N PHE H 47 27.07 42.32 -66.61
CA PHE H 47 25.92 42.27 -67.53
C PHE H 47 24.69 43.14 -67.21
N THR H 48 24.05 43.56 -68.30
CA THR H 48 22.79 44.26 -68.32
C THR H 48 21.58 43.35 -68.07
N ILE H 49 20.87 43.71 -67.00
CA ILE H 49 19.55 43.19 -66.69
C ILE H 49 18.52 44.36 -66.66
N HIS H 50 17.29 44.14 -67.11
CA HIS H 50 16.24 45.15 -66.94
C HIS H 50 15.24 44.68 -65.86
N LEU H 51 15.23 45.35 -64.71
CA LEU H 51 14.25 45.03 -63.66
C LEU H 51 12.96 45.84 -63.83
N GLY H 52 12.04 45.33 -64.63
CA GLY H 52 11.01 46.16 -65.24
C GLY H 52 11.72 47.23 -66.05
N PRO H 53 11.27 48.49 -65.93
CA PRO H 53 11.85 49.62 -66.65
C PRO H 53 13.29 49.98 -66.19
N ARG H 54 13.74 49.37 -65.09
CA ARG H 54 15.02 49.68 -64.45
C ARG H 54 16.24 48.99 -65.11
N ARG H 55 17.03 49.75 -65.88
CA ARG H 55 18.24 49.21 -66.53
C ARG H 55 19.41 49.11 -65.57
N VAL H 56 19.96 47.90 -65.47
CA VAL H 56 20.87 47.57 -64.39
C VAL H 56 22.06 46.69 -64.83
N VAL H 57 23.26 47.22 -64.58
CA VAL H 57 24.53 46.51 -64.79
C VAL H 57 24.85 45.65 -63.57
N VAL H 58 25.14 44.37 -63.82
CA VAL H 58 25.42 43.39 -62.75
C VAL H 58 26.88 42.87 -62.73
N LEU H 59 27.55 43.04 -61.58
CA LEU H 59 28.95 42.68 -61.40
C LEU H 59 29.14 41.44 -60.53
N CYS H 60 29.98 40.52 -61.01
CA CYS H 60 30.23 39.22 -60.37
C CYS H 60 31.70 38.97 -60.02
N GLY H 61 31.96 38.36 -58.86
CA GLY H 61 33.31 37.91 -58.45
C GLY H 61 34.26 39.04 -58.09
N HIS H 62 35.18 38.80 -57.15
CA HIS H 62 36.12 39.85 -56.64
C HIS H 62 36.67 40.81 -57.73
N ASP H 63 37.07 40.24 -58.87
CA ASP H 63 37.61 40.98 -60.02
C ASP H 63 36.76 42.22 -60.36
N ALA H 64 35.58 41.95 -60.95
CA ALA H 64 34.61 42.97 -61.39
C ALA H 64 34.18 44.04 -60.34
N VAL H 65 34.01 43.60 -59.08
CA VAL H 65 33.58 44.45 -57.94
C VAL H 65 34.60 45.53 -57.50
N LYS H 66 35.83 45.13 -57.11
CA LYS H 66 36.88 46.07 -56.62
C LYS H 66 37.38 47.09 -57.65
N GLU H 67 37.53 46.63 -58.90
CA GLU H 67 37.88 47.48 -60.03
C GLU H 67 36.83 48.59 -60.27
N ALA H 68 35.58 48.28 -59.94
CA ALA H 68 34.47 49.22 -60.02
C ALA H 68 34.33 50.10 -58.78
N LEU H 69 34.34 49.50 -57.60
CA LEU H 69 34.03 50.22 -56.35
C LEU H 69 35.19 50.89 -55.62
N VAL H 70 36.42 50.41 -55.84
CA VAL H 70 37.59 51.08 -55.26
C VAL H 70 38.51 51.69 -56.33
N ASP H 71 38.82 50.95 -57.39
CA ASP H 71 39.64 51.47 -58.50
C ASP H 71 38.94 52.57 -59.32
N GLN H 72 37.61 52.55 -59.34
CA GLN H 72 36.86 53.64 -59.94
C GLN H 72 35.86 54.23 -58.94
N ALA H 73 36.08 53.91 -57.67
CA ALA H 73 35.31 54.44 -56.53
C ALA H 73 34.43 55.64 -56.81
N GLU H 74 35.01 56.68 -57.38
CA GLU H 74 34.34 57.97 -57.49
C GLU H 74 33.08 57.91 -58.37
N GLU H 75 33.23 57.41 -59.59
CA GLU H 75 32.14 57.36 -60.59
C GLU H 75 31.00 56.46 -60.14
N PHE H 76 31.34 55.39 -59.41
CA PHE H 76 30.37 54.42 -58.89
C PHE H 76 29.95 54.68 -57.43
N SER H 77 29.96 55.94 -57.01
CA SER H 77 29.58 56.33 -55.65
C SER H 77 28.13 56.87 -55.55
N GLY H 78 27.28 56.46 -56.47
CA GLY H 78 25.87 56.79 -56.41
C GLY H 78 25.07 55.69 -55.75
N ARG H 79 23.86 56.03 -55.37
CA ARG H 79 22.91 55.09 -54.79
C ARG H 79 21.76 54.90 -55.80
N GLY H 80 21.41 53.63 -56.06
CA GLY H 80 20.23 53.29 -56.90
C GLY H 80 18.92 53.26 -56.13
N GLU H 81 17.90 52.69 -56.76
CA GLU H 81 16.56 52.62 -56.16
C GLU H 81 16.49 51.62 -55.00
N GLN H 82 15.71 51.93 -53.99
CA GLN H 82 15.20 50.94 -53.06
C GLN H 82 13.73 51.30 -52.93
N ALA H 83 12.91 50.76 -53.84
CA ALA H 83 11.56 51.29 -54.17
C ALA H 83 10.55 51.57 -53.06
N THR H 84 10.38 50.61 -52.19
CA THR H 84 9.45 50.72 -51.06
C THR H 84 9.82 51.91 -50.19
N PHE H 85 11.11 52.03 -49.86
CA PHE H 85 11.57 53.07 -48.97
C PHE H 85 11.50 54.45 -49.59
N ASP H 86 11.74 54.51 -50.90
CA ASP H 86 11.72 55.75 -51.70
C ASP H 86 10.39 56.52 -51.71
N TRP H 87 9.27 55.80 -51.58
CA TRP H 87 7.95 56.41 -51.46
C TRP H 87 7.90 57.34 -50.25
N LEU H 88 8.50 56.91 -49.14
CA LEU H 88 8.65 57.72 -47.94
C LEU H 88 9.84 58.69 -48.01
N PHE H 89 11.04 58.16 -48.22
CA PHE H 89 12.27 58.92 -48.13
C PHE H 89 12.48 59.95 -49.24
N LYS H 90 12.05 59.61 -50.46
CA LYS H 90 11.93 60.56 -51.56
C LYS H 90 13.22 61.33 -51.87
N GLY H 91 14.36 60.79 -51.44
CA GLY H 91 15.65 61.38 -51.79
C GLY H 91 16.36 62.00 -50.60
N TYR H 92 15.62 62.12 -49.51
CA TYR H 92 16.15 62.65 -48.26
C TYR H 92 16.79 61.53 -47.38
N GLY H 93 17.48 61.91 -46.31
CA GLY H 93 18.20 60.95 -45.45
C GLY H 93 19.57 60.52 -45.96
N VAL H 94 20.45 60.09 -45.07
CA VAL H 94 21.78 59.68 -45.49
C VAL H 94 21.83 58.50 -46.45
N ALA H 95 20.97 57.51 -46.23
CA ALA H 95 21.05 56.22 -46.94
C ALA H 95 20.56 56.29 -48.38
N PHE H 96 19.52 57.12 -48.60
CA PHE H 96 18.84 57.08 -49.87
C PHE H 96 19.04 58.37 -50.66
N SER H 97 20.27 58.89 -50.64
CA SER H 97 20.52 60.21 -51.20
C SER H 97 21.77 60.21 -52.06
N ASN H 98 21.94 61.25 -52.88
CA ASN H 98 23.08 61.39 -53.84
C ASN H 98 23.92 62.68 -53.76
N GLY H 99 25.04 62.70 -54.46
CA GLY H 99 25.80 63.93 -54.69
C GLY H 99 26.12 64.67 -53.41
N GLU H 100 25.73 65.94 -53.33
CA GLU H 100 26.07 66.80 -52.20
C GLU H 100 25.48 66.38 -50.84
N ARG H 101 24.15 66.26 -50.79
CA ARG H 101 23.37 65.91 -49.60
C ARG H 101 23.92 64.72 -48.80
N ALA H 102 24.21 63.64 -49.51
CA ALA H 102 24.74 62.42 -48.90
C ALA H 102 26.18 62.59 -48.43
N LYS H 103 26.99 63.28 -49.22
CA LYS H 103 28.38 63.56 -48.87
C LYS H 103 28.42 64.33 -47.52
N GLN H 104 27.47 65.25 -47.30
CA GLN H 104 27.38 66.00 -46.04
C GLN H 104 27.02 65.12 -44.82
N LEU H 105 25.84 64.49 -44.86
CA LEU H 105 25.31 63.67 -43.76
C LEU H 105 26.18 62.48 -43.36
N ARG H 106 26.88 61.90 -44.32
CA ARG H 106 27.79 60.79 -44.08
C ARG H 106 29.05 61.26 -43.31
N ARG H 107 29.69 62.35 -43.77
CA ARG H 107 30.85 62.94 -43.06
C ARG H 107 30.50 63.22 -41.58
N PHE H 108 29.31 63.78 -41.36
CA PHE H 108 28.79 64.11 -40.02
C PHE H 108 28.58 62.90 -39.10
N SER H 109 27.99 61.83 -39.65
CA SER H 109 27.54 60.68 -38.88
C SER H 109 28.68 59.77 -38.48
N ILE H 110 29.75 59.77 -39.28
CA ILE H 110 31.00 59.06 -38.98
C ILE H 110 31.68 59.70 -37.75
N ALA H 111 31.93 61.01 -37.82
CA ALA H 111 32.53 61.78 -36.72
C ALA H 111 31.58 62.04 -35.51
N THR H 112 30.27 61.77 -35.67
CA THR H 112 29.33 61.71 -34.54
C THR H 112 29.24 60.31 -33.93
N LEU H 113 29.38 59.28 -34.76
CA LEU H 113 29.59 57.90 -34.28
C LEU H 113 31.11 57.67 -34.13
N ARG H 114 31.71 58.59 -33.35
CA ARG H 114 33.12 58.68 -33.04
C ARG H 114 33.19 59.42 -31.70
N GLY H 115 32.38 60.50 -31.63
CA GLY H 115 32.45 61.49 -30.56
C GLY H 115 31.61 61.24 -29.33
N PHE H 116 31.56 59.99 -28.88
CA PHE H 116 31.16 59.65 -27.50
C PHE H 116 31.34 58.15 -27.24
N GLY H 122 30.06 55.95 -22.80
CA GLY H 122 30.82 55.08 -23.69
C GLY H 122 29.94 54.39 -24.70
N ILE H 123 30.48 54.20 -25.89
CA ILE H 123 29.76 53.49 -26.93
C ILE H 123 29.75 51.98 -26.63
N GLU H 124 30.90 51.44 -26.23
CA GLU H 124 30.99 50.04 -25.81
C GLU H 124 30.21 49.83 -24.50
N GLU H 125 30.16 50.88 -23.69
CA GLU H 125 29.42 50.89 -22.42
C GLU H 125 27.88 50.74 -22.58
N ARG H 126 27.37 51.12 -23.75
CA ARG H 126 25.93 51.12 -24.05
C ARG H 126 25.40 49.79 -24.56
N ILE H 127 26.15 49.16 -25.45
CA ILE H 127 25.80 47.81 -25.92
C ILE H 127 25.84 46.85 -24.74
N GLN H 128 26.64 47.21 -23.72
CA GLN H 128 26.80 46.43 -22.49
C GLN H 128 25.59 46.50 -21.53
N GLU H 129 25.05 47.70 -21.29
CA GLU H 129 23.83 47.84 -20.48
C GLU H 129 22.63 47.18 -21.19
N GLU H 130 22.76 46.99 -22.50
CA GLU H 130 21.70 46.39 -23.32
C GLU H 130 21.75 44.86 -23.36
N ALA H 131 22.92 44.32 -23.74
CA ALA H 131 23.18 42.88 -23.69
C ALA H 131 22.99 42.34 -22.28
N GLY H 132 23.09 43.23 -21.29
CA GLY H 132 22.75 42.94 -19.91
C GLY H 132 21.28 42.62 -19.72
N PHE H 133 20.40 43.46 -20.26
CA PHE H 133 18.95 43.24 -20.15
C PHE H 133 18.44 42.05 -21.00
N LEU H 134 19.23 41.62 -21.98
CA LEU H 134 18.86 40.47 -22.82
C LEU H 134 19.01 39.12 -22.09
N ILE H 135 19.97 39.03 -21.18
CA ILE H 135 20.19 37.85 -20.34
C ILE H 135 19.08 37.68 -19.30
N ASP H 136 18.70 38.74 -18.59
CA ASP H 136 17.61 38.69 -17.60
C ASP H 136 16.24 38.38 -18.24
N ALA H 137 16.09 38.75 -19.52
CA ALA H 137 14.90 38.43 -20.29
C ALA H 137 14.95 36.98 -20.80
N LEU H 138 16.12 36.56 -21.30
CA LEU H 138 16.28 35.23 -21.87
C LEU H 138 16.38 34.16 -20.77
N ARG H 139 16.39 34.58 -19.51
CA ARG H 139 16.31 33.67 -18.35
C ARG H 139 14.93 33.70 -17.67
N GLY H 140 13.99 34.43 -18.28
CA GLY H 140 12.57 34.34 -17.94
C GLY H 140 11.90 33.25 -18.75
N THR H 141 12.73 32.40 -19.36
CA THR H 141 12.32 31.40 -20.35
C THR H 141 12.36 29.96 -19.83
N HIS H 142 13.30 29.71 -18.90
CA HIS H 142 13.56 28.37 -18.36
C HIS H 142 13.63 27.34 -19.50
N GLY H 143 14.63 27.51 -20.37
CA GLY H 143 15.03 26.54 -21.41
C GLY H 143 14.00 25.89 -22.32
N ALA H 144 12.80 26.46 -22.34
CA ALA H 144 11.70 25.94 -23.18
C ALA H 144 11.95 26.25 -24.65
N ASN H 145 11.15 25.64 -25.52
CA ASN H 145 11.16 25.98 -26.94
C ASN H 145 10.45 27.30 -27.20
N ILE H 146 11.23 28.31 -27.60
CA ILE H 146 10.68 29.57 -28.14
C ILE H 146 11.39 29.98 -29.44
N ASP H 147 10.66 30.72 -30.29
CA ASP H 147 11.19 31.33 -31.52
C ASP H 147 12.09 32.54 -31.17
N PRO H 148 13.31 32.57 -31.74
CA PRO H 148 14.35 33.54 -31.33
C PRO H 148 14.21 34.95 -31.94
N THR H 149 13.38 35.06 -32.97
CA THR H 149 13.19 36.26 -33.77
C THR H 149 12.73 37.48 -32.94
N PHE H 150 11.50 37.47 -32.43
CA PHE H 150 10.93 38.66 -31.78
C PHE H 150 11.81 39.24 -30.68
N PHE H 151 12.40 38.36 -29.88
CA PHE H 151 13.11 38.76 -28.68
C PHE H 151 14.55 39.20 -29.06
N LEU H 152 15.11 38.55 -30.07
CA LEU H 152 16.44 38.88 -30.60
C LEU H 152 16.54 40.31 -31.15
N SER H 153 15.44 40.84 -31.69
CA SER H 153 15.44 42.15 -32.37
C SER H 153 14.95 43.37 -31.55
N ARG H 154 14.59 43.16 -30.28
CA ARG H 154 14.37 44.26 -29.34
C ARG H 154 15.71 44.90 -29.00
N THR H 155 16.75 44.08 -29.10
CA THR H 155 18.11 44.42 -28.68
C THR H 155 18.89 45.26 -29.70
N VAL H 156 18.86 44.87 -30.98
CA VAL H 156 19.40 45.73 -32.05
C VAL H 156 18.58 47.02 -32.15
N SER H 157 17.26 46.84 -32.11
CA SER H 157 16.32 47.93 -32.02
C SER H 157 16.71 48.88 -30.90
N ASN H 158 17.17 48.35 -29.77
CA ASN H 158 17.56 49.17 -28.60
C ASN H 158 18.98 49.76 -28.57
N VAL H 159 19.94 49.07 -29.21
CA VAL H 159 21.28 49.61 -29.42
C VAL H 159 21.22 50.93 -30.20
N ILE H 160 20.60 50.91 -31.38
CA ILE H 160 20.33 52.13 -32.18
C ILE H 160 19.47 53.12 -31.39
N SER H 161 18.39 52.63 -30.78
CA SER H 161 17.49 53.44 -29.96
C SER H 161 18.17 54.18 -28.83
N SER H 162 19.13 53.51 -28.18
CA SER H 162 19.91 54.15 -27.13
C SER H 162 20.72 55.28 -27.78
N ILE H 163 21.47 54.91 -28.81
CA ILE H 163 22.34 55.84 -29.55
C ILE H 163 21.58 57.06 -30.14
N VAL H 164 20.33 56.88 -30.55
CA VAL H 164 19.59 58.00 -31.12
C VAL H 164 18.72 58.78 -30.12
N PHE H 165 18.14 58.06 -29.16
CA PHE H 165 17.20 58.66 -28.19
C PHE H 165 17.83 59.11 -26.86
N GLY H 166 18.97 58.56 -26.49
CA GLY H 166 19.59 58.85 -25.20
C GLY H 166 19.17 57.81 -24.19
N ASP H 167 17.99 58.04 -23.58
CA ASP H 167 17.31 57.04 -22.74
C ASP H 167 17.12 55.69 -23.46
N ARG H 168 17.38 54.62 -22.70
CA ARG H 168 17.12 53.23 -23.12
C ARG H 168 15.61 52.98 -23.14
N PHE H 169 15.18 52.02 -23.96
CA PHE H 169 13.75 51.72 -24.10
C PHE H 169 13.19 50.75 -23.06
N ASP H 170 12.24 51.27 -22.28
CA ASP H 170 11.49 50.51 -21.28
C ASP H 170 10.60 49.43 -21.94
N TYR H 171 11.04 48.17 -21.85
CA TYR H 171 10.41 46.97 -22.50
C TYR H 171 8.87 46.92 -22.75
N GLU H 172 8.09 47.37 -21.75
CA GLU H 172 6.62 47.26 -21.75
C GLU H 172 5.94 48.49 -22.31
N ASP H 173 6.75 49.46 -22.75
CA ASP H 173 6.25 50.74 -23.26
C ASP H 173 5.51 50.53 -24.58
N LYS H 174 4.36 51.18 -24.72
CA LYS H 174 3.59 51.18 -25.97
C LYS H 174 4.42 51.71 -27.14
N GLU H 175 5.12 52.80 -26.89
CA GLU H 175 5.96 53.48 -27.86
C GLU H 175 7.06 52.57 -28.42
N PHE H 176 7.48 51.55 -27.67
CA PHE H 176 8.50 50.57 -28.13
C PHE H 176 7.90 49.40 -28.95
N LEU H 177 6.66 49.03 -28.62
CA LEU H 177 5.95 47.90 -29.25
C LEU H 177 5.32 48.35 -30.54
N SER H 178 4.77 49.57 -30.50
CA SER H 178 4.19 50.21 -31.66
C SER H 178 5.29 50.34 -32.72
N LEU H 179 6.47 50.81 -32.32
CA LEU H 179 7.62 50.95 -33.23
C LEU H 179 8.05 49.64 -33.88
N LEU H 180 8.29 48.63 -33.06
CA LEU H 180 8.69 47.31 -33.54
C LEU H 180 7.70 46.71 -34.54
N ARG H 181 6.41 46.99 -34.35
CA ARG H 181 5.36 46.44 -35.22
C ARG H 181 5.37 47.04 -36.63
N MET H 182 5.72 48.33 -36.70
CA MET H 182 5.72 49.12 -37.91
C MET H 182 6.95 48.81 -38.75
N MET H 183 8.05 48.50 -38.07
CA MET H 183 9.29 48.05 -38.69
C MET H 183 9.08 46.69 -39.34
N LEU H 184 8.42 45.79 -38.58
CA LEU H 184 8.17 44.43 -39.02
C LEU H 184 7.16 44.44 -40.15
N GLY H 185 6.11 45.25 -40.00
CA GLY H 185 5.13 45.47 -41.07
C GLY H 185 5.84 45.78 -42.38
N SER H 186 6.85 46.65 -42.31
CA SER H 186 7.50 47.21 -43.50
C SER H 186 8.56 46.31 -44.13
N PHE H 187 9.14 45.45 -43.30
CA PHE H 187 10.09 44.45 -43.75
C PHE H 187 9.39 43.24 -44.26
N GLN H 188 8.30 42.89 -43.60
CA GLN H 188 7.47 41.74 -43.98
C GLN H 188 6.97 41.91 -45.41
N PHE H 189 6.58 43.14 -45.74
CA PHE H 189 6.06 43.43 -47.05
C PHE H 189 7.10 43.25 -48.17
N THR H 190 8.36 43.60 -47.90
CA THR H 190 9.38 43.42 -48.92
C THR H 190 9.66 41.94 -49.33
N ALA H 191 9.54 41.02 -48.36
CA ALA H 191 9.76 39.60 -48.63
C ALA H 191 8.66 38.97 -49.43
N THR H 192 7.46 39.56 -49.41
CA THR H 192 6.29 39.01 -50.11
C THR H 192 6.43 39.05 -51.65
N SER H 193 5.65 38.19 -52.32
CA SER H 193 5.40 38.30 -53.76
C SER H 193 5.13 39.78 -54.23
N THR H 194 4.26 40.50 -53.52
CA THR H 194 3.81 41.83 -53.91
C THR H 194 4.92 42.89 -53.74
N GLY H 195 5.69 42.73 -52.66
CA GLY H 195 6.89 43.50 -52.41
C GLY H 195 8.01 43.28 -53.41
N GLN H 196 8.23 42.04 -53.82
CA GLN H 196 9.26 41.72 -54.84
C GLN H 196 8.91 42.37 -56.18
N LEU H 197 7.64 42.28 -56.52
CA LEU H 197 7.08 42.87 -57.72
C LEU H 197 7.14 44.41 -57.72
N TYR H 198 6.82 45.03 -56.57
CA TYR H 198 6.85 46.47 -56.39
C TYR H 198 8.24 47.09 -56.71
N GLU H 199 9.31 46.40 -56.34
CA GLU H 199 10.64 46.94 -56.51
C GLU H 199 10.83 47.25 -57.96
N MET H 200 10.17 46.44 -58.79
CA MET H 200 10.26 46.58 -60.22
C MET H 200 9.20 47.50 -60.85
N PHE H 201 8.00 47.50 -60.26
CA PHE H 201 6.83 48.09 -60.93
C PHE H 201 6.17 49.20 -60.14
N SER H 202 6.91 49.80 -59.23
CA SER H 202 6.47 50.82 -58.30
C SER H 202 5.78 51.93 -59.00
N SER H 203 6.32 52.32 -60.16
CA SER H 203 5.72 53.38 -60.99
C SER H 203 4.24 53.19 -61.31
N VAL H 204 3.74 51.95 -61.34
CA VAL H 204 2.31 51.72 -61.49
C VAL H 204 1.67 51.27 -60.16
N MET H 205 2.31 50.36 -59.46
CA MET H 205 1.77 49.84 -58.25
C MET H 205 1.53 50.83 -57.12
N LYS H 206 2.28 51.92 -57.08
CA LYS H 206 2.08 52.94 -56.04
C LYS H 206 0.69 53.60 -56.06
N HIS H 207 -0.02 53.45 -57.18
CA HIS H 207 -1.32 54.06 -57.35
C HIS H 207 -2.45 53.04 -57.26
N LEU H 208 -2.13 51.76 -57.27
CA LEU H 208 -3.15 50.71 -57.26
C LEU H 208 -3.57 50.36 -55.83
N PRO H 209 -4.83 49.98 -55.64
CA PRO H 209 -5.06 49.37 -54.34
C PRO H 209 -4.36 48.03 -54.25
N GLY H 210 -3.83 47.75 -53.07
CA GLY H 210 -3.39 46.43 -52.71
C GLY H 210 -2.43 46.55 -51.56
N PRO H 211 -1.79 45.43 -51.16
CA PRO H 211 -0.87 45.27 -50.01
C PRO H 211 0.11 46.42 -49.77
N GLN H 212 0.54 47.04 -50.87
CA GLN H 212 1.47 48.17 -50.83
C GLN H 212 0.92 49.44 -50.19
N GLN H 213 -0.38 49.60 -50.14
CA GLN H 213 -0.94 50.80 -49.55
C GLN H 213 -0.79 50.74 -48.03
N GLN H 214 -0.97 49.54 -47.52
CA GLN H 214 -0.82 49.24 -46.11
C GLN H 214 0.64 49.40 -45.70
N ALA H 215 1.56 49.08 -46.62
CA ALA H 215 2.97 49.34 -46.36
C ALA H 215 3.36 50.84 -46.34
N PHE H 216 2.73 51.65 -47.20
CA PHE H 216 2.98 53.10 -47.16
C PHE H 216 2.40 53.74 -45.88
N LYS H 217 1.40 53.11 -45.27
CA LYS H 217 0.78 53.61 -44.07
C LYS H 217 1.71 53.34 -42.86
N GLU H 218 2.48 52.27 -42.93
CA GLU H 218 3.47 51.93 -41.90
C GLU H 218 4.69 52.81 -41.96
N LEU H 219 5.12 53.12 -43.16
CA LEU H 219 6.22 54.03 -43.31
C LEU H 219 5.86 55.42 -42.80
N GLN H 220 4.62 55.85 -43.09
CA GLN H 220 4.07 57.17 -42.71
C GLN H 220 3.94 57.29 -41.19
N GLY H 221 3.55 56.20 -40.52
CA GLY H 221 3.50 56.14 -39.07
C GLY H 221 4.86 56.22 -38.39
N LEU H 222 5.82 55.46 -38.90
CA LEU H 222 7.19 55.51 -38.42
C LEU H 222 7.74 56.93 -38.46
N GLU H 223 7.52 57.67 -39.55
CA GLU H 223 7.94 59.07 -39.63
C GLU H 223 7.25 59.99 -38.61
N ASP H 224 5.92 59.88 -38.49
CA ASP H 224 5.08 60.65 -37.53
C ASP H 224 5.57 60.43 -36.11
N PHE H 225 5.84 59.17 -35.80
CA PHE H 225 6.31 58.73 -34.51
C PHE H 225 7.74 59.25 -34.22
N ILE H 226 8.58 59.26 -35.25
CA ILE H 226 9.94 59.81 -35.17
C ILE H 226 9.97 61.34 -35.20
N ALA H 227 8.95 61.97 -35.77
CA ALA H 227 8.84 63.42 -35.77
C ALA H 227 8.46 63.94 -34.38
N LYS H 228 7.59 63.18 -33.69
CA LYS H 228 7.14 63.44 -32.30
C LYS H 228 8.29 63.38 -31.29
N LYS H 229 9.12 62.35 -31.39
CA LYS H 229 10.27 62.18 -30.49
C LYS H 229 11.37 63.24 -30.73
N VAL H 230 11.50 63.63 -31.99
CA VAL H 230 12.34 64.79 -32.36
C VAL H 230 11.90 66.07 -31.64
N GLU H 231 10.59 66.24 -31.51
CA GLU H 231 9.99 67.43 -30.91
C GLU H 231 9.66 67.31 -29.41
N HIS H 232 10.01 66.18 -28.79
CA HIS H 232 10.16 66.10 -27.32
C HIS H 232 11.58 66.56 -27.01
N ASN H 233 12.49 66.34 -27.98
CA ASN H 233 13.89 66.78 -27.91
C ASN H 233 14.13 68.18 -28.48
N GLN H 234 13.08 68.82 -29.01
CA GLN H 234 13.09 70.26 -29.37
C GLN H 234 12.70 71.16 -28.17
N ARG H 235 11.71 70.73 -27.38
CA ARG H 235 11.17 71.50 -26.22
C ARG H 235 12.24 71.85 -25.19
N THR H 236 13.14 70.90 -24.89
CA THR H 236 14.26 71.14 -23.97
C THR H 236 15.57 70.71 -24.61
N LEU H 237 16.32 71.70 -25.07
CA LEU H 237 17.55 71.47 -25.82
C LEU H 237 18.71 72.33 -25.27
N ASP H 238 19.68 71.68 -24.64
CA ASP H 238 20.82 72.35 -24.02
C ASP H 238 22.01 72.34 -24.99
N PRO H 239 22.31 73.52 -25.60
CA PRO H 239 23.44 73.66 -26.56
C PRO H 239 24.78 73.16 -26.03
N ASN H 240 24.96 73.30 -24.71
CA ASN H 240 26.13 72.82 -23.97
C ASN H 240 26.23 71.31 -23.92
N SER H 241 25.20 70.69 -23.35
CA SER H 241 25.19 69.24 -23.13
C SER H 241 24.48 68.45 -24.27
N PRO H 242 25.26 67.77 -25.16
CA PRO H 242 24.63 66.88 -26.15
C PRO H 242 24.31 65.53 -25.52
N ARG H 243 23.02 65.19 -25.43
CA ARG H 243 22.59 64.01 -24.69
C ARG H 243 22.32 62.79 -25.57
N ASP H 244 22.05 63.02 -26.86
CA ASP H 244 21.74 61.95 -27.83
C ASP H 244 22.12 62.32 -29.29
N PHE H 245 21.52 61.64 -30.26
CA PHE H 245 21.80 61.85 -31.70
C PHE H 245 20.96 63.01 -32.27
N ILE H 246 19.70 63.11 -31.84
CA ILE H 246 18.79 64.19 -32.29
C ILE H 246 19.36 65.57 -31.91
N ASP H 247 20.19 65.58 -30.86
CA ASP H 247 20.78 66.80 -30.33
C ASP H 247 22.07 67.19 -31.08
N SER H 248 22.85 66.20 -31.52
CA SER H 248 23.97 66.40 -32.47
C SER H 248 23.56 67.06 -33.79
N PHE H 249 22.31 66.85 -34.19
CA PHE H 249 21.75 67.42 -35.41
C PHE H 249 21.10 68.77 -35.12
N LEU H 250 20.29 68.83 -34.06
CA LEU H 250 19.71 70.09 -33.61
C LEU H 250 20.77 71.12 -33.16
N ILE H 251 21.83 70.68 -32.48
CA ILE H 251 22.98 71.57 -32.19
C ILE H 251 23.56 72.19 -33.47
N ARG H 252 23.53 71.43 -34.57
CA ARG H 252 24.04 71.87 -35.85
C ARG H 252 23.01 72.61 -36.72
N MET H 253 21.75 72.64 -36.26
CA MET H 253 20.61 73.25 -36.99
C MET H 253 20.47 74.77 -36.78
N GLN H 254 20.66 75.25 -35.55
CA GLN H 254 20.87 76.70 -35.32
C GLN H 254 22.21 77.13 -35.94
N GLU H 255 23.29 76.42 -35.56
CA GLU H 255 24.61 76.55 -36.18
C GLU H 255 24.65 76.73 -37.70
N GLU H 256 23.56 76.39 -38.38
CA GLU H 256 23.54 76.47 -39.84
C GLU H 256 22.26 77.15 -40.33
N GLU H 257 21.54 77.80 -39.42
CA GLU H 257 20.27 78.47 -39.73
C GLU H 257 20.45 79.73 -40.61
N LYS H 258 21.66 80.29 -40.61
CA LYS H 258 22.04 81.43 -41.47
C LYS H 258 22.60 81.01 -42.87
N ASN H 259 21.78 80.28 -43.63
CA ASN H 259 22.19 79.60 -44.86
C ASN H 259 20.92 79.10 -45.57
N PRO H 260 20.34 79.90 -46.53
CA PRO H 260 19.13 79.41 -47.22
C PRO H 260 19.36 78.21 -48.17
N ASN H 261 20.56 77.60 -48.14
CA ASN H 261 20.81 76.35 -48.86
C ASN H 261 21.73 75.39 -48.11
N THR H 262 21.38 75.10 -46.86
CA THR H 262 22.16 74.16 -46.04
C THR H 262 21.57 72.77 -46.21
N GLU H 263 22.35 71.75 -45.85
CA GLU H 263 21.83 70.39 -45.89
C GLU H 263 21.24 69.87 -44.56
N PHE H 264 21.11 70.76 -43.57
CA PHE H 264 20.66 70.39 -42.22
C PHE H 264 19.29 70.99 -41.84
N TYR H 265 18.20 70.27 -42.15
CA TYR H 265 16.82 70.66 -41.76
C TYR H 265 15.97 69.48 -41.24
N LEU H 266 14.90 69.80 -40.51
CA LEU H 266 13.94 68.84 -39.93
C LEU H 266 13.89 67.51 -40.70
N LYS H 267 13.45 67.54 -41.96
CA LYS H 267 13.14 66.32 -42.70
C LYS H 267 14.36 65.41 -42.85
N ASN H 268 15.51 66.00 -43.17
CA ASN H 268 16.76 65.26 -43.30
C ASN H 268 17.16 64.54 -42.01
N LEU H 269 16.80 65.13 -40.88
CA LEU H 269 17.08 64.54 -39.59
C LEU H 269 16.19 63.31 -39.38
N VAL H 270 14.89 63.52 -39.58
CA VAL H 270 13.92 62.47 -39.36
C VAL H 270 14.17 61.31 -40.32
N MET H 271 14.67 61.60 -41.50
CA MET H 271 14.93 60.54 -42.47
C MET H 271 16.24 59.87 -42.22
N THR H 272 17.22 60.61 -41.71
CA THR H 272 18.44 59.96 -41.26
C THR H 272 18.15 59.07 -40.06
N THR H 273 17.40 59.58 -39.08
CA THR H 273 17.08 58.84 -37.87
C THR H 273 16.53 57.48 -38.26
N LEU H 274 15.46 57.50 -39.06
CA LEU H 274 14.79 56.31 -39.58
C LEU H 274 15.76 55.37 -40.24
N ASN H 275 16.59 55.94 -41.10
CA ASN H 275 17.58 55.21 -41.86
C ASN H 275 18.46 54.25 -41.04
N LEU H 276 18.78 54.69 -39.82
CA LEU H 276 19.66 53.93 -38.91
C LEU H 276 18.94 52.78 -38.20
N PHE H 277 17.63 52.89 -38.03
CA PHE H 277 16.81 51.75 -37.63
C PHE H 277 16.74 50.67 -38.70
N PHE H 278 16.90 51.06 -39.97
CA PHE H 278 16.70 50.16 -41.13
C PHE H 278 17.93 49.36 -41.55
N ALA H 279 19.09 50.01 -41.67
CA ALA H 279 20.35 49.29 -41.87
C ALA H 279 20.80 48.72 -40.54
N GLY H 280 20.25 49.28 -39.46
CA GLY H 280 20.58 48.92 -38.09
C GLY H 280 20.02 47.58 -37.63
N THR H 281 18.72 47.55 -37.39
CA THR H 281 18.06 46.40 -36.73
C THR H 281 18.13 45.04 -37.45
N GLU H 282 17.38 44.90 -38.53
CA GLU H 282 17.20 43.60 -39.21
C GLU H 282 18.49 42.81 -39.58
N THR H 283 19.52 43.48 -40.13
CA THR H 283 20.71 42.79 -40.66
C THR H 283 21.62 42.19 -39.59
N VAL H 284 21.82 42.91 -38.49
CA VAL H 284 22.47 42.39 -37.29
C VAL H 284 21.67 41.21 -36.77
N SER H 285 20.34 41.44 -36.61
CA SER H 285 19.39 40.48 -36.04
C SER H 285 19.41 39.16 -36.78
N THR H 286 19.43 39.29 -38.10
CA THR H 286 19.47 38.15 -38.98
C THR H 286 20.84 37.47 -38.86
N THR H 287 21.92 38.25 -38.92
CA THR H 287 23.27 37.68 -38.71
C THR H 287 23.44 37.03 -37.32
N LEU H 288 22.75 37.54 -36.30
CA LEU H 288 22.76 36.89 -34.98
C LEU H 288 21.99 35.58 -34.97
N ARG H 289 20.80 35.60 -35.57
CA ARG H 289 19.92 34.44 -35.68
C ARG H 289 20.44 33.32 -36.63
N TYR H 290 21.07 33.69 -37.76
CA TYR H 290 21.63 32.70 -38.70
C TYR H 290 22.89 32.01 -38.14
N GLY H 291 23.50 32.64 -37.13
CA GLY H 291 24.64 32.08 -36.42
C GLY H 291 24.20 30.95 -35.50
N PHE H 292 23.14 31.18 -34.73
CA PHE H 292 22.59 30.14 -33.83
C PHE H 292 22.32 28.83 -34.56
N LEU H 293 21.66 28.91 -35.72
CA LEU H 293 21.45 27.72 -36.55
C LEU H 293 22.75 27.01 -36.92
N LEU H 294 23.85 27.76 -37.08
CA LEU H 294 25.12 27.19 -37.54
C LEU H 294 25.86 26.40 -36.45
N LEU H 295 25.68 26.81 -35.19
CA LEU H 295 26.26 26.13 -34.03
C LEU H 295 25.51 24.81 -33.73
N MET H 296 24.24 24.78 -34.08
CA MET H 296 23.43 23.58 -33.99
C MET H 296 23.78 22.56 -35.05
N LYS H 297 24.22 23.02 -36.23
CA LYS H 297 24.54 22.12 -37.35
C LYS H 297 25.98 21.56 -37.28
N HIS H 298 26.82 22.24 -36.51
CA HIS H 298 28.21 21.83 -36.28
C HIS H 298 28.54 22.01 -34.79
N PRO H 299 28.41 20.92 -33.98
CA PRO H 299 28.62 21.01 -32.52
C PRO H 299 30.10 20.94 -32.11
N GLU H 300 30.94 20.40 -33.00
CA GLU H 300 32.39 20.31 -32.76
C GLU H 300 33.08 21.69 -32.78
N VAL H 301 32.47 22.66 -33.46
CA VAL H 301 32.94 24.05 -33.51
C VAL H 301 32.27 24.96 -32.45
N GLU H 302 31.20 24.48 -31.82
CA GLU H 302 30.68 25.09 -30.58
C GLU H 302 31.62 24.69 -29.45
N ALA H 303 32.23 23.51 -29.60
CA ALA H 303 33.13 22.92 -28.61
C ALA H 303 34.47 23.65 -28.50
N LYS H 304 34.77 24.53 -29.45
CA LYS H 304 36.05 25.28 -29.46
C LYS H 304 35.89 26.77 -29.07
N VAL H 305 34.64 27.26 -29.12
CA VAL H 305 34.28 28.64 -28.70
C VAL H 305 33.77 28.65 -27.24
N HIS H 306 33.18 27.52 -26.83
CA HIS H 306 32.91 27.19 -25.42
C HIS H 306 34.19 27.34 -24.56
N GLU H 307 35.19 26.50 -24.85
CA GLU H 307 36.46 26.44 -24.09
C GLU H 307 37.57 27.33 -24.69
N GLU H 308 37.16 28.51 -25.19
CA GLU H 308 38.08 29.60 -25.52
C GLU H 308 37.62 30.88 -24.82
N ILE H 309 36.32 30.97 -24.52
CA ILE H 309 35.77 32.09 -23.76
C ILE H 309 36.14 31.99 -22.26
N ASP H 310 35.96 30.80 -21.69
CA ASP H 310 36.35 30.50 -20.30
C ASP H 310 37.83 30.68 -20.01
N ARG H 311 38.64 30.84 -21.07
CA ARG H 311 40.10 30.94 -20.98
C ARG H 311 40.62 32.39 -20.88
N VAL H 312 39.70 33.36 -20.94
CA VAL H 312 40.03 34.80 -20.88
C VAL H 312 39.15 35.62 -19.89
N ILE H 313 37.84 35.39 -19.91
CA ILE H 313 36.90 36.15 -19.06
C ILE H 313 36.24 35.28 -17.99
N GLY H 314 36.11 33.99 -18.31
CA GLY H 314 35.35 33.03 -17.49
C GLY H 314 33.86 33.28 -17.56
N LYS H 315 33.15 32.97 -16.47
CA LYS H 315 31.73 33.28 -16.37
C LYS H 315 31.43 34.24 -15.21
N ASN H 316 32.22 35.32 -15.11
CA ASN H 316 31.99 36.30 -14.03
C ASN H 316 31.99 37.75 -14.49
N ARG H 317 33.13 38.30 -14.89
CA ARG H 317 33.10 39.68 -15.40
C ARG H 317 32.34 39.71 -16.72
N GLN H 318 31.57 40.79 -16.96
CA GLN H 318 30.91 40.99 -18.25
C GLN H 318 31.94 41.53 -19.27
N PRO H 319 32.06 40.87 -20.44
CA PRO H 319 33.18 41.03 -21.37
C PRO H 319 33.32 42.40 -22.08
N LYS H 320 34.38 42.53 -22.91
CA LYS H 320 34.85 43.77 -23.55
C LYS H 320 35.21 43.52 -25.05
N PHE H 321 35.16 44.55 -25.89
CA PHE H 321 35.60 44.45 -27.31
C PHE H 321 37.13 44.36 -27.39
N GLU H 322 37.80 44.70 -26.29
CA GLU H 322 39.24 44.46 -26.14
C GLU H 322 39.58 42.96 -26.04
N ASP H 323 38.65 42.17 -25.48
CA ASP H 323 38.79 40.71 -25.42
C ASP H 323 39.03 40.04 -26.79
N ARG H 324 38.78 40.77 -27.86
CA ARG H 324 38.96 40.25 -29.22
C ARG H 324 40.45 40.14 -29.61
N ALA H 325 41.30 40.93 -28.95
CA ALA H 325 42.73 40.97 -29.24
C ALA H 325 43.32 39.59 -29.36
N LYS H 326 43.16 38.78 -28.30
CA LYS H 326 43.81 37.46 -28.21
C LYS H 326 42.80 36.30 -28.27
N MET H 327 41.79 36.45 -29.13
CA MET H 327 40.74 35.43 -29.39
C MET H 327 40.53 35.16 -30.89
N PRO H 328 41.57 34.63 -31.58
CA PRO H 328 41.49 34.55 -33.03
C PRO H 328 40.67 33.37 -33.57
N TYR H 329 40.01 32.61 -32.69
CA TYR H 329 39.09 31.57 -33.14
C TYR H 329 37.61 32.01 -33.13
N THR H 330 37.22 32.84 -32.18
CA THR H 330 35.93 33.48 -32.18
C THR H 330 35.76 34.50 -33.29
N GLU H 331 36.80 35.28 -33.54
CA GLU H 331 36.77 36.33 -34.53
C GLU H 331 36.53 35.68 -35.86
N ALA H 332 37.24 34.59 -36.11
CA ALA H 332 37.07 33.87 -37.34
C ALA H 332 35.71 33.26 -37.47
N VAL H 333 35.18 32.71 -36.40
CA VAL H 333 33.86 32.10 -36.53
C VAL H 333 32.82 33.16 -36.84
N ILE H 334 32.94 34.30 -36.19
CA ILE H 334 31.98 35.32 -36.45
C ILE H 334 32.11 35.78 -37.89
N HIS H 335 33.33 35.88 -38.36
CA HIS H 335 33.53 36.38 -39.69
C HIS H 335 32.98 35.41 -40.68
N GLU H 336 33.09 34.14 -40.33
CA GLU H 336 32.55 33.03 -41.11
C GLU H 336 31.04 32.96 -41.24
N ILE H 337 30.30 33.42 -40.23
CA ILE H 337 28.85 33.50 -40.33
C ILE H 337 28.45 34.52 -41.41
N GLN H 338 29.12 35.68 -41.39
CA GLN H 338 28.86 36.76 -42.34
C GLN H 338 29.16 36.31 -43.76
N ARG H 339 30.12 35.39 -43.88
CA ARG H 339 30.51 34.74 -45.12
C ARG H 339 29.38 33.86 -45.68
N PHE H 340 28.99 32.83 -44.91
CA PHE H 340 27.82 31.99 -45.19
C PHE H 340 26.55 32.86 -45.22
N GLY H 341 26.05 33.20 -44.03
CA GLY H 341 24.83 34.02 -43.88
C GLY H 341 24.60 34.99 -45.03
N ASP H 342 25.49 35.98 -45.14
CA ASP H 342 25.46 36.95 -46.22
C ASP H 342 24.09 37.60 -46.39
N MET H 343 23.83 38.60 -45.57
CA MET H 343 22.54 39.27 -45.58
C MET H 343 22.24 40.02 -46.90
N LEU H 344 23.20 40.81 -47.36
CA LEU H 344 23.01 41.61 -48.54
C LEU H 344 23.86 41.08 -49.67
N PRO H 345 23.31 40.11 -50.44
CA PRO H 345 24.01 39.43 -51.52
C PRO H 345 24.26 40.33 -52.74
N MET H 346 23.46 41.40 -52.87
CA MET H 346 23.65 42.46 -53.87
C MET H 346 23.88 43.81 -53.18
N GLY H 347 23.94 43.75 -51.85
CA GLY H 347 24.16 44.91 -51.02
C GLY H 347 22.99 45.87 -51.06
N LEU H 348 23.30 47.09 -51.48
CA LEU H 348 22.31 48.10 -51.73
C LEU H 348 22.66 48.65 -53.10
N ALA H 349 21.66 49.11 -53.85
CA ALA H 349 21.91 49.53 -55.23
C ALA H 349 22.76 50.78 -55.30
N HIS H 350 23.64 50.79 -56.29
CA HIS H 350 24.40 51.96 -56.63
C HIS H 350 23.92 52.47 -57.98
N ARG H 351 24.27 53.69 -58.33
CA ARG H 351 24.11 54.16 -59.69
C ARG H 351 25.31 54.99 -60.06
N VAL H 352 25.43 55.35 -61.34
CA VAL H 352 26.57 56.12 -61.80
C VAL H 352 26.17 57.56 -62.05
N ASN H 353 26.97 58.47 -61.48
CA ASN H 353 26.69 59.92 -61.53
C ASN H 353 27.18 60.63 -62.82
N LYS H 354 28.27 60.10 -63.39
CA LYS H 354 28.82 60.55 -64.68
C LYS H 354 28.63 59.44 -65.75
N ASP H 355 28.65 59.84 -67.03
CA ASP H 355 28.78 58.91 -68.16
C ASP H 355 30.11 58.17 -68.04
N THR H 356 30.07 56.88 -67.74
CA THR H 356 31.27 56.15 -67.32
C THR H 356 31.72 55.07 -68.30
N LYS H 357 33.03 55.05 -68.57
CA LYS H 357 33.70 53.94 -69.25
C LYS H 357 34.12 52.84 -68.23
N PHE H 358 33.86 51.57 -68.57
CA PHE H 358 34.17 50.44 -67.70
C PHE H 358 34.46 49.14 -68.47
N ARG H 359 35.59 48.48 -68.18
CA ARG H 359 36.14 47.42 -69.03
C ARG H 359 35.94 47.74 -70.53
N ASP H 360 35.35 46.81 -71.29
CA ASP H 360 35.08 47.02 -72.73
C ASP H 360 33.75 47.76 -73.00
N PHE H 361 33.14 48.32 -71.94
CA PHE H 361 31.74 48.78 -71.98
C PHE H 361 31.55 50.29 -71.74
N PHE H 362 30.34 50.77 -72.03
CA PHE H 362 29.91 52.13 -71.79
C PHE H 362 28.66 52.08 -70.88
N LEU H 363 28.75 52.66 -69.68
CA LEU H 363 27.57 52.82 -68.80
C LEU H 363 27.02 54.25 -68.80
N PRO H 364 25.82 54.46 -69.39
CA PRO H 364 25.21 55.80 -69.38
C PRO H 364 24.98 56.35 -67.98
N LYS H 365 24.90 57.68 -67.89
CA LYS H 365 24.59 58.43 -66.67
C LYS H 365 23.22 57.99 -66.22
N GLY H 366 23.09 57.70 -64.92
CA GLY H 366 21.81 57.29 -64.35
C GLY H 366 21.72 55.79 -64.11
N THR H 367 22.62 55.04 -64.75
CA THR H 367 22.58 53.58 -64.72
C THR H 367 22.87 53.07 -63.32
N GLU H 368 22.08 52.09 -62.91
CA GLU H 368 22.18 51.52 -61.61
C GLU H 368 23.24 50.41 -61.61
N VAL H 369 23.81 50.11 -60.46
CA VAL H 369 24.80 49.06 -60.41
C VAL H 369 24.50 48.09 -59.28
N PHE H 370 24.38 46.83 -59.63
CA PHE H 370 24.13 45.74 -58.67
C PHE H 370 25.44 44.97 -58.50
N PRO H 371 26.13 45.20 -57.36
CA PRO H 371 27.44 44.62 -57.05
C PRO H 371 27.30 43.32 -56.26
N MET H 372 27.43 42.20 -56.95
CA MET H 372 27.06 40.92 -56.33
C MET H 372 28.03 40.56 -55.24
N LEU H 373 27.70 41.03 -54.03
CA LEU H 373 28.59 40.87 -52.92
C LEU H 373 28.75 39.40 -52.61
N GLY H 374 27.67 38.64 -52.75
CA GLY H 374 27.64 37.22 -52.41
C GLY H 374 28.46 36.30 -53.30
N SER H 375 28.83 36.80 -54.49
CA SER H 375 29.67 36.04 -55.43
C SER H 375 31.17 36.31 -55.19
N VAL H 376 31.46 37.25 -54.30
CA VAL H 376 32.83 37.54 -53.84
C VAL H 376 33.14 36.71 -52.57
N LEU H 377 32.14 36.59 -51.70
CA LEU H 377 32.23 35.70 -50.54
C LEU H 377 31.99 34.27 -50.98
N ARG H 378 32.26 33.97 -52.26
CA ARG H 378 32.02 32.64 -52.86
C ARG H 378 33.00 32.26 -54.02
N ASP H 379 33.92 33.17 -54.37
CA ASP H 379 34.87 33.04 -55.50
C ASP H 379 35.68 31.71 -55.54
N PRO H 380 35.89 31.12 -56.75
CA PRO H 380 36.75 29.92 -56.83
C PRO H 380 38.22 30.24 -56.58
N ARG H 381 38.69 31.42 -57.02
CA ARG H 381 40.08 31.82 -56.83
C ARG H 381 40.39 32.47 -55.45
N PHE H 382 39.60 32.16 -54.41
CA PHE H 382 39.79 32.75 -53.06
C PHE H 382 39.51 31.85 -51.84
N PHE H 383 38.81 30.72 -52.03
CA PHE H 383 38.41 29.80 -50.91
C PHE H 383 38.41 28.30 -51.32
N SER H 384 38.78 27.41 -50.40
CA SER H 384 38.89 25.96 -50.72
C SER H 384 37.54 25.24 -50.94
N ASN H 385 36.69 25.21 -49.90
CA ASN H 385 35.33 24.66 -49.98
C ASN H 385 34.34 25.81 -50.17
N PRO H 386 33.54 25.77 -51.26
CA PRO H 386 32.67 26.90 -51.71
C PRO H 386 31.33 27.04 -50.94
N ARG H 387 30.31 26.33 -51.42
CA ARG H 387 28.97 26.26 -50.84
C ARG H 387 28.94 25.62 -49.42
N ASP H 388 30.12 25.41 -48.82
CA ASP H 388 30.28 24.77 -47.50
C ASP H 388 30.43 25.78 -46.35
N PHE H 389 30.44 25.27 -45.11
CA PHE H 389 30.70 26.06 -43.90
C PHE H 389 31.99 25.60 -43.20
N ASN H 390 32.99 26.51 -43.14
CA ASN H 390 34.32 26.22 -42.56
C ASN H 390 35.04 27.49 -42.00
N PRO H 391 35.35 27.49 -40.67
CA PRO H 391 36.17 28.59 -40.14
C PRO H 391 37.69 28.48 -40.43
N GLN H 392 38.14 27.33 -40.99
CA GLN H 392 39.56 27.16 -41.45
C GLN H 392 39.86 28.00 -42.69
N HIS H 393 38.87 28.79 -43.12
CA HIS H 393 39.03 29.79 -44.18
C HIS H 393 39.63 31.10 -43.64
N PHE H 394 39.59 31.31 -42.31
CA PHE H 394 40.17 32.50 -41.65
C PHE H 394 41.39 32.25 -40.71
N LEU H 395 42.00 31.06 -40.81
CA LEU H 395 43.23 30.68 -40.07
C LEU H 395 44.39 30.19 -40.99
N ASP H 396 45.63 30.62 -40.71
CA ASP H 396 46.83 30.13 -41.42
C ASP H 396 47.24 28.74 -40.89
N LYS H 397 48.34 28.18 -41.42
CA LYS H 397 48.84 26.81 -41.07
C LYS H 397 48.82 26.40 -39.56
N LYS H 398 49.10 27.33 -38.64
CA LYS H 398 49.00 27.12 -37.18
C LYS H 398 47.61 27.50 -36.61
N GLY H 399 47.34 28.82 -36.54
CA GLY H 399 46.01 29.33 -36.18
C GLY H 399 45.93 30.76 -35.68
N GLN H 400 46.53 31.71 -36.41
CA GLN H 400 46.31 33.13 -36.15
C GLN H 400 45.23 33.69 -37.07
N PHE H 401 44.51 34.71 -36.60
CA PHE H 401 43.52 35.41 -37.43
C PHE H 401 44.20 36.07 -38.63
N LYS H 402 43.72 35.72 -39.83
CA LYS H 402 44.18 36.32 -41.09
C LYS H 402 43.00 36.93 -41.87
N LYS H 403 43.12 38.22 -42.21
CA LYS H 403 42.17 38.96 -43.06
C LYS H 403 42.01 38.33 -44.45
N SER H 404 40.87 38.60 -45.08
CA SER H 404 40.59 38.18 -46.47
C SER H 404 40.40 39.40 -47.38
N ASP H 405 41.07 39.39 -48.54
CA ASP H 405 40.86 40.41 -49.61
C ASP H 405 39.41 40.35 -50.12
N ALA H 406 38.75 39.21 -49.93
CA ALA H 406 37.38 38.99 -50.44
C ALA H 406 36.23 39.05 -49.39
N PHE H 407 36.55 39.36 -48.13
CA PHE H 407 35.55 39.54 -47.04
C PHE H 407 35.00 40.98 -47.02
N VAL H 408 33.88 41.20 -47.70
CA VAL H 408 33.26 42.53 -47.77
C VAL H 408 31.73 42.50 -47.59
N PRO H 409 31.26 42.02 -46.42
CA PRO H 409 29.82 41.96 -46.20
C PRO H 409 29.31 43.33 -45.81
N PHE H 410 30.23 44.23 -45.46
CA PHE H 410 29.88 45.62 -45.22
C PHE H 410 30.24 46.45 -46.43
N SER H 411 30.77 45.76 -47.45
CA SER H 411 31.15 46.32 -48.76
C SER H 411 32.34 47.28 -48.76
N ILE H 412 32.91 47.49 -49.94
CA ILE H 412 34.00 48.43 -50.16
C ILE H 412 33.51 49.67 -50.91
N GLY H 413 34.33 50.71 -51.01
CA GLY H 413 33.99 51.87 -51.82
C GLY H 413 33.59 53.09 -51.02
N LYS H 414 33.28 54.17 -51.74
CA LYS H 414 32.95 55.47 -51.13
C LYS H 414 31.59 55.46 -50.41
N ARG H 415 30.81 54.38 -50.59
CA ARG H 415 29.58 54.17 -49.81
C ARG H 415 29.71 53.06 -48.76
N TYR H 416 30.93 52.62 -48.47
CA TYR H 416 31.15 51.55 -47.48
C TYR H 416 30.42 51.86 -46.18
N CYS H 417 29.91 50.80 -45.58
CA CYS H 417 29.06 50.87 -44.40
C CYS H 417 29.67 51.64 -43.23
N PHE H 418 28.91 52.56 -42.66
CA PHE H 418 29.40 53.26 -41.45
C PHE H 418 28.66 52.92 -40.14
N GLY H 419 28.00 51.78 -40.11
CA GLY H 419 27.65 51.14 -38.87
C GLY H 419 28.60 50.00 -38.64
N GLU H 420 29.66 49.91 -39.47
CA GLU H 420 30.58 48.76 -39.45
C GLU H 420 31.31 48.67 -38.13
N GLY H 421 31.81 49.81 -37.65
CA GLY H 421 32.31 49.95 -36.29
C GLY H 421 31.28 49.42 -35.31
N LEU H 422 30.12 50.05 -35.29
CA LEU H 422 29.02 49.63 -34.44
C LEU H 422 28.63 48.14 -34.57
N ALA H 423 28.73 47.58 -35.78
CA ALA H 423 28.27 46.20 -36.07
C ALA H 423 29.25 45.06 -35.71
N ARG H 424 30.55 45.28 -35.87
CA ARG H 424 31.55 44.27 -35.50
C ARG H 424 31.59 44.15 -33.99
N MET H 425 31.37 45.30 -33.33
CA MET H 425 31.21 45.39 -31.88
C MET H 425 29.91 44.69 -31.39
N GLU H 426 28.80 44.97 -32.06
CA GLU H 426 27.50 44.37 -31.71
C GLU H 426 27.51 42.84 -31.87
N LEU H 427 27.83 42.38 -33.08
CA LEU H 427 27.98 40.95 -33.39
C LEU H 427 28.88 40.26 -32.38
N PHE H 428 29.96 40.95 -31.98
CA PHE H 428 30.91 40.40 -31.01
C PHE H 428 30.29 40.17 -29.64
N LEU H 429 29.71 41.21 -29.05
CA LEU H 429 29.20 41.16 -27.68
C LEU H 429 27.84 40.49 -27.51
N PHE H 430 27.07 40.40 -28.58
CA PHE H 430 25.81 39.66 -28.53
C PHE H 430 26.03 38.16 -28.67
N PHE H 431 27.00 37.77 -29.51
CA PHE H 431 27.41 36.39 -29.58
C PHE H 431 28.29 35.98 -28.36
N THR H 432 28.77 36.95 -27.58
CA THR H 432 29.64 36.67 -26.40
C THR H 432 28.95 36.68 -25.02
N THR H 433 28.22 37.74 -24.67
CA THR H 433 27.51 37.77 -23.38
C THR H 433 26.53 36.62 -23.23
N ILE H 434 25.90 36.24 -24.34
CA ILE H 434 24.87 35.20 -24.36
C ILE H 434 25.45 33.79 -24.32
N MET H 435 26.63 33.59 -24.91
CA MET H 435 27.31 32.27 -24.91
C MET H 435 28.06 31.97 -23.59
N GLN H 436 28.21 33.01 -22.77
CA GLN H 436 28.88 32.96 -21.48
C GLN H 436 27.95 32.33 -20.43
N ASN H 437 26.65 32.34 -20.72
CA ASN H 437 25.67 31.79 -19.80
C ASN H 437 24.99 30.51 -20.30
N PHE H 438 24.63 30.47 -21.58
CA PHE H 438 23.81 29.39 -22.13
C PHE H 438 24.49 28.59 -23.25
N ARG H 439 24.08 27.34 -23.44
CA ARG H 439 24.45 26.53 -24.62
C ARG H 439 23.18 26.30 -25.43
N PHE H 440 23.30 25.76 -26.65
CA PHE H 440 22.15 25.72 -27.57
C PHE H 440 21.64 24.34 -28.05
N LYS H 441 20.57 23.82 -27.43
CA LYS H 441 19.96 22.57 -27.90
C LYS H 441 18.59 22.81 -28.58
N SER H 442 18.31 22.03 -29.63
CA SER H 442 17.06 22.16 -30.41
C SER H 442 16.46 20.79 -30.83
N PRO H 443 15.12 20.58 -30.66
CA PRO H 443 14.41 19.31 -30.96
C PRO H 443 14.96 18.44 -32.09
N GLN H 444 15.28 19.03 -33.25
CA GLN H 444 15.83 18.29 -34.39
C GLN H 444 17.24 17.73 -34.11
N SER H 445 17.53 16.53 -34.61
CA SER H 445 18.88 15.95 -34.54
C SER H 445 19.90 16.83 -35.26
N PRO H 446 21.14 16.93 -34.72
CA PRO H 446 22.19 17.78 -35.30
C PRO H 446 22.41 17.74 -36.83
N LYS H 447 22.21 16.59 -37.50
CA LYS H 447 22.51 16.46 -38.96
C LYS H 447 21.34 16.63 -39.96
N ASP H 448 20.11 16.47 -39.50
CA ASP H 448 18.94 16.52 -40.38
C ASP H 448 18.72 17.85 -41.13
N ILE H 449 18.58 18.95 -40.38
CA ILE H 449 18.17 20.26 -40.93
C ILE H 449 19.04 20.75 -42.10
N ASP H 450 18.36 21.08 -43.20
CA ASP H 450 18.96 21.75 -44.34
C ASP H 450 19.54 23.11 -43.91
N VAL H 451 20.49 23.64 -44.68
CA VAL H 451 21.10 24.92 -44.32
C VAL H 451 20.94 26.02 -45.36
N SER H 452 20.24 25.68 -46.45
CA SER H 452 19.81 26.66 -47.46
C SER H 452 18.88 27.74 -46.86
N PRO H 453 18.97 28.98 -47.39
CA PRO H 453 18.12 30.07 -46.90
C PRO H 453 16.73 30.04 -47.55
N LYS H 454 15.70 30.54 -46.83
CA LYS H 454 14.30 30.47 -47.32
C LYS H 454 13.96 31.39 -48.52
N HIS H 455 14.32 32.67 -48.42
CA HIS H 455 14.10 33.62 -49.53
C HIS H 455 15.37 34.47 -49.72
N VAL H 456 15.75 34.69 -50.98
CA VAL H 456 16.95 35.44 -51.36
C VAL H 456 16.57 36.61 -52.28
N GLY H 457 15.78 37.54 -51.74
CA GLY H 457 15.31 38.71 -52.50
C GLY H 457 16.27 39.88 -52.42
N PHE H 458 15.89 40.92 -51.68
CA PHE H 458 16.80 42.04 -51.38
C PHE H 458 17.76 41.62 -50.26
N ALA H 459 17.31 40.67 -49.43
CA ALA H 459 18.06 40.17 -48.25
C ALA H 459 17.88 38.66 -47.96
N THR H 460 18.94 38.04 -47.41
CA THR H 460 18.92 36.63 -46.98
C THR H 460 18.35 36.42 -45.57
N ILE H 461 17.40 35.50 -45.48
CA ILE H 461 16.76 35.07 -44.23
C ILE H 461 16.99 33.53 -44.16
N PRO H 462 17.42 33.01 -42.98
CA PRO H 462 17.50 31.54 -42.84
C PRO H 462 16.12 30.92 -42.64
N ARG H 463 15.95 29.69 -43.13
CA ARG H 463 14.73 28.91 -42.89
C ARG H 463 14.34 29.01 -41.41
N ASN H 464 13.02 29.04 -41.16
CA ASN H 464 12.44 29.22 -39.82
C ASN H 464 12.71 28.09 -38.81
N TYR H 465 12.98 28.45 -37.54
CA TYR H 465 13.22 27.46 -36.47
C TYR H 465 12.95 28.00 -35.06
N THR H 466 12.89 27.07 -34.11
CA THR H 466 12.95 27.40 -32.68
C THR H 466 14.13 26.64 -32.06
N MET H 467 14.66 27.17 -30.95
CA MET H 467 15.83 26.62 -30.23
C MET H 467 15.50 26.59 -28.74
N SER H 468 16.37 25.99 -27.94
CA SER H 468 16.35 26.17 -26.49
C SER H 468 17.75 26.54 -26.03
N PHE H 469 17.82 27.48 -25.12
CA PHE H 469 19.10 27.98 -24.64
C PHE H 469 19.27 27.57 -23.18
N LEU H 470 19.74 26.34 -22.98
CA LEU H 470 19.85 25.77 -21.63
C LEU H 470 21.02 26.43 -20.86
N PRO H 471 20.80 26.78 -19.56
CA PRO H 471 21.77 27.54 -18.72
C PRO H 471 22.92 26.67 -18.11
N ARG H 472 24.16 27.17 -18.17
CA ARG H 472 25.35 26.43 -17.71
C ARG H 472 25.43 26.32 -16.19
CHA HEM I . 57.66 10.24 3.88
CHB HEM I . 60.12 12.39 0.40
CHC HEM I . 56.11 12.93 -2.14
CHD HEM I . 53.53 11.19 1.59
C1A HEM I . 58.67 10.81 3.17
C2A HEM I . 60.04 10.89 3.60
C3A HEM I . 60.74 11.49 2.65
C4A HEM I . 59.83 11.75 1.57
CMA HEM I . 62.28 11.79 2.72
CAA HEM I . 60.61 10.39 4.98
CBA HEM I . 60.91 8.93 4.93
CGA HEM I . 61.63 8.47 6.17
O1A HEM I . 62.64 7.71 6.08
O2A HEM I . 61.22 8.87 7.27
C1B HEM I . 59.28 12.80 -0.57
C2B HEM I . 59.63 13.53 -1.78
C3B HEM I . 58.49 13.68 -2.52
C4B HEM I . 57.43 13.05 -1.78
CMB HEM I . 61.08 14.01 -2.12
CAB HEM I . 58.28 14.35 -3.91
CBB HEM I . 58.86 15.44 -4.38
C1C HEM I . 55.06 12.47 -1.38
C2C HEM I . 53.67 12.33 -1.80
C3C HEM I . 52.97 11.85 -0.78
C4C HEM I . 53.86 11.67 0.33
CMC HEM I . 53.08 12.67 -3.18
CAC HEM I . 51.43 11.64 -0.86
CBC HEM I . 50.81 10.48 -0.71
C1D HEM I . 54.35 10.78 2.58
C2D HEM I . 53.99 10.22 3.86
C3D HEM I . 55.31 9.91 4.54
C4D HEM I . 56.33 10.34 3.64
CMD HEM I . 52.64 9.92 4.50
CAD HEM I . 55.45 9.29 5.90
CBD HEM I . 55.77 7.80 5.73
CGD HEM I . 56.05 7.20 7.12
O1D HEM I . 56.16 5.98 7.29
O2D HEM I . 56.22 7.92 8.11
NA HEM I . 58.56 11.33 1.92
NB HEM I . 57.96 12.52 -0.62
NC HEM I . 55.14 12.03 -0.07
ND HEM I . 55.73 10.83 2.50
FE HEM I . 56.85 11.60 0.86
N1 NCT J . 52.76 16.71 6.92
C1 NCT J . 53.47 15.84 6.18
C2 NCT J . 54.85 15.97 5.96
C3 NCT J . 55.54 17.03 6.56
C4 NCT J . 54.76 17.91 7.32
C5 NCT J . 53.38 17.74 7.49
N2 NCT J . 56.36 15.44 3.99
C6 NCT J . 55.53 14.96 5.11
C7 NCT J . 56.57 14.14 5.88
C8 NCT J . 57.48 13.66 4.77
C9 NCT J . 57.10 14.32 3.45
C10 NCT J . 56.46 16.79 3.45
CHA HEM K . 29.08 -14.09 -4.22
CHB HEM K . 25.55 -13.66 -7.47
CHC HEM K . 28.69 -12.06 -10.74
CHD HEM K . 32.33 -12.94 -7.67
C1A HEM K . 27.85 -14.11 -4.82
C2A HEM K . 26.63 -14.56 -4.16
C3A HEM K . 25.67 -14.45 -5.08
C4A HEM K . 26.24 -13.92 -6.30
CMA HEM K . 24.20 -14.78 -4.85
CAA HEM K . 26.43 -15.07 -2.70
CBA HEM K . 26.80 -14.03 -1.65
CGA HEM K . 26.49 -14.51 -0.25
O1A HEM K . 25.69 -13.86 0.47
O2A HEM K . 27.00 -15.58 0.16
C1B HEM K . 26.07 -13.21 -8.66
C2B HEM K . 25.33 -13.02 -9.90
C3B HEM K . 26.23 -12.57 -10.81
C4B HEM K . 27.51 -12.51 -10.18
CMB HEM K . 23.78 -13.24 -10.05
CAB HEM K . 26.01 -12.17 -12.30
CBB HEM K . 24.84 -11.84 -12.84
C1C HEM K . 29.97 -12.12 -10.20
C2C HEM K . 31.19 -11.69 -10.84
C3C HEM K . 32.19 -11.93 -9.99
C4C HEM K . 31.63 -12.52 -8.79
CMC HEM K . 31.29 -11.04 -12.26
CAC HEM K . 33.69 -11.60 -10.26
CBC HEM K . 34.30 -10.57 -9.67
C1D HEM K . 31.82 -13.33 -6.43
C2D HEM K . 32.57 -13.63 -5.25
C3D HEM K . 31.57 -14.01 -4.19
C4D HEM K . 30.29 -13.86 -4.81
CMD HEM K . 34.09 -13.68 -4.98
CAD HEM K . 31.94 -14.41 -2.74
CBD HEM K . 31.71 -13.20 -1.82
CGD HEM K . 32.06 -13.51 -0.36
O1D HEM K . 32.20 -12.60 0.47
O2D HEM K . 32.20 -14.69 0.00
NA HEM K . 27.58 -13.71 -6.11
NB HEM K . 27.37 -12.88 -8.86
NC HEM K . 30.27 -12.62 -8.96
ND HEM K . 30.49 -13.45 -6.12
FE HEM K . 28.86 -13.11 -7.49
N1 NCT L . 34.26 -20.07 -7.34
C1 NCT L . 33.32 -19.13 -7.17
C2 NCT L . 31.93 -19.42 -7.29
C3 NCT L . 31.54 -20.74 -7.58
C4 NCT L . 32.55 -21.69 -7.77
C5 NCT L . 33.92 -21.34 -7.62
N2 NCT L . 29.82 -18.06 -7.96
C6 NCT L . 30.98 -18.29 -7.07
C7 NCT L . 30.33 -18.38 -5.72
C8 NCT L . 28.97 -17.68 -5.92
C9 NCT L . 28.94 -17.10 -7.33
C10 NCT L . 29.52 -18.60 -9.27
CHA HEM M . -23.43 -21.97 5.31
CHB HEM M . -21.53 -19.99 1.25
CHC HEM M . -25.85 -20.01 -0.76
CHD HEM M . -27.83 -21.65 3.29
C1A HEM M . -22.51 -21.45 4.38
C2A HEM M . -21.08 -21.39 4.54
C3A HEM M . -20.59 -20.86 3.43
C4A HEM M . -21.67 -20.57 2.51
CMA HEM M . -19.10 -20.55 3.15
CAA HEM M . -20.25 -21.78 5.80
CBA HEM M . -20.16 -23.25 6.10
CGA HEM M . -19.33 -23.51 7.33
O1A HEM M . -18.27 -24.18 7.20
O2A HEM M . -19.68 -23.08 8.47
C1B HEM M . -22.49 -19.77 0.32
C2B HEM M . -22.37 -19.21 -1.01
C3B HEM M . -23.59 -19.22 -1.57
C4B HEM M . -24.50 -19.78 -0.60
CMB HEM M . -21.04 -18.73 -1.64
CAB HEM M . -24.05 -18.79 -3.00
CBB HEM M . -23.57 -17.90 -3.84
C1C HEM M . -26.83 -20.42 0.14
C2C HEM M . -28.26 -20.52 -0.06
C3C HEM M . -28.78 -20.98 1.06
C4C HEM M . -27.71 -21.20 2.01
CMC HEM M . -29.09 -20.18 -1.35
CAC HEM M . -30.29 -21.20 1.31
CBC HEM M . -30.75 -22.40 1.57
C1D HEM M . -26.88 -21.86 4.25
C2D HEM M . -27.13 -22.24 5.62
C3D HEM M . -25.74 -22.35 6.27
C4D HEM M . -24.81 -22.02 5.22
CMD HEM M . -28.49 -22.49 6.30
CAD HEM M . -25.42 -22.75 7.74
CBD HEM M . -24.66 -24.07 7.69
CGD HEM M . -24.43 -24.70 9.04
O1D HEM M . -24.56 -25.93 9.07
O2D HEM M . -24.12 -23.98 10.01
NA HEM M . -22.84 -20.96 3.14
NB HEM M . -23.79 -20.07 0.51
NC HEM M . -26.54 -20.86 1.40
ND HEM M . -25.52 -21.75 4.08
FE HEM M . -24.63 -20.95 2.30
N1 NCT N . -28.48 -16.35 8.41
C1 NCT N . -27.60 -17.01 7.64
C2 NCT N . -26.40 -16.41 7.25
C3 NCT N . -26.09 -15.13 7.65
C4 NCT N . -27.01 -14.48 8.45
C5 NCT N . -28.20 -15.12 8.83
N2 NCT N . -24.87 -16.44 5.29
C6 NCT N . -25.53 -17.18 6.37
C7 NCT N . -24.34 -17.82 7.05
C8 NCT N . -23.45 -18.08 5.86
C9 NCT N . -24.00 -17.35 4.62
C10 NCT N . -25.02 -15.06 4.88
CHA HEM O . -54.74 -45.04 -3.75
CHB HEM O . -57.71 -44.22 -7.40
CHC HEM O . -54.10 -42.75 -10.24
CHD HEM O . -51.06 -44.01 -6.75
C1A HEM O . -55.90 -44.95 -4.49
C2A HEM O . -57.23 -45.29 -4.06
C3A HEM O . -58.05 -45.06 -5.05
C4A HEM O . -57.26 -44.55 -6.15
CMA HEM O . -59.58 -45.30 -5.06
CAA HEM O . -57.58 -45.84 -2.67
CBA HEM O . -57.55 -44.69 -1.68
CGA HEM O . -58.09 -45.22 -0.37
O1A HEM O . -59.12 -44.70 0.12
O2A HEM O . -57.45 -46.13 0.20
C1B HEM O . -57.00 -43.76 -8.48
C2B HEM O . -57.57 -43.36 -9.76
C3B HEM O . -56.56 -42.95 -10.53
C4B HEM O . -55.35 -43.07 -9.77
CMB HEM O . -59.12 -43.42 -10.10
CAB HEM O . -56.57 -42.42 -12.00
CBB HEM O . -57.60 -42.43 -12.83
C1C HEM O . -52.94 -42.94 -9.54
C2C HEM O . -51.64 -42.54 -9.91
C3C HEM O . -50.80 -42.89 -8.93
C4C HEM O . -51.55 -43.49 -7.91
CMC HEM O . -51.26 -41.81 -11.24
CAC HEM O . -49.26 -42.65 -8.91
CBC HEM O . -48.87 -41.44 -8.48
C1D HEM O . -51.78 -44.44 -5.65
C2D HEM O . -51.17 -44.96 -4.46
C3D HEM O . -52.30 -45.28 -3.51
C4D HEM O . -53.49 -44.89 -4.23
CMD HEM O . -49.70 -45.20 -4.15
CAD HEM O . -52.16 -45.87 -2.11
CBD HEM O . -52.55 -44.81 -1.08
CGD HEM O . -52.21 -45.15 0.36
O1D HEM O . -51.99 -44.19 1.17
O2D HEM O . -52.13 -46.34 0.70
NA HEM O . -55.96 -44.49 -5.77
NB HEM O . -55.63 -43.57 -8.51
NC HEM O . -52.85 -43.51 -8.30
ND HEM O . -53.17 -44.42 -5.49
FE HEM O . -54.43 -43.96 -7.01
N1 NCT P . -49.97 -51.23 -6.87
C1 NCT P . -50.73 -50.13 -6.91
C2 NCT P . -52.14 -50.21 -6.93
C3 NCT P . -52.74 -51.46 -6.90
C4 NCT P . -51.91 -52.58 -6.86
C5 NCT P . -50.53 -52.45 -6.85
N2 NCT P . -53.94 -48.91 -8.05
C6 NCT P . -52.91 -48.95 -7.00
C7 NCT P . -53.71 -48.72 -5.74
C8 NCT P . -54.90 -47.88 -6.20
C9 NCT P . -55.05 -48.05 -7.71
C10 NCT P . -53.89 -49.60 -9.31
CHA HEM Q . -19.45 23.63 -48.93
CHB HEM Q . -18.76 26.26 -44.92
CHC HEM Q . -17.11 22.27 -42.73
CHD HEM Q . -17.57 19.63 -46.81
C1A HEM Q . -19.42 24.69 -48.05
C2A HEM Q . -19.87 26.05 -48.32
C3A HEM Q . -19.68 26.80 -47.20
C4A HEM Q . -19.11 25.91 -46.20
CMA HEM Q . -20.00 28.32 -47.01
CAA HEM Q . -20.44 26.56 -49.66
CBA HEM Q . -21.90 26.15 -49.72
CGA HEM Q . -22.37 26.55 -51.07
O1A HEM Q . -23.35 27.32 -51.17
O2A HEM Q . -21.76 26.09 -52.04
C1B HEM Q . -18.17 25.42 -44.00
C2B HEM Q . -17.66 25.84 -42.73
C3B HEM Q . -17.22 24.74 -42.11
C4B HEM Q . -17.43 23.60 -42.99
CMB HEM Q . -17.68 27.32 -42.22
CAB HEM Q . -16.56 24.62 -40.69
CBB HEM Q . -16.52 25.58 -39.75
C1C HEM Q . -17.10 21.20 -43.62
C2C HEM Q . -16.69 19.86 -43.33
C3C HEM Q . -16.84 19.12 -44.43
C4C HEM Q . -17.32 19.96 -45.49
CMC HEM Q . -16.23 19.37 -41.96
CAC HEM Q . -16.49 17.61 -44.49
CBC HEM Q . -17.45 16.72 -44.73
C1D HEM Q . -18.10 20.45 -47.78
C2D HEM Q . -18.45 20.06 -49.13
C3D HEM Q . -19.06 21.33 -49.75
C4D HEM Q . -19.00 22.35 -48.76
CMD HEM Q . -18.28 18.70 -49.86
CAD HEM Q . -19.60 21.46 -51.18
CBD HEM Q . -21.07 21.05 -51.13
CGD HEM Q . -21.74 21.06 -52.51
O1D HEM Q . -22.99 21.04 -52.57
O2D HEM Q . -21.06 21.08 -53.57
NA HEM Q . -19.00 24.65 -46.74
NB HEM Q . -18.03 24.06 -44.14
NC HEM Q . -17.49 21.21 -44.96
ND HEM Q . -18.47 21.78 -47.60
FE HEM Q . -18.29 22.92 -45.84
CHA HEM R . -28.99 -16.49 50.41
CHB HEM R . -27.94 -13.70 54.30
CHC HEM R . -25.87 -17.45 56.53
CHD HEM R . -26.95 -20.29 52.74
C1A HEM R . -28.88 -15.41 51.27
C2A HEM R . -29.38 -14.06 51.02
C3A HEM R . -29.09 -13.32 52.10
C4A HEM R . -28.40 -14.13 53.08
CMA HEM R . -29.41 -11.82 52.29
CAA HEM R . -30.11 -13.59 49.74
CBA HEM R . -31.56 -14.03 49.64
CGA HEM R . -32.10 -13.60 48.29
O1A HEM R . -33.14 -12.88 48.19
O2A HEM R . -31.48 -14.02 47.29
C1B HEM R . -27.30 -14.45 55.26
C2B HEM R . -26.85 -14.00 56.57
C3B HEM R . -26.27 -15.06 57.17
C4B HEM R . -26.35 -16.19 56.26
CMB HEM R . -27.02 -12.56 57.13
CAB HEM R . -25.62 -15.19 58.57
CBB HEM R . -25.09 -14.19 59.28
C1C HEM R . -25.97 -18.57 55.73
C2C HEM R . -25.50 -19.90 56.03
C3C HEM R . -25.78 -20.70 54.99
C4C HEM R . -26.46 -19.88 53.99
CMC HEM R . -24.77 -20.34 57.33
CAC HEM R . -25.43 -22.22 54.92
CBC HEM R . -26.34 -23.18 55.15
C1D HEM R . -27.54 -19.54 51.71
C2D HEM R . -27.84 -20.02 50.37
C3D HEM R . -28.51 -18.86 49.61
C4D HEM R . -28.52 -17.77 50.58
CMD HEM R . -27.57 -21.43 49.79
CAD HEM R . -28.98 -18.93 48.13
CBD HEM R . -30.21 -18.09 47.86
CGD HEM R . -31.29 -18.90 47.19
O1D HEM R . -32.20 -19.39 47.90
O2D HEM R . -31.28 -19.04 45.95
NA HEM R . -28.29 -15.41 52.54
NB HEM R . -26.98 -15.78 55.10
NC HEM R . -26.57 -18.59 54.48
ND HEM R . -27.94 -18.21 51.78
FE HEM R . -27.41 -16.95 53.46
CHA HEM S . 15.17 12.23 48.45
CHB HEM S . 15.54 7.63 49.81
CHC HEM S . 15.73 9.24 54.36
CHD HEM S . 14.80 13.81 53.05
C1A HEM S . 15.35 10.89 48.40
C2A HEM S . 15.58 10.08 47.21
C3A HEM S . 15.67 8.81 47.60
C4A HEM S . 15.51 8.76 49.03
CMA HEM S . 15.94 7.60 46.66
CAA HEM S . 15.67 10.53 45.75
CBA HEM S . 16.90 11.36 45.41
CGA HEM S . 16.76 11.66 43.93
O1A HEM S . 17.71 11.37 43.17
O2A HEM S . 15.71 12.16 43.48
C1B HEM S . 15.58 7.64 51.16
C2B HEM S . 15.60 6.49 52.04
C3B HEM S . 15.66 6.93 53.31
C4B HEM S . 15.68 8.38 53.26
CMB HEM S . 15.54 5.03 51.57
CAB HEM S . 15.70 6.10 54.63
CBB HEM S . 16.39 4.96 54.80
C1C HEM S . 15.42 10.57 54.45
C2C HEM S . 15.18 11.34 55.64
C3C HEM S . 14.91 12.59 55.28
C4C HEM S . 15.01 12.68 53.83
CMC HEM S . 15.20 10.82 57.10
CAC HEM S . 14.62 13.74 56.25
CBC HEM S . 15.59 14.64 56.42
C1D HEM S . 14.80 13.85 51.66
C2D HEM S . 14.66 15.02 50.83
C3D HEM S . 14.79 14.51 49.38
C4D HEM S . 15.00 13.08 49.51
CMD HEM S . 14.42 16.49 51.30
CAD HEM S . 14.70 15.31 48.05
CBD HEM S . 15.95 16.18 47.83
CGD HEM S . 15.92 16.90 46.46
O1D HEM S . 16.98 17.38 45.99
O2D HEM S . 14.84 17.01 45.80
NA HEM S . 15.32 10.04 49.48
NB HEM S . 15.65 8.78 51.92
NC HEM S . 15.33 11.41 53.37
ND HEM S . 15.00 12.74 50.84
FE HEM S . 15.36 10.71 51.43
CHA HEM T . 24.74 50.70 -45.91
CHB HEM T . 25.63 46.08 -44.73
CHC HEM T . 24.26 47.16 -40.21
CHD HEM T . 24.30 51.93 -41.22
C1A HEM T . 25.07 49.36 -46.02
C2A HEM T . 25.49 48.67 -47.21
C3A HEM T . 25.73 47.39 -46.89
C4A HEM T . 25.49 47.23 -45.47
CMA HEM T . 26.22 46.24 -47.81
CAA HEM T . 25.61 49.31 -48.62
CBA HEM T . 27.07 49.55 -49.04
CGA HEM T . 27.01 50.32 -50.34
O1A HEM T . 28.07 50.81 -50.79
O2A HEM T . 25.90 50.43 -50.93
C1B HEM T . 25.34 45.94 -43.41
C2B HEM T . 25.54 44.74 -42.64
C3B HEM T . 25.13 45.02 -41.40
C4B HEM T . 24.69 46.43 -41.34
CMB HEM T . 26.13 43.40 -43.18
CAB HEM T . 25.15 44.03 -40.20
CBB HEM T . 24.85 42.71 -40.37
C1C HEM T . 24.18 48.51 -40.12
C2C HEM T . 24.04 49.28 -38.87
C3C HEM T . 24.06 50.60 -39.15
C4C HEM T . 24.23 50.72 -40.57
CMC HEM T . 23.89 48.67 -37.48
CAC HEM T . 23.94 51.81 -38.16
CBC HEM T . 24.87 52.78 -38.11
C1D HEM T . 24.27 52.03 -42.56
C2D HEM T . 23.85 53.19 -43.30
C3D HEM T . 24.00 52.80 -44.77
C4D HEM T . 24.49 51.43 -44.76
CMD HEM T . 23.36 54.52 -42.75
CAD HEM T . 23.71 53.68 -46.00
CBD HEM T . 25.04 53.96 -46.71
CGD HEM T . 25.25 55.39 -47.15
O1D HEM T . 26.43 55.76 -47.40
O2D HEM T . 24.25 56.16 -47.26
NA HEM T . 25.09 48.47 -44.97
NB HEM T . 24.86 46.97 -42.59
NC HEM T . 24.31 49.45 -41.14
ND HEM T . 24.64 51.01 -43.42
FE HEM T . 25.03 48.92 -43.07
C1 GOL U . 2.41 36.81 -50.69
O1 GOL U . 3.68 36.22 -51.04
C2 GOL U . 1.87 37.85 -51.70
O2 GOL U . 1.52 39.04 -51.11
C3 GOL U . 0.51 37.38 -51.93
O3 GOL U . -0.17 38.57 -51.75
#